data_8GMI
#
_entry.id   8GMI
#
_cell.length_a   122.017
_cell.length_b   167.486
_cell.length_c   220.997
_cell.angle_alpha   90.00
_cell.angle_beta   90.00
_cell.angle_gamma   90.00
#
_symmetry.space_group_name_H-M   'P 21 21 21'
#
loop_
_entity.id
_entity.type
_entity.pdbx_description
1 polymer 'citrate synthase'
2 non-polymer N-phenyl-2-selanylbenzamide
3 non-polymer 'CITRATE ANION'
4 water water
#
_entity_poly.entity_id   1
_entity_poly.type   'polypeptide(L)'
_entity_poly.pdbx_seq_one_letter_code
;MTVVPENFVPGLDGVVAFTTEIAEPDKDGGALRYRGVDIEDLVSQRVTFGDVWALLVDGNFGSGLPPAEPFPLPIHSGDV
RVDVQAGLAMLAPIWGYAPLLDIDDATARQQLARASVMALSYVAQSARGIYQPAVPQRIIDECSTVTARFMTRWQGEPDP
RHIEAIDAYWVSAAEHGMNASTFTARVIASTGADVAAALSGAIGAMSGPLHGGAPARVLPMLDEVERAGDARSVVKGILD
RGEKLMGFGHRVYRAEDPRARVLRAAAERLGAPRYEVAVAVEQAALSELRERRPDRAIETNVEFWAAVVLDFARVPANMM
PAMFTCGRTAGWCAHILEQKRLGKLVRPSAIYVGPGPRSPESVDGWERVLTTAHHHHHH
;
_entity_poly.pdbx_strand_id   A,B,C,D,E,F,G,H
#
# COMPACT_ATOMS: atom_id res chain seq x y z
N THR A 2 -39.90 20.05 -34.86
CA THR A 2 -39.07 18.90 -35.20
C THR A 2 -38.22 18.48 -34.01
N VAL A 3 -37.67 19.44 -33.29
CA VAL A 3 -36.92 19.15 -32.07
C VAL A 3 -37.90 18.56 -31.06
N VAL A 4 -37.69 17.29 -30.70
CA VAL A 4 -38.66 16.55 -29.90
C VAL A 4 -37.94 15.91 -28.72
N PRO A 5 -38.55 15.85 -27.54
CA PRO A 5 -37.96 15.10 -26.43
C PRO A 5 -38.45 13.66 -26.40
N GLU A 6 -37.69 12.83 -25.69
CA GLU A 6 -37.91 11.38 -25.67
C GLU A 6 -38.92 10.97 -24.60
N ASN A 7 -40.10 11.59 -24.62
CA ASN A 7 -41.17 11.31 -23.67
C ASN A 7 -40.66 11.40 -22.23
N PHE A 8 -40.17 12.58 -21.88
CA PHE A 8 -39.51 12.81 -20.60
C PHE A 8 -40.28 13.85 -19.79
N VAL A 9 -39.90 13.96 -18.52
CA VAL A 9 -40.34 15.07 -17.68
C VAL A 9 -39.08 15.69 -17.09
N PRO A 10 -39.03 17.01 -16.91
CA PRO A 10 -37.86 17.63 -16.31
C PRO A 10 -37.67 17.20 -14.87
N GLY A 11 -36.43 17.36 -14.39
CA GLY A 11 -36.12 17.06 -13.00
C GLY A 11 -35.79 15.61 -12.70
N LEU A 12 -35.74 14.74 -13.71
CA LEU A 12 -35.33 13.34 -13.54
C LEU A 12 -36.24 12.60 -12.55
N ASP A 13 -37.50 12.99 -12.46
CA ASP A 13 -38.42 12.35 -11.53
C ASP A 13 -38.75 10.95 -12.01
N GLY A 14 -38.56 9.97 -11.13
CA GLY A 14 -38.84 8.57 -11.45
C GLY A 14 -37.77 7.88 -12.27
N VAL A 15 -36.65 8.54 -12.54
CA VAL A 15 -35.57 7.97 -13.34
C VAL A 15 -34.54 7.35 -12.41
N VAL A 16 -34.19 6.10 -12.67
CA VAL A 16 -33.24 5.38 -11.83
C VAL A 16 -31.83 5.79 -12.22
N ALA A 17 -31.06 6.27 -11.25
CA ALA A 17 -29.69 6.70 -11.48
C ALA A 17 -28.65 5.76 -10.90
N PHE A 18 -28.95 5.09 -9.80
CA PHE A 18 -28.00 4.18 -9.16
C PHE A 18 -28.75 2.98 -8.60
N THR A 19 -27.97 1.97 -8.21
CA THR A 19 -28.40 0.91 -7.32
C THR A 19 -27.58 1.00 -6.04
N THR A 20 -28.21 0.75 -4.90
CA THR A 20 -27.56 0.98 -3.62
C THR A 20 -27.75 -0.21 -2.69
N GLU A 21 -26.80 -0.37 -1.77
CA GLU A 21 -26.85 -1.39 -0.73
C GLU A 21 -26.98 -0.78 0.66
N ILE A 22 -27.07 0.55 0.76
CA ILE A 22 -26.95 1.22 2.05
C ILE A 22 -28.22 1.04 2.87
N ALA A 23 -29.35 1.53 2.36
CA ALA A 23 -30.59 1.51 3.12
C ALA A 23 -31.77 1.39 2.16
N GLU A 24 -32.89 0.91 2.70
CA GLU A 24 -34.10 0.70 1.91
C GLU A 24 -35.27 1.40 2.59
N PRO A 25 -35.69 2.56 2.08
CA PRO A 25 -36.94 3.21 2.57
C PRO A 25 -38.18 2.51 1.99
N ASP A 26 -38.57 1.42 2.65
CA ASP A 26 -39.69 0.58 2.19
C ASP A 26 -40.99 1.32 2.43
N LYS A 27 -41.33 2.22 1.49
CA LYS A 27 -42.52 3.05 1.64
C LYS A 27 -43.80 2.23 1.58
N ASP A 28 -43.84 1.21 0.70
CA ASP A 28 -45.03 0.39 0.58
C ASP A 28 -45.21 -0.55 1.77
N GLY A 29 -44.16 -0.76 2.56
CA GLY A 29 -44.26 -1.63 3.72
C GLY A 29 -44.24 -0.86 5.03
N GLY A 30 -44.06 0.46 4.96
CA GLY A 30 -44.03 1.28 6.15
C GLY A 30 -42.88 0.98 7.08
N ALA A 31 -41.68 0.80 6.55
CA ALA A 31 -40.51 0.51 7.35
C ALA A 31 -39.28 1.13 6.73
N LEU A 32 -38.34 1.55 7.58
CA LEU A 32 -37.04 2.07 7.15
C LEU A 32 -35.96 1.19 7.74
N ARG A 33 -35.06 0.71 6.88
CA ARG A 33 -34.03 -0.23 7.29
C ARG A 33 -32.65 0.30 6.91
N TYR A 34 -31.70 0.16 7.83
CA TYR A 34 -30.30 0.51 7.58
C TYR A 34 -29.53 -0.79 7.42
N ARG A 35 -29.10 -1.08 6.18
CA ARG A 35 -28.41 -2.33 5.85
C ARG A 35 -29.24 -3.53 6.28
N GLY A 36 -30.55 -3.43 6.10
CA GLY A 36 -31.47 -4.47 6.52
C GLY A 36 -31.91 -4.41 7.96
N VAL A 37 -31.42 -3.46 8.74
CA VAL A 37 -31.74 -3.35 10.16
C VAL A 37 -32.78 -2.24 10.33
N ASP A 38 -33.92 -2.60 10.92
CA ASP A 38 -34.98 -1.63 11.15
C ASP A 38 -34.51 -0.55 12.13
N ILE A 39 -34.87 0.70 11.82
CA ILE A 39 -34.51 1.80 12.70
C ILE A 39 -35.26 1.69 14.04
N GLU A 40 -36.45 1.09 14.03
CA GLU A 40 -37.19 0.89 15.27
C GLU A 40 -36.41 -0.01 16.22
N ASP A 41 -35.78 -1.07 15.69
CA ASP A 41 -34.93 -1.91 16.52
C ASP A 41 -33.73 -1.15 17.05
N LEU A 42 -33.11 -0.32 16.20
CA LEU A 42 -31.92 0.40 16.62
C LEU A 42 -32.22 1.39 17.74
N VAL A 43 -33.32 2.14 17.59
CA VAL A 43 -33.66 3.16 18.59
C VAL A 43 -34.11 2.50 19.90
N SER A 44 -34.92 1.43 19.80
CA SER A 44 -35.43 0.78 21.00
C SER A 44 -34.32 0.24 21.88
N GLN A 45 -33.21 -0.17 21.28
CA GLN A 45 -32.05 -0.62 22.04
C GLN A 45 -31.05 0.50 22.31
N ARG A 46 -31.37 1.74 21.89
CA ARG A 46 -30.56 2.92 22.21
C ARG A 46 -29.15 2.80 21.65
N VAL A 47 -29.05 2.47 20.37
CA VAL A 47 -27.76 2.44 19.68
C VAL A 47 -27.35 3.87 19.36
N THR A 48 -26.12 4.22 19.72
CA THR A 48 -25.66 5.60 19.58
C THR A 48 -25.44 5.95 18.11
N PHE A 49 -25.33 7.27 17.86
CA PHE A 49 -25.18 7.75 16.49
C PHE A 49 -23.87 7.28 15.86
N GLY A 50 -22.79 7.25 16.65
CA GLY A 50 -21.51 6.82 16.10
C GLY A 50 -21.53 5.39 15.61
N ASP A 51 -22.24 4.51 16.31
CA ASP A 51 -22.35 3.13 15.87
C ASP A 51 -23.17 3.02 14.59
N VAL A 52 -24.24 3.80 14.47
CA VAL A 52 -25.06 3.78 13.26
C VAL A 52 -24.29 4.35 12.08
N TRP A 53 -23.45 5.36 12.33
CA TRP A 53 -22.61 5.91 11.28
C TRP A 53 -21.73 4.83 10.68
N ALA A 54 -21.11 4.01 11.52
CA ALA A 54 -20.27 2.92 11.04
C ALA A 54 -21.10 1.88 10.29
N LEU A 55 -22.31 1.58 10.77
CA LEU A 55 -23.13 0.56 10.13
C LEU A 55 -23.49 0.96 8.70
N LEU A 56 -23.85 2.23 8.49
CA LEU A 56 -24.21 2.67 7.14
C LEU A 56 -23.00 2.68 6.21
N VAL A 57 -21.89 3.26 6.67
CA VAL A 57 -20.72 3.41 5.81
C VAL A 57 -20.05 2.07 5.57
N ASP A 58 -19.85 1.28 6.62
CA ASP A 58 -19.06 0.06 6.53
C ASP A 58 -19.89 -1.19 6.27
N GLY A 59 -21.18 -1.15 6.57
CA GLY A 59 -22.00 -2.35 6.49
C GLY A 59 -21.93 -3.24 7.71
N ASN A 60 -21.17 -2.86 8.74
CA ASN A 60 -21.09 -3.62 9.97
C ASN A 60 -20.56 -2.72 11.06
N PHE A 61 -20.78 -3.12 12.31
CA PHE A 61 -20.27 -2.39 13.46
C PHE A 61 -18.79 -2.73 13.67
N GLY A 62 -18.20 -2.13 14.72
CA GLY A 62 -16.84 -2.44 15.07
C GLY A 62 -15.90 -1.25 15.17
N SER A 63 -16.05 -0.29 14.25
CA SER A 63 -15.21 0.92 14.22
C SER A 63 -16.13 2.12 14.09
N GLY A 64 -16.58 2.64 15.23
CA GLY A 64 -17.50 3.77 15.25
C GLY A 64 -16.80 5.09 14.97
N LEU A 65 -17.61 6.15 15.04
CA LEU A 65 -17.09 7.49 14.77
C LEU A 65 -16.08 7.88 15.85
N PRO A 66 -14.89 8.34 15.47
CA PRO A 66 -13.87 8.70 16.46
C PRO A 66 -14.14 10.08 17.03
N PRO A 67 -13.57 10.40 18.20
CA PRO A 67 -13.73 11.74 18.75
C PRO A 67 -13.05 12.79 17.89
N ALA A 68 -13.57 14.01 17.96
CA ALA A 68 -13.05 15.11 17.15
C ALA A 68 -11.80 15.70 17.79
N GLU A 69 -10.82 16.02 16.94
CA GLU A 69 -9.60 16.65 17.39
C GLU A 69 -9.84 18.12 17.71
N PRO A 70 -9.00 18.71 18.57
CA PRO A 70 -9.16 20.15 18.88
C PRO A 70 -8.90 21.01 17.66
N PHE A 71 -9.90 21.82 17.29
CA PHE A 71 -9.83 22.71 16.14
C PHE A 71 -10.86 23.82 16.32
N PRO A 72 -10.47 24.97 16.87
CA PRO A 72 -11.42 26.09 16.94
C PRO A 72 -11.92 26.49 15.56
N LEU A 73 -13.22 26.74 15.48
CA LEU A 73 -13.85 27.00 14.19
C LEU A 73 -13.34 28.32 13.61
N PRO A 74 -12.80 28.33 12.39
CA PRO A 74 -12.24 29.56 11.82
C PRO A 74 -13.22 30.42 11.05
N ILE A 75 -14.49 30.04 10.96
CA ILE A 75 -15.49 30.77 10.18
C ILE A 75 -16.62 31.17 11.13
N HIS A 76 -16.92 32.47 11.17
CA HIS A 76 -18.02 33.02 11.97
C HIS A 76 -18.77 33.99 11.07
N SER A 77 -19.76 33.48 10.35
CA SER A 77 -20.49 34.26 9.36
C SER A 77 -21.90 34.65 9.82
N GLY A 78 -22.34 34.15 10.97
CA GLY A 78 -23.70 34.36 11.42
C GLY A 78 -24.69 33.33 10.94
N ASP A 79 -24.27 32.41 10.07
CA ASP A 79 -25.10 31.30 9.62
C ASP A 79 -24.37 30.01 9.93
N VAL A 80 -25.03 29.11 10.66
CA VAL A 80 -24.40 27.85 11.04
C VAL A 80 -24.14 27.01 9.80
N ARG A 81 -25.09 26.98 8.85
CA ARG A 81 -24.90 26.22 7.63
C ARG A 81 -23.69 26.74 6.84
N VAL A 82 -23.55 28.06 6.75
CA VAL A 82 -22.42 28.63 6.01
C VAL A 82 -21.11 28.30 6.70
N ASP A 83 -21.09 28.32 8.04
CA ASP A 83 -19.86 28.06 8.78
C ASP A 83 -19.34 26.65 8.52
N VAL A 84 -20.22 25.64 8.64
CA VAL A 84 -19.78 24.26 8.46
C VAL A 84 -19.48 23.98 6.99
N GLN A 85 -20.29 24.52 6.08
CA GLN A 85 -20.06 24.28 4.65
C GLN A 85 -18.73 24.85 4.20
N ALA A 86 -18.42 26.08 4.61
CA ALA A 86 -17.13 26.67 4.27
C ALA A 86 -16.00 25.97 5.02
N GLY A 87 -16.20 25.69 6.31
CA GLY A 87 -15.13 25.11 7.11
C GLY A 87 -14.70 23.74 6.62
N LEU A 88 -15.66 22.91 6.20
CA LEU A 88 -15.33 21.57 5.73
C LEU A 88 -14.50 21.62 4.45
N ALA A 89 -14.79 22.58 3.57
CA ALA A 89 -14.04 22.68 2.32
C ALA A 89 -12.58 23.04 2.57
N MET A 90 -12.29 23.78 3.63
CA MET A 90 -10.92 24.18 3.93
C MET A 90 -10.14 23.12 4.69
N LEU A 91 -10.78 22.00 5.05
CA LEU A 91 -10.07 20.92 5.72
C LEU A 91 -9.06 20.25 4.79
N ALA A 92 -9.33 20.25 3.49
CA ALA A 92 -8.47 19.52 2.55
C ALA A 92 -7.04 20.06 2.49
N PRO A 93 -6.79 21.36 2.29
CA PRO A 93 -5.39 21.81 2.20
C PRO A 93 -4.59 21.60 3.47
N ILE A 94 -5.22 21.72 4.65
CA ILE A 94 -4.47 21.62 5.89
C ILE A 94 -4.29 20.15 6.30
N TRP A 95 -5.25 19.30 6.00
CA TRP A 95 -5.16 17.88 6.35
C TRP A 95 -4.58 17.03 5.22
N GLY A 96 -4.20 17.63 4.10
CA GLY A 96 -3.65 16.87 3.00
C GLY A 96 -4.63 15.89 2.38
N TYR A 97 -5.88 16.31 2.20
CA TYR A 97 -6.90 15.46 1.58
C TYR A 97 -6.65 15.40 0.08
N ALA A 98 -6.24 14.23 -0.39
CA ALA A 98 -6.02 14.02 -1.82
C ALA A 98 -7.36 13.79 -2.53
N PRO A 99 -7.39 13.98 -3.84
CA PRO A 99 -8.60 13.64 -4.60
C PRO A 99 -8.95 12.17 -4.46
N LEU A 100 -10.25 11.88 -4.52
CA LEU A 100 -10.73 10.51 -4.34
C LEU A 100 -10.14 9.55 -5.38
N LEU A 101 -9.70 10.06 -6.53
CA LEU A 101 -9.12 9.21 -7.56
C LEU A 101 -7.77 8.64 -7.14
N ASP A 102 -7.03 9.35 -6.29
CA ASP A 102 -5.65 9.00 -5.96
C ASP A 102 -5.51 8.24 -4.65
N ILE A 103 -6.61 7.89 -3.99
CA ILE A 103 -6.55 7.22 -2.69
C ILE A 103 -7.39 5.95 -2.76
N ASP A 104 -7.07 5.00 -1.87
CA ASP A 104 -7.78 3.75 -1.79
C ASP A 104 -8.96 3.87 -0.84
N ASP A 105 -9.72 2.78 -0.71
CA ASP A 105 -10.96 2.81 0.07
C ASP A 105 -10.69 3.09 1.54
N ALA A 106 -9.64 2.48 2.10
CA ALA A 106 -9.34 2.67 3.52
C ALA A 106 -9.00 4.13 3.82
N THR A 107 -8.21 4.77 2.94
CA THR A 107 -7.90 6.18 3.13
C THR A 107 -9.15 7.04 3.02
N ALA A 108 -10.02 6.73 2.05
CA ALA A 108 -11.25 7.49 1.89
C ALA A 108 -12.16 7.36 3.11
N ARG A 109 -12.30 6.14 3.64
CA ARG A 109 -13.15 5.93 4.81
C ARG A 109 -12.62 6.68 6.02
N GLN A 110 -11.31 6.65 6.23
CA GLN A 110 -10.72 7.38 7.35
C GLN A 110 -10.93 8.88 7.21
N GLN A 111 -10.76 9.41 6.00
CA GLN A 111 -10.95 10.84 5.78
C GLN A 111 -12.40 11.25 5.99
N LEU A 112 -13.35 10.40 5.56
CA LEU A 112 -14.75 10.70 5.75
C LEU A 112 -15.10 10.77 7.24
N ALA A 113 -14.59 9.82 8.03
CA ALA A 113 -14.85 9.82 9.47
C ALA A 113 -14.24 11.05 10.13
N ARG A 114 -13.03 11.43 9.72
CA ARG A 114 -12.37 12.60 10.30
C ARG A 114 -13.17 13.87 10.05
N ALA A 115 -13.68 14.04 8.82
CA ALA A 115 -14.45 15.23 8.50
C ALA A 115 -15.87 15.18 9.06
N SER A 116 -16.47 13.99 9.12
CA SER A 116 -17.85 13.88 9.60
C SER A 116 -17.97 14.32 11.05
N VAL A 117 -17.05 13.85 11.90
CA VAL A 117 -17.07 14.27 13.29
C VAL A 117 -16.55 15.69 13.43
N MET A 118 -15.79 16.19 12.46
CA MET A 118 -15.37 17.58 12.46
C MET A 118 -16.56 18.50 12.22
N ALA A 119 -17.51 18.08 11.39
CA ALA A 119 -18.68 18.90 11.10
C ALA A 119 -19.54 19.10 12.34
N LEU A 120 -19.68 18.04 13.16
CA LEU A 120 -20.47 18.16 14.39
C LEU A 120 -19.83 19.16 15.34
N SER A 121 -18.51 19.14 15.48
CA SER A 121 -17.83 20.09 16.34
C SER A 121 -18.01 21.51 15.84
N TYR A 122 -17.93 21.71 14.52
CA TYR A 122 -18.09 23.06 13.95
C TYR A 122 -19.49 23.61 14.23
N VAL A 123 -20.52 22.76 14.10
CA VAL A 123 -21.88 23.19 14.37
C VAL A 123 -22.04 23.58 15.84
N ALA A 124 -21.48 22.76 16.73
CA ALA A 124 -21.58 23.04 18.17
C ALA A 124 -20.89 24.35 18.52
N GLN A 125 -19.70 24.59 17.95
CA GLN A 125 -18.99 25.83 18.22
C GLN A 125 -19.75 27.03 17.65
N SER A 126 -20.28 26.89 16.43
CA SER A 126 -21.00 28.00 15.80
C SER A 126 -22.26 28.34 16.59
N ALA A 127 -22.98 27.32 17.06
CA ALA A 127 -24.19 27.56 17.86
C ALA A 127 -23.86 28.27 19.17
N ARG A 128 -22.75 27.88 19.81
CA ARG A 128 -22.36 28.49 21.07
C ARG A 128 -22.03 29.97 20.90
N GLY A 129 -21.62 30.38 19.71
CA GLY A 129 -21.37 31.78 19.41
C GLY A 129 -19.98 32.23 19.82
N ILE A 130 -19.60 33.40 19.30
CA ILE A 130 -18.28 33.97 19.60
C ILE A 130 -18.32 34.91 20.81
N TYR A 131 -19.50 35.20 21.35
CA TYR A 131 -19.62 36.05 22.53
C TYR A 131 -19.57 35.25 23.83
N GLN A 132 -18.96 34.07 23.80
CA GLN A 132 -18.86 33.20 24.96
C GLN A 132 -17.56 32.41 24.85
N PRO A 133 -16.89 32.15 25.98
CA PRO A 133 -15.66 31.35 25.94
C PRO A 133 -15.95 29.90 25.55
N ALA A 134 -14.92 29.26 25.03
CA ALA A 134 -15.04 27.89 24.56
C ALA A 134 -14.99 26.89 25.73
N VAL A 135 -15.70 25.79 25.56
CA VAL A 135 -15.68 24.71 26.56
C VAL A 135 -14.33 24.02 26.51
N PRO A 136 -13.64 23.85 27.63
CA PRO A 136 -12.32 23.19 27.60
C PRO A 136 -12.42 21.73 27.18
N GLN A 137 -11.34 21.24 26.58
CA GLN A 137 -11.31 19.88 26.07
C GLN A 137 -11.40 18.85 27.19
N ARG A 138 -10.92 19.19 28.38
CA ARG A 138 -10.93 18.23 29.49
C ARG A 138 -12.36 17.87 29.88
N ILE A 139 -13.27 18.84 29.88
CA ILE A 139 -14.67 18.56 30.21
C ILE A 139 -15.31 17.70 29.12
N ILE A 140 -14.97 17.96 27.86
CA ILE A 140 -15.56 17.20 26.75
C ILE A 140 -15.14 15.74 26.84
N ASP A 141 -13.89 15.48 27.22
CA ASP A 141 -13.38 14.12 27.30
C ASP A 141 -14.07 13.28 28.36
N GLU A 142 -14.80 13.89 29.28
CA GLU A 142 -15.53 13.16 30.30
C GLU A 142 -16.73 12.40 29.72
N CYS A 143 -17.13 12.78 28.51
CA CYS A 143 -18.27 12.14 27.85
C CYS A 143 -17.81 10.87 27.14
N SER A 144 -18.76 9.97 26.86
CA SER A 144 -18.44 8.66 26.31
C SER A 144 -18.85 8.50 24.86
N THR A 145 -19.81 9.31 24.40
CA THR A 145 -20.32 9.24 23.04
C THR A 145 -20.13 10.58 22.34
N VAL A 146 -20.11 10.53 21.01
CA VAL A 146 -19.96 11.76 20.23
C VAL A 146 -21.19 12.64 20.36
N THR A 147 -22.37 12.03 20.56
CA THR A 147 -23.57 12.82 20.79
C THR A 147 -23.47 13.59 22.11
N ALA A 148 -22.95 12.93 23.15
CA ALA A 148 -22.72 13.62 24.41
C ALA A 148 -21.60 14.66 24.28
N ARG A 149 -20.57 14.35 23.49
CA ARG A 149 -19.51 15.31 23.26
C ARG A 149 -20.02 16.54 22.50
N PHE A 150 -20.97 16.34 21.58
CA PHE A 150 -21.55 17.46 20.85
C PHE A 150 -22.33 18.38 21.79
N MET A 151 -23.17 17.80 22.65
CA MET A 151 -23.95 18.61 23.57
C MET A 151 -23.06 19.33 24.58
N THR A 152 -22.03 18.64 25.07
CA THR A 152 -21.12 19.25 26.04
C THR A 152 -20.34 20.41 25.42
N ARG A 153 -19.86 20.25 24.19
CA ARG A 153 -19.11 21.32 23.54
C ARG A 153 -19.98 22.54 23.29
N TRP A 154 -21.28 22.34 23.08
CA TRP A 154 -22.19 23.44 22.76
C TRP A 154 -22.79 24.07 24.02
N GLN A 155 -23.48 23.26 24.83
CA GLN A 155 -24.17 23.78 26.01
C GLN A 155 -23.28 23.84 27.23
N GLY A 156 -22.34 22.92 27.38
CA GLY A 156 -21.49 22.87 28.57
C GLY A 156 -21.96 21.96 29.68
N GLU A 157 -23.22 22.10 30.09
CA GLU A 157 -23.81 21.29 31.15
C GLU A 157 -25.11 20.69 30.62
N PRO A 158 -25.01 19.64 29.79
CA PRO A 158 -26.20 19.12 29.13
C PRO A 158 -27.01 18.20 30.03
N ASP A 159 -28.33 18.31 29.93
CA ASP A 159 -29.21 17.37 30.59
C ASP A 159 -29.04 15.99 29.97
N PRO A 160 -28.89 14.93 30.76
CA PRO A 160 -28.76 13.58 30.17
C PRO A 160 -29.95 13.19 29.31
N ARG A 161 -31.15 13.67 29.64
CA ARG A 161 -32.31 13.38 28.80
C ARG A 161 -32.21 14.06 27.44
N HIS A 162 -31.66 15.28 27.41
CA HIS A 162 -31.50 15.99 26.15
C HIS A 162 -30.55 15.24 25.21
N ILE A 163 -29.48 14.66 25.77
CA ILE A 163 -28.53 13.91 24.95
C ILE A 163 -29.22 12.71 24.32
N GLU A 164 -30.05 12.00 25.09
CA GLU A 164 -30.78 10.86 24.54
C GLU A 164 -31.76 11.30 23.45
N ALA A 165 -32.34 12.49 23.58
CA ALA A 165 -33.26 12.98 22.57
C ALA A 165 -32.55 13.22 21.24
N ILE A 166 -31.36 13.81 21.28
CA ILE A 166 -30.60 14.04 20.05
C ILE A 166 -30.16 12.72 19.43
N ASP A 167 -29.73 11.77 20.28
CA ASP A 167 -29.29 10.48 19.76
C ASP A 167 -30.40 9.74 19.04
N ALA A 168 -31.63 9.83 19.56
CA ALA A 168 -32.76 9.21 18.90
C ALA A 168 -33.08 9.89 17.57
N TYR A 169 -33.06 11.22 17.54
CA TYR A 169 -33.40 11.96 16.32
C TYR A 169 -32.35 11.74 15.23
N TRP A 170 -31.07 11.77 15.60
CA TRP A 170 -30.01 11.66 14.60
C TRP A 170 -30.03 10.30 13.90
N VAL A 171 -30.37 9.24 14.64
CA VAL A 171 -30.45 7.91 14.04
C VAL A 171 -31.54 7.88 12.97
N SER A 172 -32.70 8.46 13.27
CA SER A 172 -33.80 8.47 12.32
C SER A 172 -33.54 9.38 11.13
N ALA A 173 -32.65 10.36 11.27
CA ALA A 173 -32.31 11.28 10.20
C ALA A 173 -31.00 10.93 9.51
N ALA A 174 -30.44 9.75 9.79
CA ALA A 174 -29.13 9.39 9.25
C ALA A 174 -29.16 9.22 7.74
N GLU A 175 -30.19 8.56 7.21
CA GLU A 175 -30.24 8.25 5.78
C GLU A 175 -31.68 7.98 5.38
N HIS A 176 -32.10 8.56 4.25
CA HIS A 176 -33.44 8.33 3.70
C HIS A 176 -33.39 8.16 2.19
N GLY A 177 -32.43 7.38 1.70
CA GLY A 177 -32.38 7.08 0.29
C GLY A 177 -31.84 8.24 -0.54
N MET A 178 -32.27 8.28 -1.80
CA MET A 178 -31.79 9.27 -2.76
C MET A 178 -32.58 10.56 -2.62
N ASN A 179 -31.88 11.65 -2.27
CA ASN A 179 -32.47 12.97 -2.19
C ASN A 179 -31.51 13.96 -2.84
N ALA A 180 -31.90 15.24 -2.86
CA ALA A 180 -31.11 16.24 -3.57
C ALA A 180 -29.71 16.39 -2.97
N SER A 181 -29.61 16.41 -1.64
CA SER A 181 -28.31 16.56 -1.01
C SER A 181 -27.46 15.31 -1.19
N THR A 182 -28.05 14.13 -1.02
CA THR A 182 -27.33 12.89 -1.25
C THR A 182 -26.92 12.75 -2.70
N PHE A 183 -27.80 13.14 -3.63
CA PHE A 183 -27.45 13.12 -5.05
C PHE A 183 -26.30 14.07 -5.34
N THR A 184 -26.30 15.25 -4.72
CA THR A 184 -25.22 16.21 -4.95
C THR A 184 -23.89 15.66 -4.48
N ALA A 185 -23.87 14.99 -3.32
CA ALA A 185 -22.62 14.42 -2.81
C ALA A 185 -22.08 13.36 -3.75
N ARG A 186 -22.97 12.52 -4.30
CA ARG A 186 -22.52 11.48 -5.23
C ARG A 186 -22.00 12.08 -6.53
N VAL A 187 -22.66 13.13 -7.03
CA VAL A 187 -22.24 13.75 -8.29
C VAL A 187 -20.84 14.34 -8.16
N ILE A 188 -20.59 15.05 -7.06
CA ILE A 188 -19.27 15.65 -6.85
C ILE A 188 -18.21 14.57 -6.69
N ALA A 189 -18.54 13.50 -5.95
CA ALA A 189 -17.61 12.40 -5.78
C ALA A 189 -17.29 11.71 -7.10
N SER A 190 -18.26 11.67 -8.02
CA SER A 190 -18.04 11.01 -9.30
C SER A 190 -16.99 11.71 -10.15
N THR A 191 -16.65 12.96 -9.83
CA THR A 191 -15.58 13.65 -10.53
C THR A 191 -14.19 13.31 -9.97
N GLY A 192 -14.12 12.56 -8.88
CA GLY A 192 -12.86 12.22 -8.26
C GLY A 192 -12.34 13.25 -7.26
N ALA A 193 -13.14 14.26 -6.93
CA ALA A 193 -12.70 15.29 -6.00
C ALA A 193 -12.58 14.73 -4.58
N ASP A 194 -11.88 15.49 -3.73
CA ASP A 194 -11.68 15.06 -2.36
C ASP A 194 -13.01 15.06 -1.60
N VAL A 195 -13.08 14.22 -0.57
CA VAL A 195 -14.34 14.01 0.17
C VAL A 195 -14.79 15.28 0.84
N ALA A 196 -13.87 16.18 1.20
CA ALA A 196 -14.26 17.43 1.84
C ALA A 196 -15.08 18.29 0.88
N ALA A 197 -14.71 18.31 -0.40
CA ALA A 197 -15.46 19.08 -1.39
C ALA A 197 -16.87 18.52 -1.58
N ALA A 198 -16.98 17.19 -1.57
CA ALA A 198 -18.30 16.57 -1.74
C ALA A 198 -19.23 16.90 -0.58
N LEU A 199 -18.72 16.82 0.66
CA LEU A 199 -19.55 17.13 1.82
C LEU A 199 -19.95 18.60 1.84
N SER A 200 -19.03 19.50 1.49
CA SER A 200 -19.36 20.92 1.48
C SER A 200 -20.43 21.24 0.46
N GLY A 201 -20.36 20.63 -0.72
CA GLY A 201 -21.39 20.84 -1.72
C GLY A 201 -22.74 20.32 -1.30
N ALA A 202 -22.76 19.15 -0.64
CA ALA A 202 -24.02 18.57 -0.19
C ALA A 202 -24.70 19.43 0.87
N ILE A 203 -23.91 20.12 1.70
CA ILE A 203 -24.49 20.99 2.71
C ILE A 203 -25.25 22.13 2.05
N GLY A 204 -24.72 22.68 0.96
CA GLY A 204 -25.43 23.71 0.24
C GLY A 204 -26.73 23.23 -0.36
N ALA A 205 -26.76 21.98 -0.82
CA ALA A 205 -28.00 21.41 -1.34
C ALA A 205 -29.05 21.28 -0.24
N MET A 206 -28.62 20.88 0.97
CA MET A 206 -29.54 20.79 2.10
C MET A 206 -30.10 22.15 2.49
N SER A 207 -29.40 23.23 2.18
CA SER A 207 -29.85 24.57 2.58
C SER A 207 -31.17 24.94 1.93
N GLY A 208 -31.44 24.44 0.73
CA GLY A 208 -32.64 24.79 0.00
C GLY A 208 -33.92 24.40 0.71
N PRO A 209 -34.88 25.33 0.75
CA PRO A 209 -36.18 25.02 1.37
C PRO A 209 -36.92 23.89 0.69
N LEU A 210 -36.75 23.71 -0.62
CA LEU A 210 -37.47 22.68 -1.36
C LEU A 210 -36.95 21.28 -1.08
N HIS A 211 -35.82 21.14 -0.37
CA HIS A 211 -35.26 19.82 -0.12
C HIS A 211 -36.21 18.96 0.68
N GLY A 212 -36.82 19.52 1.72
CA GLY A 212 -37.72 18.77 2.56
C GLY A 212 -36.99 18.00 3.64
N GLY A 213 -37.75 17.61 4.67
CA GLY A 213 -37.21 16.90 5.80
C GLY A 213 -36.68 17.77 6.92
N ALA A 214 -36.53 19.07 6.70
CA ALA A 214 -36.11 19.97 7.75
C ALA A 214 -37.21 20.09 8.81
N PRO A 215 -36.84 20.24 10.09
CA PRO A 215 -37.85 20.27 11.15
C PRO A 215 -38.90 21.34 10.91
N ALA A 216 -40.16 20.97 11.13
CA ALA A 216 -41.27 21.84 10.80
C ALA A 216 -41.36 23.00 11.78
N ARG A 217 -41.98 24.09 11.31
CA ARG A 217 -42.23 25.27 12.14
C ARG A 217 -43.61 25.11 12.76
N VAL A 218 -43.64 24.55 13.97
CA VAL A 218 -44.89 24.32 14.69
C VAL A 218 -44.88 24.92 16.08
N LEU A 219 -43.80 25.59 16.48
CA LEU A 219 -43.72 26.16 17.83
C LEU A 219 -44.78 27.22 18.09
N PRO A 220 -45.01 28.20 17.20
CA PRO A 220 -46.11 29.15 17.47
C PRO A 220 -47.46 28.49 17.62
N MET A 221 -47.74 27.45 16.82
CA MET A 221 -49.00 26.72 16.96
C MET A 221 -49.02 25.91 18.25
N LEU A 222 -47.90 25.27 18.59
CA LEU A 222 -47.84 24.49 19.83
C LEU A 222 -47.94 25.40 21.05
N ASP A 223 -47.31 26.57 21.00
CA ASP A 223 -47.47 27.54 22.08
C ASP A 223 -48.91 28.02 22.18
N GLU A 224 -49.61 28.05 21.04
CA GLU A 224 -50.98 28.57 21.03
C GLU A 224 -51.94 27.65 21.80
N VAL A 225 -51.86 26.35 21.55
CA VAL A 225 -52.74 25.40 22.22
C VAL A 225 -52.48 25.35 23.71
N GLU A 226 -51.27 25.72 24.15
CA GLU A 226 -51.01 25.85 25.58
C GLU A 226 -51.86 26.96 26.19
N ARG A 227 -52.16 27.99 25.41
CA ARG A 227 -52.99 29.09 25.90
C ARG A 227 -54.47 28.71 25.87
N ALA A 228 -55.00 28.42 24.68
CA ALA A 228 -56.43 28.14 24.54
C ALA A 228 -56.83 26.89 25.32
N GLY A 229 -56.03 25.83 25.25
CA GLY A 229 -56.33 24.59 25.91
C GLY A 229 -57.17 23.61 25.13
N ASP A 230 -57.69 24.02 23.97
CA ASP A 230 -58.48 23.15 23.10
C ASP A 230 -57.77 23.06 21.76
N ALA A 231 -57.26 21.88 21.42
CA ALA A 231 -56.60 21.69 20.14
C ALA A 231 -57.59 21.83 18.99
N ARG A 232 -58.81 21.35 19.17
CA ARG A 232 -59.79 21.37 18.09
C ARG A 232 -60.13 22.79 17.66
N SER A 233 -60.31 23.70 18.62
CA SER A 233 -60.71 25.07 18.28
C SER A 233 -59.63 25.80 17.50
N VAL A 234 -58.37 25.64 17.90
CA VAL A 234 -57.31 26.44 17.28
C VAL A 234 -57.05 26.00 15.86
N VAL A 235 -56.96 24.68 15.61
CA VAL A 235 -56.62 24.22 14.27
C VAL A 235 -57.67 24.67 13.27
N LYS A 236 -58.95 24.54 13.63
CA LYS A 236 -60.02 24.96 12.72
C LYS A 236 -59.86 26.41 12.30
N GLY A 237 -59.43 27.27 13.23
CA GLY A 237 -59.23 28.67 12.89
C GLY A 237 -58.13 28.86 11.86
N ILE A 238 -57.06 28.09 11.96
CA ILE A 238 -55.94 28.24 11.02
C ILE A 238 -56.36 27.88 9.61
N LEU A 239 -57.14 26.81 9.44
CA LEU A 239 -57.65 26.49 8.11
C LEU A 239 -58.66 27.53 7.63
N ASP A 240 -59.51 28.02 8.54
CA ASP A 240 -60.62 28.87 8.13
C ASP A 240 -60.15 30.17 7.49
N ARG A 241 -59.10 30.78 8.04
CA ARG A 241 -58.61 32.05 7.52
C ARG A 241 -57.60 31.89 6.40
N GLY A 242 -57.35 30.65 5.95
CA GLY A 242 -56.59 30.40 4.74
C GLY A 242 -55.20 29.82 4.95
N GLU A 243 -54.69 29.80 6.17
CA GLU A 243 -53.35 29.30 6.39
C GLU A 243 -53.33 27.77 6.43
N LYS A 244 -52.13 27.22 6.31
CA LYS A 244 -51.93 25.77 6.26
C LYS A 244 -51.43 25.26 7.60
N LEU A 245 -52.01 24.15 8.06
CA LEU A 245 -51.58 23.50 9.29
C LEU A 245 -50.16 22.97 9.10
N MET A 246 -49.20 23.57 9.79
CA MET A 246 -47.80 23.18 9.64
C MET A 246 -47.56 21.79 10.19
N GLY A 247 -46.68 21.04 9.52
CA GLY A 247 -46.30 19.72 9.97
C GLY A 247 -47.25 18.61 9.60
N PHE A 248 -48.27 18.89 8.78
CA PHE A 248 -49.22 17.87 8.36
C PHE A 248 -49.43 17.95 6.85
N GLY A 249 -49.63 16.79 6.23
CA GLY A 249 -49.81 16.73 4.79
C GLY A 249 -50.20 15.36 4.29
N HIS A 250 -49.77 15.02 3.08
CA HIS A 250 -50.15 13.75 2.47
C HIS A 250 -49.38 12.60 3.13
N ARG A 251 -49.56 11.40 2.58
CA ARG A 251 -48.82 10.24 3.03
C ARG A 251 -47.47 10.16 2.33
N VAL A 252 -46.48 9.66 3.05
CA VAL A 252 -45.17 9.36 2.49
C VAL A 252 -44.93 7.85 2.44
N TYR A 253 -45.08 7.17 3.57
CA TYR A 253 -45.10 5.72 3.62
C TYR A 253 -46.52 5.24 3.36
N ARG A 254 -46.79 3.96 3.63
CA ARG A 254 -48.15 3.43 3.45
C ARG A 254 -49.13 4.21 4.31
N ALA A 255 -49.00 4.11 5.63
CA ALA A 255 -49.78 4.95 6.53
C ALA A 255 -48.89 5.86 7.37
N GLU A 256 -47.99 5.31 8.17
CA GLU A 256 -47.23 6.08 9.14
C GLU A 256 -45.75 6.04 8.82
N ASP A 257 -45.11 7.19 8.85
CA ASP A 257 -43.65 7.25 8.73
C ASP A 257 -43.05 6.59 9.95
N PRO A 258 -42.23 5.55 9.80
CA PRO A 258 -41.62 4.91 10.98
C PRO A 258 -40.78 5.85 11.81
N ARG A 259 -40.14 6.84 11.18
CA ARG A 259 -39.37 7.82 11.94
C ARG A 259 -40.28 8.69 12.81
N ALA A 260 -41.47 9.02 12.30
CA ALA A 260 -42.40 9.82 13.09
C ALA A 260 -42.86 9.08 14.34
N ARG A 261 -43.17 7.78 14.21
CA ARG A 261 -43.56 7.00 15.37
C ARG A 261 -42.41 6.86 16.35
N VAL A 262 -41.20 6.66 15.85
CA VAL A 262 -40.03 6.54 16.71
C VAL A 262 -39.79 7.84 17.48
N LEU A 263 -39.86 8.97 16.78
CA LEU A 263 -39.61 10.26 17.43
C LEU A 263 -40.69 10.58 18.46
N ARG A 264 -41.95 10.27 18.15
CA ARG A 264 -43.02 10.51 19.12
C ARG A 264 -42.84 9.67 20.38
N ALA A 265 -42.46 8.40 20.21
CA ALA A 265 -42.23 7.54 21.38
C ALA A 265 -41.08 8.05 22.23
N ALA A 266 -40.09 8.68 21.60
CA ALA A 266 -38.98 9.27 22.36
C ALA A 266 -39.45 10.46 23.18
N ALA A 267 -40.43 11.22 22.69
CA ALA A 267 -40.91 12.39 23.41
C ALA A 267 -41.57 12.00 24.73
N GLU A 268 -42.38 10.94 24.72
CA GLU A 268 -43.04 10.50 25.95
C GLU A 268 -42.08 9.73 26.85
N ARG A 269 -41.09 9.04 26.28
CA ARG A 269 -40.15 8.28 27.10
C ARG A 269 -39.24 9.20 27.90
N LEU A 270 -38.93 10.38 27.37
CA LEU A 270 -38.01 11.31 28.00
C LEU A 270 -38.73 12.44 28.73
N GLY A 271 -40.05 12.37 28.84
CA GLY A 271 -40.81 13.36 29.59
C GLY A 271 -40.77 14.75 29.00
N ALA A 272 -40.98 14.87 27.70
CA ALA A 272 -41.01 16.19 27.06
C ALA A 272 -42.22 16.97 27.54
N PRO A 273 -42.06 18.20 28.01
CA PRO A 273 -43.22 18.96 28.50
C PRO A 273 -44.27 19.23 27.44
N ARG A 274 -43.87 19.39 26.19
CA ARG A 274 -44.81 19.68 25.11
C ARG A 274 -45.53 18.45 24.59
N TYR A 275 -45.27 17.27 25.16
CA TYR A 275 -45.81 16.03 24.61
C TYR A 275 -47.34 16.02 24.66
N GLU A 276 -47.92 16.34 25.82
CA GLU A 276 -49.36 16.24 25.96
C GLU A 276 -50.09 17.16 25.00
N VAL A 277 -49.59 18.39 24.84
CA VAL A 277 -50.18 19.31 23.87
C VAL A 277 -49.98 18.80 22.45
N ALA A 278 -48.78 18.28 22.15
CA ALA A 278 -48.45 17.88 20.78
C ALA A 278 -49.35 16.75 20.30
N VAL A 279 -49.59 15.75 21.15
CA VAL A 279 -50.44 14.63 20.75
C VAL A 279 -51.88 15.10 20.53
N ALA A 280 -52.33 16.04 21.36
CA ALA A 280 -53.68 16.60 21.16
C ALA A 280 -53.79 17.33 19.83
N VAL A 281 -52.76 18.09 19.46
CA VAL A 281 -52.76 18.78 18.19
C VAL A 281 -52.71 17.79 17.03
N GLU A 282 -51.95 16.70 17.20
CA GLU A 282 -51.84 15.71 16.14
C GLU A 282 -53.19 15.09 15.82
N GLN A 283 -53.95 14.72 16.85
CA GLN A 283 -55.26 14.12 16.62
C GLN A 283 -56.24 15.14 16.06
N ALA A 284 -56.23 16.36 16.58
CA ALA A 284 -57.14 17.39 16.09
C ALA A 284 -56.83 17.75 14.64
N ALA A 285 -55.55 17.92 14.30
CA ALA A 285 -55.19 18.23 12.92
C ALA A 285 -55.53 17.07 11.98
N LEU A 286 -55.23 15.84 12.40
CA LEU A 286 -55.49 14.69 11.54
C LEU A 286 -56.99 14.53 11.29
N SER A 287 -57.80 14.61 12.34
CA SER A 287 -59.23 14.35 12.20
C SER A 287 -59.90 15.38 11.30
N GLU A 288 -59.56 16.66 11.45
CA GLU A 288 -60.20 17.69 10.65
C GLU A 288 -59.74 17.65 9.20
N LEU A 289 -58.44 17.42 8.97
CA LEU A 289 -57.94 17.37 7.60
C LEU A 289 -58.53 16.21 6.83
N ARG A 290 -58.63 15.04 7.45
CA ARG A 290 -59.24 13.89 6.77
C ARG A 290 -60.74 14.10 6.57
N GLU A 291 -61.41 14.74 7.54
CA GLU A 291 -62.84 14.99 7.39
C GLU A 291 -63.12 15.98 6.27
N ARG A 292 -62.31 17.03 6.15
CA ARG A 292 -62.54 18.02 5.10
C ARG A 292 -62.26 17.44 3.72
N ARG A 293 -61.26 16.57 3.62
CA ARG A 293 -60.92 15.90 2.36
C ARG A 293 -60.89 14.40 2.61
N PRO A 294 -62.04 13.73 2.50
CA PRO A 294 -62.10 12.29 2.78
C PRO A 294 -61.41 11.42 1.74
N ASP A 295 -60.88 11.99 0.66
CA ASP A 295 -60.23 11.21 -0.38
C ASP A 295 -58.72 11.12 -0.18
N ARG A 296 -58.06 12.26 -0.02
CA ARG A 296 -56.61 12.28 0.11
C ARG A 296 -56.18 11.64 1.43
N ALA A 297 -55.15 10.82 1.38
CA ALA A 297 -54.58 10.20 2.58
C ALA A 297 -53.74 11.24 3.29
N ILE A 298 -54.17 11.64 4.49
CA ILE A 298 -53.50 12.67 5.28
C ILE A 298 -52.86 12.02 6.49
N GLU A 299 -51.57 12.25 6.67
CA GLU A 299 -50.81 11.63 7.76
C GLU A 299 -49.80 12.63 8.30
N THR A 300 -49.39 12.38 9.54
CA THR A 300 -48.50 13.31 10.24
C THR A 300 -47.10 13.28 9.64
N ASN A 301 -46.58 14.46 9.33
CA ASN A 301 -45.21 14.56 8.83
C ASN A 301 -44.21 14.27 9.95
N VAL A 302 -43.11 13.62 9.58
CA VAL A 302 -42.08 13.31 10.57
C VAL A 302 -41.44 14.58 11.11
N GLU A 303 -41.42 15.65 10.32
CA GLU A 303 -40.81 16.90 10.75
C GLU A 303 -41.60 17.56 11.88
N PHE A 304 -42.86 17.19 12.07
CA PHE A 304 -43.64 17.71 13.19
C PHE A 304 -43.06 17.25 14.52
N TRP A 305 -42.79 15.95 14.64
CA TRP A 305 -42.20 15.41 15.87
C TRP A 305 -40.71 15.71 15.98
N ALA A 306 -40.04 15.99 14.86
CA ALA A 306 -38.65 16.41 14.93
C ALA A 306 -38.52 17.76 15.64
N ALA A 307 -39.44 18.69 15.38
CA ALA A 307 -39.44 19.96 16.07
C ALA A 307 -39.69 19.79 17.56
N VAL A 308 -40.61 18.90 17.93
CA VAL A 308 -40.92 18.67 19.33
C VAL A 308 -39.70 18.14 20.07
N VAL A 309 -39.03 17.14 19.49
CA VAL A 309 -37.87 16.53 20.15
C VAL A 309 -36.71 17.52 20.19
N LEU A 310 -36.45 18.22 19.07
CA LEU A 310 -35.34 19.16 19.03
C LEU A 310 -35.56 20.32 20.00
N ASP A 311 -36.79 20.84 20.07
CA ASP A 311 -37.08 21.92 21.00
C ASP A 311 -36.93 21.45 22.44
N PHE A 312 -37.27 20.20 22.73
CA PHE A 312 -37.11 19.66 24.08
C PHE A 312 -35.64 19.69 24.49
N ALA A 313 -34.72 19.46 23.55
CA ALA A 313 -33.30 19.52 23.81
C ALA A 313 -32.74 20.95 23.78
N ARG A 314 -33.62 21.95 23.89
CA ARG A 314 -33.23 23.36 23.92
C ARG A 314 -32.51 23.79 22.65
N VAL A 315 -32.89 23.21 21.51
CA VAL A 315 -32.33 23.58 20.21
C VAL A 315 -33.20 24.70 19.64
N PRO A 316 -32.64 25.87 19.36
CA PRO A 316 -33.44 26.96 18.79
C PRO A 316 -33.92 26.61 17.38
N ALA A 317 -34.95 27.35 16.94
CA ALA A 317 -35.53 27.10 15.63
C ALA A 317 -34.51 27.32 14.51
N ASN A 318 -33.71 28.39 14.62
CA ASN A 318 -32.70 28.65 13.61
C ASN A 318 -31.62 27.58 13.57
N MET A 319 -31.44 26.84 14.66
CA MET A 319 -30.43 25.79 14.71
C MET A 319 -30.94 24.47 14.14
N MET A 320 -32.25 24.26 14.11
CA MET A 320 -32.80 22.96 13.70
C MET A 320 -32.33 22.50 12.32
N PRO A 321 -32.26 23.34 11.28
CA PRO A 321 -31.71 22.85 10.00
C PRO A 321 -30.29 22.32 10.12
N ALA A 322 -29.47 22.93 10.97
CA ALA A 322 -28.12 22.42 11.18
C ALA A 322 -28.15 21.06 11.89
N MET A 323 -29.12 20.87 12.79
CA MET A 323 -29.26 19.57 13.46
C MET A 323 -29.57 18.47 12.44
N PHE A 324 -30.45 18.77 11.48
CA PHE A 324 -30.74 17.82 10.42
C PHE A 324 -29.50 17.55 9.57
N THR A 325 -28.70 18.59 9.31
CA THR A 325 -27.47 18.42 8.56
C THR A 325 -26.51 17.49 9.29
N CYS A 326 -26.40 17.64 10.61
CA CYS A 326 -25.47 16.82 11.39
C CYS A 326 -25.83 15.34 11.30
N GLY A 327 -27.11 15.01 11.42
CA GLY A 327 -27.53 13.62 11.36
C GLY A 327 -27.34 12.98 10.00
N ARG A 328 -27.60 13.75 8.93
CA ARG A 328 -27.53 13.23 7.58
C ARG A 328 -26.10 12.96 7.12
N THR A 329 -25.09 13.40 7.87
CA THR A 329 -23.71 13.17 7.47
C THR A 329 -23.38 11.68 7.38
N ALA A 330 -24.09 10.85 8.14
CA ALA A 330 -23.88 9.40 8.04
C ALA A 330 -24.28 8.88 6.67
N GLY A 331 -25.43 9.32 6.15
CA GLY A 331 -25.86 8.88 4.84
C GLY A 331 -24.97 9.41 3.72
N TRP A 332 -24.54 10.66 3.83
CA TRP A 332 -23.69 11.25 2.80
C TRP A 332 -22.36 10.52 2.71
N CYS A 333 -21.76 10.19 3.85
CA CYS A 333 -20.48 9.48 3.85
C CYS A 333 -20.62 8.09 3.24
N ALA A 334 -21.72 7.39 3.56
CA ALA A 334 -21.92 6.06 2.99
C ALA A 334 -22.08 6.11 1.48
N HIS A 335 -22.81 7.09 0.97
CA HIS A 335 -23.02 7.19 -0.48
C HIS A 335 -21.77 7.65 -1.19
N ILE A 336 -20.93 8.47 -0.55
CA ILE A 336 -19.68 8.89 -1.18
C ILE A 336 -18.75 7.70 -1.36
N LEU A 337 -18.64 6.84 -0.35
CA LEU A 337 -17.81 5.65 -0.46
C LEU A 337 -18.36 4.70 -1.52
N GLU A 338 -19.69 4.55 -1.58
CA GLU A 338 -20.29 3.71 -2.60
C GLU A 338 -20.05 4.28 -4.00
N GLN A 339 -20.12 5.60 -4.15
CA GLN A 339 -19.82 6.23 -5.43
C GLN A 339 -18.37 6.04 -5.81
N LYS A 340 -17.47 6.04 -4.82
CA LYS A 340 -16.05 5.84 -5.11
C LYS A 340 -15.80 4.47 -5.74
N ARG A 341 -16.43 3.42 -5.21
CA ARG A 341 -16.23 2.08 -5.76
C ARG A 341 -16.90 1.93 -7.12
N LEU A 342 -18.01 2.63 -7.36
CA LEU A 342 -18.66 2.54 -8.66
C LEU A 342 -17.76 3.08 -9.77
N GLY A 343 -17.11 4.21 -9.53
CA GLY A 343 -16.13 4.74 -10.46
C GLY A 343 -16.69 5.14 -11.81
N LYS A 344 -17.91 5.67 -11.84
CA LYS A 344 -18.54 6.14 -13.07
C LYS A 344 -18.97 7.58 -12.88
N LEU A 345 -18.50 8.46 -13.76
CA LEU A 345 -18.87 9.87 -13.69
C LEU A 345 -20.35 10.06 -14.00
N VAL A 346 -20.99 10.94 -13.23
CA VAL A 346 -22.40 11.27 -13.44
C VAL A 346 -22.47 12.42 -14.43
N ARG A 347 -22.95 12.14 -15.64
CA ARG A 347 -22.96 13.12 -16.73
C ARG A 347 -24.20 12.91 -17.57
N PRO A 348 -25.27 13.64 -17.29
CA PRO A 348 -26.48 13.56 -18.12
C PRO A 348 -26.35 14.45 -19.34
N SER A 349 -27.40 14.44 -20.17
CA SER A 349 -27.43 15.19 -21.41
C SER A 349 -28.65 16.10 -21.45
N ALA A 350 -28.58 17.11 -22.31
CA ALA A 350 -29.66 18.06 -22.48
C ALA A 350 -29.91 18.30 -23.97
N ILE A 351 -31.14 18.68 -24.28
CA ILE A 351 -31.57 18.93 -25.66
C ILE A 351 -31.70 20.43 -25.85
N TYR A 352 -31.13 20.94 -26.94
CA TYR A 352 -31.18 22.37 -27.21
C TYR A 352 -32.50 22.74 -27.88
N VAL A 353 -33.19 23.73 -27.31
CA VAL A 353 -34.45 24.21 -27.84
C VAL A 353 -34.41 25.72 -27.97
N GLY A 354 -33.21 26.28 -28.09
CA GLY A 354 -33.04 27.72 -28.16
C GLY A 354 -33.01 28.26 -29.56
N PRO A 355 -32.58 29.51 -29.71
CA PRO A 355 -32.55 30.13 -31.03
C PRO A 355 -31.56 29.45 -31.96
N GLY A 356 -31.85 29.51 -33.26
CA GLY A 356 -31.00 28.91 -34.25
C GLY A 356 -29.79 29.77 -34.57
N PRO A 357 -28.98 29.28 -35.49
CA PRO A 357 -27.74 30.00 -35.84
C PRO A 357 -28.05 31.39 -36.39
N ARG A 358 -27.43 32.40 -35.77
CA ARG A 358 -27.65 33.78 -36.16
C ARG A 358 -26.37 34.57 -35.94
N SER A 359 -26.24 35.67 -36.67
CA SER A 359 -25.08 36.54 -36.56
C SER A 359 -25.16 37.37 -35.28
N PRO A 360 -24.00 37.80 -34.75
CA PRO A 360 -24.03 38.68 -33.57
C PRO A 360 -24.74 40.00 -33.82
N GLU A 361 -24.70 40.50 -35.05
CA GLU A 361 -25.36 41.76 -35.36
C GLU A 361 -26.89 41.65 -35.28
N SER A 362 -27.44 40.45 -35.44
CA SER A 362 -28.87 40.24 -35.39
C SER A 362 -29.42 40.10 -33.97
N VAL A 363 -28.55 40.08 -32.97
CA VAL A 363 -28.98 39.95 -31.58
C VAL A 363 -29.25 41.32 -31.00
N ASP A 364 -30.36 41.44 -30.28
CA ASP A 364 -30.74 42.72 -29.68
C ASP A 364 -29.66 43.21 -28.73
N GLY A 365 -29.38 44.52 -28.79
CA GLY A 365 -28.37 45.13 -27.95
C GLY A 365 -26.95 45.03 -28.47
N TRP A 366 -26.75 44.58 -29.71
CA TRP A 366 -25.40 44.44 -30.26
C TRP A 366 -24.72 45.79 -30.42
N GLU A 367 -25.49 46.85 -30.68
CA GLU A 367 -24.90 48.17 -30.89
C GLU A 367 -24.23 48.72 -29.63
N ARG A 368 -24.56 48.18 -28.46
CA ARG A 368 -23.95 48.60 -27.20
C ARG A 368 -22.79 47.70 -26.79
N VAL A 369 -22.11 47.11 -27.76
CA VAL A 369 -21.01 46.17 -27.51
C VAL A 369 -19.77 46.70 -28.20
N LEU A 370 -18.65 46.72 -27.49
CA LEU A 370 -17.38 47.17 -28.04
C LEU A 370 -16.79 46.11 -28.97
N MET B 1 -38.35 -10.80 -7.36
CA MET B 1 -37.03 -10.50 -7.92
C MET B 1 -36.86 -9.01 -8.17
N THR B 2 -35.71 -8.47 -7.78
CA THR B 2 -35.41 -7.06 -8.00
C THR B 2 -34.93 -6.88 -9.43
N VAL B 3 -35.59 -5.99 -10.18
CA VAL B 3 -35.28 -5.75 -11.57
C VAL B 3 -34.78 -4.32 -11.73
N VAL B 4 -34.29 -4.03 -12.92
CA VAL B 4 -33.72 -2.72 -13.25
C VAL B 4 -34.30 -2.30 -14.60
N PRO B 5 -34.41 -1.01 -14.90
CA PRO B 5 -34.88 -0.60 -16.23
C PRO B 5 -34.03 -1.21 -17.33
N GLU B 6 -34.69 -1.50 -18.46
CA GLU B 6 -34.02 -2.18 -19.56
C GLU B 6 -32.84 -1.38 -20.08
N ASN B 7 -33.03 -0.07 -20.27
CA ASN B 7 -31.96 0.82 -20.68
C ASN B 7 -31.33 1.51 -19.48
N PHE B 8 -30.83 0.70 -18.55
CA PHE B 8 -30.21 1.23 -17.34
C PHE B 8 -28.76 1.61 -17.65
N VAL B 9 -28.44 2.88 -17.44
CA VAL B 9 -27.08 3.38 -17.63
C VAL B 9 -26.63 4.02 -16.33
N PRO B 10 -25.83 3.33 -15.52
CA PRO B 10 -25.26 3.96 -14.33
C PRO B 10 -24.47 5.21 -14.71
N GLY B 11 -24.66 6.26 -13.91
CA GLY B 11 -24.11 7.56 -14.23
C GLY B 11 -24.95 8.41 -15.15
N LEU B 12 -26.16 7.96 -15.50
CA LEU B 12 -27.10 8.73 -16.32
C LEU B 12 -26.48 9.14 -17.66
N ASP B 13 -25.71 8.24 -18.26
CA ASP B 13 -25.09 8.53 -19.55
C ASP B 13 -26.13 8.47 -20.67
N GLY B 14 -26.28 9.57 -21.40
CA GLY B 14 -27.24 9.63 -22.49
C GLY B 14 -28.67 9.91 -22.08
N VAL B 15 -28.93 10.12 -20.79
CA VAL B 15 -30.28 10.38 -20.30
C VAL B 15 -30.54 11.89 -20.39
N VAL B 16 -31.65 12.24 -21.03
CA VAL B 16 -32.03 13.65 -21.17
C VAL B 16 -32.69 14.10 -19.87
N ALA B 17 -32.06 15.03 -19.17
CA ALA B 17 -32.60 15.56 -17.92
C ALA B 17 -33.20 16.94 -18.08
N PHE B 18 -32.79 17.71 -19.08
CA PHE B 18 -33.28 19.06 -19.27
C PHE B 18 -33.37 19.38 -20.75
N THR B 19 -34.15 20.41 -21.07
CA THR B 19 -34.08 21.11 -22.34
C THR B 19 -33.63 22.54 -22.05
N THR B 20 -32.63 23.01 -22.79
CA THR B 20 -32.03 24.31 -22.52
C THR B 20 -32.05 25.18 -23.77
N GLU B 21 -32.15 26.48 -23.56
CA GLU B 21 -32.07 27.47 -24.63
C GLU B 21 -30.77 28.27 -24.56
N ILE B 22 -29.81 27.84 -23.75
CA ILE B 22 -28.62 28.64 -23.49
C ILE B 22 -27.61 28.50 -24.61
N ALA B 23 -27.12 27.27 -24.84
CA ALA B 23 -26.09 27.05 -25.84
C ALA B 23 -26.25 25.67 -26.46
N GLU B 24 -25.72 25.53 -27.67
CA GLU B 24 -25.83 24.29 -28.43
C GLU B 24 -24.46 23.75 -28.78
N PRO B 25 -23.92 22.80 -28.01
CA PRO B 25 -22.68 22.13 -28.41
C PRO B 25 -22.92 21.18 -29.58
N ASP B 26 -22.94 21.72 -30.81
CA ASP B 26 -23.25 20.94 -31.98
C ASP B 26 -22.09 20.02 -32.32
N LYS B 27 -22.04 18.85 -31.68
CA LYS B 27 -20.91 17.95 -31.87
C LYS B 27 -20.94 17.28 -33.23
N ASP B 28 -22.13 17.07 -33.81
CA ASP B 28 -22.20 16.52 -35.16
C ASP B 28 -21.71 17.52 -36.20
N GLY B 29 -22.09 18.78 -36.05
CA GLY B 29 -21.70 19.83 -36.98
C GLY B 29 -20.37 20.50 -36.70
N GLY B 30 -19.70 20.14 -35.60
CA GLY B 30 -18.42 20.73 -35.28
C GLY B 30 -18.47 22.22 -35.02
N ALA B 31 -19.50 22.68 -34.31
CA ALA B 31 -19.64 24.10 -33.99
C ALA B 31 -20.13 24.26 -32.56
N LEU B 32 -19.79 25.39 -31.96
CA LEU B 32 -20.26 25.77 -30.63
C LEU B 32 -20.91 27.14 -30.72
N ARG B 33 -22.15 27.25 -30.26
CA ARG B 33 -22.91 28.47 -30.36
C ARG B 33 -23.47 28.87 -29.01
N TYR B 34 -23.32 30.14 -28.64
CA TYR B 34 -23.91 30.70 -27.44
C TYR B 34 -25.15 31.48 -27.85
N ARG B 35 -26.33 30.94 -27.51
CA ARG B 35 -27.61 31.54 -27.90
C ARG B 35 -27.68 31.73 -29.41
N GLY B 36 -27.18 30.75 -30.15
CA GLY B 36 -27.18 30.79 -31.60
C GLY B 36 -26.01 31.53 -32.21
N VAL B 37 -25.11 32.09 -31.40
CA VAL B 37 -23.98 32.87 -31.90
C VAL B 37 -22.72 32.03 -31.79
N ASP B 38 -22.01 31.87 -32.91
CA ASP B 38 -20.82 31.04 -32.94
C ASP B 38 -19.72 31.65 -32.06
N ILE B 39 -18.99 30.78 -31.37
CA ILE B 39 -17.86 31.24 -30.57
C ILE B 39 -16.77 31.81 -31.46
N GLU B 40 -16.64 31.30 -32.68
CA GLU B 40 -15.68 31.88 -33.63
C GLU B 40 -16.03 33.34 -33.94
N ASP B 41 -17.31 33.63 -34.13
CA ASP B 41 -17.73 35.00 -34.36
C ASP B 41 -17.45 35.87 -33.15
N LEU B 42 -17.72 35.36 -31.95
CA LEU B 42 -17.48 36.14 -30.73
C LEU B 42 -16.00 36.43 -30.54
N VAL B 43 -15.14 35.45 -30.80
CA VAL B 43 -13.71 35.64 -30.53
C VAL B 43 -13.02 36.38 -31.67
N SER B 44 -13.54 36.30 -32.90
CA SER B 44 -12.92 37.00 -34.01
C SER B 44 -13.15 38.50 -33.90
N GLN B 45 -14.36 38.92 -33.54
CA GLN B 45 -14.68 40.33 -33.38
C GLN B 45 -14.28 40.87 -32.02
N ARG B 46 -13.63 40.05 -31.19
CA ARG B 46 -13.05 40.46 -29.92
C ARG B 46 -14.12 41.02 -28.97
N VAL B 47 -15.11 40.18 -28.69
CA VAL B 47 -16.14 40.49 -27.70
C VAL B 47 -15.62 40.10 -26.33
N THR B 48 -15.66 41.04 -25.39
CA THR B 48 -15.09 40.82 -24.07
C THR B 48 -15.90 39.78 -23.29
N PHE B 49 -15.27 39.22 -22.27
CA PHE B 49 -15.92 38.18 -21.47
C PHE B 49 -17.15 38.70 -20.75
N GLY B 50 -17.09 39.94 -20.25
CA GLY B 50 -18.23 40.49 -19.54
C GLY B 50 -19.47 40.62 -20.38
N ASP B 51 -19.31 40.89 -21.68
CA ASP B 51 -20.46 40.96 -22.57
C ASP B 51 -21.00 39.57 -22.91
N VAL B 52 -20.12 38.58 -23.07
CA VAL B 52 -20.56 37.22 -23.33
C VAL B 52 -21.32 36.67 -22.12
N TRP B 53 -20.88 37.05 -20.91
CA TRP B 53 -21.61 36.68 -19.71
C TRP B 53 -23.07 37.14 -19.78
N ALA B 54 -23.29 38.37 -20.24
CA ALA B 54 -24.65 38.88 -20.40
C ALA B 54 -25.41 38.09 -21.47
N LEU B 55 -24.73 37.76 -22.58
CA LEU B 55 -25.42 37.07 -23.68
C LEU B 55 -25.93 35.70 -23.25
N LEU B 56 -25.12 34.96 -22.49
CA LEU B 56 -25.54 33.63 -22.07
C LEU B 56 -26.66 33.71 -21.04
N VAL B 57 -26.53 34.60 -20.06
CA VAL B 57 -27.52 34.68 -18.99
C VAL B 57 -28.83 35.27 -19.50
N ASP B 58 -28.75 36.36 -20.26
CA ASP B 58 -29.94 37.11 -20.64
C ASP B 58 -30.51 36.73 -22.00
N GLY B 59 -29.71 36.08 -22.87
CA GLY B 59 -30.15 35.81 -24.22
C GLY B 59 -29.94 36.95 -25.19
N ASN B 60 -29.40 38.08 -24.74
CA ASN B 60 -29.11 39.22 -25.59
C ASN B 60 -27.99 40.03 -24.95
N PHE B 61 -27.40 40.92 -25.76
CA PHE B 61 -26.30 41.77 -25.30
C PHE B 61 -26.84 42.97 -24.52
N GLY B 62 -27.59 42.66 -23.46
CA GLY B 62 -28.29 43.70 -22.71
C GLY B 62 -27.46 44.50 -21.74
N SER B 63 -26.97 43.84 -20.68
CA SER B 63 -26.29 44.52 -19.58
C SER B 63 -25.06 43.73 -19.19
N GLY B 64 -23.88 44.30 -19.40
CA GLY B 64 -22.64 43.59 -19.14
C GLY B 64 -22.37 43.39 -17.67
N LEU B 65 -21.32 42.62 -17.41
CA LEU B 65 -20.94 42.31 -16.02
C LEU B 65 -20.38 43.56 -15.34
N PRO B 66 -20.83 43.87 -14.13
CA PRO B 66 -20.35 45.08 -13.45
C PRO B 66 -19.01 44.82 -12.77
N PRO B 67 -18.28 45.88 -12.43
CA PRO B 67 -17.01 45.69 -11.70
C PRO B 67 -17.25 45.19 -10.28
N ALA B 68 -16.23 44.52 -9.75
CA ALA B 68 -16.30 43.97 -8.40
C ALA B 68 -16.06 45.07 -7.37
N GLU B 69 -16.82 45.01 -6.27
CA GLU B 69 -16.65 45.95 -5.17
C GLU B 69 -15.44 45.58 -4.34
N PRO B 70 -14.84 46.55 -3.63
CA PRO B 70 -13.70 46.23 -2.77
C PRO B 70 -14.08 45.28 -1.66
N PHE B 71 -13.44 44.11 -1.66
CA PHE B 71 -13.68 43.05 -0.68
C PHE B 71 -12.44 42.17 -0.60
N PRO B 72 -11.54 42.43 0.34
CA PRO B 72 -10.36 41.57 0.49
C PRO B 72 -10.77 40.14 0.83
N LEU B 73 -10.02 39.19 0.27
CA LEU B 73 -10.37 37.78 0.41
C LEU B 73 -10.15 37.33 1.85
N PRO B 74 -11.15 36.73 2.50
CA PRO B 74 -11.01 36.28 3.89
C PRO B 74 -10.43 34.88 4.06
N ILE B 75 -10.18 34.13 2.98
CA ILE B 75 -9.72 32.75 3.07
C ILE B 75 -8.34 32.66 2.44
N HIS B 76 -7.38 32.15 3.21
CA HIS B 76 -6.03 31.89 2.72
C HIS B 76 -5.66 30.47 3.18
N SER B 77 -6.04 29.48 2.38
CA SER B 77 -5.82 28.08 2.71
C SER B 77 -4.70 27.43 1.92
N GLY B 78 -4.12 28.13 0.94
CA GLY B 78 -3.11 27.56 0.07
C GLY B 78 -3.65 26.91 -1.18
N ASP B 79 -4.98 26.79 -1.31
CA ASP B 79 -5.61 26.26 -2.51
C ASP B 79 -6.54 27.33 -3.07
N VAL B 80 -6.33 27.70 -4.34
CA VAL B 80 -7.14 28.75 -4.95
C VAL B 80 -8.60 28.30 -5.06
N ARG B 81 -8.82 27.04 -5.44
CA ARG B 81 -10.18 26.53 -5.53
C ARG B 81 -10.88 26.57 -4.17
N VAL B 82 -10.17 26.16 -3.11
CA VAL B 82 -10.76 26.17 -1.78
C VAL B 82 -11.06 27.60 -1.34
N ASP B 83 -10.17 28.54 -1.66
CA ASP B 83 -10.36 29.92 -1.26
C ASP B 83 -11.63 30.51 -1.85
N VAL B 84 -11.89 30.25 -3.14
CA VAL B 84 -13.06 30.83 -3.78
C VAL B 84 -14.32 30.03 -3.45
N GLN B 85 -14.21 28.71 -3.29
CA GLN B 85 -15.39 27.91 -2.94
C GLN B 85 -15.93 28.30 -1.57
N ALA B 86 -15.04 28.46 -0.60
CA ALA B 86 -15.48 28.88 0.73
C ALA B 86 -15.88 30.36 0.74
N GLY B 87 -15.15 31.18 0.00
CA GLY B 87 -15.44 32.62 0.01
C GLY B 87 -16.81 32.95 -0.53
N LEU B 88 -17.22 32.28 -1.61
CA LEU B 88 -18.54 32.54 -2.18
C LEU B 88 -19.66 32.14 -1.24
N ALA B 89 -19.49 31.02 -0.53
CA ALA B 89 -20.55 30.52 0.34
C ALA B 89 -20.88 31.50 1.46
N MET B 90 -19.90 32.28 1.91
CA MET B 90 -20.11 33.23 2.99
C MET B 90 -20.63 34.59 2.51
N LEU B 91 -20.85 34.75 1.20
CA LEU B 91 -21.42 36.00 0.70
C LEU B 91 -22.89 36.14 1.09
N ALA B 92 -23.60 35.02 1.26
CA ALA B 92 -25.03 35.09 1.55
C ALA B 92 -25.36 35.82 2.84
N PRO B 93 -24.71 35.55 3.99
CA PRO B 93 -25.07 36.28 5.21
C PRO B 93 -24.74 37.77 5.15
N ILE B 94 -23.51 38.10 4.75
CA ILE B 94 -23.07 39.48 4.78
C ILE B 94 -23.84 40.32 3.75
N TRP B 95 -24.09 39.76 2.57
CA TRP B 95 -24.82 40.46 1.52
C TRP B 95 -26.32 40.24 1.57
N GLY B 96 -26.81 39.46 2.53
CA GLY B 96 -28.23 39.23 2.65
C GLY B 96 -28.86 38.52 1.48
N TYR B 97 -28.18 37.50 0.95
CA TYR B 97 -28.72 36.73 -0.16
C TYR B 97 -29.85 35.83 0.33
N ALA B 98 -31.05 36.08 -0.14
CA ALA B 98 -32.20 35.27 0.21
C ALA B 98 -32.22 33.98 -0.63
N PRO B 99 -32.97 32.97 -0.19
CA PRO B 99 -33.14 31.78 -1.03
C PRO B 99 -33.77 32.12 -2.37
N LEU B 100 -33.43 31.31 -3.38
CA LEU B 100 -33.97 31.52 -4.71
C LEU B 100 -35.48 31.46 -4.74
N LEU B 101 -36.10 30.78 -3.77
CA LEU B 101 -37.55 30.71 -3.70
C LEU B 101 -38.15 32.09 -3.45
N ASP B 102 -37.51 32.90 -2.60
CA ASP B 102 -38.10 34.11 -2.07
C ASP B 102 -37.74 35.36 -2.85
N ILE B 103 -37.09 35.22 -4.01
CA ILE B 103 -36.66 36.37 -4.80
C ILE B 103 -37.17 36.21 -6.23
N ASP B 104 -37.29 37.34 -6.92
CA ASP B 104 -37.73 37.35 -8.31
C ASP B 104 -36.53 37.17 -9.24
N ASP B 105 -36.80 37.15 -10.55
CA ASP B 105 -35.74 36.92 -11.53
C ASP B 105 -34.73 38.07 -11.52
N ALA B 106 -35.21 39.31 -11.42
CA ALA B 106 -34.31 40.46 -11.47
C ALA B 106 -33.33 40.45 -10.30
N THR B 107 -33.83 40.13 -9.09
CA THR B 107 -32.94 40.05 -7.93
C THR B 107 -31.91 38.93 -8.11
N ALA B 108 -32.35 37.77 -8.62
CA ALA B 108 -31.43 36.65 -8.79
C ALA B 108 -30.36 36.98 -9.83
N ARG B 109 -30.73 37.67 -10.90
CA ARG B 109 -29.75 38.04 -11.92
C ARG B 109 -28.71 39.00 -11.36
N GLN B 110 -29.14 39.99 -10.57
CA GLN B 110 -28.20 40.91 -9.95
C GLN B 110 -27.30 40.19 -8.96
N GLN B 111 -27.87 39.29 -8.16
CA GLN B 111 -27.08 38.52 -7.20
C GLN B 111 -26.07 37.64 -7.90
N LEU B 112 -26.47 37.01 -9.00
CA LEU B 112 -25.55 36.16 -9.76
C LEU B 112 -24.39 36.97 -10.32
N ALA B 113 -24.69 38.13 -10.90
CA ALA B 113 -23.63 38.97 -11.46
C ALA B 113 -22.71 39.50 -10.37
N ARG B 114 -23.28 39.91 -9.22
CA ARG B 114 -22.47 40.46 -8.14
C ARG B 114 -21.49 39.42 -7.60
N ALA B 115 -21.96 38.18 -7.41
CA ALA B 115 -21.08 37.13 -6.91
C ALA B 115 -20.15 36.60 -7.97
N SER B 116 -20.58 36.58 -9.24
CA SER B 116 -19.73 36.06 -10.31
C SER B 116 -18.46 36.89 -10.45
N VAL B 117 -18.58 38.22 -10.41
CA VAL B 117 -17.40 39.07 -10.49
C VAL B 117 -16.62 39.07 -9.18
N MET B 118 -17.26 38.69 -8.07
CA MET B 118 -16.54 38.56 -6.81
C MET B 118 -15.68 37.30 -6.79
N ALA B 119 -16.13 36.24 -7.45
CA ALA B 119 -15.32 35.03 -7.57
C ALA B 119 -14.04 35.31 -8.36
N LEU B 120 -14.15 36.12 -9.43
CA LEU B 120 -12.97 36.52 -10.17
C LEU B 120 -12.02 37.34 -9.30
N SER B 121 -12.55 38.25 -8.50
CA SER B 121 -11.71 39.05 -7.62
C SER B 121 -11.03 38.19 -6.58
N TYR B 122 -11.75 37.20 -6.02
CA TYR B 122 -11.17 36.32 -5.02
C TYR B 122 -10.01 35.51 -5.60
N VAL B 123 -10.17 35.03 -6.84
CA VAL B 123 -9.11 34.24 -7.47
C VAL B 123 -7.87 35.09 -7.69
N ALA B 124 -8.06 36.33 -8.16
CA ALA B 124 -6.92 37.21 -8.41
C ALA B 124 -6.15 37.50 -7.14
N GLN B 125 -6.86 37.78 -6.04
CA GLN B 125 -6.19 38.01 -4.76
C GLN B 125 -5.48 36.76 -4.27
N SER B 126 -6.14 35.59 -4.37
CA SER B 126 -5.53 34.35 -3.93
C SER B 126 -4.31 34.01 -4.76
N ALA B 127 -4.38 34.23 -6.07
CA ALA B 127 -3.24 33.97 -6.93
C ALA B 127 -2.05 34.86 -6.59
N ARG B 128 -2.31 36.14 -6.28
CA ARG B 128 -1.23 37.06 -5.94
C ARG B 128 -0.50 36.60 -4.70
N GLY B 129 -1.21 36.12 -3.70
CA GLY B 129 -0.61 35.57 -2.50
C GLY B 129 -0.62 36.54 -1.33
N ILE B 130 -0.38 35.99 -0.14
CA ILE B 130 -0.37 36.80 1.07
C ILE B 130 0.98 37.46 1.34
N TYR B 131 2.04 37.00 0.67
CA TYR B 131 3.38 37.56 0.86
C TYR B 131 3.67 38.71 -0.11
N GLN B 132 2.62 39.39 -0.60
CA GLN B 132 2.76 40.50 -1.52
C GLN B 132 1.68 41.53 -1.23
N PRO B 133 2.02 42.81 -1.22
CA PRO B 133 1.01 43.84 -0.94
C PRO B 133 -0.06 43.88 -2.04
N ALA B 134 -1.27 44.24 -1.62
CA ALA B 134 -2.40 44.26 -2.54
C ALA B 134 -2.31 45.43 -3.51
N VAL B 135 -2.90 45.25 -4.67
CA VAL B 135 -2.90 46.30 -5.70
C VAL B 135 -3.95 47.34 -5.33
N PRO B 136 -3.58 48.63 -5.32
CA PRO B 136 -4.57 49.67 -5.00
C PRO B 136 -5.70 49.71 -6.02
N GLN B 137 -6.88 50.13 -5.56
CA GLN B 137 -8.05 50.17 -6.43
C GLN B 137 -7.88 51.14 -7.59
N ARG B 138 -7.07 52.18 -7.41
CA ARG B 138 -6.91 53.18 -8.46
C ARG B 138 -6.31 52.58 -9.72
N ILE B 139 -5.30 51.71 -9.58
CA ILE B 139 -4.73 51.03 -10.74
C ILE B 139 -5.77 50.12 -11.38
N ILE B 140 -6.54 49.41 -10.55
CA ILE B 140 -7.60 48.54 -11.07
C ILE B 140 -8.68 49.37 -11.76
N ASP B 141 -9.04 50.51 -11.18
CA ASP B 141 -10.10 51.35 -11.74
C ASP B 141 -9.73 51.98 -13.07
N GLU B 142 -8.45 51.96 -13.44
CA GLU B 142 -8.01 52.53 -14.71
C GLU B 142 -8.36 51.61 -15.88
N CYS B 143 -8.56 50.33 -15.58
CA CYS B 143 -8.89 49.35 -16.60
C CYS B 143 -10.35 49.54 -17.04
N SER B 144 -10.68 49.02 -18.23
CA SER B 144 -12.00 49.24 -18.81
C SER B 144 -12.87 47.99 -18.81
N THR B 145 -12.25 46.82 -18.91
CA THR B 145 -12.96 45.57 -18.99
C THR B 145 -12.76 44.76 -17.71
N VAL B 146 -13.65 43.79 -17.51
CA VAL B 146 -13.56 42.90 -16.36
C VAL B 146 -12.29 42.07 -16.44
N THR B 147 -11.97 41.56 -17.63
CA THR B 147 -10.76 40.77 -17.80
C THR B 147 -9.51 41.59 -17.49
N ALA B 148 -9.47 42.84 -17.95
CA ALA B 148 -8.33 43.70 -17.66
C ALA B 148 -8.20 43.95 -16.16
N ARG B 149 -9.33 44.18 -15.48
CA ARG B 149 -9.30 44.41 -14.05
C ARG B 149 -8.82 43.18 -13.29
N PHE B 150 -9.16 41.98 -13.77
CA PHE B 150 -8.70 40.75 -13.12
C PHE B 150 -7.18 40.63 -13.17
N MET B 151 -6.59 40.84 -14.36
CA MET B 151 -5.15 40.72 -14.51
C MET B 151 -4.42 41.82 -13.74
N THR B 152 -4.95 43.04 -13.76
CA THR B 152 -4.32 44.14 -13.03
C THR B 152 -4.32 43.88 -11.53
N ARG B 153 -5.43 43.35 -11.00
CA ARG B 153 -5.49 43.05 -9.57
C ARG B 153 -4.51 41.95 -9.18
N TRP B 154 -4.24 41.02 -10.10
CA TRP B 154 -3.36 39.88 -9.82
C TRP B 154 -1.90 40.18 -10.16
N GLN B 155 -1.64 40.70 -11.35
CA GLN B 155 -0.27 40.90 -11.82
C GLN B 155 0.27 42.30 -11.58
N GLY B 156 -0.58 43.27 -11.25
CA GLY B 156 -0.13 44.64 -11.05
C GLY B 156 -0.05 45.43 -12.34
N GLU B 157 0.88 45.06 -13.21
CA GLU B 157 1.05 45.71 -14.52
C GLU B 157 1.11 44.64 -15.60
N PRO B 158 -0.02 44.03 -15.92
CA PRO B 158 -0.02 42.93 -16.90
C PRO B 158 0.24 43.42 -18.31
N ASP B 159 0.78 42.53 -19.13
CA ASP B 159 0.93 42.82 -20.55
C ASP B 159 -0.44 42.97 -21.20
N PRO B 160 -0.68 44.03 -21.98
CA PRO B 160 -1.99 44.19 -22.62
C PRO B 160 -2.39 43.00 -23.49
N ARG B 161 -1.43 42.35 -24.16
CA ARG B 161 -1.77 41.20 -24.99
C ARG B 161 -2.06 39.95 -24.18
N HIS B 162 -1.52 39.85 -22.96
CA HIS B 162 -1.91 38.75 -22.08
C HIS B 162 -3.37 38.88 -21.66
N ILE B 163 -3.86 40.11 -21.52
CA ILE B 163 -5.28 40.32 -21.26
C ILE B 163 -6.11 39.82 -22.44
N GLU B 164 -5.65 40.09 -23.67
CA GLU B 164 -6.35 39.59 -24.85
C GLU B 164 -6.36 38.07 -24.89
N ALA B 165 -5.32 37.43 -24.36
CA ALA B 165 -5.29 35.96 -24.33
C ALA B 165 -6.37 35.39 -23.42
N ILE B 166 -6.56 36.00 -22.25
CA ILE B 166 -7.54 35.49 -21.30
C ILE B 166 -8.96 35.66 -21.84
N ASP B 167 -9.23 36.79 -22.51
CA ASP B 167 -10.55 37.01 -23.07
C ASP B 167 -10.90 35.94 -24.10
N ALA B 168 -9.93 35.55 -24.93
CA ALA B 168 -10.17 34.47 -25.90
C ALA B 168 -10.44 33.15 -25.19
N TYR B 169 -9.67 32.85 -24.15
CA TYR B 169 -9.85 31.58 -23.44
C TYR B 169 -11.14 31.56 -22.64
N TRP B 170 -11.44 32.64 -21.92
CA TRP B 170 -12.62 32.67 -21.07
C TRP B 170 -13.90 32.57 -21.88
N VAL B 171 -13.96 33.24 -23.03
CA VAL B 171 -15.13 33.15 -23.88
C VAL B 171 -15.29 31.73 -24.42
N SER B 172 -14.19 31.11 -24.84
CA SER B 172 -14.24 29.74 -25.35
C SER B 172 -14.60 28.72 -24.27
N ALA B 173 -14.37 29.05 -23.00
CA ALA B 173 -14.67 28.15 -21.89
C ALA B 173 -15.89 28.61 -21.09
N ALA B 174 -16.72 29.48 -21.67
CA ALA B 174 -17.82 30.08 -20.92
C ALA B 174 -18.92 29.08 -20.61
N GLU B 175 -19.24 28.20 -21.56
CA GLU B 175 -20.37 27.29 -21.39
C GLU B 175 -20.27 26.16 -22.40
N HIS B 176 -20.40 24.92 -21.93
CA HIS B 176 -20.33 23.75 -22.80
C HIS B 176 -21.36 22.69 -22.40
N GLY B 177 -22.58 23.12 -22.09
CA GLY B 177 -23.66 22.17 -21.91
C GLY B 177 -23.77 21.61 -20.50
N MET B 178 -24.24 20.37 -20.42
CA MET B 178 -24.63 19.75 -19.16
C MET B 178 -23.50 18.89 -18.60
N ASN B 179 -22.41 19.57 -18.24
CA ASN B 179 -21.29 18.90 -17.59
C ASN B 179 -21.62 18.65 -16.12
N ALA B 180 -20.68 18.00 -15.42
CA ALA B 180 -20.92 17.64 -14.02
C ALA B 180 -21.04 18.87 -13.13
N SER B 181 -20.21 19.89 -13.36
CA SER B 181 -20.27 21.10 -12.54
C SER B 181 -21.54 21.89 -12.81
N THR B 182 -21.93 22.03 -14.08
CA THR B 182 -23.19 22.70 -14.40
C THR B 182 -24.38 21.92 -13.85
N PHE B 183 -24.33 20.59 -13.93
CA PHE B 183 -25.39 19.77 -13.35
C PHE B 183 -25.47 19.97 -11.85
N THR B 184 -24.32 20.10 -11.17
CA THR B 184 -24.31 20.32 -9.73
C THR B 184 -25.00 21.64 -9.38
N ALA B 185 -24.70 22.71 -10.13
CA ALA B 185 -25.31 24.01 -9.84
C ALA B 185 -26.82 23.97 -10.00
N ARG B 186 -27.31 23.30 -11.05
CA ARG B 186 -28.75 23.23 -11.28
C ARG B 186 -29.45 22.43 -10.20
N VAL B 187 -28.83 21.35 -9.72
CA VAL B 187 -29.43 20.54 -8.67
C VAL B 187 -29.57 21.35 -7.38
N ILE B 188 -28.51 22.07 -7.01
CA ILE B 188 -28.57 22.92 -5.82
C ILE B 188 -29.59 24.04 -6.01
N ALA B 189 -29.59 24.66 -7.20
CA ALA B 189 -30.55 25.73 -7.47
C ALA B 189 -31.99 25.22 -7.44
N SER B 190 -32.19 23.94 -7.80
CA SER B 190 -33.54 23.38 -7.82
C SER B 190 -34.12 23.20 -6.43
N THR B 191 -33.31 23.30 -5.38
CA THR B 191 -33.81 23.24 -4.01
C THR B 191 -34.25 24.61 -3.50
N GLY B 192 -34.07 25.67 -4.28
CA GLY B 192 -34.44 27.00 -3.85
C GLY B 192 -33.40 27.71 -3.01
N ALA B 193 -32.21 27.15 -2.86
CA ALA B 193 -31.17 27.78 -2.06
C ALA B 193 -30.65 29.04 -2.75
N ASP B 194 -29.91 29.84 -1.99
CA ASP B 194 -29.34 31.08 -2.52
C ASP B 194 -28.30 30.77 -3.59
N VAL B 195 -28.10 31.75 -4.48
CA VAL B 195 -27.21 31.54 -5.63
C VAL B 195 -25.77 31.35 -5.18
N ALA B 196 -25.39 31.92 -4.04
CA ALA B 196 -24.03 31.73 -3.53
C ALA B 196 -23.77 30.27 -3.20
N ALA B 197 -24.74 29.59 -2.60
CA ALA B 197 -24.57 28.19 -2.26
C ALA B 197 -24.47 27.32 -3.52
N ALA B 198 -25.23 27.67 -4.56
CA ALA B 198 -25.20 26.90 -5.80
C ALA B 198 -23.86 27.05 -6.50
N LEU B 199 -23.33 28.28 -6.57
CA LEU B 199 -22.05 28.50 -7.22
C LEU B 199 -20.91 27.81 -6.48
N SER B 200 -20.96 27.84 -5.14
CA SER B 200 -19.91 27.20 -4.35
C SER B 200 -19.89 25.70 -4.58
N GLY B 201 -21.07 25.08 -4.65
CA GLY B 201 -21.12 23.64 -4.91
C GLY B 201 -20.57 23.26 -6.27
N ALA B 202 -20.87 24.07 -7.29
CA ALA B 202 -20.36 23.79 -8.64
C ALA B 202 -18.84 23.90 -8.68
N ILE B 203 -18.25 24.79 -7.87
CA ILE B 203 -16.80 24.89 -7.82
C ILE B 203 -16.19 23.60 -7.29
N GLY B 204 -16.83 22.98 -6.31
CA GLY B 204 -16.33 21.71 -5.78
C GLY B 204 -16.36 20.60 -6.81
N ALA B 205 -17.44 20.53 -7.60
CA ALA B 205 -17.52 19.50 -8.64
C ALA B 205 -16.47 19.72 -9.73
N MET B 206 -16.14 20.98 -10.03
CA MET B 206 -15.13 21.26 -11.04
C MET B 206 -13.74 20.82 -10.59
N SER B 207 -13.50 20.75 -9.28
CA SER B 207 -12.18 20.39 -8.78
C SER B 207 -11.80 18.95 -9.08
N GLY B 208 -12.77 18.07 -9.31
CA GLY B 208 -12.50 16.68 -9.59
C GLY B 208 -11.68 16.48 -10.85
N PRO B 209 -10.67 15.60 -10.79
CA PRO B 209 -9.86 15.34 -11.98
C PRO B 209 -10.64 14.74 -13.14
N LEU B 210 -11.69 13.98 -12.87
CA LEU B 210 -12.44 13.31 -13.92
C LEU B 210 -13.51 14.19 -14.55
N HIS B 211 -13.65 15.44 -14.10
CA HIS B 211 -14.67 16.32 -14.68
C HIS B 211 -14.38 16.58 -16.15
N GLY B 212 -13.13 16.82 -16.50
CA GLY B 212 -12.77 17.09 -17.89
C GLY B 212 -12.81 18.56 -18.24
N GLY B 213 -11.79 19.04 -18.95
CA GLY B 213 -11.70 20.42 -19.38
C GLY B 213 -10.52 21.18 -18.80
N ALA B 214 -9.99 20.75 -17.66
CA ALA B 214 -8.83 21.41 -17.08
C ALA B 214 -7.62 21.23 -17.99
N PRO B 215 -6.81 22.27 -18.19
CA PRO B 215 -5.64 22.14 -19.07
C PRO B 215 -4.67 21.10 -18.55
N ALA B 216 -4.35 20.13 -19.41
CA ALA B 216 -3.42 19.08 -19.06
C ALA B 216 -1.98 19.59 -19.08
N ARG B 217 -1.12 18.91 -18.33
CA ARG B 217 0.29 19.28 -18.29
C ARG B 217 0.94 18.86 -19.62
N VAL B 218 1.39 19.85 -20.39
CA VAL B 218 2.00 19.60 -21.68
C VAL B 218 3.30 20.39 -21.77
N LEU B 219 3.51 21.28 -20.81
CA LEU B 219 4.74 22.06 -20.78
C LEU B 219 6.00 21.20 -20.68
N PRO B 220 6.08 20.15 -19.85
CA PRO B 220 7.28 19.30 -19.88
C PRO B 220 7.55 18.68 -21.25
N MET B 221 6.49 18.29 -21.97
CA MET B 221 6.69 17.77 -23.32
C MET B 221 7.10 18.88 -24.28
N LEU B 222 6.48 20.05 -24.17
CA LEU B 222 6.81 21.16 -25.06
C LEU B 222 8.23 21.65 -24.79
N ASP B 223 8.66 21.67 -23.54
CA ASP B 223 10.01 22.09 -23.22
C ASP B 223 11.04 21.12 -23.80
N GLU B 224 10.75 19.82 -23.74
CA GLU B 224 11.69 18.83 -24.25
C GLU B 224 11.89 18.94 -25.75
N VAL B 225 10.80 19.14 -26.50
CA VAL B 225 10.90 19.24 -27.95
C VAL B 225 11.68 20.48 -28.35
N GLU B 226 11.53 21.57 -27.58
CA GLU B 226 12.33 22.77 -27.83
C GLU B 226 13.81 22.49 -27.62
N ARG B 227 14.15 21.67 -26.64
CA ARG B 227 15.54 21.36 -26.34
C ARG B 227 16.11 20.32 -27.31
N ALA B 228 15.38 19.22 -27.50
CA ALA B 228 15.87 18.15 -28.37
C ALA B 228 15.96 18.63 -29.82
N GLY B 229 14.82 19.00 -30.40
CA GLY B 229 14.76 19.51 -31.76
C GLY B 229 13.88 18.70 -32.70
N ASP B 230 13.67 17.42 -32.42
CA ASP B 230 12.83 16.56 -33.25
C ASP B 230 11.58 16.18 -32.48
N ALA B 231 10.42 16.57 -33.01
CA ALA B 231 9.16 16.30 -32.32
C ALA B 231 8.76 14.84 -32.43
N ARG B 232 8.99 14.23 -33.60
CA ARG B 232 8.58 12.84 -33.81
C ARG B 232 9.30 11.89 -32.88
N SER B 233 10.59 12.15 -32.63
CA SER B 233 11.35 11.29 -31.71
C SER B 233 10.81 11.39 -30.29
N VAL B 234 10.44 12.59 -29.85
CA VAL B 234 10.00 12.78 -28.47
C VAL B 234 8.67 12.07 -28.22
N VAL B 235 7.72 12.22 -29.14
CA VAL B 235 6.42 11.60 -28.95
C VAL B 235 6.53 10.08 -29.03
N LYS B 236 7.41 9.57 -29.90
CA LYS B 236 7.64 8.14 -29.97
C LYS B 236 8.24 7.61 -28.66
N GLY B 237 9.20 8.36 -28.09
CA GLY B 237 9.81 7.93 -26.85
C GLY B 237 8.83 7.88 -25.70
N ILE B 238 7.95 8.88 -25.61
CA ILE B 238 6.95 8.91 -24.54
C ILE B 238 6.01 7.71 -24.65
N LEU B 239 5.56 7.41 -25.86
CA LEU B 239 4.67 6.27 -26.07
C LEU B 239 5.39 4.95 -25.78
N ASP B 240 6.67 4.85 -26.18
CA ASP B 240 7.40 3.61 -25.99
C ASP B 240 7.64 3.30 -24.51
N ARG B 241 7.66 4.32 -23.66
CA ARG B 241 7.83 4.11 -22.23
C ARG B 241 6.55 3.65 -21.54
N GLY B 242 5.48 3.40 -22.28
CA GLY B 242 4.22 3.04 -21.68
C GLY B 242 3.40 4.20 -21.17
N GLU B 243 3.81 5.43 -21.46
CA GLU B 243 3.09 6.61 -21.01
C GLU B 243 2.11 7.08 -22.08
N LYS B 244 1.27 8.04 -21.70
CA LYS B 244 0.23 8.58 -22.57
C LYS B 244 0.61 9.98 -23.01
N LEU B 245 0.37 10.29 -24.28
CA LEU B 245 0.62 11.61 -24.81
C LEU B 245 -0.40 12.60 -24.23
N MET B 246 0.08 13.56 -23.45
CA MET B 246 -0.81 14.53 -22.83
C MET B 246 -1.41 15.47 -23.87
N GLY B 247 -2.69 15.79 -23.70
CA GLY B 247 -3.37 16.71 -24.56
C GLY B 247 -3.94 16.14 -25.84
N PHE B 248 -3.86 14.82 -26.03
CA PHE B 248 -4.38 14.18 -27.23
C PHE B 248 -5.15 12.93 -26.83
N GLY B 249 -6.04 12.50 -27.71
CA GLY B 249 -6.82 11.30 -27.43
C GLY B 249 -8.04 11.22 -28.33
N HIS B 250 -9.08 10.58 -27.81
CA HIS B 250 -10.29 10.33 -28.57
C HIS B 250 -11.00 11.64 -28.90
N ARG B 251 -11.71 11.63 -30.03
CA ARG B 251 -12.45 12.80 -30.47
C ARG B 251 -13.64 13.07 -29.57
N VAL B 252 -13.98 14.35 -29.43
CA VAL B 252 -15.19 14.78 -28.73
C VAL B 252 -16.26 15.21 -29.71
N TYR B 253 -15.93 16.14 -30.62
CA TYR B 253 -16.79 16.46 -31.75
C TYR B 253 -16.55 15.44 -32.86
N ARG B 254 -17.25 15.61 -33.98
CA ARG B 254 -17.00 14.76 -35.13
C ARG B 254 -15.59 14.94 -35.67
N ALA B 255 -15.01 16.10 -35.45
CA ALA B 255 -13.69 16.46 -35.98
C ALA B 255 -13.04 17.40 -34.97
N GLU B 256 -12.05 18.15 -35.45
CA GLU B 256 -11.38 19.18 -34.65
C GLU B 256 -12.36 19.96 -33.80
N ASP B 257 -12.07 20.02 -32.50
CA ASP B 257 -12.92 20.76 -31.57
C ASP B 257 -12.94 22.23 -31.95
N PRO B 258 -14.11 22.86 -32.10
CA PRO B 258 -14.14 24.28 -32.44
C PRO B 258 -13.44 25.16 -31.41
N ARG B 259 -13.51 24.79 -30.13
CA ARG B 259 -12.76 25.53 -29.11
C ARG B 259 -11.26 25.38 -29.32
N ALA B 260 -10.81 24.18 -29.69
CA ALA B 260 -9.39 23.97 -29.93
C ALA B 260 -8.90 24.78 -31.13
N ARG B 261 -9.68 24.80 -32.20
CA ARG B 261 -9.29 25.59 -33.38
C ARG B 261 -9.26 27.07 -33.06
N VAL B 262 -10.21 27.55 -32.26
CA VAL B 262 -10.24 28.96 -31.87
C VAL B 262 -9.00 29.30 -31.04
N LEU B 263 -8.64 28.44 -30.10
CA LEU B 263 -7.51 28.72 -29.22
C LEU B 263 -6.19 28.71 -29.98
N ARG B 264 -6.03 27.79 -30.94
CA ARG B 264 -4.80 27.76 -31.73
C ARG B 264 -4.67 29.02 -32.57
N ALA B 265 -5.77 29.50 -33.15
CA ALA B 265 -5.73 30.73 -33.93
C ALA B 265 -5.36 31.92 -33.05
N ALA B 266 -5.88 31.95 -31.82
CA ALA B 266 -5.55 33.04 -30.90
C ALA B 266 -4.06 33.04 -30.56
N ALA B 267 -3.47 31.86 -30.35
CA ALA B 267 -2.05 31.80 -30.05
C ALA B 267 -1.19 32.30 -31.21
N GLU B 268 -1.65 32.12 -32.44
CA GLU B 268 -0.88 32.56 -33.60
C GLU B 268 -0.89 34.08 -33.73
N ARG B 269 -2.09 34.68 -33.74
CA ARG B 269 -2.19 36.11 -33.98
C ARG B 269 -1.60 36.91 -32.82
N LEU B 270 -1.79 36.44 -31.58
CA LEU B 270 -1.27 37.16 -30.42
C LEU B 270 0.25 37.05 -30.29
N GLY B 271 0.87 36.13 -31.01
CA GLY B 271 2.32 36.00 -30.96
C GLY B 271 2.82 35.17 -29.79
N ALA B 272 2.25 33.99 -29.61
CA ALA B 272 2.70 33.11 -28.54
C ALA B 272 4.08 32.56 -28.86
N PRO B 273 5.05 32.72 -27.95
CA PRO B 273 6.40 32.20 -28.23
C PRO B 273 6.44 30.70 -28.44
N ARG B 274 5.55 29.95 -27.79
CA ARG B 274 5.52 28.50 -27.90
C ARG B 274 4.71 28.01 -29.09
N TYR B 275 4.13 28.91 -29.89
CA TYR B 275 3.20 28.50 -30.94
C TYR B 275 3.89 27.63 -31.99
N GLU B 276 5.12 28.01 -32.39
CA GLU B 276 5.81 27.26 -33.45
C GLU B 276 6.09 25.83 -33.01
N VAL B 277 6.59 25.66 -31.78
CA VAL B 277 6.87 24.31 -31.29
C VAL B 277 5.57 23.55 -31.04
N ALA B 278 4.55 24.23 -30.54
CA ALA B 278 3.29 23.56 -30.23
C ALA B 278 2.63 22.99 -31.48
N VAL B 279 2.68 23.73 -32.59
CA VAL B 279 2.12 23.23 -33.84
C VAL B 279 2.88 22.00 -34.31
N ALA B 280 4.22 22.04 -34.23
CA ALA B 280 5.03 20.90 -34.64
C ALA B 280 4.74 19.69 -33.77
N VAL B 281 4.58 19.89 -32.46
CA VAL B 281 4.26 18.79 -31.56
C VAL B 281 2.89 18.21 -31.89
N GLU B 282 1.92 19.08 -32.21
CA GLU B 282 0.57 18.61 -32.51
C GLU B 282 0.56 17.68 -33.71
N GLN B 283 1.20 18.09 -34.82
CA GLN B 283 1.18 17.26 -36.02
C GLN B 283 1.94 15.96 -35.80
N ALA B 284 3.04 16.00 -35.06
CA ALA B 284 3.77 14.77 -34.75
C ALA B 284 2.96 13.84 -33.86
N ALA B 285 2.28 14.40 -32.85
CA ALA B 285 1.47 13.57 -31.97
C ALA B 285 0.30 12.94 -32.71
N LEU B 286 -0.35 13.70 -33.59
CA LEU B 286 -1.44 13.15 -34.37
C LEU B 286 -0.95 12.05 -35.31
N SER B 287 0.16 12.29 -36.01
CA SER B 287 0.66 11.32 -36.97
C SER B 287 1.08 10.02 -36.29
N GLU B 288 1.76 10.12 -35.15
CA GLU B 288 2.19 8.92 -34.44
C GLU B 288 1.00 8.12 -33.93
N LEU B 289 0.00 8.80 -33.36
CA LEU B 289 -1.15 8.11 -32.80
C LEU B 289 -2.10 7.59 -33.88
N ARG B 290 -2.26 8.33 -34.98
CA ARG B 290 -3.15 7.89 -36.05
C ARG B 290 -2.57 6.72 -36.84
N GLU B 291 -1.27 6.48 -36.74
CA GLU B 291 -0.63 5.37 -37.42
C GLU B 291 -0.51 4.12 -36.55
N ARG B 292 -0.19 4.29 -35.27
CA ARG B 292 -0.07 3.14 -34.38
C ARG B 292 -1.41 2.42 -34.22
N ARG B 293 -2.51 3.19 -34.19
CA ARG B 293 -3.86 2.63 -34.15
C ARG B 293 -4.67 3.31 -35.25
N PRO B 294 -4.59 2.80 -36.49
CA PRO B 294 -5.31 3.45 -37.60
C PRO B 294 -6.82 3.32 -37.53
N ASP B 295 -7.36 2.61 -36.53
CA ASP B 295 -8.81 2.45 -36.43
C ASP B 295 -9.45 3.62 -35.70
N ARG B 296 -8.85 4.07 -34.60
CA ARG B 296 -9.41 5.17 -33.83
C ARG B 296 -9.38 6.48 -34.62
N ALA B 297 -10.39 7.32 -34.40
CA ALA B 297 -10.38 8.69 -34.86
C ALA B 297 -9.89 9.56 -33.71
N ILE B 298 -8.72 10.18 -33.90
CA ILE B 298 -8.04 10.90 -32.83
C ILE B 298 -7.87 12.35 -33.26
N GLU B 299 -8.24 13.27 -32.38
CA GLU B 299 -8.08 14.70 -32.59
C GLU B 299 -7.38 15.32 -31.37
N THR B 300 -7.10 16.61 -31.46
CA THR B 300 -6.42 17.32 -30.39
C THR B 300 -7.43 17.80 -29.35
N ASN B 301 -7.14 17.54 -28.08
CA ASN B 301 -7.97 18.06 -27.00
C ASN B 301 -7.82 19.58 -26.91
N VAL B 302 -8.91 20.24 -26.53
CA VAL B 302 -8.86 21.69 -26.33
C VAL B 302 -7.94 22.04 -25.17
N GLU B 303 -7.76 21.12 -24.23
CA GLU B 303 -6.87 21.36 -23.10
C GLU B 303 -5.42 21.52 -23.52
N PHE B 304 -5.05 21.01 -24.70
CA PHE B 304 -3.69 21.19 -25.20
C PHE B 304 -3.42 22.66 -25.51
N TRP B 305 -4.31 23.29 -26.28
CA TRP B 305 -4.12 24.69 -26.65
C TRP B 305 -4.52 25.65 -25.54
N ALA B 306 -5.36 25.21 -24.60
CA ALA B 306 -5.67 26.04 -23.44
C ALA B 306 -4.42 26.25 -22.58
N ALA B 307 -3.62 25.20 -22.41
CA ALA B 307 -2.38 25.34 -21.65
C ALA B 307 -1.40 26.29 -22.35
N VAL B 308 -1.31 26.21 -23.68
CA VAL B 308 -0.42 27.10 -24.42
C VAL B 308 -0.86 28.55 -24.26
N VAL B 309 -2.17 28.80 -24.38
CA VAL B 309 -2.66 30.17 -24.26
C VAL B 309 -2.50 30.69 -22.83
N LEU B 310 -2.84 29.86 -21.84
CA LEU B 310 -2.70 30.27 -20.45
C LEU B 310 -1.24 30.49 -20.08
N ASP B 311 -0.35 29.61 -20.55
CA ASP B 311 1.08 29.80 -20.31
C ASP B 311 1.59 31.07 -20.96
N PHE B 312 1.04 31.43 -22.12
CA PHE B 312 1.43 32.68 -22.77
C PHE B 312 1.10 33.88 -21.89
N ALA B 313 -0.06 33.86 -21.24
CA ALA B 313 -0.46 34.91 -20.31
C ALA B 313 0.23 34.79 -18.95
N ARG B 314 1.26 33.94 -18.84
CA ARG B 314 2.04 33.79 -17.63
C ARG B 314 1.17 33.32 -16.45
N VAL B 315 0.42 32.26 -16.69
CA VAL B 315 -0.42 31.63 -15.67
C VAL B 315 0.30 30.38 -15.20
N PRO B 316 0.64 30.28 -13.91
CA PRO B 316 1.29 29.06 -13.41
C PRO B 316 0.38 27.85 -13.57
N ALA B 317 1.01 26.68 -13.71
CA ALA B 317 0.26 25.47 -14.00
C ALA B 317 -0.75 25.15 -12.91
N ASN B 318 -0.34 25.31 -11.64
CA ASN B 318 -1.27 25.05 -10.53
C ASN B 318 -2.42 26.04 -10.50
N MET B 319 -2.28 27.19 -11.16
CA MET B 319 -3.36 28.16 -11.28
C MET B 319 -4.30 27.87 -12.44
N MET B 320 -3.88 27.04 -13.39
CA MET B 320 -4.67 26.80 -14.59
C MET B 320 -6.08 26.26 -14.31
N PRO B 321 -6.29 25.30 -13.39
CA PRO B 321 -7.68 24.90 -13.10
C PRO B 321 -8.56 26.04 -12.62
N ALA B 322 -8.00 26.99 -11.86
CA ALA B 322 -8.79 28.12 -11.41
C ALA B 322 -9.19 29.05 -12.55
N MET B 323 -8.33 29.18 -13.56
CA MET B 323 -8.67 29.98 -14.73
C MET B 323 -9.88 29.39 -15.46
N PHE B 324 -9.95 28.06 -15.54
CA PHE B 324 -11.09 27.40 -16.15
C PHE B 324 -12.37 27.69 -15.36
N THR B 325 -12.28 27.67 -14.03
CA THR B 325 -13.45 27.92 -13.20
C THR B 325 -13.98 29.34 -13.40
N CYS B 326 -13.07 30.31 -13.51
CA CYS B 326 -13.49 31.71 -13.66
C CYS B 326 -14.30 31.92 -14.93
N GLY B 327 -13.87 31.33 -16.05
CA GLY B 327 -14.62 31.47 -17.29
C GLY B 327 -15.97 30.77 -17.24
N ARG B 328 -16.03 29.62 -16.58
CA ARG B 328 -17.25 28.81 -16.53
C ARG B 328 -18.35 29.44 -15.68
N THR B 329 -18.06 30.50 -14.93
CA THR B 329 -19.10 31.14 -14.13
C THR B 329 -20.22 31.70 -15.00
N ALA B 330 -19.91 32.06 -16.24
CA ALA B 330 -20.96 32.52 -17.15
C ALA B 330 -21.97 31.42 -17.44
N GLY B 331 -21.48 30.22 -17.76
CA GLY B 331 -22.39 29.11 -18.00
C GLY B 331 -23.14 28.69 -16.75
N TRP B 332 -22.47 28.72 -15.59
CA TRP B 332 -23.12 28.35 -14.34
C TRP B 332 -24.27 29.28 -14.02
N CYS B 333 -24.05 30.60 -14.16
CA CYS B 333 -25.08 31.57 -13.83
C CYS B 333 -26.27 31.46 -14.78
N ALA B 334 -26.01 31.20 -16.06
CA ALA B 334 -27.10 31.06 -17.02
C ALA B 334 -28.01 29.88 -16.68
N HIS B 335 -27.41 28.74 -16.32
CA HIS B 335 -28.20 27.56 -15.99
C HIS B 335 -28.93 27.72 -14.66
N ILE B 336 -28.33 28.44 -13.70
CA ILE B 336 -28.99 28.69 -12.42
C ILE B 336 -30.26 29.52 -12.63
N LEU B 337 -30.17 30.57 -13.46
CA LEU B 337 -31.35 31.39 -13.74
C LEU B 337 -32.41 30.60 -14.48
N GLU B 338 -32.00 29.76 -15.45
CA GLU B 338 -32.97 28.94 -16.17
C GLU B 338 -33.63 27.92 -15.25
N GLN B 339 -32.86 27.32 -14.33
CA GLN B 339 -33.43 26.35 -13.40
C GLN B 339 -34.44 27.00 -12.47
N LYS B 340 -34.17 28.25 -12.05
CA LYS B 340 -35.12 28.95 -11.19
C LYS B 340 -36.46 29.16 -11.89
N ARG B 341 -36.43 29.53 -13.17
CA ARG B 341 -37.67 29.68 -13.93
C ARG B 341 -38.34 28.33 -14.15
N LEU B 342 -37.57 27.25 -14.30
CA LEU B 342 -38.16 25.93 -14.50
C LEU B 342 -38.99 25.52 -13.29
N GLY B 343 -38.48 25.78 -12.09
CA GLY B 343 -39.25 25.59 -10.87
C GLY B 343 -39.65 24.16 -10.57
N LYS B 344 -38.71 23.22 -10.67
CA LYS B 344 -38.96 21.85 -10.24
C LYS B 344 -37.70 21.26 -9.63
N LEU B 345 -37.87 20.58 -8.49
CA LEU B 345 -36.75 19.96 -7.80
C LEU B 345 -36.23 18.76 -8.60
N VAL B 346 -34.92 18.57 -8.58
CA VAL B 346 -34.27 17.47 -9.27
C VAL B 346 -33.98 16.39 -8.24
N ARG B 347 -34.65 15.25 -8.37
CA ARG B 347 -34.47 14.13 -7.44
C ARG B 347 -34.68 12.82 -8.21
N PRO B 348 -33.61 12.12 -8.55
CA PRO B 348 -33.74 10.83 -9.24
C PRO B 348 -34.08 9.72 -8.25
N SER B 349 -34.14 8.51 -8.76
CA SER B 349 -34.50 7.32 -7.98
C SER B 349 -33.32 6.38 -7.86
N ALA B 350 -33.46 5.42 -6.95
CA ALA B 350 -32.44 4.40 -6.72
C ALA B 350 -33.11 3.07 -6.42
N ILE B 351 -32.54 1.99 -6.93
CA ILE B 351 -33.08 0.65 -6.76
C ILE B 351 -32.26 -0.06 -5.67
N TYR B 352 -32.94 -0.60 -4.67
CA TYR B 352 -32.27 -1.25 -3.56
C TYR B 352 -31.86 -2.67 -3.94
N VAL B 353 -30.57 -2.97 -3.79
CA VAL B 353 -30.03 -4.29 -4.09
C VAL B 353 -29.23 -4.80 -2.90
N GLY B 354 -29.55 -4.30 -1.71
CA GLY B 354 -28.83 -4.69 -0.52
C GLY B 354 -29.48 -5.86 0.21
N PRO B 355 -28.99 -6.14 1.42
CA PRO B 355 -29.54 -7.25 2.19
C PRO B 355 -30.96 -6.99 2.65
N GLY B 356 -31.69 -8.07 2.87
CA GLY B 356 -33.05 -8.00 3.37
C GLY B 356 -33.07 -7.79 4.88
N PRO B 357 -34.27 -7.86 5.47
CA PRO B 357 -34.37 -7.61 6.92
C PRO B 357 -33.56 -8.63 7.72
N ARG B 358 -32.73 -8.12 8.62
CA ARG B 358 -31.89 -8.95 9.47
C ARG B 358 -31.81 -8.34 10.86
N SER B 359 -31.87 -9.20 11.88
CA SER B 359 -31.81 -8.72 13.26
C SER B 359 -30.46 -8.07 13.54
N PRO B 360 -30.40 -7.11 14.46
CA PRO B 360 -29.11 -6.49 14.79
C PRO B 360 -28.07 -7.47 15.30
N GLU B 361 -28.51 -8.55 15.97
CA GLU B 361 -27.59 -9.57 16.46
C GLU B 361 -26.94 -10.36 15.32
N SER B 362 -27.44 -10.24 14.10
CA SER B 362 -26.88 -10.93 12.94
C SER B 362 -25.87 -10.08 12.18
N VAL B 363 -25.51 -8.91 12.69
CA VAL B 363 -24.56 -8.01 12.05
C VAL B 363 -23.19 -8.19 12.70
N ASP B 364 -22.15 -8.19 11.89
CA ASP B 364 -20.80 -8.37 12.39
C ASP B 364 -20.43 -7.26 13.39
N GLY B 365 -19.79 -7.66 14.48
CA GLY B 365 -19.39 -6.70 15.50
C GLY B 365 -20.50 -6.24 16.40
N TRP B 366 -21.61 -6.96 16.47
CA TRP B 366 -22.73 -6.54 17.32
C TRP B 366 -22.37 -6.60 18.80
N GLU B 367 -21.53 -7.57 19.20
CA GLU B 367 -21.17 -7.71 20.60
C GLU B 367 -20.44 -6.49 21.13
N ARG B 368 -19.67 -5.80 20.28
CA ARG B 368 -18.96 -4.60 20.70
C ARG B 368 -19.91 -3.44 20.95
N VAL B 369 -21.10 -3.45 20.36
CA VAL B 369 -22.03 -2.32 20.47
C VAL B 369 -22.57 -2.25 21.89
N LEU B 370 -22.52 -1.06 22.48
CA LEU B 370 -23.07 -0.82 23.81
C LEU B 370 -24.55 -0.47 23.68
N THR B 371 -25.39 -1.20 24.42
CA THR B 371 -26.84 -0.99 24.39
C THR B 371 -27.38 -1.16 25.80
N THR B 372 -28.70 -1.03 25.93
CA THR B 372 -29.35 -1.20 27.24
C THR B 372 -29.62 -2.68 27.50
N ALA B 373 -28.59 -3.51 27.39
CA ALA B 373 -28.72 -4.94 27.61
C ALA B 373 -27.35 -5.57 27.87
N MET C 1 -35.37 -9.53 13.40
CA MET C 1 -36.12 -9.33 12.16
C MET C 1 -36.36 -10.66 11.45
N THR C 2 -36.32 -10.63 10.11
CA THR C 2 -36.63 -11.82 9.33
C THR C 2 -35.63 -12.94 9.60
N VAL C 3 -34.36 -12.73 9.25
CA VAL C 3 -33.32 -13.69 9.57
C VAL C 3 -32.75 -13.34 10.94
N VAL C 4 -32.52 -14.36 11.76
CA VAL C 4 -32.15 -14.12 13.16
C VAL C 4 -31.37 -15.30 13.72
N PRO C 5 -30.20 -15.07 14.29
CA PRO C 5 -29.49 -16.13 15.02
C PRO C 5 -29.82 -16.07 16.52
N GLU C 6 -29.30 -17.07 17.24
CA GLU C 6 -29.47 -17.16 18.68
C GLU C 6 -28.09 -17.26 19.33
N ASN C 7 -27.85 -16.39 20.32
CA ASN C 7 -26.62 -16.31 21.12
C ASN C 7 -25.37 -16.52 20.25
N PHE C 8 -25.43 -16.00 19.02
CA PHE C 8 -24.46 -16.37 18.01
C PHE C 8 -23.11 -15.73 18.26
N VAL C 9 -22.08 -16.56 18.36
CA VAL C 9 -20.69 -16.10 18.40
C VAL C 9 -19.97 -16.72 17.20
N PRO C 10 -19.59 -15.92 16.20
CA PRO C 10 -18.93 -16.49 15.02
C PRO C 10 -17.63 -17.19 15.39
N GLY C 11 -17.33 -18.26 14.68
CA GLY C 11 -16.15 -19.06 14.94
C GLY C 11 -16.37 -20.30 15.78
N LEU C 12 -17.62 -20.64 16.08
CA LEU C 12 -17.95 -21.84 16.87
C LEU C 12 -17.28 -21.80 18.23
N ASP C 13 -17.21 -20.62 18.84
CA ASP C 13 -16.58 -20.47 20.14
C ASP C 13 -17.48 -21.07 21.22
N GLY C 14 -16.97 -22.10 21.91
CA GLY C 14 -17.71 -22.77 22.94
C GLY C 14 -18.72 -23.79 22.47
N VAL C 15 -18.79 -24.07 21.18
CA VAL C 15 -19.70 -25.06 20.63
C VAL C 15 -19.02 -26.42 20.64
N VAL C 16 -19.67 -27.40 21.26
CA VAL C 16 -19.13 -28.75 21.34
C VAL C 16 -19.35 -29.44 20.01
N ALA C 17 -18.26 -29.91 19.39
CA ALA C 17 -18.33 -30.58 18.09
C ALA C 17 -18.03 -32.07 18.15
N PHE C 18 -17.34 -32.54 19.20
CA PHE C 18 -16.95 -33.94 19.27
C PHE C 18 -16.91 -34.38 20.73
N THR C 19 -17.03 -35.68 20.91
CA THR C 19 -16.69 -36.35 22.17
C THR C 19 -15.52 -37.28 21.91
N THR C 20 -14.49 -37.17 22.73
CA THR C 20 -13.23 -37.86 22.46
C THR C 20 -12.82 -38.72 23.65
N GLU C 21 -12.10 -39.80 23.34
CA GLU C 21 -11.52 -40.68 24.34
C GLU C 21 -9.99 -40.67 24.29
N ILE C 22 -9.40 -39.67 23.63
CA ILE C 22 -7.97 -39.70 23.33
C ILE C 22 -7.18 -39.08 24.48
N ALA C 23 -7.50 -37.84 24.84
CA ALA C 23 -6.76 -37.14 25.88
C ALA C 23 -7.65 -36.09 26.51
N GLU C 24 -7.33 -35.75 27.75
CA GLU C 24 -8.07 -34.74 28.52
C GLU C 24 -7.12 -33.66 29.02
N PRO C 25 -7.14 -32.46 28.44
CA PRO C 25 -6.39 -31.32 29.01
C PRO C 25 -7.13 -30.71 30.20
N ASP C 26 -6.92 -31.32 31.38
CA ASP C 26 -7.61 -30.91 32.61
C ASP C 26 -6.99 -29.61 33.09
N LYS C 27 -7.48 -28.50 32.54
CA LYS C 27 -6.99 -27.19 32.93
C LYS C 27 -7.46 -26.80 34.32
N ASP C 28 -8.67 -27.18 34.71
CA ASP C 28 -9.16 -26.88 36.05
C ASP C 28 -8.32 -27.59 37.12
N GLY C 29 -7.98 -28.86 36.87
CA GLY C 29 -7.13 -29.58 37.80
C GLY C 29 -5.65 -29.28 37.66
N GLY C 30 -5.23 -28.72 36.53
CA GLY C 30 -3.84 -28.39 36.33
C GLY C 30 -2.98 -29.54 35.88
N ALA C 31 -3.49 -30.38 34.97
CA ALA C 31 -2.72 -31.52 34.48
C ALA C 31 -3.23 -31.90 33.10
N LEU C 32 -2.34 -32.47 32.30
CA LEU C 32 -2.66 -32.98 30.97
C LEU C 32 -2.38 -34.48 30.95
N ARG C 33 -3.36 -35.26 30.47
CA ARG C 33 -3.26 -36.71 30.49
C ARG C 33 -3.57 -37.27 29.11
N TYR C 34 -2.75 -38.24 28.69
CA TYR C 34 -2.98 -38.99 27.45
C TYR C 34 -3.58 -40.34 27.82
N ARG C 35 -4.84 -40.55 27.45
CA ARG C 35 -5.56 -41.79 27.73
C ARG C 35 -5.54 -42.10 29.23
N GLY C 36 -5.64 -41.06 30.05
CA GLY C 36 -5.63 -41.21 31.49
C GLY C 36 -4.27 -41.21 32.13
N VAL C 37 -3.19 -41.17 31.35
CA VAL C 37 -1.83 -41.20 31.87
C VAL C 37 -1.26 -39.79 31.84
N ASP C 38 -0.80 -39.32 33.01
CA ASP C 38 -0.25 -37.98 33.10
C ASP C 38 1.02 -37.85 32.26
N ILE C 39 1.12 -36.75 31.52
CA ILE C 39 2.29 -36.54 30.67
C ILE C 39 3.53 -36.29 31.52
N GLU C 40 3.37 -35.70 32.70
CA GLU C 40 4.51 -35.48 33.59
C GLU C 40 5.14 -36.81 34.00
N ASP C 41 4.33 -37.86 34.13
CA ASP C 41 4.87 -39.18 34.46
C ASP C 41 5.64 -39.76 33.27
N LEU C 42 5.09 -39.63 32.06
CA LEU C 42 5.75 -40.19 30.89
C LEU C 42 7.08 -39.50 30.61
N VAL C 43 7.11 -38.17 30.72
CA VAL C 43 8.34 -37.42 30.46
C VAL C 43 9.39 -37.75 31.52
N SER C 44 8.99 -37.82 32.78
CA SER C 44 9.94 -38.09 33.86
C SER C 44 10.57 -39.46 33.70
N GLN C 45 9.77 -40.46 33.31
CA GLN C 45 10.29 -41.80 33.05
C GLN C 45 11.00 -41.91 31.70
N ARG C 46 11.00 -40.82 30.92
CA ARG C 46 11.72 -40.76 29.65
C ARG C 46 11.20 -41.78 28.64
N VAL C 47 9.87 -41.89 28.56
CA VAL C 47 9.25 -42.73 27.54
C VAL C 47 9.47 -42.11 26.17
N THR C 48 9.92 -42.92 25.21
CA THR C 48 10.23 -42.41 23.89
C THR C 48 8.95 -42.01 23.15
N PHE C 49 9.13 -41.18 22.11
CA PHE C 49 7.98 -40.63 21.39
C PHE C 49 7.21 -41.72 20.65
N GLY C 50 7.92 -42.72 20.12
CA GLY C 50 7.24 -43.77 19.38
C GLY C 50 6.25 -44.56 20.23
N ASP C 51 6.60 -44.79 21.50
CA ASP C 51 5.69 -45.49 22.39
C ASP C 51 4.49 -44.62 22.74
N VAL C 52 4.70 -43.31 22.90
CA VAL C 52 3.60 -42.40 23.19
C VAL C 52 2.66 -42.32 22.00
N TRP C 53 3.21 -42.40 20.78
CA TRP C 53 2.37 -42.42 19.58
C TRP C 53 1.38 -43.57 19.63
N ALA C 54 1.87 -44.76 20.01
CA ALA C 54 0.99 -45.92 20.10
C ALA C 54 -0.08 -45.75 21.18
N LEU C 55 0.29 -45.12 22.30
CA LEU C 55 -0.64 -44.95 23.39
C LEU C 55 -1.83 -44.08 22.98
N LEU C 56 -1.58 -43.00 22.25
CA LEU C 56 -2.67 -42.12 21.85
C LEU C 56 -3.57 -42.77 20.81
N VAL C 57 -2.98 -43.51 19.87
CA VAL C 57 -3.75 -44.09 18.77
C VAL C 57 -4.45 -45.36 19.22
N ASP C 58 -3.71 -46.29 19.81
CA ASP C 58 -4.27 -47.59 20.18
C ASP C 58 -4.97 -47.59 21.53
N GLY C 59 -4.69 -46.61 22.39
CA GLY C 59 -5.23 -46.61 23.73
C GLY C 59 -4.42 -47.38 24.75
N ASN C 60 -3.34 -48.03 24.33
CA ASN C 60 -2.49 -48.80 25.22
C ASN C 60 -1.11 -48.93 24.59
N PHE C 61 -0.15 -49.35 25.40
CA PHE C 61 1.21 -49.55 24.92
C PHE C 61 1.30 -50.85 24.12
N GLY C 62 2.50 -51.15 23.64
CA GLY C 62 2.68 -52.30 22.77
C GLY C 62 3.28 -51.96 21.43
N SER C 63 2.48 -52.06 20.37
CA SER C 63 2.98 -51.86 19.01
C SER C 63 3.33 -50.40 18.76
N GLY C 64 4.61 -50.05 18.95
CA GLY C 64 5.05 -48.69 18.78
C GLY C 64 5.26 -48.30 17.33
N LEU C 65 5.73 -47.07 17.15
CA LEU C 65 5.96 -46.54 15.81
C LEU C 65 7.12 -47.26 15.15
N PRO C 66 6.98 -47.71 13.90
CA PRO C 66 8.07 -48.41 13.23
C PRO C 66 9.00 -47.44 12.53
N PRO C 67 10.24 -47.84 12.26
CA PRO C 67 11.16 -46.94 11.55
C PRO C 67 10.72 -46.66 10.12
N ALA C 68 11.11 -45.49 9.63
CA ALA C 68 10.75 -45.07 8.28
C ALA C 68 11.57 -45.81 7.24
N GLU C 69 10.92 -46.15 6.13
CA GLU C 69 11.61 -46.78 5.01
C GLU C 69 12.45 -45.75 4.26
N PRO C 70 13.45 -46.20 3.50
CA PRO C 70 14.23 -45.27 2.67
C PRO C 70 13.35 -44.65 1.59
N PHE C 71 13.28 -43.33 1.60
CA PHE C 71 12.49 -42.56 0.63
C PHE C 71 13.04 -41.15 0.55
N PRO C 72 13.95 -40.86 -0.38
CA PRO C 72 14.47 -39.50 -0.51
C PRO C 72 13.36 -38.50 -0.80
N LEU C 73 13.46 -37.33 -0.18
CA LEU C 73 12.41 -36.32 -0.29
C LEU C 73 12.36 -35.76 -1.71
N PRO C 74 11.20 -35.78 -2.36
CA PRO C 74 11.10 -35.26 -3.72
C PRO C 74 10.71 -33.79 -3.84
N ILE C 75 10.47 -33.08 -2.73
CA ILE C 75 10.05 -31.69 -2.76
C ILE C 75 11.12 -30.84 -2.11
N HIS C 76 11.59 -29.81 -2.83
CA HIS C 76 12.58 -28.86 -2.32
C HIS C 76 12.10 -27.47 -2.69
N SER C 77 11.28 -26.87 -1.82
CA SER C 77 10.66 -25.58 -2.07
C SER C 77 11.26 -24.45 -1.26
N GLY C 78 12.22 -24.73 -0.38
CA GLY C 78 12.74 -23.72 0.52
C GLY C 78 11.94 -23.54 1.79
N ASP C 79 10.85 -24.26 1.96
CA ASP C 79 10.04 -24.21 3.17
C ASP C 79 9.87 -25.63 3.69
N VAL C 80 10.24 -25.87 4.95
CA VAL C 80 10.13 -27.20 5.52
C VAL C 80 8.67 -27.62 5.62
N ARG C 81 7.79 -26.69 6.00
CA ARG C 81 6.38 -27.00 6.07
C ARG C 81 5.82 -27.39 4.71
N VAL C 82 6.19 -26.64 3.66
CA VAL C 82 5.67 -26.92 2.33
C VAL C 82 6.19 -28.25 1.81
N ASP C 83 7.46 -28.57 2.10
CA ASP C 83 8.05 -29.82 1.62
C ASP C 83 7.32 -31.02 2.19
N VAL C 84 7.05 -31.02 3.50
CA VAL C 84 6.38 -32.16 4.11
C VAL C 84 4.89 -32.18 3.77
N GLN C 85 4.25 -31.00 3.64
CA GLN C 85 2.83 -30.96 3.35
C GLN C 85 2.54 -31.53 1.96
N ALA C 86 3.30 -31.10 0.95
CA ALA C 86 3.13 -31.63 -0.40
C ALA C 86 3.58 -33.08 -0.48
N GLY C 87 4.71 -33.41 0.16
CA GLY C 87 5.23 -34.77 0.08
C GLY C 87 4.30 -35.80 0.68
N LEU C 88 3.65 -35.46 1.79
CA LEU C 88 2.72 -36.39 2.43
C LEU C 88 1.54 -36.70 1.52
N ALA C 89 1.00 -35.68 0.84
CA ALA C 89 -0.14 -35.90 -0.05
C ALA C 89 0.23 -36.77 -1.23
N MET C 90 1.49 -36.72 -1.68
CA MET C 90 1.93 -37.49 -2.84
C MET C 90 2.17 -38.96 -2.52
N LEU C 91 2.09 -39.36 -1.25
CA LEU C 91 2.36 -40.74 -0.88
C LEU C 91 1.22 -41.67 -1.28
N ALA C 92 -0.01 -41.16 -1.35
CA ALA C 92 -1.16 -42.02 -1.61
C ALA C 92 -1.09 -42.73 -2.96
N PRO C 93 -0.85 -42.07 -4.10
CA PRO C 93 -0.82 -42.81 -5.37
C PRO C 93 0.27 -43.87 -5.44
N ILE C 94 1.43 -43.64 -4.83
CA ILE C 94 2.53 -44.59 -4.97
C ILE C 94 2.41 -45.72 -3.96
N TRP C 95 1.88 -45.45 -2.77
CA TRP C 95 1.70 -46.48 -1.75
C TRP C 95 0.33 -47.14 -1.81
N GLY C 96 -0.51 -46.75 -2.77
CA GLY C 96 -1.83 -47.35 -2.91
C GLY C 96 -2.77 -47.09 -1.76
N TYR C 97 -2.77 -45.87 -1.23
CA TYR C 97 -3.63 -45.52 -0.10
C TYR C 97 -5.07 -45.36 -0.58
N ALA C 98 -5.92 -46.33 -0.23
CA ALA C 98 -7.32 -46.24 -0.57
C ALA C 98 -8.02 -45.22 0.32
N PRO C 99 -9.20 -44.74 -0.09
CA PRO C 99 -9.96 -43.82 0.77
C PRO C 99 -10.32 -44.48 2.09
N LEU C 100 -10.41 -43.66 3.14
CA LEU C 100 -10.75 -44.16 4.47
C LEU C 100 -12.08 -44.90 4.47
N LEU C 101 -12.98 -44.55 3.56
CA LEU C 101 -14.29 -45.19 3.48
C LEU C 101 -14.21 -46.66 3.06
N ASP C 102 -13.10 -47.07 2.43
CA ASP C 102 -13.01 -48.41 1.85
C ASP C 102 -12.08 -49.34 2.60
N ILE C 103 -11.34 -48.87 3.60
CA ILE C 103 -10.41 -49.70 4.34
C ILE C 103 -10.94 -49.93 5.75
N ASP C 104 -10.39 -50.93 6.41
CA ASP C 104 -10.78 -51.28 7.77
C ASP C 104 -9.90 -50.52 8.77
N ASP C 105 -10.19 -50.73 10.06
CA ASP C 105 -9.46 -50.01 11.12
C ASP C 105 -7.98 -50.40 11.13
N ALA C 106 -7.69 -51.69 10.96
CA ALA C 106 -6.30 -52.14 10.98
C ALA C 106 -5.51 -51.55 9.83
N THR C 107 -6.09 -51.51 8.63
CA THR C 107 -5.42 -50.93 7.48
C THR C 107 -5.18 -49.44 7.67
N ALA C 108 -6.17 -48.73 8.21
CA ALA C 108 -6.02 -47.30 8.44
C ALA C 108 -4.93 -47.02 9.48
N ARG C 109 -4.89 -47.81 10.55
CA ARG C 109 -3.86 -47.62 11.57
C ARG C 109 -2.47 -47.89 11.02
N GLN C 110 -2.33 -48.94 10.19
CA GLN C 110 -1.04 -49.22 9.57
C GLN C 110 -0.63 -48.10 8.62
N GLN C 111 -1.56 -47.59 7.82
CA GLN C 111 -1.25 -46.50 6.90
C GLN C 111 -0.90 -45.23 7.66
N LEU C 112 -1.61 -44.97 8.77
CA LEU C 112 -1.33 -43.78 9.55
C LEU C 112 0.07 -43.82 10.14
N ALA C 113 0.48 -44.99 10.67
CA ALA C 113 1.82 -45.11 11.24
C ALA C 113 2.90 -44.99 10.17
N ARG C 114 2.66 -45.56 8.98
CA ARG C 114 3.64 -45.51 7.90
C ARG C 114 3.86 -44.07 7.43
N ALA C 115 2.79 -43.30 7.27
CA ALA C 115 2.91 -41.92 6.82
C ALA C 115 3.41 -41.00 7.93
N SER C 116 3.07 -41.31 9.18
CA SER C 116 3.48 -40.45 10.29
C SER C 116 5.00 -40.44 10.43
N VAL C 117 5.63 -41.61 10.37
CA VAL C 117 7.09 -41.67 10.48
C VAL C 117 7.78 -41.18 9.21
N MET C 118 7.09 -41.22 8.07
CA MET C 118 7.63 -40.64 6.85
C MET C 118 7.65 -39.12 6.92
N ALA C 119 6.70 -38.52 7.66
CA ALA C 119 6.71 -37.07 7.84
C ALA C 119 7.95 -36.61 8.59
N LEU C 120 8.35 -37.35 9.63
CA LEU C 120 9.56 -36.99 10.37
C LEU C 120 10.79 -37.08 9.47
N SER C 121 10.88 -38.14 8.66
CA SER C 121 12.01 -38.29 7.75
C SER C 121 12.06 -37.16 6.73
N TYR C 122 10.89 -36.76 6.22
CA TYR C 122 10.85 -35.66 5.26
C TYR C 122 11.33 -34.36 5.90
N VAL C 123 10.93 -34.11 7.15
CA VAL C 123 11.36 -32.89 7.83
C VAL C 123 12.87 -32.90 8.06
N ALA C 124 13.42 -34.04 8.50
CA ALA C 124 14.86 -34.13 8.72
C ALA C 124 15.64 -33.92 7.42
N GLN C 125 15.17 -34.55 6.33
CA GLN C 125 15.84 -34.38 5.04
C GLN C 125 15.73 -32.95 4.55
N SER C 126 14.56 -32.33 4.71
CA SER C 126 14.37 -30.95 4.24
C SER C 126 15.27 -29.98 4.97
N ALA C 127 15.39 -30.14 6.30
CA ALA C 127 16.22 -29.24 7.08
C ALA C 127 17.70 -29.45 6.82
N ARG C 128 18.11 -30.68 6.52
CA ARG C 128 19.51 -30.95 6.20
C ARG C 128 19.93 -30.23 4.93
N GLY C 129 19.02 -30.09 3.97
CA GLY C 129 19.27 -29.32 2.77
C GLY C 129 19.76 -30.17 1.62
N ILE C 130 19.61 -29.61 0.41
CA ILE C 130 20.06 -30.29 -0.81
C ILE C 130 21.53 -30.07 -1.10
N TYR C 131 22.18 -29.12 -0.42
CA TYR C 131 23.58 -28.80 -0.62
C TYR C 131 24.50 -29.66 0.24
N GLN C 132 24.03 -30.83 0.68
CA GLN C 132 24.79 -31.72 1.54
C GLN C 132 24.35 -33.15 1.25
N PRO C 133 25.29 -34.09 1.16
CA PRO C 133 24.90 -35.48 0.88
C PRO C 133 24.09 -36.07 2.02
N ALA C 134 23.22 -37.02 1.67
CA ALA C 134 22.34 -37.64 2.64
C ALA C 134 23.12 -38.55 3.58
N VAL C 135 22.61 -38.69 4.80
CA VAL C 135 23.20 -39.63 5.76
C VAL C 135 22.90 -41.06 5.31
N PRO C 136 23.90 -41.93 5.27
CA PRO C 136 23.65 -43.32 4.85
C PRO C 136 22.67 -44.02 5.80
N GLN C 137 21.88 -44.92 5.23
CA GLN C 137 20.89 -45.66 6.02
C GLN C 137 21.57 -46.57 7.05
N ARG C 138 22.79 -47.02 6.76
CA ARG C 138 23.50 -47.89 7.70
C ARG C 138 23.78 -47.17 9.02
N ILE C 139 24.16 -45.90 8.95
CA ILE C 139 24.38 -45.12 10.17
C ILE C 139 23.06 -44.91 10.90
N ILE C 140 21.97 -44.63 10.16
CA ILE C 140 20.67 -44.41 10.77
C ILE C 140 20.18 -45.68 11.47
N ASP C 141 20.46 -46.84 10.88
CA ASP C 141 20.01 -48.11 11.45
C ASP C 141 20.69 -48.44 12.77
N GLU C 142 21.75 -47.73 13.14
CA GLU C 142 22.45 -47.97 14.40
C GLU C 142 21.67 -47.41 15.59
N CYS C 143 20.67 -46.58 15.31
CA CYS C 143 19.89 -45.95 16.36
C CYS C 143 18.78 -46.89 16.85
N SER C 144 18.34 -46.69 18.09
CA SER C 144 17.40 -47.60 18.72
C SER C 144 15.98 -47.03 18.82
N THR C 145 15.85 -45.72 18.68
CA THR C 145 14.56 -45.05 18.77
C THR C 145 14.31 -44.24 17.51
N VAL C 146 13.01 -44.00 17.23
CA VAL C 146 12.63 -43.18 16.09
C VAL C 146 13.15 -41.75 16.27
N THR C 147 13.07 -41.23 17.49
CA THR C 147 13.58 -39.89 17.76
C THR C 147 15.07 -39.80 17.48
N ALA C 148 15.83 -40.82 17.90
CA ALA C 148 17.27 -40.84 17.63
C ALA C 148 17.54 -40.94 16.13
N ARG C 149 16.73 -41.74 15.41
CA ARG C 149 16.89 -41.85 13.97
C ARG C 149 16.65 -40.50 13.28
N PHE C 150 15.69 -39.73 13.79
CA PHE C 150 15.42 -38.41 13.21
C PHE C 150 16.62 -37.49 13.36
N MET C 151 17.23 -37.44 14.55
CA MET C 151 18.37 -36.57 14.76
C MET C 151 19.58 -37.02 13.92
N THR C 152 19.80 -38.33 13.83
CA THR C 152 20.91 -38.84 13.02
C THR C 152 20.68 -38.54 11.54
N ARG C 153 19.45 -38.72 11.06
CA ARG C 153 19.15 -38.45 9.66
C ARG C 153 19.33 -36.98 9.30
N TRP C 154 19.24 -36.09 10.28
CA TRP C 154 19.34 -34.65 10.05
C TRP C 154 20.74 -34.10 10.34
N GLN C 155 21.32 -34.44 11.50
CA GLN C 155 22.60 -33.87 11.90
C GLN C 155 23.78 -34.79 11.66
N GLY C 156 23.55 -36.09 11.44
CA GLY C 156 24.64 -37.01 11.23
C GLY C 156 25.16 -37.64 12.50
N GLU C 157 25.76 -36.82 13.37
CA GLU C 157 26.28 -37.28 14.66
C GLU C 157 25.75 -36.34 15.74
N PRO C 158 24.53 -36.55 16.19
CA PRO C 158 23.94 -35.64 17.18
C PRO C 158 24.37 -35.96 18.60
N ASP C 159 24.29 -34.93 19.44
CA ASP C 159 24.56 -35.09 20.86
C ASP C 159 23.47 -35.94 21.50
N PRO C 160 23.82 -36.99 22.25
CA PRO C 160 22.77 -37.77 22.93
C PRO C 160 21.93 -36.95 23.88
N ARG C 161 22.49 -35.88 24.46
CA ARG C 161 21.69 -34.97 25.28
C ARG C 161 20.63 -34.27 24.44
N HIS C 162 20.97 -33.92 23.19
CA HIS C 162 19.99 -33.29 22.31
C HIS C 162 18.84 -34.22 21.99
N ILE C 163 19.13 -35.51 21.79
CA ILE C 163 18.08 -36.48 21.49
C ILE C 163 17.11 -36.59 22.66
N GLU C 164 17.64 -36.59 23.89
CA GLU C 164 16.78 -36.61 25.06
C GLU C 164 15.91 -35.36 25.14
N ALA C 165 16.48 -34.20 24.78
CA ALA C 165 15.70 -32.96 24.81
C ALA C 165 14.54 -33.00 23.82
N ILE C 166 14.78 -33.53 22.62
CA ILE C 166 13.72 -33.58 21.61
C ILE C 166 12.63 -34.56 22.03
N ASP C 167 13.02 -35.69 22.62
CA ASP C 167 12.03 -36.67 23.05
C ASP C 167 11.10 -36.10 24.12
N ALA C 168 11.65 -35.31 25.05
CA ALA C 168 10.81 -34.66 26.05
C ALA C 168 9.86 -33.65 25.40
N TYR C 169 10.35 -32.89 24.42
CA TYR C 169 9.50 -31.89 23.76
C TYR C 169 8.39 -32.55 22.94
N TRP C 170 8.72 -33.61 22.20
CA TRP C 170 7.73 -34.22 21.32
C TRP C 170 6.61 -34.88 22.11
N VAL C 171 6.92 -35.50 23.24
CA VAL C 171 5.89 -36.13 24.06
C VAL C 171 4.95 -35.07 24.64
N SER C 172 5.51 -33.95 25.11
CA SER C 172 4.69 -32.90 25.69
C SER C 172 3.83 -32.18 24.66
N ALA C 173 4.19 -32.25 23.38
CA ALA C 173 3.44 -31.60 22.32
C ALA C 173 2.64 -32.60 21.47
N ALA C 174 2.51 -33.85 21.95
CA ALA C 174 1.89 -34.89 21.14
C ALA C 174 0.42 -34.59 20.86
N GLU C 175 -0.31 -34.10 21.85
CA GLU C 175 -1.75 -33.88 21.70
C GLU C 175 -2.22 -32.92 22.79
N HIS C 176 -3.02 -31.92 22.40
CA HIS C 176 -3.59 -30.98 23.35
C HIS C 176 -5.04 -30.69 23.01
N GLY C 177 -5.81 -31.74 22.72
CA GLY C 177 -7.23 -31.59 22.48
C GLY C 177 -7.54 -30.99 21.12
N MET C 178 -8.77 -30.49 21.00
CA MET C 178 -9.22 -29.90 19.75
C MET C 178 -8.52 -28.57 19.49
N ASN C 179 -8.13 -28.36 18.24
CA ASN C 179 -7.56 -27.10 17.79
C ASN C 179 -7.69 -27.05 16.27
N ALA C 180 -7.26 -25.93 15.68
CA ALA C 180 -7.48 -25.71 14.25
C ALA C 180 -6.82 -26.80 13.41
N SER C 181 -5.58 -27.17 13.74
CA SER C 181 -4.91 -28.24 13.00
C SER C 181 -5.59 -29.58 13.22
N THR C 182 -5.97 -29.88 14.46
CA THR C 182 -6.66 -31.14 14.74
C THR C 182 -8.06 -31.15 14.15
N PHE C 183 -8.77 -30.03 14.25
CA PHE C 183 -10.11 -29.94 13.68
C PHE C 183 -10.10 -30.14 12.17
N THR C 184 -9.09 -29.57 11.49
CA THR C 184 -8.98 -29.74 10.05
C THR C 184 -8.80 -31.20 9.68
N ALA C 185 -7.95 -31.92 10.42
CA ALA C 185 -7.72 -33.34 10.12
C ALA C 185 -9.00 -34.15 10.27
N ARG C 186 -9.79 -33.87 11.31
CA ARG C 186 -11.03 -34.60 11.52
C ARG C 186 -12.06 -34.26 10.44
N VAL C 187 -12.12 -32.99 10.03
CA VAL C 187 -13.07 -32.59 9.00
C VAL C 187 -12.75 -33.28 7.68
N ILE C 188 -11.47 -33.31 7.30
CA ILE C 188 -11.08 -33.97 6.05
C ILE C 188 -11.34 -35.48 6.14
N ALA C 189 -11.02 -36.08 7.29
CA ALA C 189 -11.26 -37.51 7.45
C ALA C 189 -12.73 -37.85 7.43
N SER C 190 -13.59 -36.91 7.87
CA SER C 190 -15.03 -37.16 7.88
C SER C 190 -15.59 -37.33 6.48
N THR C 191 -14.92 -36.81 5.45
CA THR C 191 -15.37 -36.96 4.08
C THR C 191 -14.96 -38.29 3.47
N GLY C 192 -14.15 -39.08 4.17
CA GLY C 192 -13.74 -40.38 3.67
C GLY C 192 -12.50 -40.39 2.82
N ALA C 193 -11.74 -39.29 2.77
CA ALA C 193 -10.53 -39.25 1.98
C ALA C 193 -9.44 -40.11 2.63
N ASP C 194 -8.36 -40.34 1.89
CA ASP C 194 -7.26 -41.15 2.41
C ASP C 194 -6.55 -40.42 3.54
N VAL C 195 -5.86 -41.19 4.37
CA VAL C 195 -5.21 -40.62 5.56
C VAL C 195 -4.11 -39.65 5.17
N ALA C 196 -3.52 -39.81 3.98
CA ALA C 196 -2.48 -38.88 3.55
C ALA C 196 -3.05 -37.49 3.28
N ALA C 197 -4.27 -37.43 2.73
CA ALA C 197 -4.90 -36.13 2.47
C ALA C 197 -5.22 -35.40 3.77
N ALA C 198 -5.71 -36.13 4.77
CA ALA C 198 -6.06 -35.49 6.04
C ALA C 198 -4.82 -34.97 6.76
N LEU C 199 -3.73 -35.74 6.74
CA LEU C 199 -2.49 -35.31 7.38
C LEU C 199 -1.94 -34.05 6.70
N SER C 200 -1.97 -34.02 5.37
CA SER C 200 -1.45 -32.87 4.64
C SER C 200 -2.25 -31.61 4.94
N GLY C 201 -3.58 -31.73 5.02
CA GLY C 201 -4.41 -30.58 5.29
C GLY C 201 -4.16 -29.99 6.68
N ALA C 202 -3.95 -30.85 7.67
CA ALA C 202 -3.66 -30.36 9.02
C ALA C 202 -2.34 -29.60 9.07
N ILE C 203 -1.35 -30.04 8.28
CA ILE C 203 -0.08 -29.33 8.22
C ILE C 203 -0.28 -27.91 7.72
N GLY C 204 -1.17 -27.73 6.74
CA GLY C 204 -1.50 -26.39 6.27
C GLY C 204 -2.14 -25.53 7.35
N ALA C 205 -3.04 -26.12 8.14
CA ALA C 205 -3.67 -25.38 9.23
C ALA C 205 -2.66 -25.04 10.32
N MET C 206 -1.73 -25.96 10.61
CA MET C 206 -0.73 -25.71 11.65
C MET C 206 0.17 -24.53 11.30
N SER C 207 0.40 -24.28 10.01
CA SER C 207 1.33 -23.24 9.58
C SER C 207 0.81 -21.83 9.86
N GLY C 208 -0.47 -21.69 10.22
CA GLY C 208 -1.03 -20.39 10.53
C GLY C 208 -0.43 -19.79 11.79
N PRO C 209 -0.05 -18.51 11.73
CA PRO C 209 0.50 -17.85 12.93
C PRO C 209 -0.47 -17.80 14.09
N LEU C 210 -1.78 -17.73 13.83
CA LEU C 210 -2.78 -17.62 14.88
C LEU C 210 -3.22 -18.98 15.43
N HIS C 211 -2.67 -20.08 14.93
CA HIS C 211 -3.02 -21.39 15.47
C HIS C 211 -2.59 -21.51 16.93
N GLY C 212 -1.41 -21.00 17.26
CA GLY C 212 -0.92 -21.01 18.63
C GLY C 212 -0.16 -22.28 18.97
N GLY C 213 0.66 -22.17 20.02
CA GLY C 213 1.46 -23.27 20.50
C GLY C 213 2.83 -23.40 19.89
N ALA C 214 3.15 -22.60 18.87
CA ALA C 214 4.47 -22.64 18.27
C ALA C 214 5.49 -21.99 19.20
N PRO C 215 6.75 -22.46 19.18
CA PRO C 215 7.77 -21.88 20.05
C PRO C 215 7.92 -20.38 19.82
N ALA C 216 8.11 -19.64 20.90
CA ALA C 216 8.10 -18.19 20.87
C ALA C 216 9.43 -17.64 20.34
N ARG C 217 9.41 -16.36 19.99
CA ARG C 217 10.59 -15.66 19.50
C ARG C 217 11.27 -14.94 20.66
N VAL C 218 11.85 -15.74 21.55
CA VAL C 218 12.48 -15.22 22.77
C VAL C 218 14.00 -15.22 22.69
N LEU C 219 14.59 -15.78 21.64
CA LEU C 219 16.04 -15.81 21.53
C LEU C 219 16.68 -14.43 21.53
N PRO C 220 16.18 -13.43 20.78
CA PRO C 220 16.80 -12.09 20.90
C PRO C 220 16.77 -11.52 22.31
N MET C 221 15.68 -11.76 23.05
CA MET C 221 15.58 -11.25 24.41
C MET C 221 16.57 -11.97 25.34
N LEU C 222 16.69 -13.29 25.19
CA LEU C 222 17.64 -14.04 26.00
C LEU C 222 19.09 -13.68 25.69
N ASP C 223 19.36 -13.12 24.51
CA ASP C 223 20.71 -12.76 24.14
C ASP C 223 21.17 -11.48 24.83
N GLU C 224 20.25 -10.58 25.17
CA GLU C 224 20.64 -9.32 25.79
C GLU C 224 20.99 -9.52 27.27
N VAL C 225 20.27 -10.39 27.97
CA VAL C 225 20.63 -10.72 29.34
C VAL C 225 21.98 -11.42 29.39
N GLU C 226 22.39 -12.04 28.29
CA GLU C 226 23.71 -12.67 28.24
C GLU C 226 24.82 -11.64 28.37
N ARG C 227 24.64 -10.46 27.78
CA ARG C 227 25.68 -9.44 27.73
C ARG C 227 25.36 -8.19 28.55
N ALA C 228 24.12 -7.73 28.54
CA ALA C 228 23.75 -6.47 29.18
C ALA C 228 23.22 -6.72 30.59
N GLY C 229 24.13 -7.17 31.46
CA GLY C 229 23.80 -7.26 32.87
C GLY C 229 22.71 -8.26 33.18
N ASP C 230 21.84 -7.88 34.11
CA ASP C 230 20.83 -8.77 34.67
C ASP C 230 19.56 -8.76 33.80
N ALA C 231 18.51 -9.41 34.28
CA ALA C 231 17.25 -9.55 33.57
C ALA C 231 16.23 -8.49 33.96
N ARG C 232 16.19 -8.09 35.23
CA ARG C 232 15.25 -7.05 35.65
C ARG C 232 15.56 -5.72 34.96
N SER C 233 16.83 -5.44 34.70
CA SER C 233 17.20 -4.19 34.04
C SER C 233 16.59 -4.10 32.65
N VAL C 234 16.75 -5.16 31.85
CA VAL C 234 16.16 -5.14 30.51
C VAL C 234 14.65 -5.26 30.57
N VAL C 235 14.13 -6.25 31.31
CA VAL C 235 12.71 -6.59 31.26
C VAL C 235 11.85 -5.39 31.63
N LYS C 236 12.34 -4.55 32.54
CA LYS C 236 11.66 -3.28 32.80
C LYS C 236 11.54 -2.45 31.52
N GLY C 237 12.59 -2.45 30.70
CA GLY C 237 12.61 -1.58 29.53
C GLY C 237 11.57 -1.95 28.48
N ILE C 238 11.45 -3.25 28.16
CA ILE C 238 10.55 -3.66 27.08
C ILE C 238 9.11 -3.19 27.36
N LEU C 239 8.66 -3.33 28.61
CA LEU C 239 7.37 -2.79 28.98
C LEU C 239 7.40 -1.27 29.03
N ASP C 240 8.49 -0.69 29.53
CA ASP C 240 8.59 0.77 29.63
C ASP C 240 8.61 1.42 28.25
N ARG C 241 9.36 0.85 27.31
CA ARG C 241 9.51 1.42 25.97
C ARG C 241 8.40 0.99 25.02
N GLY C 242 7.28 0.52 25.55
CA GLY C 242 6.12 0.21 24.72
C GLY C 242 6.26 -0.96 23.78
N GLU C 243 6.89 -2.04 24.23
CA GLU C 243 6.99 -3.28 23.47
C GLU C 243 6.36 -4.41 24.28
N LYS C 244 6.28 -5.59 23.67
CA LYS C 244 5.58 -6.73 24.24
C LYS C 244 6.57 -7.78 24.72
N LEU C 245 6.36 -8.29 25.93
CA LEU C 245 7.18 -9.38 26.44
C LEU C 245 6.78 -10.68 25.75
N MET C 246 7.78 -11.40 25.24
CA MET C 246 7.55 -12.63 24.48
C MET C 246 7.72 -13.83 25.39
N GLY C 247 6.74 -14.74 25.35
CA GLY C 247 6.77 -15.94 26.15
C GLY C 247 5.99 -15.88 27.45
N PHE C 248 5.33 -14.77 27.74
CA PHE C 248 4.58 -14.61 28.97
C PHE C 248 3.24 -13.95 28.68
N GLY C 249 2.26 -14.23 29.52
CA GLY C 249 0.93 -13.68 29.32
C GLY C 249 -0.08 -14.26 30.29
N HIS C 250 -1.34 -14.30 29.85
CA HIS C 250 -2.41 -14.80 30.68
C HIS C 250 -2.24 -16.28 30.99
N ARG C 251 -2.79 -16.70 32.12
CA ARG C 251 -2.70 -18.09 32.52
C ARG C 251 -3.49 -18.99 31.56
N VAL C 252 -2.97 -20.19 31.34
CA VAL C 252 -3.58 -21.17 30.46
C VAL C 252 -4.25 -22.29 31.26
N TYR C 253 -3.50 -22.92 32.16
CA TYR C 253 -4.04 -23.95 33.04
C TYR C 253 -4.50 -23.29 34.34
N ARG C 254 -4.78 -24.11 35.36
CA ARG C 254 -5.20 -23.59 36.66
C ARG C 254 -4.17 -22.61 37.20
N ALA C 255 -2.98 -23.09 37.53
CA ALA C 255 -1.88 -22.23 37.93
C ALA C 255 -0.70 -22.31 36.96
N GLU C 256 -0.14 -23.50 36.75
CA GLU C 256 1.06 -23.65 35.93
C GLU C 256 0.81 -24.68 34.85
N ASP C 257 1.31 -24.39 33.65
CA ASP C 257 1.18 -25.34 32.55
C ASP C 257 2.02 -26.57 32.85
N PRO C 258 1.42 -27.77 32.91
CA PRO C 258 2.24 -28.97 33.20
C PRO C 258 3.33 -29.20 32.17
N ARG C 259 3.06 -28.90 30.90
CA ARG C 259 4.09 -29.05 29.87
C ARG C 259 5.23 -28.07 30.07
N ALA C 260 4.93 -26.86 30.56
CA ALA C 260 5.98 -25.88 30.81
C ALA C 260 6.90 -26.33 31.93
N ARG C 261 6.36 -27.01 32.95
CA ARG C 261 7.18 -27.45 34.07
C ARG C 261 8.15 -28.56 33.65
N VAL C 262 7.67 -29.53 32.87
CA VAL C 262 8.53 -30.64 32.48
C VAL C 262 9.63 -30.19 31.54
N LEU C 263 9.34 -29.22 30.66
CA LEU C 263 10.36 -28.73 29.74
C LEU C 263 11.47 -27.99 30.48
N ARG C 264 11.11 -27.18 31.48
CA ARG C 264 12.12 -26.47 32.25
C ARG C 264 13.02 -27.44 33.01
N ALA C 265 12.44 -28.50 33.58
CA ALA C 265 13.25 -29.51 34.25
C ALA C 265 14.18 -30.21 33.27
N ALA C 266 13.70 -30.43 32.03
CA ALA C 266 14.55 -31.05 31.02
C ALA C 266 15.75 -30.17 30.69
N ALA C 267 15.55 -28.86 30.58
CA ALA C 267 16.66 -27.95 30.34
C ALA C 267 17.64 -27.96 31.50
N GLU C 268 17.13 -27.98 32.74
CA GLU C 268 18.00 -28.02 33.91
C GLU C 268 18.76 -29.34 33.99
N ARG C 269 18.06 -30.45 33.79
CA ARG C 269 18.68 -31.76 33.93
C ARG C 269 19.76 -31.99 32.88
N LEU C 270 19.49 -31.60 31.63
CA LEU C 270 20.42 -31.83 30.53
C LEU C 270 21.51 -30.77 30.45
N GLY C 271 21.50 -29.78 31.34
CA GLY C 271 22.56 -28.78 31.36
C GLY C 271 22.63 -27.90 30.14
N ALA C 272 21.49 -27.38 29.70
CA ALA C 272 21.47 -26.45 28.58
C ALA C 272 22.21 -25.17 28.99
N PRO C 273 23.17 -24.70 28.19
CA PRO C 273 23.92 -23.49 28.57
C PRO C 273 23.06 -22.24 28.68
N ARG C 274 21.87 -22.23 28.09
CA ARG C 274 20.96 -21.09 28.15
C ARG C 274 19.97 -21.18 29.30
N TYR C 275 20.17 -22.13 30.23
CA TYR C 275 19.15 -22.38 31.25
C TYR C 275 19.09 -21.25 32.27
N GLU C 276 20.19 -21.00 32.97
CA GLU C 276 20.17 -20.08 34.11
C GLU C 276 19.81 -18.66 33.68
N VAL C 277 20.27 -18.24 32.50
CA VAL C 277 19.89 -16.93 31.98
C VAL C 277 18.39 -16.91 31.68
N ALA C 278 17.86 -18.01 31.14
CA ALA C 278 16.42 -18.08 30.88
C ALA C 278 15.61 -18.16 32.16
N VAL C 279 16.15 -18.80 33.20
CA VAL C 279 15.47 -18.83 34.49
C VAL C 279 15.39 -17.42 35.08
N ALA C 280 16.46 -16.63 34.93
CA ALA C 280 16.47 -15.28 35.47
C ALA C 280 15.37 -14.42 34.86
N VAL C 281 15.19 -14.52 33.54
CA VAL C 281 14.16 -13.71 32.90
C VAL C 281 12.76 -14.21 33.27
N GLU C 282 12.62 -15.50 33.59
CA GLU C 282 11.32 -16.02 34.01
C GLU C 282 10.87 -15.38 35.31
N GLN C 283 11.77 -15.27 36.29
CA GLN C 283 11.45 -14.54 37.51
C GLN C 283 11.26 -13.05 37.24
N ALA C 284 12.10 -12.49 36.36
CA ALA C 284 12.01 -11.06 36.07
C ALA C 284 10.73 -10.72 35.33
N ALA C 285 10.40 -11.46 34.28
CA ALA C 285 9.21 -11.16 33.50
C ALA C 285 7.94 -11.38 34.31
N LEU C 286 7.91 -12.43 35.12
CA LEU C 286 6.72 -12.70 35.94
C LEU C 286 6.51 -11.59 36.97
N SER C 287 7.57 -11.23 37.69
CA SER C 287 7.43 -10.24 38.75
C SER C 287 7.02 -8.88 38.20
N GLU C 288 7.60 -8.48 37.08
CA GLU C 288 7.25 -7.19 36.48
C GLU C 288 5.80 -7.19 36.00
N LEU C 289 5.34 -8.28 35.40
CA LEU C 289 3.98 -8.33 34.87
C LEU C 289 2.95 -8.37 35.98
N ARG C 290 3.23 -9.10 37.06
CA ARG C 290 2.31 -9.16 38.19
C ARG C 290 2.28 -7.86 38.99
N GLU C 291 3.22 -6.95 38.74
CA GLU C 291 3.19 -5.62 39.37
C GLU C 291 2.52 -4.58 38.49
N ARG C 292 2.74 -4.64 37.17
CA ARG C 292 2.08 -3.72 36.26
C ARG C 292 0.56 -3.92 36.28
N ARG C 293 0.11 -5.14 36.55
CA ARG C 293 -1.32 -5.44 36.66
C ARG C 293 -1.48 -6.56 37.66
N PRO C 294 -1.74 -6.24 38.93
CA PRO C 294 -1.90 -7.27 39.96
C PRO C 294 -3.27 -7.92 40.00
N ASP C 295 -4.14 -7.60 39.05
CA ASP C 295 -5.48 -8.18 38.97
C ASP C 295 -5.60 -9.26 37.91
N ARG C 296 -4.59 -9.43 37.06
CA ARG C 296 -4.63 -10.39 35.96
C ARG C 296 -3.67 -11.54 36.27
N ALA C 297 -4.15 -12.77 36.08
CA ALA C 297 -3.33 -13.94 36.32
C ALA C 297 -2.25 -14.04 35.24
N ILE C 298 -0.99 -14.00 35.65
CA ILE C 298 0.15 -13.99 34.74
C ILE C 298 0.97 -15.26 34.97
N GLU C 299 1.22 -16.00 33.90
CA GLU C 299 1.98 -17.24 33.98
C GLU C 299 2.87 -17.38 32.75
N THR C 300 3.91 -18.19 32.90
CA THR C 300 4.84 -18.43 31.80
C THR C 300 4.22 -19.33 30.75
N ASN C 301 4.33 -18.94 29.48
CA ASN C 301 3.83 -19.75 28.39
C ASN C 301 4.73 -20.97 28.18
N VAL C 302 4.10 -22.08 27.78
CA VAL C 302 4.87 -23.30 27.50
C VAL C 302 5.79 -23.09 26.30
N GLU C 303 5.41 -22.20 25.37
CA GLU C 303 6.23 -21.95 24.20
C GLU C 303 7.54 -21.24 24.53
N PHE C 304 7.61 -20.57 25.69
CA PHE C 304 8.87 -19.93 26.10
C PHE C 304 9.95 -20.98 26.36
N TRP C 305 9.63 -22.00 27.16
CA TRP C 305 10.60 -23.05 27.43
C TRP C 305 10.75 -24.00 26.25
N ALA C 306 9.73 -24.12 25.40
CA ALA C 306 9.87 -24.92 24.18
C ALA C 306 10.95 -24.35 23.27
N ALA C 307 11.02 -23.02 23.17
CA ALA C 307 12.07 -22.38 22.38
C ALA C 307 13.44 -22.67 22.98
N VAL C 308 13.56 -22.63 24.31
CA VAL C 308 14.84 -22.89 24.96
C VAL C 308 15.27 -24.33 24.72
N VAL C 309 14.35 -25.28 24.90
CA VAL C 309 14.68 -26.70 24.71
C VAL C 309 15.03 -26.97 23.25
N LEU C 310 14.24 -26.43 22.32
CA LEU C 310 14.54 -26.62 20.91
C LEU C 310 15.87 -25.98 20.53
N ASP C 311 16.14 -24.77 21.05
CA ASP C 311 17.41 -24.12 20.77
C ASP C 311 18.58 -24.92 21.33
N PHE C 312 18.38 -25.61 22.45
CA PHE C 312 19.45 -26.42 23.02
C PHE C 312 19.83 -27.56 22.07
N ALA C 313 18.85 -28.13 21.38
CA ALA C 313 19.09 -29.21 20.42
C ALA C 313 19.55 -28.70 19.06
N ARG C 314 20.03 -27.46 18.98
CA ARG C 314 20.55 -26.87 17.74
C ARG C 314 19.47 -26.86 16.65
N VAL C 315 18.30 -26.35 17.01
CA VAL C 315 17.17 -26.21 16.10
C VAL C 315 17.04 -24.73 15.74
N PRO C 316 17.24 -24.36 14.47
CA PRO C 316 17.08 -22.95 14.08
C PRO C 316 15.65 -22.47 14.30
N ALA C 317 15.51 -21.15 14.41
CA ALA C 317 14.20 -20.55 14.67
C ALA C 317 13.22 -20.78 13.53
N ASN C 318 13.72 -20.89 12.29
CA ASN C 318 12.84 -21.08 11.15
C ASN C 318 12.34 -22.52 11.00
N MET C 319 12.93 -23.47 11.71
CA MET C 319 12.46 -24.85 11.68
C MET C 319 11.70 -25.24 12.94
N MET C 320 11.67 -24.37 13.95
CA MET C 320 10.89 -24.64 15.16
C MET C 320 9.42 -24.94 14.88
N PRO C 321 8.71 -24.23 13.99
CA PRO C 321 7.34 -24.65 13.67
C PRO C 321 7.25 -26.05 13.10
N ALA C 322 8.26 -26.49 12.34
CA ALA C 322 8.23 -27.84 11.78
C ALA C 322 8.36 -28.90 12.87
N MET C 323 9.17 -28.63 13.90
CA MET C 323 9.30 -29.58 15.00
C MET C 323 7.99 -29.70 15.79
N PHE C 324 7.23 -28.61 15.90
CA PHE C 324 5.92 -28.68 16.52
C PHE C 324 4.99 -29.59 15.72
N THR C 325 5.06 -29.50 14.39
CA THR C 325 4.24 -30.37 13.54
C THR C 325 4.62 -31.83 13.71
N CYS C 326 5.92 -32.10 13.86
CA CYS C 326 6.40 -33.48 13.96
C CYS C 326 5.80 -34.19 15.18
N GLY C 327 5.80 -33.51 16.32
CA GLY C 327 5.24 -34.11 17.53
C GLY C 327 3.73 -34.28 17.44
N ARG C 328 3.04 -33.30 16.85
CA ARG C 328 1.58 -33.29 16.81
C ARG C 328 1.01 -34.39 15.91
N THR C 329 1.84 -35.07 15.11
CA THR C 329 1.34 -36.12 14.24
C THR C 329 0.69 -37.25 15.04
N ALA C 330 1.14 -37.47 16.28
CA ALA C 330 0.52 -38.47 17.12
C ALA C 330 -0.94 -38.12 17.42
N GLY C 331 -1.20 -36.86 17.75
CA GLY C 331 -2.57 -36.44 18.02
C GLY C 331 -3.45 -36.49 16.80
N TRP C 332 -2.92 -36.07 15.64
CA TRP C 332 -3.70 -36.10 14.42
C TRP C 332 -4.08 -37.52 14.03
N CYS C 333 -3.13 -38.45 14.13
CA CYS C 333 -3.41 -39.84 13.78
C CYS C 333 -4.46 -40.44 14.69
N ALA C 334 -4.40 -40.13 15.99
CA ALA C 334 -5.38 -40.64 16.94
C ALA C 334 -6.78 -40.11 16.61
N HIS C 335 -6.89 -38.83 16.30
CA HIS C 335 -8.18 -38.24 15.99
C HIS C 335 -8.71 -38.71 14.64
N ILE C 336 -7.83 -38.91 13.67
CA ILE C 336 -8.25 -39.38 12.35
C ILE C 336 -8.86 -40.77 12.47
N LEU C 337 -8.22 -41.66 13.22
CA LEU C 337 -8.77 -43.00 13.42
C LEU C 337 -10.08 -42.95 14.18
N GLU C 338 -10.16 -42.11 15.21
CA GLU C 338 -11.41 -41.97 15.96
C GLU C 338 -12.52 -41.40 15.09
N GLN C 339 -12.18 -40.41 14.24
CA GLN C 339 -13.18 -39.85 13.33
C GLN C 339 -13.64 -40.89 12.32
N LYS C 340 -12.73 -41.78 11.89
CA LYS C 340 -13.11 -42.83 10.95
C LYS C 340 -14.16 -43.75 11.55
N ARG C 341 -14.01 -44.11 12.83
CA ARG C 341 -14.99 -44.96 13.49
C ARG C 341 -16.32 -44.24 13.67
N LEU C 342 -16.29 -42.91 13.82
CA LEU C 342 -17.52 -42.15 14.01
C LEU C 342 -18.44 -42.28 12.80
N GLY C 343 -17.88 -42.20 11.60
CA GLY C 343 -18.67 -42.34 10.39
C GLY C 343 -19.73 -41.29 10.19
N LYS C 344 -19.41 -40.02 10.50
CA LYS C 344 -20.32 -38.91 10.33
C LYS C 344 -19.59 -37.76 9.66
N LEU C 345 -20.20 -37.23 8.59
CA LEU C 345 -19.61 -36.12 7.85
C LEU C 345 -19.85 -34.80 8.57
N VAL C 346 -18.81 -33.99 8.67
CA VAL C 346 -18.90 -32.68 9.30
C VAL C 346 -19.38 -31.68 8.27
N ARG C 347 -20.55 -31.08 8.52
CA ARG C 347 -21.17 -30.13 7.58
C ARG C 347 -21.96 -29.12 8.39
N PRO C 348 -21.38 -27.96 8.69
CA PRO C 348 -22.10 -26.93 9.43
C PRO C 348 -22.97 -26.09 8.51
N SER C 349 -23.65 -25.12 9.09
CA SER C 349 -24.59 -24.27 8.39
C SER C 349 -24.13 -22.82 8.41
N ALA C 350 -24.82 -21.98 7.64
CA ALA C 350 -24.55 -20.55 7.61
C ALA C 350 -25.85 -19.81 7.32
N ILE C 351 -25.90 -18.55 7.75
CA ILE C 351 -27.07 -17.69 7.57
C ILE C 351 -26.73 -16.64 6.52
N TYR C 352 -27.60 -16.51 5.53
CA TYR C 352 -27.36 -15.60 4.41
C TYR C 352 -27.81 -14.19 4.78
N VAL C 353 -26.89 -13.24 4.68
CA VAL C 353 -27.19 -11.84 4.97
C VAL C 353 -26.76 -10.98 3.78
N GLY C 354 -26.74 -11.57 2.59
CA GLY C 354 -26.33 -10.88 1.40
C GLY C 354 -27.50 -10.26 0.65
N PRO C 355 -27.25 -9.80 -0.57
CA PRO C 355 -28.32 -9.17 -1.35
C PRO C 355 -29.42 -10.16 -1.70
N GLY C 356 -30.64 -9.62 -1.83
CA GLY C 356 -31.78 -10.43 -2.18
C GLY C 356 -31.79 -10.80 -3.65
N PRO C 357 -32.81 -11.57 -4.04
CA PRO C 357 -32.89 -12.01 -5.44
C PRO C 357 -32.94 -10.82 -6.40
N ARG C 358 -32.18 -10.93 -7.49
CA ARG C 358 -32.08 -9.84 -8.44
C ARG C 358 -31.59 -10.40 -9.77
N SER C 359 -31.78 -9.59 -10.82
CA SER C 359 -31.36 -9.95 -12.17
C SER C 359 -29.86 -9.69 -12.34
N PRO C 360 -29.21 -10.40 -13.27
CA PRO C 360 -27.80 -10.12 -13.55
C PRO C 360 -27.57 -8.70 -14.06
N GLU C 361 -28.56 -8.10 -14.71
CA GLU C 361 -28.38 -6.77 -15.29
C GLU C 361 -28.27 -5.68 -14.23
N SER C 362 -28.70 -5.94 -13.00
CA SER C 362 -28.62 -4.97 -11.92
C SER C 362 -27.32 -5.04 -11.15
N VAL C 363 -26.43 -5.97 -11.50
CA VAL C 363 -25.14 -6.09 -10.84
C VAL C 363 -24.18 -5.05 -11.40
N ASP C 364 -23.37 -4.46 -10.53
CA ASP C 364 -22.37 -3.49 -10.97
C ASP C 364 -21.38 -4.14 -11.92
N GLY C 365 -21.08 -3.44 -13.03
CA GLY C 365 -20.15 -3.96 -14.00
C GLY C 365 -20.73 -4.92 -15.01
N TRP C 366 -22.05 -5.15 -14.99
CA TRP C 366 -22.68 -6.04 -15.96
C TRP C 366 -22.50 -5.56 -17.39
N GLU C 367 -22.24 -4.26 -17.59
CA GLU C 367 -22.05 -3.70 -18.91
C GLU C 367 -20.79 -4.23 -19.60
N ARG C 368 -19.81 -4.70 -18.82
CA ARG C 368 -18.54 -5.18 -19.36
C ARG C 368 -18.52 -6.69 -19.59
N VAL C 369 -19.61 -7.38 -19.33
CA VAL C 369 -19.65 -8.84 -19.45
C VAL C 369 -20.09 -9.22 -20.86
N LEU C 370 -19.36 -10.15 -21.48
CA LEU C 370 -19.70 -10.65 -22.80
C LEU C 370 -20.59 -11.88 -22.63
N THR C 371 -21.87 -11.72 -22.94
CA THR C 371 -22.83 -12.81 -22.80
C THR C 371 -22.59 -13.88 -23.86
N VAL D 3 -19.64 -33.44 31.67
CA VAL D 3 -20.85 -34.16 31.33
C VAL D 3 -21.28 -33.79 29.91
N VAL D 4 -21.76 -34.78 29.16
CA VAL D 4 -22.21 -34.57 27.79
C VAL D 4 -23.70 -34.22 27.83
N PRO D 5 -24.11 -33.08 27.30
CA PRO D 5 -25.52 -32.72 27.27
C PRO D 5 -26.22 -33.38 26.08
N GLU D 6 -27.50 -33.07 25.93
CA GLU D 6 -28.27 -33.49 24.77
C GLU D 6 -28.13 -32.50 23.61
N ASN D 7 -27.40 -31.40 23.81
CA ASN D 7 -27.14 -30.42 22.76
C ASN D 7 -25.99 -30.84 21.84
N PHE D 8 -25.31 -31.94 22.14
CA PHE D 8 -24.22 -32.42 21.30
C PHE D 8 -24.79 -32.91 19.97
N VAL D 9 -24.51 -32.16 18.90
CA VAL D 9 -24.93 -32.54 17.56
C VAL D 9 -23.74 -33.21 16.88
N PRO D 10 -23.78 -34.52 16.64
CA PRO D 10 -22.62 -35.20 16.02
C PRO D 10 -22.42 -34.77 14.58
N GLY D 11 -21.33 -34.09 14.30
CA GLY D 11 -21.02 -33.59 12.98
C GLY D 11 -21.42 -32.16 12.71
N LEU D 12 -21.82 -31.41 13.74
CA LEU D 12 -22.23 -30.01 13.60
C LEU D 12 -23.35 -29.86 12.57
N ASP D 13 -24.29 -30.81 12.58
CA ASP D 13 -25.38 -30.83 11.62
C ASP D 13 -26.40 -29.76 11.99
N GLY D 14 -26.56 -28.75 11.13
CA GLY D 14 -27.49 -27.68 11.38
C GLY D 14 -26.99 -26.58 12.28
N VAL D 15 -25.76 -26.70 12.80
CA VAL D 15 -25.21 -25.68 13.68
C VAL D 15 -24.71 -24.51 12.83
N VAL D 16 -25.13 -23.31 13.17
CA VAL D 16 -24.73 -22.11 12.43
C VAL D 16 -23.32 -21.73 12.85
N ALA D 17 -22.42 -21.62 11.88
CA ALA D 17 -21.03 -21.27 12.11
C ALA D 17 -20.68 -19.84 11.73
N PHE D 18 -21.15 -19.37 10.58
CA PHE D 18 -20.90 -18.00 10.14
C PHE D 18 -22.16 -17.43 9.52
N THR D 19 -22.12 -16.12 9.28
CA THR D 19 -23.00 -15.46 8.33
C THR D 19 -22.22 -15.18 7.05
N THR D 20 -22.94 -15.04 5.94
CA THR D 20 -22.28 -14.87 4.66
C THR D 20 -23.14 -14.01 3.74
N GLU D 21 -22.45 -13.33 2.81
CA GLU D 21 -23.09 -12.59 1.74
C GLU D 21 -22.82 -13.19 0.37
N ILE D 22 -22.14 -14.34 0.31
CA ILE D 22 -21.64 -14.86 -0.95
C ILE D 22 -22.77 -15.48 -1.77
N ALA D 23 -23.47 -16.46 -1.20
CA ALA D 23 -24.52 -17.15 -1.94
C ALA D 23 -25.51 -17.76 -0.96
N GLU D 24 -26.67 -18.13 -1.49
CA GLU D 24 -27.76 -18.67 -0.68
C GLU D 24 -28.32 -19.93 -1.33
N PRO D 25 -28.02 -21.11 -0.82
CA PRO D 25 -28.69 -22.33 -1.30
C PRO D 25 -30.10 -22.47 -0.76
N ASP D 26 -31.07 -21.83 -1.41
CA ASP D 26 -32.46 -21.88 -0.93
C ASP D 26 -33.05 -23.26 -1.16
N LYS D 27 -32.97 -24.11 -0.13
CA LYS D 27 -33.42 -25.50 -0.28
C LYS D 27 -34.94 -25.59 -0.29
N ASP D 28 -35.61 -24.79 0.54
CA ASP D 28 -37.07 -24.81 0.54
C ASP D 28 -37.66 -24.21 -0.73
N GLY D 29 -36.96 -23.24 -1.33
CA GLY D 29 -37.41 -22.64 -2.57
C GLY D 29 -36.89 -23.29 -3.83
N GLY D 30 -35.95 -24.23 -3.71
CA GLY D 30 -35.43 -24.92 -4.87
C GLY D 30 -34.66 -24.04 -5.83
N ALA D 31 -33.81 -23.16 -5.31
CA ALA D 31 -33.03 -22.26 -6.15
C ALA D 31 -31.67 -22.02 -5.50
N LEU D 32 -30.69 -21.70 -6.34
CA LEU D 32 -29.34 -21.39 -5.89
C LEU D 32 -28.93 -20.07 -6.52
N ARG D 33 -28.64 -19.07 -5.69
CA ARG D 33 -28.32 -17.73 -6.14
C ARG D 33 -26.90 -17.36 -5.73
N TYR D 34 -26.18 -16.69 -6.63
CA TYR D 34 -24.86 -16.16 -6.36
C TYR D 34 -25.00 -14.65 -6.17
N ARG D 35 -24.92 -14.19 -4.92
CA ARG D 35 -25.15 -12.78 -4.59
C ARG D 35 -26.50 -12.30 -5.10
N GLY D 36 -27.53 -13.14 -4.96
CA GLY D 36 -28.87 -12.82 -5.39
C GLY D 36 -29.18 -13.14 -6.84
N VAL D 37 -28.20 -13.60 -7.61
CA VAL D 37 -28.38 -13.88 -9.03
C VAL D 37 -28.53 -15.39 -9.19
N ASP D 38 -29.66 -15.82 -9.76
CA ASP D 38 -29.92 -17.24 -9.96
C ASP D 38 -28.94 -17.82 -10.97
N ILE D 39 -28.49 -19.06 -10.71
CA ILE D 39 -27.57 -19.72 -11.63
C ILE D 39 -28.26 -20.03 -12.95
N GLU D 40 -29.58 -20.19 -12.95
CA GLU D 40 -30.31 -20.42 -14.19
C GLU D 40 -30.16 -19.23 -15.15
N ASP D 41 -30.25 -18.01 -14.61
CA ASP D 41 -30.06 -16.83 -15.45
C ASP D 41 -28.63 -16.74 -15.94
N LEU D 42 -27.66 -17.09 -15.09
CA LEU D 42 -26.25 -17.00 -15.47
C LEU D 42 -25.91 -18.00 -16.58
N VAL D 43 -26.37 -19.24 -16.45
CA VAL D 43 -26.06 -20.26 -17.44
C VAL D 43 -26.80 -19.99 -18.75
N SER D 44 -28.08 -19.65 -18.66
CA SER D 44 -28.87 -19.44 -19.87
C SER D 44 -28.39 -18.25 -20.68
N GLN D 45 -27.87 -17.22 -20.01
CA GLN D 45 -27.34 -16.04 -20.68
C GLN D 45 -25.87 -16.18 -21.04
N ARG D 46 -25.27 -17.34 -20.77
CA ARG D 46 -23.90 -17.66 -21.21
C ARG D 46 -22.87 -16.70 -20.60
N VAL D 47 -22.87 -16.64 -19.28
CA VAL D 47 -21.84 -15.91 -18.54
C VAL D 47 -20.70 -16.87 -18.26
N THR D 48 -19.49 -16.49 -18.67
CA THR D 48 -18.35 -17.37 -18.56
C THR D 48 -17.90 -17.51 -17.11
N PHE D 49 -17.10 -18.56 -16.87
CA PHE D 49 -16.68 -18.88 -15.51
C PHE D 49 -15.80 -17.77 -14.92
N GLY D 50 -14.96 -17.16 -15.74
CA GLY D 50 -14.08 -16.11 -15.25
C GLY D 50 -14.85 -14.93 -14.66
N ASP D 51 -15.98 -14.58 -15.27
CA ASP D 51 -16.78 -13.48 -14.74
C ASP D 51 -17.55 -13.91 -13.49
N VAL D 52 -18.02 -15.15 -13.45
CA VAL D 52 -18.71 -15.66 -12.27
C VAL D 52 -17.74 -15.76 -11.09
N TRP D 53 -16.47 -16.04 -11.36
CA TRP D 53 -15.46 -16.02 -10.31
C TRP D 53 -15.38 -14.65 -9.65
N ALA D 54 -15.37 -13.59 -10.45
CA ALA D 54 -15.30 -12.23 -9.92
C ALA D 54 -16.57 -11.87 -9.15
N LEU D 55 -17.74 -12.25 -9.69
CA LEU D 55 -18.99 -11.92 -9.03
C LEU D 55 -19.08 -12.57 -7.65
N LEU D 56 -18.64 -13.82 -7.53
CA LEU D 56 -18.69 -14.50 -6.24
C LEU D 56 -17.68 -13.91 -5.27
N VAL D 57 -16.50 -13.54 -5.75
CA VAL D 57 -15.42 -13.07 -4.88
C VAL D 57 -15.56 -11.57 -4.59
N ASP D 58 -15.67 -10.75 -5.63
CA ASP D 58 -15.71 -9.30 -5.46
C ASP D 58 -17.11 -8.75 -5.20
N GLY D 59 -18.15 -9.56 -5.41
CA GLY D 59 -19.50 -9.06 -5.28
C GLY D 59 -20.02 -8.30 -6.48
N ASN D 60 -19.24 -8.17 -7.54
CA ASN D 60 -19.66 -7.46 -8.74
C ASN D 60 -18.80 -7.94 -9.91
N PHE D 61 -19.24 -7.60 -11.11
CA PHE D 61 -18.56 -7.99 -12.35
C PHE D 61 -17.37 -7.06 -12.62
N GLY D 62 -16.85 -7.12 -13.84
CA GLY D 62 -15.79 -6.23 -14.27
C GLY D 62 -14.37 -6.78 -14.20
N SER D 63 -13.91 -7.15 -13.00
CA SER D 63 -12.53 -7.59 -12.83
C SER D 63 -12.49 -9.12 -12.87
N GLY D 64 -12.48 -9.66 -14.09
CA GLY D 64 -12.55 -11.09 -14.29
C GLY D 64 -11.24 -11.80 -14.00
N LEU D 65 -11.28 -13.12 -14.15
CA LEU D 65 -10.12 -13.96 -13.87
C LEU D 65 -9.01 -13.71 -14.90
N PRO D 66 -7.77 -13.52 -14.49
CA PRO D 66 -6.70 -13.27 -15.44
C PRO D 66 -6.19 -14.56 -16.05
N PRO D 67 -5.47 -14.49 -17.18
CA PRO D 67 -4.84 -15.69 -17.74
C PRO D 67 -3.70 -16.17 -16.86
N ALA D 68 -3.42 -17.48 -16.94
CA ALA D 68 -2.34 -18.08 -16.18
C ALA D 68 -1.00 -17.85 -16.87
N GLU D 69 0.05 -17.74 -16.07
CA GLU D 69 1.41 -17.55 -16.56
C GLU D 69 2.06 -18.89 -16.91
N PRO D 70 3.06 -18.88 -17.79
CA PRO D 70 3.73 -20.14 -18.16
C PRO D 70 4.49 -20.73 -16.98
N PHE D 71 4.12 -21.95 -16.61
CA PHE D 71 4.72 -22.67 -15.49
C PHE D 71 4.44 -24.16 -15.66
N PRO D 72 5.36 -24.92 -16.25
CA PRO D 72 5.14 -26.36 -16.39
C PRO D 72 4.92 -27.02 -15.03
N LEU D 73 3.99 -27.96 -15.00
CA LEU D 73 3.59 -28.59 -13.75
C LEU D 73 4.74 -29.41 -13.18
N PRO D 74 5.18 -29.15 -11.95
CA PRO D 74 6.34 -29.86 -11.39
C PRO D 74 6.03 -31.18 -10.71
N ILE D 75 4.76 -31.51 -10.51
CA ILE D 75 4.37 -32.71 -9.77
C ILE D 75 3.63 -33.65 -10.72
N HIS D 76 4.12 -34.88 -10.82
CA HIS D 76 3.48 -35.93 -11.63
C HIS D 76 3.33 -37.15 -10.73
N SER D 77 2.25 -37.19 -9.95
CA SER D 77 2.02 -38.28 -9.00
C SER D 77 1.12 -39.38 -9.55
N GLY D 78 0.54 -39.20 -10.74
CA GLY D 78 -0.44 -40.13 -11.26
C GLY D 78 -1.86 -39.86 -10.84
N ASP D 79 -2.09 -38.85 -9.97
CA ASP D 79 -3.41 -38.45 -9.55
C ASP D 79 -3.58 -36.96 -9.81
N VAL D 80 -4.63 -36.59 -10.55
CA VAL D 80 -4.84 -35.20 -10.90
C VAL D 80 -5.13 -34.37 -9.64
N ARG D 81 -5.90 -34.93 -8.71
CA ARG D 81 -6.17 -34.24 -7.46
C ARG D 81 -4.89 -34.01 -6.66
N VAL D 82 -4.04 -35.03 -6.57
CA VAL D 82 -2.79 -34.90 -5.81
C VAL D 82 -1.86 -33.91 -6.49
N ASP D 83 -1.84 -33.91 -7.83
CA ASP D 83 -0.95 -33.00 -8.55
C ASP D 83 -1.27 -31.55 -8.25
N VAL D 84 -2.55 -31.20 -8.23
CA VAL D 84 -2.91 -29.80 -7.98
C VAL D 84 -2.89 -29.49 -6.49
N GLN D 85 -3.19 -30.46 -5.63
CA GLN D 85 -3.14 -30.23 -4.19
C GLN D 85 -1.71 -29.93 -3.74
N ALA D 86 -0.75 -30.73 -4.22
CA ALA D 86 0.65 -30.48 -3.87
C ALA D 86 1.25 -29.31 -4.64
N GLY D 87 0.81 -29.11 -5.89
CA GLY D 87 1.37 -28.03 -6.69
C GLY D 87 1.00 -26.65 -6.15
N LEU D 88 -0.24 -26.49 -5.68
CA LEU D 88 -0.66 -25.20 -5.14
C LEU D 88 0.09 -24.85 -3.86
N ALA D 89 0.33 -25.86 -3.01
CA ALA D 89 1.04 -25.61 -1.75
C ALA D 89 2.46 -25.11 -1.98
N MET D 90 3.09 -25.55 -3.07
CA MET D 90 4.45 -25.12 -3.41
C MET D 90 4.50 -23.73 -3.99
N LEU D 91 3.35 -23.13 -4.31
CA LEU D 91 3.36 -21.80 -4.91
C LEU D 91 3.79 -20.72 -3.92
N ALA D 92 3.52 -20.92 -2.63
CA ALA D 92 3.80 -19.87 -1.65
C ALA D 92 5.27 -19.49 -1.56
N PRO D 93 6.23 -20.42 -1.42
CA PRO D 93 7.64 -19.98 -1.31
C PRO D 93 8.20 -19.42 -2.59
N ILE D 94 7.74 -19.86 -3.76
CA ILE D 94 8.31 -19.35 -5.01
C ILE D 94 7.71 -18.00 -5.37
N TRP D 95 6.43 -17.76 -5.06
CA TRP D 95 5.78 -16.49 -5.36
C TRP D 95 5.83 -15.51 -4.21
N GLY D 96 6.45 -15.88 -3.09
CA GLY D 96 6.52 -15.00 -1.94
C GLY D 96 5.18 -14.70 -1.32
N TYR D 97 4.36 -15.73 -1.13
CA TYR D 97 3.03 -15.57 -0.54
C TYR D 97 3.18 -15.45 0.97
N ALA D 98 2.95 -14.24 1.49
CA ALA D 98 3.01 -14.01 2.92
C ALA D 98 1.76 -14.58 3.60
N PRO D 99 1.84 -14.82 4.92
CA PRO D 99 0.63 -15.23 5.64
C PRO D 99 -0.47 -14.18 5.53
N LEU D 100 -1.72 -14.65 5.63
CA LEU D 100 -2.87 -13.76 5.46
C LEU D 100 -2.87 -12.60 6.45
N LEU D 101 -2.20 -12.76 7.61
CA LEU D 101 -2.09 -11.67 8.56
C LEU D 101 -1.32 -10.49 7.99
N ASP D 102 -0.22 -10.77 7.28
CA ASP D 102 0.74 -9.76 6.89
C ASP D 102 0.41 -9.07 5.57
N ILE D 103 -0.74 -9.38 4.96
CA ILE D 103 -1.13 -8.78 3.70
C ILE D 103 -2.52 -8.17 3.86
N ASP D 104 -2.82 -7.19 3.00
CA ASP D 104 -4.11 -6.53 3.02
C ASP D 104 -5.09 -7.27 2.11
N ASP D 105 -6.32 -6.77 2.05
CA ASP D 105 -7.37 -7.44 1.27
C ASP D 105 -7.05 -7.45 -0.22
N ALA D 106 -6.57 -6.33 -0.75
CA ALA D 106 -6.29 -6.24 -2.18
C ALA D 106 -5.19 -7.21 -2.59
N THR D 107 -4.12 -7.29 -1.78
CA THR D 107 -3.05 -8.25 -2.08
C THR D 107 -3.57 -9.68 -2.00
N ALA D 108 -4.40 -9.98 -1.00
CA ALA D 108 -4.96 -11.32 -0.87
C ALA D 108 -5.84 -11.67 -2.07
N ARG D 109 -6.64 -10.70 -2.55
CA ARG D 109 -7.49 -10.96 -3.70
C ARG D 109 -6.66 -11.27 -4.94
N GLN D 110 -5.56 -10.54 -5.14
CA GLN D 110 -4.68 -10.82 -6.28
C GLN D 110 -4.06 -12.20 -6.18
N GLN D 111 -3.64 -12.59 -4.96
CA GLN D 111 -3.02 -13.89 -4.78
C GLN D 111 -4.01 -15.02 -5.05
N LEU D 112 -5.26 -14.85 -4.63
CA LEU D 112 -6.27 -15.88 -4.86
C LEU D 112 -6.55 -16.06 -6.35
N ALA D 113 -6.68 -14.96 -7.09
CA ALA D 113 -6.92 -15.05 -8.53
C ALA D 113 -5.73 -15.66 -9.25
N ARG D 114 -4.52 -15.29 -8.85
CA ARG D 114 -3.33 -15.86 -9.49
C ARG D 114 -3.21 -17.36 -9.24
N ALA D 115 -3.51 -17.79 -8.01
CA ALA D 115 -3.40 -19.21 -7.68
C ALA D 115 -4.57 -20.03 -8.23
N SER D 116 -5.76 -19.47 -8.29
CA SER D 116 -6.92 -20.23 -8.77
C SER D 116 -6.77 -20.58 -10.25
N VAL D 117 -6.39 -19.59 -11.07
CA VAL D 117 -6.13 -19.88 -12.48
C VAL D 117 -4.93 -20.80 -12.64
N MET D 118 -4.03 -20.81 -11.65
CA MET D 118 -2.92 -21.76 -11.66
C MET D 118 -3.41 -23.19 -11.51
N ALA D 119 -4.43 -23.40 -10.67
CA ALA D 119 -4.99 -24.74 -10.49
C ALA D 119 -5.58 -25.26 -11.79
N LEU D 120 -6.23 -24.39 -12.56
CA LEU D 120 -6.80 -24.79 -13.85
C LEU D 120 -5.70 -25.24 -14.80
N SER D 121 -4.59 -24.51 -14.86
CA SER D 121 -3.48 -24.89 -15.73
C SER D 121 -2.86 -26.20 -15.30
N TYR D 122 -2.69 -26.41 -13.99
CA TYR D 122 -2.09 -27.64 -13.50
C TYR D 122 -2.98 -28.85 -13.82
N VAL D 123 -4.30 -28.69 -13.64
CA VAL D 123 -5.22 -29.79 -13.94
C VAL D 123 -5.17 -30.16 -15.41
N ALA D 124 -5.15 -29.14 -16.29
CA ALA D 124 -5.08 -29.40 -17.72
C ALA D 124 -3.77 -30.10 -18.09
N GLN D 125 -2.65 -29.64 -17.51
CA GLN D 125 -1.37 -30.28 -17.79
C GLN D 125 -1.34 -31.72 -17.28
N SER D 126 -1.83 -31.95 -16.07
CA SER D 126 -1.82 -33.30 -15.51
C SER D 126 -2.72 -34.24 -16.30
N ALA D 127 -3.90 -33.74 -16.73
CA ALA D 127 -4.81 -34.57 -17.50
C ALA D 127 -4.23 -34.90 -18.87
N ARG D 128 -3.55 -33.95 -19.50
CA ARG D 128 -2.91 -34.21 -20.79
C ARG D 128 -1.87 -35.31 -20.68
N GLY D 129 -1.25 -35.44 -19.51
CA GLY D 129 -0.30 -36.51 -19.27
C GLY D 129 1.13 -36.13 -19.63
N ILE D 130 2.06 -36.97 -19.17
CA ILE D 130 3.48 -36.75 -19.42
C ILE D 130 3.94 -37.36 -20.74
N TYR D 131 3.12 -38.18 -21.38
CA TYR D 131 3.50 -38.88 -22.61
C TYR D 131 3.23 -38.05 -23.87
N GLN D 132 2.85 -36.79 -23.73
CA GLN D 132 2.59 -35.93 -24.86
C GLN D 132 3.25 -34.57 -24.64
N PRO D 133 3.72 -33.93 -25.70
CA PRO D 133 4.35 -32.61 -25.55
C PRO D 133 3.33 -31.56 -25.13
N ALA D 134 3.83 -30.52 -24.46
CA ALA D 134 2.97 -29.45 -23.99
C ALA D 134 2.47 -28.60 -25.14
N VAL D 135 1.28 -28.05 -24.97
CA VAL D 135 0.71 -27.14 -25.98
C VAL D 135 1.46 -25.81 -25.92
N PRO D 136 1.96 -25.29 -27.06
CA PRO D 136 2.68 -24.02 -27.03
C PRO D 136 1.81 -22.88 -26.53
N GLN D 137 2.45 -21.92 -25.88
CA GLN D 137 1.73 -20.78 -25.29
C GLN D 137 1.04 -19.95 -26.36
N ARG D 138 1.62 -19.85 -27.55
CA ARG D 138 1.03 -19.05 -28.62
C ARG D 138 -0.33 -19.59 -29.02
N ILE D 139 -0.52 -20.91 -28.98
CA ILE D 139 -1.81 -21.49 -29.32
C ILE D 139 -2.84 -21.16 -28.25
N ILE D 140 -2.45 -21.23 -26.97
CA ILE D 140 -3.39 -20.93 -25.90
C ILE D 140 -3.76 -19.46 -25.87
N ASP D 141 -2.83 -18.58 -26.25
CA ASP D 141 -3.08 -17.15 -26.24
C ASP D 141 -4.14 -16.71 -27.24
N GLU D 142 -4.51 -17.57 -28.18
CA GLU D 142 -5.51 -17.23 -29.19
C GLU D 142 -6.93 -17.24 -28.63
N CYS D 143 -7.10 -17.89 -27.48
CA CYS D 143 -8.43 -18.01 -26.87
C CYS D 143 -8.82 -16.74 -26.13
N SER D 144 -10.09 -16.60 -25.83
CA SER D 144 -10.61 -15.36 -25.24
C SER D 144 -11.01 -15.52 -23.77
N THR D 145 -11.30 -16.75 -23.36
CA THR D 145 -11.75 -17.03 -22.01
C THR D 145 -10.85 -18.07 -21.36
N VAL D 146 -10.84 -18.07 -20.01
CA VAL D 146 -10.04 -19.04 -19.28
C VAL D 146 -10.56 -20.45 -19.51
N THR D 147 -11.88 -20.61 -19.65
CA THR D 147 -12.44 -21.92 -19.95
C THR D 147 -11.95 -22.45 -21.28
N ALA D 148 -11.91 -21.58 -22.30
CA ALA D 148 -11.35 -21.97 -23.59
C ALA D 148 -9.85 -22.22 -23.47
N ARG D 149 -9.16 -21.45 -22.64
CA ARG D 149 -7.73 -21.68 -22.42
C ARG D 149 -7.49 -23.03 -21.75
N PHE D 150 -8.34 -23.39 -20.78
CA PHE D 150 -8.19 -24.68 -20.12
C PHE D 150 -8.38 -25.83 -21.11
N MET D 151 -9.40 -25.72 -21.96
CA MET D 151 -9.64 -26.77 -22.95
C MET D 151 -8.49 -26.88 -23.95
N THR D 152 -7.96 -25.74 -24.38
CA THR D 152 -6.86 -25.74 -25.35
C THR D 152 -5.58 -26.31 -24.75
N ARG D 153 -5.27 -25.94 -23.51
CA ARG D 153 -4.06 -26.46 -22.87
C ARG D 153 -4.11 -27.95 -22.64
N TRP D 154 -5.32 -28.53 -22.56
CA TRP D 154 -5.49 -29.95 -22.30
C TRP D 154 -5.63 -30.75 -23.60
N GLN D 155 -6.56 -30.37 -24.47
CA GLN D 155 -6.82 -31.11 -25.70
C GLN D 155 -6.13 -30.53 -26.93
N GLY D 156 -5.84 -29.25 -26.93
CA GLY D 156 -5.22 -28.62 -28.10
C GLY D 156 -6.18 -28.13 -29.15
N GLU D 157 -7.15 -28.97 -29.53
CA GLU D 157 -8.14 -28.66 -30.54
C GLU D 157 -9.53 -28.94 -29.98
N PRO D 158 -10.03 -28.08 -29.09
CA PRO D 158 -11.30 -28.36 -28.41
C PRO D 158 -12.50 -28.00 -29.28
N ASP D 159 -13.53 -28.83 -29.19
CA ASP D 159 -14.80 -28.50 -29.81
C ASP D 159 -15.43 -27.31 -29.10
N PRO D 160 -15.83 -26.27 -29.83
CA PRO D 160 -16.50 -25.13 -29.16
C PRO D 160 -17.73 -25.52 -28.36
N ARG D 161 -18.46 -26.55 -28.81
CA ARG D 161 -19.60 -27.02 -28.03
C ARG D 161 -19.16 -27.60 -26.70
N HIS D 162 -18.01 -28.28 -26.67
CA HIS D 162 -17.50 -28.84 -25.42
C HIS D 162 -17.11 -27.75 -24.45
N ILE D 163 -16.60 -26.62 -24.94
CA ILE D 163 -16.27 -25.49 -24.07
C ILE D 163 -17.54 -24.97 -23.40
N GLU D 164 -18.64 -24.88 -24.15
CA GLU D 164 -19.89 -24.43 -23.57
C GLU D 164 -20.37 -25.38 -22.47
N ALA D 165 -20.20 -26.68 -22.67
CA ALA D 165 -20.61 -27.64 -21.66
C ALA D 165 -19.82 -27.46 -20.37
N ILE D 166 -18.50 -27.27 -20.48
CA ILE D 166 -17.66 -27.09 -19.30
C ILE D 166 -18.00 -25.77 -18.60
N ASP D 167 -18.19 -24.70 -19.38
CA ASP D 167 -18.50 -23.41 -18.79
C ASP D 167 -19.81 -23.46 -18.00
N ALA D 168 -20.80 -24.19 -18.52
CA ALA D 168 -22.05 -24.36 -17.79
C ALA D 168 -21.84 -25.15 -16.50
N TYR D 169 -21.04 -26.22 -16.55
CA TYR D 169 -20.83 -27.05 -15.37
C TYR D 169 -20.07 -26.29 -14.29
N TRP D 170 -19.03 -25.55 -14.67
CA TRP D 170 -18.22 -24.84 -13.68
C TRP D 170 -19.04 -23.79 -12.94
N VAL D 171 -19.91 -23.08 -13.65
CA VAL D 171 -20.77 -22.09 -13.02
C VAL D 171 -21.74 -22.77 -12.06
N SER D 172 -22.26 -23.94 -12.45
CA SER D 172 -23.18 -24.67 -11.59
C SER D 172 -22.49 -25.18 -10.33
N ALA D 173 -21.22 -25.54 -10.41
CA ALA D 173 -20.47 -26.09 -9.28
C ALA D 173 -19.57 -25.06 -8.61
N ALA D 174 -19.76 -23.77 -8.90
CA ALA D 174 -18.86 -22.76 -8.39
C ALA D 174 -18.94 -22.62 -6.87
N GLU D 175 -20.15 -22.64 -6.31
CA GLU D 175 -20.33 -22.39 -4.89
C GLU D 175 -21.62 -23.06 -4.41
N HIS D 176 -21.56 -23.77 -3.29
CA HIS D 176 -22.75 -24.35 -2.68
C HIS D 176 -22.70 -24.22 -1.17
N GLY D 177 -22.31 -23.05 -0.67
CA GLY D 177 -22.39 -22.79 0.76
C GLY D 177 -21.28 -23.39 1.60
N MET D 178 -21.64 -23.87 2.78
CA MET D 178 -20.66 -24.31 3.78
C MET D 178 -20.47 -25.83 3.72
N ASN D 179 -19.96 -26.31 2.59
CA ASN D 179 -19.65 -27.72 2.45
C ASN D 179 -18.34 -28.04 3.17
N ALA D 180 -17.97 -29.32 3.16
CA ALA D 180 -16.80 -29.76 3.90
C ALA D 180 -15.53 -29.12 3.35
N SER D 181 -15.40 -29.03 2.03
CA SER D 181 -14.21 -28.42 1.45
C SER D 181 -14.14 -26.93 1.73
N THR D 182 -15.27 -26.23 1.57
CA THR D 182 -15.30 -24.79 1.86
C THR D 182 -15.06 -24.54 3.35
N PHE D 183 -15.68 -25.35 4.21
CA PHE D 183 -15.45 -25.22 5.64
C PHE D 183 -13.98 -25.47 5.99
N THR D 184 -13.36 -26.45 5.33
CA THR D 184 -11.94 -26.68 5.53
C THR D 184 -11.11 -25.47 5.12
N ALA D 185 -11.47 -24.85 3.99
CA ALA D 185 -10.73 -23.67 3.53
C ALA D 185 -10.88 -22.52 4.51
N ARG D 186 -12.07 -22.33 5.07
CA ARG D 186 -12.28 -21.23 6.01
C ARG D 186 -11.56 -21.48 7.33
N VAL D 187 -11.51 -22.73 7.78
CA VAL D 187 -10.83 -23.04 9.03
C VAL D 187 -9.33 -22.76 8.91
N ILE D 188 -8.73 -23.19 7.79
CA ILE D 188 -7.31 -22.94 7.57
C ILE D 188 -7.04 -21.46 7.45
N ALA D 189 -7.90 -20.73 6.72
CA ALA D 189 -7.71 -19.29 6.56
C ALA D 189 -7.82 -18.55 7.88
N SER D 190 -8.63 -19.06 8.81
CA SER D 190 -8.80 -18.40 10.11
C SER D 190 -7.51 -18.41 10.92
N THR D 191 -6.60 -19.34 10.67
CA THR D 191 -5.32 -19.38 11.35
C THR D 191 -4.34 -18.33 10.85
N GLY D 192 -4.65 -17.66 9.74
CA GLY D 192 -3.76 -16.68 9.17
C GLY D 192 -2.74 -17.21 8.18
N ALA D 193 -2.86 -18.46 7.77
CA ALA D 193 -1.90 -19.05 6.84
C ALA D 193 -2.07 -18.42 5.45
N ASP D 194 -1.07 -18.65 4.60
CA ASP D 194 -1.12 -18.14 3.24
C ASP D 194 -2.24 -18.82 2.45
N VAL D 195 -2.75 -18.11 1.45
CA VAL D 195 -3.93 -18.58 0.73
C VAL D 195 -3.66 -19.89 0.00
N ALA D 196 -2.41 -20.13 -0.40
CA ALA D 196 -2.08 -21.39 -1.06
C ALA D 196 -2.31 -22.58 -0.14
N ALA D 197 -1.93 -22.45 1.13
CA ALA D 197 -2.15 -23.53 2.08
C ALA D 197 -3.63 -23.78 2.32
N ALA D 198 -4.45 -22.72 2.31
CA ALA D 198 -5.89 -22.91 2.47
C ALA D 198 -6.50 -23.63 1.28
N LEU D 199 -6.10 -23.25 0.06
CA LEU D 199 -6.64 -23.92 -1.12
C LEU D 199 -6.15 -25.36 -1.22
N SER D 200 -4.90 -25.61 -0.81
CA SER D 200 -4.37 -26.97 -0.84
C SER D 200 -5.15 -27.89 0.11
N GLY D 201 -5.47 -27.38 1.30
CA GLY D 201 -6.22 -28.18 2.25
C GLY D 201 -7.63 -28.48 1.79
N ALA D 202 -8.28 -27.49 1.14
CA ALA D 202 -9.64 -27.70 0.67
C ALA D 202 -9.70 -28.79 -0.39
N ILE D 203 -8.69 -28.88 -1.25
CA ILE D 203 -8.66 -29.92 -2.27
C ILE D 203 -8.63 -31.30 -1.62
N GLY D 204 -7.91 -31.42 -0.50
CA GLY D 204 -7.88 -32.70 0.21
C GLY D 204 -9.24 -33.10 0.73
N ALA D 205 -9.99 -32.15 1.29
CA ALA D 205 -11.35 -32.45 1.73
C ALA D 205 -12.26 -32.78 0.56
N MET D 206 -12.01 -32.19 -0.61
CA MET D 206 -12.82 -32.48 -1.79
C MET D 206 -12.67 -33.92 -2.25
N SER D 207 -11.49 -34.51 -2.05
CA SER D 207 -11.22 -35.85 -2.55
C SER D 207 -12.07 -36.92 -1.87
N GLY D 208 -12.60 -36.65 -0.68
CA GLY D 208 -13.40 -37.61 0.03
C GLY D 208 -14.65 -38.01 -0.71
N PRO D 209 -14.92 -39.32 -0.79
CA PRO D 209 -16.14 -39.77 -1.47
C PRO D 209 -17.42 -39.28 -0.83
N LEU D 210 -17.41 -39.05 0.48
CA LEU D 210 -18.60 -38.60 1.20
C LEU D 210 -18.81 -37.10 1.15
N HIS D 211 -17.91 -36.36 0.49
CA HIS D 211 -18.10 -34.92 0.36
C HIS D 211 -19.35 -34.61 -0.46
N GLY D 212 -19.58 -35.36 -1.51
CA GLY D 212 -20.75 -35.15 -2.35
C GLY D 212 -20.44 -34.27 -3.54
N GLY D 213 -21.22 -34.46 -4.60
CA GLY D 213 -21.08 -33.69 -5.82
C GLY D 213 -20.09 -34.23 -6.82
N ALA D 214 -19.22 -35.15 -6.40
CA ALA D 214 -18.29 -35.77 -7.33
C ALA D 214 -19.07 -36.72 -8.24
N PRO D 215 -19.01 -36.56 -9.55
CA PRO D 215 -19.83 -37.40 -10.43
C PRO D 215 -19.37 -38.85 -10.43
N ALA D 216 -20.16 -39.71 -9.78
CA ALA D 216 -19.83 -41.12 -9.72
C ALA D 216 -19.92 -41.74 -11.12
N ARG D 217 -19.27 -42.89 -11.27
CA ARG D 217 -19.17 -43.54 -12.57
C ARG D 217 -20.52 -44.16 -12.92
N VAL D 218 -21.42 -43.31 -13.42
CA VAL D 218 -22.66 -43.78 -14.02
C VAL D 218 -22.47 -44.20 -15.47
N LEU D 219 -21.31 -43.90 -16.05
CA LEU D 219 -21.00 -44.36 -17.41
C LEU D 219 -21.11 -45.87 -17.57
N PRO D 220 -20.65 -46.71 -16.61
CA PRO D 220 -20.93 -48.15 -16.74
C PRO D 220 -22.40 -48.47 -16.91
N MET D 221 -23.29 -47.76 -16.19
CA MET D 221 -24.72 -48.00 -16.34
C MET D 221 -25.22 -47.59 -17.72
N LEU D 222 -24.84 -46.39 -18.17
CA LEU D 222 -25.33 -45.89 -19.45
C LEU D 222 -24.81 -46.70 -20.62
N ASP D 223 -23.62 -47.30 -20.48
CA ASP D 223 -23.05 -48.06 -21.59
C ASP D 223 -23.88 -49.29 -21.92
N GLU D 224 -24.35 -50.02 -20.90
CA GLU D 224 -25.14 -51.23 -21.15
C GLU D 224 -26.51 -50.89 -21.73
N VAL D 225 -27.12 -49.80 -21.25
CA VAL D 225 -28.47 -49.44 -21.70
C VAL D 225 -28.45 -49.13 -23.19
N GLU D 226 -27.41 -48.44 -23.67
CA GLU D 226 -27.30 -48.17 -25.09
C GLU D 226 -27.21 -49.47 -25.89
N ARG D 227 -26.43 -50.44 -25.41
CA ARG D 227 -26.32 -51.71 -26.10
C ARG D 227 -27.59 -52.55 -25.93
N ALA D 228 -28.12 -52.61 -24.70
CA ALA D 228 -29.31 -53.42 -24.45
C ALA D 228 -30.55 -52.81 -25.10
N GLY D 229 -30.75 -51.50 -24.92
CA GLY D 229 -31.87 -50.82 -25.53
C GLY D 229 -32.93 -50.37 -24.57
N ASP D 230 -33.26 -51.21 -23.58
CA ASP D 230 -34.30 -50.92 -22.61
C ASP D 230 -33.65 -50.62 -21.27
N ALA D 231 -33.92 -49.42 -20.74
CA ALA D 231 -33.36 -49.02 -19.45
C ALA D 231 -34.16 -49.56 -18.27
N ARG D 232 -35.45 -49.87 -18.47
CA ARG D 232 -36.27 -50.38 -17.38
C ARG D 232 -35.79 -51.75 -16.93
N SER D 233 -35.36 -52.60 -17.87
CA SER D 233 -34.85 -53.91 -17.50
C SER D 233 -33.54 -53.80 -16.74
N VAL D 234 -32.63 -52.91 -17.19
CA VAL D 234 -31.35 -52.75 -16.52
C VAL D 234 -31.53 -52.20 -15.11
N VAL D 235 -32.37 -51.18 -14.97
CA VAL D 235 -32.56 -50.53 -13.67
C VAL D 235 -33.15 -51.53 -12.66
N LYS D 236 -34.18 -52.26 -13.07
CA LYS D 236 -34.79 -53.23 -12.17
C LYS D 236 -33.84 -54.38 -11.87
N GLY D 237 -33.04 -54.80 -12.85
CA GLY D 237 -32.12 -55.90 -12.62
C GLY D 237 -31.03 -55.53 -11.62
N ILE D 238 -30.53 -54.30 -11.68
CA ILE D 238 -29.49 -53.88 -10.75
C ILE D 238 -30.01 -53.88 -9.32
N LEU D 239 -31.23 -53.36 -9.12
CA LEU D 239 -31.81 -53.34 -7.77
C LEU D 239 -32.18 -54.73 -7.28
N ASP D 240 -32.47 -55.65 -8.20
CA ASP D 240 -32.81 -57.01 -7.79
C ASP D 240 -31.62 -57.76 -7.21
N ARG D 241 -30.41 -57.46 -7.68
CA ARG D 241 -29.20 -58.12 -7.22
C ARG D 241 -28.62 -57.49 -5.97
N GLY D 242 -29.28 -56.50 -5.38
CA GLY D 242 -28.82 -55.87 -4.16
C GLY D 242 -27.86 -54.73 -4.35
N GLU D 243 -27.47 -54.41 -5.58
CA GLU D 243 -26.57 -53.29 -5.83
C GLU D 243 -27.33 -51.97 -5.72
N LYS D 244 -26.56 -50.88 -5.62
CA LYS D 244 -27.12 -49.55 -5.47
C LYS D 244 -27.09 -48.81 -6.81
N LEU D 245 -28.15 -48.05 -7.09
CA LEU D 245 -28.22 -47.25 -8.29
C LEU D 245 -27.48 -45.94 -8.06
N MET D 246 -26.43 -45.70 -8.85
CA MET D 246 -25.64 -44.49 -8.71
C MET D 246 -26.29 -43.33 -9.46
N GLY D 247 -26.33 -42.17 -8.81
CA GLY D 247 -26.89 -40.97 -9.40
C GLY D 247 -28.26 -40.58 -8.86
N PHE D 248 -28.88 -41.42 -8.03
CA PHE D 248 -30.19 -41.12 -7.46
C PHE D 248 -30.18 -41.46 -5.99
N GLY D 249 -30.82 -40.62 -5.18
CA GLY D 249 -30.83 -40.82 -3.75
C GLY D 249 -31.76 -39.90 -2.98
N HIS D 250 -31.38 -39.58 -1.75
CA HIS D 250 -32.22 -38.79 -0.86
C HIS D 250 -32.26 -37.33 -1.29
N ARG D 251 -33.12 -36.58 -0.62
CA ARG D 251 -33.32 -35.16 -0.93
C ARG D 251 -32.08 -34.34 -0.59
N VAL D 252 -31.85 -33.30 -1.38
CA VAL D 252 -30.87 -32.27 -1.05
C VAL D 252 -31.61 -30.95 -0.90
N TYR D 253 -32.25 -30.52 -1.97
CA TYR D 253 -33.20 -29.41 -1.93
C TYR D 253 -34.58 -29.98 -1.63
N ARG D 254 -35.64 -29.17 -1.79
CA ARG D 254 -36.99 -29.68 -1.62
C ARG D 254 -37.45 -30.40 -2.89
N ALA D 255 -37.42 -29.70 -4.01
CA ALA D 255 -37.70 -30.29 -5.32
C ALA D 255 -36.38 -30.80 -5.91
N GLU D 256 -36.37 -31.07 -7.22
CA GLU D 256 -35.12 -31.41 -7.90
C GLU D 256 -34.04 -30.37 -7.59
N ASP D 257 -32.81 -30.83 -7.56
CA ASP D 257 -31.69 -29.92 -7.34
C ASP D 257 -31.65 -28.89 -8.47
N PRO D 258 -31.58 -27.60 -8.15
CA PRO D 258 -31.53 -26.60 -9.24
C PRO D 258 -30.34 -26.77 -10.15
N ARG D 259 -29.21 -27.23 -9.64
CA ARG D 259 -28.05 -27.50 -10.49
C ARG D 259 -28.30 -28.72 -11.38
N ALA D 260 -29.11 -29.67 -10.92
CA ALA D 260 -29.46 -30.82 -11.76
C ALA D 260 -30.32 -30.38 -12.94
N ARG D 261 -31.27 -29.48 -12.71
CA ARG D 261 -32.12 -28.99 -13.80
C ARG D 261 -31.30 -28.25 -14.84
N VAL D 262 -30.35 -27.43 -14.39
CA VAL D 262 -29.53 -26.64 -15.32
C VAL D 262 -28.68 -27.55 -16.20
N LEU D 263 -28.11 -28.59 -15.60
CA LEU D 263 -27.15 -29.42 -16.33
C LEU D 263 -27.85 -30.26 -17.40
N ARG D 264 -29.03 -30.80 -17.10
CA ARG D 264 -29.73 -31.60 -18.10
C ARG D 264 -30.25 -30.73 -19.24
N ALA D 265 -30.64 -29.49 -18.95
CA ALA D 265 -31.04 -28.58 -20.01
C ALA D 265 -29.86 -28.26 -20.93
N ALA D 266 -28.67 -28.10 -20.35
CA ALA D 266 -27.47 -27.87 -21.16
C ALA D 266 -27.17 -29.06 -22.05
N ALA D 267 -27.33 -30.27 -21.51
CA ALA D 267 -27.14 -31.47 -22.33
C ALA D 267 -28.15 -31.53 -23.47
N GLU D 268 -29.41 -31.20 -23.18
CA GLU D 268 -30.42 -31.14 -24.22
C GLU D 268 -30.12 -30.03 -25.22
N ARG D 269 -29.70 -28.87 -24.74
CA ARG D 269 -29.44 -27.73 -25.61
C ARG D 269 -28.26 -28.00 -26.55
N LEU D 270 -27.19 -28.59 -26.02
CA LEU D 270 -25.98 -28.85 -26.80
C LEU D 270 -26.08 -30.11 -27.64
N GLY D 271 -27.15 -30.88 -27.52
CA GLY D 271 -27.30 -32.09 -28.29
C GLY D 271 -26.28 -33.17 -27.95
N ALA D 272 -26.07 -33.41 -26.67
CA ALA D 272 -25.17 -34.47 -26.24
C ALA D 272 -25.70 -35.82 -26.72
N PRO D 273 -24.85 -36.65 -27.32
CA PRO D 273 -25.34 -37.93 -27.87
C PRO D 273 -26.01 -38.85 -26.85
N ARG D 274 -25.53 -38.85 -25.61
CA ARG D 274 -26.07 -39.74 -24.58
C ARG D 274 -27.32 -39.20 -23.91
N TYR D 275 -27.88 -38.09 -24.41
CA TYR D 275 -29.01 -37.46 -23.73
C TYR D 275 -30.24 -38.36 -23.72
N GLU D 276 -30.54 -38.98 -24.85
CA GLU D 276 -31.75 -39.81 -24.94
C GLU D 276 -31.69 -41.00 -24.00
N VAL D 277 -30.51 -41.65 -23.93
CA VAL D 277 -30.35 -42.78 -23.02
C VAL D 277 -30.43 -42.31 -21.57
N ALA D 278 -29.84 -41.16 -21.28
CA ALA D 278 -29.84 -40.65 -19.90
C ALA D 278 -31.26 -40.36 -19.41
N VAL D 279 -32.10 -39.80 -20.28
CA VAL D 279 -33.49 -39.52 -19.90
C VAL D 279 -34.22 -40.83 -19.62
N ALA D 280 -34.01 -41.84 -20.45
CA ALA D 280 -34.65 -43.13 -20.23
C ALA D 280 -34.17 -43.77 -18.92
N VAL D 281 -32.88 -43.63 -18.61
CA VAL D 281 -32.35 -44.18 -17.37
C VAL D 281 -32.92 -43.45 -16.16
N GLU D 282 -32.93 -42.11 -16.21
CA GLU D 282 -33.43 -41.33 -15.08
C GLU D 282 -34.91 -41.60 -14.83
N GLN D 283 -35.70 -41.67 -15.90
CA GLN D 283 -37.12 -41.94 -15.74
C GLN D 283 -37.36 -43.33 -15.14
N ALA D 284 -36.62 -44.34 -15.61
CA ALA D 284 -36.78 -45.68 -15.09
C ALA D 284 -36.33 -45.78 -13.64
N ALA D 285 -35.22 -45.13 -13.30
CA ALA D 285 -34.67 -45.24 -11.95
C ALA D 285 -35.59 -44.60 -10.92
N LEU D 286 -36.09 -43.39 -11.22
CA LEU D 286 -36.94 -42.70 -10.26
C LEU D 286 -38.24 -43.45 -10.03
N SER D 287 -38.83 -44.01 -11.09
CA SER D 287 -40.08 -44.74 -10.94
C SER D 287 -39.90 -46.00 -10.09
N GLU D 288 -38.81 -46.73 -10.31
CA GLU D 288 -38.58 -47.95 -9.55
C GLU D 288 -38.25 -47.65 -8.08
N LEU D 289 -37.43 -46.62 -7.84
CA LEU D 289 -37.05 -46.28 -6.47
C LEU D 289 -38.25 -45.83 -5.65
N ARG D 290 -39.11 -45.00 -6.25
CA ARG D 290 -40.29 -44.52 -5.52
C ARG D 290 -41.29 -45.64 -5.26
N GLU D 291 -41.26 -46.69 -6.09
CA GLU D 291 -42.17 -47.82 -5.87
C GLU D 291 -41.78 -48.59 -4.62
N ARG D 292 -40.49 -48.89 -4.46
CA ARG D 292 -40.03 -49.71 -3.34
C ARG D 292 -40.02 -48.93 -2.02
N ARG D 293 -39.72 -47.64 -2.06
CA ARG D 293 -39.66 -46.80 -0.87
C ARG D 293 -40.53 -45.56 -1.09
N PRO D 294 -41.85 -45.72 -1.02
CA PRO D 294 -42.73 -44.55 -1.20
C PRO D 294 -42.77 -43.62 0.01
N ASP D 295 -42.41 -44.10 1.20
CA ASP D 295 -42.33 -43.23 2.36
C ASP D 295 -41.18 -42.24 2.27
N ARG D 296 -40.18 -42.53 1.45
CA ARG D 296 -39.02 -41.67 1.29
C ARG D 296 -39.29 -40.58 0.26
N ALA D 297 -38.29 -39.74 0.02
CA ALA D 297 -38.32 -38.73 -1.03
C ALA D 297 -37.09 -38.91 -1.89
N ILE D 298 -37.29 -39.31 -3.15
CA ILE D 298 -36.22 -39.68 -4.05
C ILE D 298 -36.17 -38.67 -5.19
N GLU D 299 -34.99 -38.09 -5.41
CA GLU D 299 -34.78 -37.13 -6.49
C GLU D 299 -33.47 -37.46 -7.20
N THR D 300 -33.30 -36.89 -8.39
CA THR D 300 -32.10 -37.10 -9.17
C THR D 300 -30.95 -36.27 -8.60
N ASN D 301 -29.83 -36.93 -8.31
CA ASN D 301 -28.66 -36.24 -7.81
C ASN D 301 -27.99 -35.44 -8.92
N VAL D 302 -27.32 -34.34 -8.53
CA VAL D 302 -26.62 -33.50 -9.50
C VAL D 302 -25.49 -34.25 -10.18
N GLU D 303 -24.97 -35.31 -9.54
CA GLU D 303 -23.86 -36.06 -10.12
C GLU D 303 -24.27 -36.81 -11.39
N PHE D 304 -25.54 -37.21 -11.49
CA PHE D 304 -25.98 -37.96 -12.66
C PHE D 304 -25.85 -37.13 -13.93
N TRP D 305 -26.32 -35.88 -13.90
CA TRP D 305 -26.24 -35.03 -15.08
C TRP D 305 -24.89 -34.35 -15.23
N ALA D 306 -24.13 -34.22 -14.14
CA ALA D 306 -22.76 -33.74 -14.26
C ALA D 306 -21.91 -34.72 -15.06
N ALA D 307 -22.11 -36.02 -14.85
CA ALA D 307 -21.36 -37.03 -15.61
C ALA D 307 -21.70 -36.96 -17.09
N VAL D 308 -22.97 -36.72 -17.42
CA VAL D 308 -23.38 -36.65 -18.82
C VAL D 308 -22.72 -35.47 -19.51
N VAL D 309 -22.74 -34.30 -18.85
CA VAL D 309 -22.18 -33.09 -19.45
C VAL D 309 -20.67 -33.20 -19.58
N LEU D 310 -19.99 -33.71 -18.55
CA LEU D 310 -18.54 -33.84 -18.61
C LEU D 310 -18.12 -34.86 -19.66
N ASP D 311 -18.84 -35.98 -19.76
CA ASP D 311 -18.51 -36.97 -20.78
C ASP D 311 -18.70 -36.42 -22.19
N PHE D 312 -19.68 -35.54 -22.38
CA PHE D 312 -19.87 -34.89 -23.68
C PHE D 312 -18.65 -34.06 -24.05
N ALA D 313 -17.89 -33.59 -23.07
CA ALA D 313 -16.69 -32.81 -23.31
C ALA D 313 -15.43 -33.67 -23.25
N ARG D 314 -15.57 -34.99 -23.38
CA ARG D 314 -14.43 -35.91 -23.42
C ARG D 314 -13.61 -35.85 -22.14
N VAL D 315 -14.28 -35.77 -21.00
CA VAL D 315 -13.63 -35.77 -19.70
C VAL D 315 -13.66 -37.19 -19.16
N PRO D 316 -12.51 -37.81 -18.93
CA PRO D 316 -12.50 -39.17 -18.36
C PRO D 316 -12.97 -39.18 -16.92
N ALA D 317 -13.32 -40.38 -16.45
CA ALA D 317 -13.82 -40.53 -15.08
C ALA D 317 -12.76 -40.15 -14.06
N ASN D 318 -11.50 -40.49 -14.32
CA ASN D 318 -10.43 -40.13 -13.41
C ASN D 318 -10.21 -38.62 -13.34
N MET D 319 -10.64 -37.88 -14.35
CA MET D 319 -10.52 -36.43 -14.37
C MET D 319 -11.71 -35.71 -13.75
N MET D 320 -12.85 -36.41 -13.59
CA MET D 320 -14.06 -35.73 -13.12
C MET D 320 -13.93 -35.13 -11.72
N PRO D 321 -13.36 -35.80 -10.72
CA PRO D 321 -13.19 -35.13 -9.42
C PRO D 321 -12.37 -33.85 -9.50
N ALA D 322 -11.36 -33.81 -10.38
CA ALA D 322 -10.58 -32.59 -10.54
C ALA D 322 -11.37 -31.48 -11.20
N MET D 323 -12.26 -31.82 -12.14
CA MET D 323 -13.09 -30.80 -12.79
C MET D 323 -14.02 -30.14 -11.78
N PHE D 324 -14.57 -30.92 -10.85
CA PHE D 324 -15.36 -30.34 -9.76
C PHE D 324 -14.51 -29.39 -8.93
N THR D 325 -13.25 -29.77 -8.68
CA THR D 325 -12.35 -28.90 -7.92
C THR D 325 -12.11 -27.58 -8.65
N CYS D 326 -11.96 -27.63 -9.97
CA CYS D 326 -11.64 -26.43 -10.74
C CYS D 326 -12.75 -25.38 -10.61
N GLY D 327 -14.01 -25.80 -10.72
CA GLY D 327 -15.10 -24.85 -10.58
C GLY D 327 -15.25 -24.33 -9.17
N ARG D 328 -15.03 -25.19 -8.17
CA ARG D 328 -15.21 -24.83 -6.77
C ARG D 328 -14.19 -23.82 -6.28
N THR D 329 -13.13 -23.55 -7.04
CA THR D 329 -12.14 -22.57 -6.62
C THR D 329 -12.75 -21.18 -6.45
N ALA D 330 -13.75 -20.84 -7.27
CA ALA D 330 -14.43 -19.56 -7.11
C ALA D 330 -15.10 -19.47 -5.74
N GLY D 331 -15.76 -20.53 -5.31
CA GLY D 331 -16.38 -20.53 -4.00
C GLY D 331 -15.37 -20.52 -2.87
N TRP D 332 -14.28 -21.27 -3.02
CA TRP D 332 -13.25 -21.31 -1.99
C TRP D 332 -12.62 -19.93 -1.79
N CYS D 333 -12.28 -19.27 -2.89
CA CYS D 333 -11.63 -17.96 -2.81
C CYS D 333 -12.55 -16.92 -2.19
N ALA D 334 -13.84 -16.97 -2.53
CA ALA D 334 -14.79 -16.00 -1.97
C ALA D 334 -14.88 -16.14 -0.45
N HIS D 335 -14.91 -17.38 0.04
CA HIS D 335 -15.01 -17.60 1.48
C HIS D 335 -13.70 -17.33 2.21
N ILE D 336 -12.56 -17.56 1.54
CA ILE D 336 -11.27 -17.24 2.14
C ILE D 336 -11.14 -15.75 2.37
N LEU D 337 -11.52 -14.95 1.35
CA LEU D 337 -11.51 -13.50 1.50
C LEU D 337 -12.48 -13.04 2.57
N GLU D 338 -13.68 -13.63 2.61
CA GLU D 338 -14.64 -13.29 3.64
C GLU D 338 -14.12 -13.68 5.02
N GLN D 339 -13.44 -14.82 5.13
CA GLN D 339 -12.87 -15.24 6.40
C GLN D 339 -11.77 -14.28 6.84
N LYS D 340 -10.98 -13.76 5.89
CA LYS D 340 -9.92 -12.82 6.24
C LYS D 340 -10.48 -11.55 6.86
N ARG D 341 -11.58 -11.03 6.30
CA ARG D 341 -12.20 -9.85 6.87
C ARG D 341 -12.80 -10.14 8.24
N LEU D 342 -13.28 -11.36 8.46
CA LEU D 342 -13.89 -11.71 9.75
C LEU D 342 -12.88 -11.60 10.88
N GLY D 343 -11.67 -12.10 10.66
CA GLY D 343 -10.61 -11.99 11.67
C GLY D 343 -10.90 -12.72 12.96
N LYS D 344 -11.49 -13.91 12.88
CA LYS D 344 -11.79 -14.70 14.06
C LYS D 344 -11.39 -16.14 13.80
N LEU D 345 -10.54 -16.70 14.66
CA LEU D 345 -10.10 -18.07 14.51
C LEU D 345 -11.24 -19.03 14.81
N VAL D 346 -11.35 -20.08 13.99
CA VAL D 346 -12.35 -21.12 14.17
C VAL D 346 -11.77 -22.19 15.08
N ARG D 347 -12.38 -22.39 16.24
CA ARG D 347 -11.86 -23.34 17.22
C ARG D 347 -12.97 -23.82 18.15
N PRO D 348 -13.62 -24.94 17.84
CA PRO D 348 -14.69 -25.45 18.69
C PRO D 348 -14.13 -26.23 19.89
N SER D 349 -15.04 -26.80 20.66
CA SER D 349 -14.71 -27.51 21.88
C SER D 349 -15.02 -29.00 21.74
N ALA D 350 -14.44 -29.78 22.65
CA ALA D 350 -14.66 -31.22 22.70
C ALA D 350 -14.85 -31.64 24.15
N ILE D 351 -15.59 -32.74 24.33
CA ILE D 351 -15.90 -33.27 25.67
C ILE D 351 -15.20 -34.61 25.83
N TYR D 352 -14.44 -34.74 26.92
CA TYR D 352 -13.71 -35.98 27.19
C TYR D 352 -14.62 -37.00 27.86
N VAL D 353 -14.71 -38.19 27.27
CA VAL D 353 -15.49 -39.28 27.83
C VAL D 353 -14.64 -40.54 27.88
N GLY D 354 -13.32 -40.37 27.90
CA GLY D 354 -12.41 -41.48 27.90
C GLY D 354 -12.13 -42.02 29.28
N PRO D 355 -11.08 -42.82 29.42
CA PRO D 355 -10.75 -43.40 30.73
C PRO D 355 -10.33 -42.34 31.73
N GLY D 356 -10.56 -42.63 33.00
CA GLY D 356 -10.16 -41.75 34.07
C GLY D 356 -8.66 -41.83 34.32
N PRO D 357 -8.21 -41.03 35.29
CA PRO D 357 -6.77 -41.01 35.61
C PRO D 357 -6.29 -42.39 36.04
N ARG D 358 -5.08 -42.75 35.59
CA ARG D 358 -4.50 -44.04 35.91
C ARG D 358 -2.99 -43.95 35.78
N SER D 359 -2.31 -44.89 36.44
CA SER D 359 -0.85 -44.95 36.40
C SER D 359 -0.39 -45.64 35.12
N PRO D 360 0.82 -45.32 34.64
CA PRO D 360 1.32 -46.00 33.42
C PRO D 360 1.43 -47.50 33.56
N GLU D 361 1.82 -48.00 34.74
CA GLU D 361 2.02 -49.43 34.92
C GLU D 361 0.71 -50.21 34.93
N SER D 362 -0.43 -49.54 35.05
CA SER D 362 -1.72 -50.21 34.98
C SER D 362 -2.22 -50.40 33.55
N VAL D 363 -1.50 -49.88 32.57
CA VAL D 363 -1.90 -49.96 31.16
C VAL D 363 -1.27 -51.20 30.53
N ASP D 364 -2.07 -51.92 29.75
CA ASP D 364 -1.58 -53.12 29.08
C ASP D 364 -0.45 -52.77 28.13
N GLY D 365 0.59 -53.62 28.12
CA GLY D 365 1.74 -53.41 27.27
C GLY D 365 2.83 -52.54 27.86
N TRP D 366 2.63 -52.00 29.06
CA TRP D 366 3.65 -51.18 29.70
C TRP D 366 4.93 -51.95 29.99
N GLU D 367 4.84 -53.27 30.13
CA GLU D 367 6.01 -54.08 30.44
C GLU D 367 7.04 -54.07 29.31
N ARG D 368 6.64 -53.70 28.09
CA ARG D 368 7.54 -53.64 26.95
C ARG D 368 8.11 -52.26 26.68
N VAL D 369 7.78 -51.27 27.51
CA VAL D 369 8.25 -49.90 27.31
C VAL D 369 9.54 -49.72 28.11
N LEU D 370 10.57 -49.18 27.45
CA LEU D 370 11.86 -48.97 28.08
C LEU D 370 11.86 -47.63 28.80
N THR D 371 12.14 -47.66 30.11
CA THR D 371 12.23 -46.46 30.94
C THR D 371 13.59 -46.44 31.63
N THR D 372 13.76 -45.49 32.55
CA THR D 372 15.00 -45.36 33.30
C THR D 372 14.77 -45.72 34.77
N PRO E 5 45.18 -32.53 -45.32
CA PRO E 5 43.98 -31.77 -45.69
C PRO E 5 43.32 -32.30 -46.96
N GLU E 6 43.94 -33.31 -47.58
CA GLU E 6 43.39 -33.95 -48.77
C GLU E 6 43.51 -35.46 -48.62
N ASN E 7 42.57 -36.18 -49.22
CA ASN E 7 42.48 -37.64 -49.09
C ASN E 7 42.42 -38.06 -47.63
N PHE E 8 41.63 -37.33 -46.84
CA PHE E 8 41.52 -37.53 -45.40
C PHE E 8 40.08 -37.90 -45.07
N VAL E 9 39.90 -38.99 -44.34
CA VAL E 9 38.57 -39.45 -43.95
C VAL E 9 38.25 -38.92 -42.56
N PRO E 10 37.08 -38.32 -42.35
CA PRO E 10 36.71 -37.82 -41.03
C PRO E 10 36.00 -38.88 -40.21
N GLY E 11 35.75 -38.54 -38.95
CA GLY E 11 35.04 -39.43 -38.04
C GLY E 11 35.89 -40.50 -37.38
N LEU E 12 37.22 -40.43 -37.50
CA LEU E 12 38.12 -41.39 -36.88
C LEU E 12 37.80 -42.81 -37.33
N ASP E 13 37.42 -42.96 -38.59
CA ASP E 13 37.07 -44.28 -39.13
C ASP E 13 38.34 -45.12 -39.28
N GLY E 14 38.48 -46.14 -38.44
CA GLY E 14 39.63 -47.01 -38.48
C GLY E 14 40.80 -46.59 -37.62
N VAL E 15 40.73 -45.42 -36.98
CA VAL E 15 41.81 -44.95 -36.13
C VAL E 15 41.76 -45.68 -34.79
N VAL E 16 42.91 -46.20 -34.37
CA VAL E 16 43.00 -46.91 -33.09
C VAL E 16 43.15 -45.88 -31.97
N ALA E 17 42.21 -45.90 -31.03
CA ALA E 17 42.20 -44.95 -29.93
C ALA E 17 42.68 -45.54 -28.61
N PHE E 18 42.41 -46.82 -28.35
CA PHE E 18 42.78 -47.45 -27.10
C PHE E 18 43.21 -48.89 -27.35
N THR E 19 43.87 -49.47 -26.35
CA THR E 19 44.04 -50.91 -26.22
C THR E 19 43.25 -51.36 -25.00
N THR E 20 42.48 -52.43 -25.16
CA THR E 20 41.57 -52.86 -24.12
C THR E 20 41.76 -54.34 -23.80
N GLU E 21 41.51 -54.69 -22.54
CA GLU E 21 41.56 -56.06 -22.08
C GLU E 21 40.18 -56.61 -21.72
N ILE E 22 39.11 -55.91 -22.11
CA ILE E 22 37.79 -56.25 -21.62
C ILE E 22 37.16 -57.35 -22.45
N ALA E 23 36.97 -57.10 -23.74
CA ALA E 23 36.29 -58.06 -24.61
C ALA E 23 36.85 -57.96 -26.02
N GLU E 24 36.66 -59.03 -26.78
CA GLU E 24 37.18 -59.12 -28.15
C GLU E 24 36.08 -59.56 -29.10
N PRO E 25 35.50 -58.64 -29.88
CA PRO E 25 34.56 -59.02 -30.96
C PRO E 25 35.28 -59.60 -32.17
N ASP E 26 35.57 -60.90 -32.11
CA ASP E 26 36.29 -61.58 -33.17
C ASP E 26 35.41 -61.79 -34.39
N LYS E 27 35.38 -60.81 -35.29
CA LYS E 27 34.54 -60.90 -36.48
C LYS E 27 34.99 -62.04 -37.38
N ASP E 28 36.30 -62.16 -37.61
CA ASP E 28 36.81 -63.20 -38.49
C ASP E 28 36.55 -64.59 -37.91
N GLY E 29 36.68 -64.73 -36.59
CA GLY E 29 36.37 -65.99 -35.95
C GLY E 29 34.90 -66.25 -35.70
N GLY E 30 34.06 -65.25 -35.91
CA GLY E 30 32.62 -65.42 -35.70
C GLY E 30 32.25 -65.72 -34.25
N ALA E 31 32.86 -65.02 -33.30
CA ALA E 31 32.60 -65.27 -31.89
C ALA E 31 32.75 -63.97 -31.12
N LEU E 32 32.11 -63.93 -29.95
CA LEU E 32 32.20 -62.80 -29.02
C LEU E 32 32.62 -63.33 -27.66
N ARG E 33 33.69 -62.76 -27.11
CA ARG E 33 34.27 -63.24 -25.86
C ARG E 33 34.33 -62.11 -24.85
N TYR E 34 33.94 -62.40 -23.60
CA TYR E 34 34.08 -61.47 -22.49
C TYR E 34 35.24 -61.96 -21.62
N ARG E 35 36.33 -61.20 -21.63
CA ARG E 35 37.55 -61.55 -20.88
C ARG E 35 38.02 -62.95 -21.23
N GLY E 36 37.94 -63.28 -22.52
CA GLY E 36 38.35 -64.59 -22.99
C GLY E 36 37.33 -65.69 -22.85
N VAL E 37 36.16 -65.41 -22.27
CA VAL E 37 35.12 -66.39 -22.08
C VAL E 37 34.06 -66.19 -23.16
N ASP E 38 33.76 -67.25 -23.90
CA ASP E 38 32.81 -67.15 -25.01
C ASP E 38 31.42 -66.80 -24.48
N ILE E 39 30.73 -65.94 -25.22
CA ILE E 39 29.38 -65.52 -24.83
C ILE E 39 28.41 -66.69 -24.89
N GLU E 40 28.67 -67.68 -25.76
CA GLU E 40 27.78 -68.82 -25.88
C GLU E 40 27.91 -69.78 -24.71
N ASP E 41 29.10 -69.89 -24.12
CA ASP E 41 29.26 -70.69 -22.92
C ASP E 41 28.53 -70.08 -21.74
N LEU E 42 28.54 -68.74 -21.65
CA LEU E 42 27.92 -68.07 -20.50
C LEU E 42 26.41 -68.29 -20.47
N VAL E 43 25.75 -68.13 -21.62
CA VAL E 43 24.29 -68.31 -21.65
C VAL E 43 23.92 -69.78 -21.47
N SER E 44 24.69 -70.67 -22.08
CA SER E 44 24.38 -72.10 -22.01
C SER E 44 24.45 -72.62 -20.58
N GLN E 45 25.35 -72.08 -19.77
CA GLN E 45 25.48 -72.46 -18.37
C GLN E 45 24.67 -71.57 -17.44
N ARG E 46 23.86 -70.66 -18.00
CA ARG E 46 22.95 -69.81 -17.23
C ARG E 46 23.69 -68.97 -16.19
N VAL E 47 24.68 -68.21 -16.66
CA VAL E 47 25.36 -67.24 -15.83
C VAL E 47 24.57 -65.94 -15.86
N THR E 48 24.05 -65.53 -14.70
CA THR E 48 23.15 -64.39 -14.64
C THR E 48 23.90 -63.09 -14.96
N PHE E 49 23.11 -62.06 -15.28
CA PHE E 49 23.70 -60.78 -15.69
C PHE E 49 24.55 -60.17 -14.59
N GLY E 50 24.16 -60.36 -13.33
CA GLY E 50 24.95 -59.81 -12.23
C GLY E 50 26.35 -60.37 -12.17
N ASP E 51 26.53 -61.63 -12.55
CA ASP E 51 27.86 -62.22 -12.56
C ASP E 51 28.65 -61.83 -13.82
N VAL E 52 27.96 -61.69 -14.95
CA VAL E 52 28.64 -61.24 -16.17
C VAL E 52 29.10 -59.80 -16.01
N TRP E 53 28.31 -58.98 -15.31
CA TRP E 53 28.74 -57.61 -15.01
C TRP E 53 30.07 -57.61 -14.25
N ALA E 54 30.19 -58.45 -13.23
CA ALA E 54 31.40 -58.51 -12.44
C ALA E 54 32.59 -59.00 -13.28
N LEU E 55 32.37 -60.01 -14.11
CA LEU E 55 33.45 -60.57 -14.91
C LEU E 55 34.02 -59.53 -15.86
N LEU E 56 33.15 -58.75 -16.52
CA LEU E 56 33.62 -57.70 -17.41
C LEU E 56 34.35 -56.61 -16.65
N VAL E 57 33.78 -56.15 -15.54
CA VAL E 57 34.36 -55.04 -14.80
C VAL E 57 35.65 -55.46 -14.10
N ASP E 58 35.62 -56.60 -13.41
CA ASP E 58 36.73 -57.00 -12.56
C ASP E 58 37.75 -57.89 -13.26
N GLY E 59 37.40 -58.49 -14.41
CA GLY E 59 38.26 -59.42 -15.07
C GLY E 59 38.16 -60.85 -14.59
N ASN E 60 37.37 -61.10 -13.54
CA ASN E 60 37.14 -62.45 -13.04
C ASN E 60 35.86 -62.45 -12.23
N PHE E 61 35.36 -63.65 -11.96
CA PHE E 61 34.13 -63.80 -11.19
C PHE E 61 34.39 -63.52 -9.72
N GLY E 62 33.33 -63.59 -8.91
CA GLY E 62 33.48 -63.54 -7.47
C GLY E 62 32.63 -62.53 -6.72
N SER E 63 32.44 -61.34 -7.29
CA SER E 63 31.75 -60.24 -6.61
C SER E 63 30.64 -59.72 -7.51
N GLY E 64 29.46 -60.35 -7.42
CA GLY E 64 28.38 -60.01 -8.30
C GLY E 64 27.74 -58.67 -8.00
N LEU E 65 26.82 -58.28 -8.87
CA LEU E 65 26.14 -57.00 -8.74
C LEU E 65 25.25 -57.00 -7.50
N PRO E 66 25.23 -55.91 -6.73
CA PRO E 66 24.45 -55.89 -5.49
C PRO E 66 23.00 -55.54 -5.76
N PRO E 67 22.10 -55.80 -4.82
CA PRO E 67 20.72 -55.35 -4.97
C PRO E 67 20.62 -53.83 -4.92
N ALA E 68 19.61 -53.30 -5.59
CA ALA E 68 19.38 -51.86 -5.62
C ALA E 68 18.69 -51.41 -4.34
N GLU E 69 19.17 -50.29 -3.80
CA GLU E 69 18.56 -49.73 -2.60
C GLU E 69 17.23 -49.06 -2.93
N PRO E 70 16.32 -48.95 -1.96
CA PRO E 70 15.03 -48.30 -2.23
C PRO E 70 15.17 -46.82 -2.54
N PHE E 71 14.86 -46.43 -3.77
CA PHE E 71 14.98 -45.05 -4.22
C PHE E 71 13.90 -44.83 -5.27
N PRO E 72 12.76 -44.25 -4.89
CA PRO E 72 11.73 -43.94 -5.88
C PRO E 72 12.25 -42.98 -6.94
N LEU E 73 11.89 -43.25 -8.18
CA LEU E 73 12.41 -42.47 -9.30
C LEU E 73 11.85 -41.06 -9.27
N PRO E 74 12.68 -40.02 -9.26
CA PRO E 74 12.18 -38.64 -9.16
C PRO E 74 11.93 -37.93 -10.49
N ILE E 75 12.10 -38.61 -11.62
CA ILE E 75 11.94 -38.01 -12.94
C ILE E 75 10.84 -38.74 -13.70
N HIS E 76 9.82 -38.01 -14.13
CA HIS E 76 8.71 -38.55 -14.91
C HIS E 76 8.51 -37.63 -16.11
N SER E 77 9.27 -37.88 -17.18
CA SER E 77 9.27 -37.03 -18.36
C SER E 77 8.50 -37.62 -19.54
N GLY E 78 7.98 -38.83 -19.40
CA GLY E 78 7.35 -39.51 -20.52
C GLY E 78 8.29 -40.24 -21.43
N ASP E 79 9.60 -40.20 -21.16
CA ASP E 79 10.60 -40.93 -21.93
C ASP E 79 11.47 -41.71 -20.95
N VAL E 80 11.54 -43.03 -21.13
CA VAL E 80 12.32 -43.85 -20.21
C VAL E 80 13.81 -43.51 -20.30
N ARG E 81 14.29 -43.25 -21.51
CA ARG E 81 15.70 -42.87 -21.68
C ARG E 81 16.02 -41.58 -20.94
N VAL E 82 15.14 -40.59 -21.03
CA VAL E 82 15.40 -39.31 -20.36
C VAL E 82 15.33 -39.48 -18.85
N ASP E 83 14.41 -40.31 -18.36
CA ASP E 83 14.27 -40.51 -16.93
C ASP E 83 15.54 -41.10 -16.32
N VAL E 84 16.10 -42.13 -16.96
CA VAL E 84 17.30 -42.75 -16.43
C VAL E 84 18.52 -41.86 -16.64
N GLN E 85 18.57 -41.11 -17.75
CA GLN E 85 19.71 -40.24 -18.02
C GLN E 85 19.79 -39.12 -17.00
N ALA E 86 18.66 -38.42 -16.78
CA ALA E 86 18.65 -37.35 -15.79
C ALA E 86 18.79 -37.89 -14.38
N GLY E 87 18.19 -39.05 -14.11
CA GLY E 87 18.23 -39.60 -12.77
C GLY E 87 19.63 -40.00 -12.32
N LEU E 88 20.41 -40.60 -13.22
CA LEU E 88 21.76 -41.02 -12.86
C LEU E 88 22.65 -39.83 -12.52
N ALA E 89 22.53 -38.74 -13.30
CA ALA E 89 23.35 -37.56 -13.04
C ALA E 89 23.04 -36.96 -11.67
N MET E 90 21.77 -37.00 -11.26
CA MET E 90 21.37 -36.47 -9.96
C MET E 90 21.85 -37.31 -8.80
N LEU E 91 22.41 -38.50 -9.05
CA LEU E 91 22.85 -39.36 -7.95
C LEU E 91 24.12 -38.82 -7.30
N ALA E 92 24.97 -38.14 -8.05
CA ALA E 92 26.25 -37.69 -7.51
C ALA E 92 26.11 -36.76 -6.31
N PRO E 93 25.25 -35.72 -6.33
CA PRO E 93 25.16 -34.86 -5.14
C PRO E 93 24.63 -35.57 -3.90
N ILE E 94 23.54 -36.33 -4.03
CA ILE E 94 22.92 -36.95 -2.87
C ILE E 94 23.82 -38.05 -2.30
N TRP E 95 24.47 -38.82 -3.17
CA TRP E 95 25.30 -39.93 -2.73
C TRP E 95 26.76 -39.53 -2.50
N GLY E 96 27.10 -38.25 -2.69
CA GLY E 96 28.44 -37.78 -2.46
C GLY E 96 29.48 -38.40 -3.37
N TYR E 97 29.18 -38.46 -4.67
CA TYR E 97 30.09 -39.06 -5.64
C TYR E 97 31.19 -38.05 -5.97
N ALA E 98 32.40 -38.33 -5.51
CA ALA E 98 33.55 -37.48 -5.79
C ALA E 98 34.03 -37.71 -7.23
N PRO E 99 34.76 -36.74 -7.79
CA PRO E 99 35.31 -36.93 -9.14
C PRO E 99 36.25 -38.13 -9.19
N LEU E 100 36.29 -38.77 -10.37
CA LEU E 100 37.12 -39.95 -10.55
C LEU E 100 38.60 -39.66 -10.26
N LEU E 101 39.02 -38.40 -10.41
CA LEU E 101 40.39 -38.04 -10.14
C LEU E 101 40.74 -38.15 -8.66
N ASP E 102 39.75 -38.01 -7.78
CA ASP E 102 39.98 -37.91 -6.35
C ASP E 102 39.64 -39.18 -5.59
N ILE E 103 39.39 -40.29 -6.28
CA ILE E 103 39.03 -41.55 -5.63
C ILE E 103 39.92 -42.67 -6.17
N ASP E 104 40.07 -43.71 -5.35
CA ASP E 104 40.88 -44.85 -5.74
C ASP E 104 40.04 -45.83 -6.57
N ASP E 105 40.69 -46.88 -7.06
CA ASP E 105 40.03 -47.83 -7.94
C ASP E 105 38.91 -48.57 -7.21
N ALA E 106 39.14 -48.96 -5.95
CA ALA E 106 38.13 -49.70 -5.21
C ALA E 106 36.87 -48.87 -4.98
N THR E 107 37.04 -47.58 -4.64
CA THR E 107 35.89 -46.72 -4.43
C THR E 107 35.09 -46.53 -5.71
N ALA E 108 35.77 -46.31 -6.83
CA ALA E 108 35.08 -46.11 -8.10
C ALA E 108 34.32 -47.36 -8.52
N ARG E 109 34.89 -48.54 -8.23
CA ARG E 109 34.21 -49.79 -8.59
C ARG E 109 32.89 -49.92 -7.83
N GLN E 110 32.88 -49.61 -6.53
CA GLN E 110 31.64 -49.67 -5.76
C GLN E 110 30.64 -48.64 -6.25
N GLN E 111 31.12 -47.43 -6.56
CA GLN E 111 30.21 -46.39 -7.06
C GLN E 111 29.63 -46.77 -8.41
N LEU E 112 30.43 -47.38 -9.28
CA LEU E 112 29.92 -47.83 -10.57
C LEU E 112 28.85 -48.90 -10.40
N ALA E 113 29.08 -49.86 -9.50
CA ALA E 113 28.11 -50.93 -9.29
C ALA E 113 26.85 -50.40 -8.63
N ARG E 114 26.99 -49.48 -7.67
CA ARG E 114 25.83 -48.94 -6.97
C ARG E 114 24.92 -48.17 -7.92
N ALA E 115 25.51 -47.36 -8.81
CA ALA E 115 24.70 -46.60 -9.77
C ALA E 115 24.20 -47.48 -10.91
N SER E 116 24.94 -48.53 -11.26
CA SER E 116 24.53 -49.40 -12.35
C SER E 116 23.21 -50.10 -12.03
N VAL E 117 23.09 -50.66 -10.83
CA VAL E 117 21.85 -51.34 -10.45
C VAL E 117 20.73 -50.32 -10.24
N MET E 118 21.07 -49.10 -9.81
CA MET E 118 20.05 -48.06 -9.66
C MET E 118 19.48 -47.65 -11.01
N ALA E 119 20.28 -47.75 -12.08
CA ALA E 119 19.76 -47.49 -13.41
C ALA E 119 18.69 -48.51 -13.80
N LEU E 120 18.91 -49.78 -13.45
CA LEU E 120 17.90 -50.80 -13.72
C LEU E 120 16.62 -50.52 -12.95
N SER E 121 16.74 -50.11 -11.69
CA SER E 121 15.57 -49.81 -10.88
C SER E 121 14.78 -48.64 -11.47
N TYR E 122 15.48 -47.60 -11.93
CA TYR E 122 14.80 -46.45 -12.52
C TYR E 122 14.04 -46.84 -13.78
N VAL E 123 14.65 -47.70 -14.61
CA VAL E 123 13.99 -48.14 -15.85
C VAL E 123 12.72 -48.91 -15.54
N ALA E 124 12.79 -49.84 -14.56
CA ALA E 124 11.60 -50.61 -14.19
C ALA E 124 10.50 -49.71 -13.63
N GLN E 125 10.87 -48.76 -12.78
CA GLN E 125 9.88 -47.81 -12.26
C GLN E 125 9.30 -46.96 -13.38
N SER E 126 10.16 -46.49 -14.30
CA SER E 126 9.67 -45.71 -15.43
C SER E 126 8.74 -46.52 -16.33
N ALA E 127 9.10 -47.78 -16.57
CA ALA E 127 8.26 -48.64 -17.41
C ALA E 127 6.92 -48.91 -16.77
N ARG E 128 6.89 -49.16 -15.46
CA ARG E 128 5.63 -49.44 -14.77
C ARG E 128 4.69 -48.25 -14.84
N GLY E 129 5.21 -47.04 -14.66
CA GLY E 129 4.44 -45.83 -14.81
C GLY E 129 3.99 -45.26 -13.46
N ILE E 130 3.51 -44.01 -13.52
CA ILE E 130 3.06 -43.32 -12.32
C ILE E 130 1.58 -43.54 -12.04
N TYR E 131 0.83 -44.10 -12.99
CA TYR E 131 -0.59 -44.38 -12.81
C TYR E 131 -0.83 -45.73 -12.15
N GLN E 132 0.23 -46.40 -11.69
CA GLN E 132 0.15 -47.67 -11.01
C GLN E 132 0.97 -47.61 -9.72
N PRO E 133 0.48 -48.19 -8.63
CA PRO E 133 1.26 -48.19 -7.38
C PRO E 133 2.55 -48.98 -7.52
N ALA E 134 3.56 -48.55 -6.78
CA ALA E 134 4.86 -49.22 -6.81
C ALA E 134 4.78 -50.60 -6.17
N VAL E 135 5.61 -51.50 -6.67
CA VAL E 135 5.68 -52.86 -6.09
C VAL E 135 6.38 -52.79 -4.75
N PRO E 136 5.80 -53.36 -3.69
CA PRO E 136 6.44 -53.29 -2.37
C PRO E 136 7.82 -53.94 -2.35
N GLN E 137 8.70 -53.40 -1.52
CA GLN E 137 10.08 -53.89 -1.45
C GLN E 137 10.13 -55.32 -0.92
N ARG E 138 9.20 -55.70 -0.05
CA ARG E 138 9.19 -57.07 0.46
C ARG E 138 8.94 -58.09 -0.64
N ILE E 139 8.16 -57.72 -1.65
CA ILE E 139 7.92 -58.62 -2.79
C ILE E 139 9.18 -58.75 -3.64
N ILE E 140 9.90 -57.65 -3.84
CA ILE E 140 11.11 -57.68 -4.64
C ILE E 140 12.20 -58.50 -3.96
N ASP E 141 12.26 -58.44 -2.62
CA ASP E 141 13.29 -59.15 -1.87
C ASP E 141 13.19 -60.66 -1.99
N GLU E 142 12.08 -61.19 -2.48
CA GLU E 142 11.92 -62.64 -2.63
C GLU E 142 12.71 -63.19 -3.81
N CYS E 143 13.13 -62.31 -4.71
CA CYS E 143 13.88 -62.71 -5.88
C CYS E 143 15.35 -62.96 -5.51
N SER E 144 16.04 -63.77 -6.30
CA SER E 144 17.40 -64.19 -5.97
C SER E 144 18.45 -63.53 -6.86
N THR E 145 18.05 -63.06 -8.03
CA THR E 145 18.96 -62.45 -8.98
C THR E 145 18.52 -61.02 -9.31
N VAL E 146 19.47 -60.23 -9.79
CA VAL E 146 19.17 -58.85 -10.17
C VAL E 146 18.17 -58.82 -11.31
N THR E 147 18.32 -59.71 -12.29
CA THR E 147 17.38 -59.78 -13.40
C THR E 147 15.97 -60.10 -12.90
N ALA E 148 15.85 -61.04 -11.95
CA ALA E 148 14.54 -61.35 -11.38
C ALA E 148 13.98 -60.15 -10.62
N ARG E 149 14.84 -59.43 -9.90
CA ARG E 149 14.39 -58.25 -9.16
C ARG E 149 13.87 -57.17 -10.10
N PHE E 150 14.53 -57.00 -11.26
CA PHE E 150 14.11 -55.97 -12.21
C PHE E 150 12.71 -56.26 -12.74
N MET E 151 12.45 -57.50 -13.13
CA MET E 151 11.13 -57.84 -13.69
C MET E 151 10.03 -57.77 -12.64
N THR E 152 10.36 -58.10 -11.38
CA THR E 152 9.37 -57.99 -10.32
C THR E 152 9.06 -56.53 -10.00
N ARG E 153 10.08 -55.67 -10.02
CA ARG E 153 9.84 -54.24 -9.76
C ARG E 153 8.98 -53.61 -10.84
N TRP E 154 9.01 -54.16 -12.05
CA TRP E 154 8.27 -53.62 -13.18
C TRP E 154 6.89 -54.28 -13.33
N GLN E 155 6.85 -55.61 -13.35
CA GLN E 155 5.61 -56.33 -13.61
C GLN E 155 4.94 -56.87 -12.36
N GLY E 156 5.68 -57.04 -11.27
CA GLY E 156 5.09 -57.58 -10.04
C GLY E 156 4.99 -59.08 -9.96
N GLU E 157 4.39 -59.71 -10.96
CA GLU E 157 4.20 -61.17 -11.00
C GLU E 157 4.71 -61.68 -12.34
N PRO E 158 6.02 -61.77 -12.52
CA PRO E 158 6.58 -62.13 -13.82
C PRO E 158 6.71 -63.62 -14.04
N ASP E 159 6.54 -64.02 -15.29
CA ASP E 159 6.75 -65.41 -15.69
C ASP E 159 8.24 -65.73 -15.59
N PRO E 160 8.63 -66.83 -14.93
CA PRO E 160 10.06 -67.18 -14.87
C PRO E 160 10.68 -67.38 -16.23
N ARG E 161 9.91 -67.82 -17.23
CA ARG E 161 10.45 -67.96 -18.58
C ARG E 161 10.87 -66.62 -19.15
N HIS E 162 10.06 -65.58 -18.91
CA HIS E 162 10.42 -64.24 -19.37
C HIS E 162 11.67 -63.72 -18.67
N ILE E 163 11.85 -64.07 -17.39
CA ILE E 163 13.06 -63.68 -16.68
C ILE E 163 14.30 -64.30 -17.32
N GLU E 164 14.21 -65.58 -17.68
CA GLU E 164 15.33 -66.24 -18.34
C GLU E 164 15.62 -65.63 -19.70
N ALA E 165 14.57 -65.25 -20.44
CA ALA E 165 14.76 -64.61 -21.74
C ALA E 165 15.48 -63.28 -21.60
N ILE E 166 15.10 -62.47 -20.60
CA ILE E 166 15.77 -61.18 -20.38
C ILE E 166 17.21 -61.41 -19.96
N ASP E 167 17.46 -62.41 -19.10
CA ASP E 167 18.83 -62.70 -18.68
C ASP E 167 19.70 -63.09 -19.87
N ALA E 168 19.12 -63.77 -20.86
CA ALA E 168 19.89 -64.11 -22.05
C ALA E 168 20.17 -62.88 -22.90
N TYR E 169 19.18 -61.99 -23.04
CA TYR E 169 19.37 -60.80 -23.86
C TYR E 169 20.42 -59.86 -23.27
N TRP E 170 20.36 -59.63 -21.96
CA TRP E 170 21.28 -58.70 -21.32
C TRP E 170 22.72 -59.19 -21.41
N VAL E 171 22.93 -60.50 -21.23
CA VAL E 171 24.27 -61.07 -21.35
C VAL E 171 24.78 -60.90 -22.78
N SER E 172 23.91 -61.12 -23.77
CA SER E 172 24.31 -60.98 -25.17
C SER E 172 24.59 -59.53 -25.54
N ALA E 173 24.00 -58.56 -24.83
CA ALA E 173 24.16 -57.15 -25.14
C ALA E 173 25.05 -56.43 -24.13
N ALA E 174 25.84 -57.18 -23.35
CA ALA E 174 26.61 -56.57 -22.28
C ALA E 174 27.69 -55.64 -22.81
N GLU E 175 28.39 -56.04 -23.87
CA GLU E 175 29.54 -55.28 -24.35
C GLU E 175 29.89 -55.74 -25.77
N HIS E 176 30.18 -54.77 -26.64
CA HIS E 176 30.59 -55.06 -28.00
C HIS E 176 31.74 -54.14 -28.41
N GLY E 177 32.72 -53.98 -27.52
CA GLY E 177 33.88 -53.17 -27.85
C GLY E 177 33.55 -51.70 -28.02
N MET E 178 34.28 -51.05 -28.91
CA MET E 178 34.08 -49.63 -29.15
C MET E 178 32.76 -49.36 -29.86
N ASN E 179 32.15 -48.23 -29.52
CA ASN E 179 30.97 -47.70 -30.19
C ASN E 179 30.78 -46.27 -29.68
N ALA E 180 29.79 -45.59 -30.23
CA ALA E 180 29.57 -44.19 -29.86
C ALA E 180 29.27 -44.04 -28.38
N SER E 181 28.41 -44.90 -27.82
CA SER E 181 28.07 -44.81 -26.41
C SER E 181 29.26 -45.15 -25.52
N THR E 182 29.98 -46.22 -25.85
CA THR E 182 31.16 -46.60 -25.06
C THR E 182 32.27 -45.55 -25.20
N PHE E 183 32.47 -45.03 -26.41
CA PHE E 183 33.47 -43.99 -26.61
C PHE E 183 33.11 -42.72 -25.83
N THR E 184 31.82 -42.39 -25.78
CA THR E 184 31.39 -41.22 -25.01
C THR E 184 31.69 -41.38 -23.53
N ALA E 185 31.46 -42.58 -22.98
CA ALA E 185 31.72 -42.80 -21.56
C ALA E 185 33.20 -42.64 -21.23
N ARG E 186 34.08 -43.16 -22.09
CA ARG E 186 35.51 -43.08 -21.82
C ARG E 186 36.02 -41.65 -21.94
N VAL E 187 35.47 -40.87 -22.88
CA VAL E 187 35.88 -39.48 -23.02
C VAL E 187 35.50 -38.67 -21.78
N ILE E 188 34.27 -38.84 -21.30
CA ILE E 188 33.83 -38.11 -20.10
C ILE E 188 34.65 -38.54 -18.90
N ALA E 189 34.89 -39.86 -18.76
CA ALA E 189 35.70 -40.34 -17.65
C ALA E 189 37.14 -39.85 -17.75
N SER E 190 37.63 -39.61 -18.97
CA SER E 190 38.99 -39.13 -19.15
C SER E 190 39.19 -37.72 -18.59
N THR E 191 38.12 -36.94 -18.43
CA THR E 191 38.21 -35.61 -17.84
C THR E 191 38.26 -35.66 -16.32
N GLY E 192 38.09 -36.82 -15.71
CA GLY E 192 38.10 -36.94 -14.27
C GLY E 192 36.76 -36.70 -13.59
N ALA E 193 35.69 -36.55 -14.35
CA ALA E 193 34.37 -36.34 -13.75
C ALA E 193 33.91 -37.60 -13.02
N ASP E 194 32.89 -37.43 -12.19
CA ASP E 194 32.37 -38.56 -11.43
C ASP E 194 31.69 -39.58 -12.36
N VAL E 195 31.55 -40.80 -11.85
CA VAL E 195 31.09 -41.91 -12.68
C VAL E 195 29.66 -41.70 -13.15
N ALA E 196 28.83 -41.01 -12.35
CA ALA E 196 27.45 -40.76 -12.75
C ALA E 196 27.38 -39.88 -14.00
N ALA E 197 28.27 -38.89 -14.10
CA ALA E 197 28.28 -38.02 -15.27
C ALA E 197 28.68 -38.79 -16.51
N ALA E 198 29.59 -39.77 -16.38
CA ALA E 198 29.98 -40.58 -17.53
C ALA E 198 28.84 -41.50 -17.98
N LEU E 199 28.16 -42.13 -17.02
CA LEU E 199 27.05 -43.01 -17.38
C LEU E 199 25.89 -42.21 -17.98
N SER E 200 25.61 -41.03 -17.44
CA SER E 200 24.52 -40.21 -17.97
C SER E 200 24.81 -39.78 -19.40
N GLY E 201 26.05 -39.38 -19.69
CA GLY E 201 26.40 -38.98 -21.05
C GLY E 201 26.33 -40.15 -22.02
N ALA E 202 26.74 -41.34 -21.58
CA ALA E 202 26.68 -42.51 -22.44
C ALA E 202 25.25 -42.86 -22.83
N ILE E 203 24.30 -42.65 -21.93
CA ILE E 203 22.90 -42.91 -22.24
C ILE E 203 22.43 -42.00 -23.36
N GLY E 204 22.85 -40.73 -23.34
CA GLY E 204 22.47 -39.81 -24.41
C GLY E 204 22.98 -40.25 -25.76
N ALA E 205 24.23 -40.73 -25.82
CA ALA E 205 24.78 -41.22 -27.09
C ALA E 205 24.02 -42.46 -27.56
N MET E 206 23.62 -43.32 -26.64
CA MET E 206 22.90 -44.54 -27.01
C MET E 206 21.55 -44.24 -27.64
N SER E 207 20.92 -43.14 -27.24
CA SER E 207 19.58 -42.82 -27.73
C SER E 207 19.56 -42.43 -29.20
N GLY E 208 20.71 -42.15 -29.81
CA GLY E 208 20.78 -41.82 -31.20
C GLY E 208 20.31 -42.96 -32.09
N PRO E 209 19.43 -42.64 -33.05
CA PRO E 209 18.95 -43.68 -33.97
C PRO E 209 20.03 -44.29 -34.83
N LEU E 210 21.14 -43.59 -35.04
CA LEU E 210 22.23 -44.08 -35.88
C LEU E 210 23.29 -44.85 -35.11
N HIS E 211 23.11 -45.01 -33.79
CA HIS E 211 24.09 -45.76 -33.00
C HIS E 211 24.13 -47.22 -33.42
N GLY E 212 22.98 -47.82 -33.66
CA GLY E 212 22.94 -49.22 -34.06
C GLY E 212 22.84 -50.16 -32.88
N GLY E 213 22.25 -51.33 -33.14
CA GLY E 213 22.09 -52.35 -32.13
C GLY E 213 20.77 -52.31 -31.38
N ALA E 214 20.00 -51.21 -31.49
CA ALA E 214 18.72 -51.14 -30.83
C ALA E 214 17.73 -52.10 -31.51
N PRO E 215 16.83 -52.72 -30.75
CA PRO E 215 15.91 -53.69 -31.35
C PRO E 215 15.10 -53.09 -32.49
N ALA E 216 14.86 -53.90 -33.51
CA ALA E 216 14.24 -53.43 -34.73
C ALA E 216 12.72 -53.37 -34.60
N ARG E 217 12.07 -52.95 -35.68
CA ARG E 217 10.62 -52.81 -35.75
C ARG E 217 9.98 -53.92 -36.55
N VAL E 218 10.46 -55.16 -36.38
CA VAL E 218 9.96 -56.29 -37.16
C VAL E 218 8.60 -56.78 -36.69
N LEU E 219 8.08 -56.25 -35.58
CA LEU E 219 6.81 -56.74 -35.05
C LEU E 219 5.64 -56.55 -36.01
N PRO E 220 5.43 -55.38 -36.64
CA PRO E 220 4.33 -55.29 -37.61
C PRO E 220 4.48 -56.27 -38.78
N MET E 221 5.71 -56.52 -39.23
CA MET E 221 5.92 -57.47 -40.31
C MET E 221 5.53 -58.89 -39.90
N LEU E 222 5.87 -59.28 -38.67
CA LEU E 222 5.52 -60.61 -38.19
C LEU E 222 4.02 -60.76 -37.99
N ASP E 223 3.33 -59.67 -37.62
CA ASP E 223 1.89 -59.74 -37.42
C ASP E 223 1.14 -60.00 -38.72
N GLU E 224 1.70 -59.57 -39.86
CA GLU E 224 1.09 -59.83 -41.15
C GLU E 224 1.29 -61.26 -41.60
N VAL E 225 2.32 -61.94 -41.11
CA VAL E 225 2.69 -63.25 -41.62
C VAL E 225 1.98 -64.40 -40.91
N GLU E 226 1.56 -64.19 -39.66
CA GLU E 226 1.28 -65.27 -38.72
C GLU E 226 0.53 -66.45 -39.34
N ARG E 227 -0.68 -66.20 -39.85
CA ARG E 227 -1.37 -67.16 -40.68
C ARG E 227 -2.23 -66.49 -41.75
N ALA E 228 -2.12 -65.17 -41.88
CA ALA E 228 -2.80 -64.43 -42.95
C ALA E 228 -2.09 -64.58 -44.29
N GLY E 229 -1.16 -65.52 -44.40
CA GLY E 229 -0.41 -65.76 -45.62
C GLY E 229 0.77 -66.67 -45.36
N ASP E 230 1.89 -66.40 -46.03
CA ASP E 230 3.12 -67.14 -45.77
C ASP E 230 4.30 -66.17 -45.86
N ALA E 231 5.46 -66.64 -45.43
CA ALA E 231 6.63 -65.78 -45.34
C ALA E 231 7.04 -65.23 -46.70
N ARG E 232 7.07 -66.11 -47.71
CA ARG E 232 7.54 -65.69 -49.03
C ARG E 232 6.64 -64.63 -49.64
N SER E 233 5.32 -64.78 -49.49
CA SER E 233 4.39 -63.81 -50.05
C SER E 233 4.56 -62.43 -49.42
N VAL E 234 4.68 -62.40 -48.08
CA VAL E 234 4.81 -61.13 -47.39
C VAL E 234 6.17 -60.51 -47.65
N VAL E 235 7.24 -61.32 -47.60
CA VAL E 235 8.58 -60.80 -47.85
C VAL E 235 8.69 -60.23 -49.25
N LYS E 236 8.16 -60.94 -50.24
CA LYS E 236 8.08 -60.38 -51.60
C LYS E 236 7.20 -59.15 -51.63
N GLY E 237 6.10 -59.16 -50.87
CA GLY E 237 5.22 -58.00 -50.83
C GLY E 237 5.89 -56.76 -50.28
N ILE E 238 6.67 -56.92 -49.20
CA ILE E 238 7.39 -55.78 -48.63
C ILE E 238 8.39 -55.22 -49.64
N LEU E 239 9.16 -56.12 -50.27
CA LEU E 239 10.22 -55.68 -51.18
C LEU E 239 9.67 -55.08 -52.45
N ASP E 240 8.52 -55.57 -52.94
CA ASP E 240 8.01 -55.14 -54.23
C ASP E 240 7.62 -53.66 -54.23
N ARG E 241 6.89 -53.23 -53.21
CA ARG E 241 6.37 -51.86 -53.18
C ARG E 241 7.36 -50.87 -52.56
N GLY E 242 8.60 -50.89 -53.05
CA GLY E 242 9.59 -49.89 -52.70
C GLY E 242 9.88 -49.75 -51.22
N GLU E 243 10.09 -50.87 -50.52
CA GLU E 243 10.39 -50.86 -49.11
C GLU E 243 11.62 -51.70 -48.84
N LYS E 244 12.07 -51.68 -47.58
CA LYS E 244 13.24 -52.44 -47.14
C LYS E 244 12.83 -53.36 -46.00
N LEU E 245 13.32 -54.59 -46.04
CA LEU E 245 13.05 -55.54 -44.97
C LEU E 245 13.73 -55.10 -43.68
N MET E 246 13.03 -55.25 -42.57
CA MET E 246 13.55 -54.84 -41.27
C MET E 246 14.26 -55.99 -40.59
N GLY E 247 15.49 -55.74 -40.13
CA GLY E 247 16.27 -56.74 -39.45
C GLY E 247 17.23 -57.52 -40.31
N PHE E 248 17.46 -57.10 -41.55
CA PHE E 248 18.37 -57.80 -42.46
C PHE E 248 19.20 -56.78 -43.22
N GLY E 249 20.49 -57.06 -43.33
CA GLY E 249 21.38 -56.16 -44.01
C GLY E 249 22.74 -56.77 -44.24
N HIS E 250 23.74 -55.91 -44.40
CA HIS E 250 25.11 -56.36 -44.63
C HIS E 250 25.63 -57.10 -43.40
N ARG E 251 26.48 -58.09 -43.66
CA ARG E 251 27.03 -58.91 -42.60
C ARG E 251 27.95 -58.09 -41.69
N VAL E 252 27.97 -58.45 -40.41
CA VAL E 252 28.87 -57.85 -39.44
C VAL E 252 30.02 -58.79 -39.11
N TYR E 253 29.71 -60.04 -38.77
CA TYR E 253 30.71 -61.07 -38.55
C TYR E 253 30.95 -61.80 -39.88
N ARG E 254 31.65 -62.93 -39.82
CA ARG E 254 31.86 -63.72 -41.03
C ARG E 254 30.54 -64.21 -41.61
N ALA E 255 29.83 -65.06 -40.87
CA ALA E 255 28.53 -65.56 -41.31
C ALA E 255 27.40 -65.12 -40.38
N GLU E 256 27.46 -65.45 -39.10
CA GLU E 256 26.37 -65.16 -38.19
C GLU E 256 26.89 -64.40 -36.99
N ASP E 257 26.15 -63.37 -36.58
CA ASP E 257 26.44 -62.71 -35.32
C ASP E 257 26.21 -63.70 -34.20
N PRO E 258 27.22 -63.99 -33.37
CA PRO E 258 27.01 -64.97 -32.29
C PRO E 258 25.92 -64.56 -31.32
N ARG E 259 25.68 -63.26 -31.16
CA ARG E 259 24.55 -62.81 -30.35
C ARG E 259 23.22 -63.21 -30.98
N ALA E 260 23.12 -63.13 -32.30
CA ALA E 260 21.90 -63.55 -32.98
C ALA E 260 21.65 -65.05 -32.80
N ARG E 261 22.72 -65.85 -32.88
CA ARG E 261 22.57 -67.29 -32.66
C ARG E 261 22.09 -67.59 -31.25
N VAL E 262 22.62 -66.88 -30.26
CA VAL E 262 22.22 -67.10 -28.87
C VAL E 262 20.76 -66.73 -28.68
N LEU E 263 20.33 -65.59 -29.24
CA LEU E 263 18.97 -65.13 -29.04
C LEU E 263 17.95 -66.04 -29.73
N ARG E 264 18.28 -66.51 -30.94
CA ARG E 264 17.35 -67.41 -31.65
C ARG E 264 17.20 -68.72 -30.89
N ALA E 265 18.29 -69.26 -30.34
CA ALA E 265 18.21 -70.50 -29.58
C ALA E 265 17.38 -70.31 -28.32
N ALA E 266 17.51 -69.15 -27.67
CA ALA E 266 16.74 -68.88 -26.46
C ALA E 266 15.25 -68.84 -26.75
N ALA E 267 14.86 -68.24 -27.89
CA ALA E 267 13.45 -68.16 -28.24
C ALA E 267 12.86 -69.54 -28.46
N GLU E 268 13.62 -70.44 -29.11
CA GLU E 268 13.11 -71.78 -29.38
C GLU E 268 13.06 -72.61 -28.10
N ARG E 269 14.12 -72.56 -27.29
CA ARG E 269 14.18 -73.39 -26.09
C ARG E 269 13.08 -73.03 -25.10
N LEU E 270 12.79 -71.74 -24.96
CA LEU E 270 11.78 -71.28 -24.01
C LEU E 270 10.36 -71.33 -24.57
N GLY E 271 10.19 -71.80 -25.80
CA GLY E 271 8.87 -71.95 -26.38
C GLY E 271 8.15 -70.64 -26.64
N ALA E 272 8.87 -69.67 -27.20
CA ALA E 272 8.24 -68.41 -27.58
C ALA E 272 7.18 -68.65 -28.65
N PRO E 273 5.96 -68.13 -28.49
CA PRO E 273 4.92 -68.39 -29.50
C PRO E 273 5.26 -67.88 -30.88
N ARG E 274 6.07 -66.83 -30.99
CA ARG E 274 6.40 -66.23 -32.27
C ARG E 274 7.55 -66.92 -32.98
N TYR E 275 8.14 -67.96 -32.39
CA TYR E 275 9.35 -68.55 -32.96
C TYR E 275 9.10 -69.15 -34.35
N GLU E 276 7.99 -69.88 -34.51
CA GLU E 276 7.73 -70.56 -35.78
C GLU E 276 7.58 -69.57 -36.92
N VAL E 277 6.85 -68.48 -36.69
CA VAL E 277 6.69 -67.46 -37.73
C VAL E 277 7.99 -66.70 -37.95
N ALA E 278 8.70 -66.38 -36.86
CA ALA E 278 9.92 -65.58 -36.98
C ALA E 278 11.00 -66.31 -37.76
N VAL E 279 11.19 -67.61 -37.48
CA VAL E 279 12.21 -68.37 -38.20
C VAL E 279 11.81 -68.57 -39.66
N ALA E 280 10.51 -68.67 -39.93
CA ALA E 280 10.05 -68.77 -41.32
C ALA E 280 10.30 -67.47 -42.08
N VAL E 281 10.07 -66.32 -41.42
CA VAL E 281 10.30 -65.03 -42.05
C VAL E 281 11.78 -64.83 -42.34
N GLU E 282 12.65 -65.24 -41.42
CA GLU E 282 14.08 -65.04 -41.60
C GLU E 282 14.59 -65.79 -42.83
N GLN E 283 14.15 -67.04 -43.01
CA GLN E 283 14.62 -67.82 -44.15
C GLN E 283 14.13 -67.23 -45.47
N ALA E 284 12.87 -66.80 -45.52
CA ALA E 284 12.35 -66.19 -46.74
C ALA E 284 13.04 -64.86 -47.03
N ALA E 285 13.24 -64.04 -46.01
CA ALA E 285 13.90 -62.75 -46.21
C ALA E 285 15.34 -62.92 -46.65
N LEU E 286 16.07 -63.86 -46.02
CA LEU E 286 17.47 -64.08 -46.40
C LEU E 286 17.59 -64.60 -47.82
N SER E 287 16.73 -65.56 -48.19
CA SER E 287 16.82 -66.15 -49.52
C SER E 287 16.41 -65.17 -50.61
N GLU E 288 15.34 -64.41 -50.38
CA GLU E 288 14.88 -63.44 -51.37
C GLU E 288 15.88 -62.31 -51.55
N LEU E 289 16.45 -61.81 -50.46
CA LEU E 289 17.44 -60.74 -50.55
C LEU E 289 18.70 -61.22 -51.25
N ARG E 290 19.13 -62.45 -50.98
CA ARG E 290 20.26 -63.02 -51.70
C ARG E 290 19.95 -63.27 -53.16
N GLU E 291 18.67 -63.41 -53.51
CA GLU E 291 18.29 -63.62 -54.91
C GLU E 291 18.43 -62.33 -55.72
N ARG E 292 18.02 -61.20 -55.13
CA ARG E 292 18.08 -59.92 -55.84
C ARG E 292 19.52 -59.53 -56.13
N ARG E 293 20.39 -59.63 -55.13
CA ARG E 293 21.80 -59.22 -55.24
C ARG E 293 22.67 -60.38 -54.79
N PRO E 294 23.00 -61.30 -55.70
CA PRO E 294 23.85 -62.45 -55.32
C PRO E 294 25.30 -62.08 -55.01
N ASP E 295 25.71 -60.84 -55.30
CA ASP E 295 27.07 -60.40 -55.05
C ASP E 295 27.27 -59.86 -53.63
N ARG E 296 26.22 -59.78 -52.83
CA ARG E 296 26.27 -59.18 -51.51
C ARG E 296 26.18 -60.26 -50.44
N ALA E 297 26.93 -60.07 -49.35
CA ALA E 297 26.84 -60.93 -48.18
C ALA E 297 25.80 -60.35 -47.23
N ILE E 298 24.63 -60.98 -47.18
CA ILE E 298 23.51 -60.50 -46.39
C ILE E 298 23.23 -61.53 -45.30
N GLU E 299 23.14 -61.05 -44.05
CA GLU E 299 22.91 -61.92 -42.90
C GLU E 299 21.91 -61.24 -41.96
N THR E 300 21.29 -62.05 -41.11
CA THR E 300 20.28 -61.55 -40.20
C THR E 300 20.90 -60.64 -39.15
N ASN E 301 20.32 -59.45 -38.98
CA ASN E 301 20.75 -58.55 -37.92
C ASN E 301 20.36 -59.12 -36.56
N VAL E 302 21.21 -58.88 -35.56
CA VAL E 302 20.91 -59.34 -34.20
C VAL E 302 19.65 -58.66 -33.68
N GLU E 303 19.36 -57.45 -34.16
CA GLU E 303 18.16 -56.73 -33.73
C GLU E 303 16.88 -57.43 -34.15
N PHE E 304 16.94 -58.33 -35.14
CA PHE E 304 15.74 -59.08 -35.54
C PHE E 304 15.31 -60.05 -34.45
N TRP E 305 16.25 -60.84 -33.92
CA TRP E 305 15.94 -61.76 -32.85
C TRP E 305 15.90 -61.09 -31.49
N ALA E 306 16.46 -59.88 -31.36
CA ALA E 306 16.32 -59.14 -30.12
C ALA E 306 14.87 -58.72 -29.89
N ALA E 307 14.17 -58.32 -30.97
CA ALA E 307 12.77 -57.95 -30.85
C ALA E 307 11.91 -59.14 -30.44
N VAL E 308 12.21 -60.31 -31.00
CA VAL E 308 11.41 -61.51 -30.70
C VAL E 308 11.52 -61.88 -29.23
N VAL E 309 12.74 -61.88 -28.70
CA VAL E 309 12.94 -62.26 -27.30
C VAL E 309 12.32 -61.24 -26.36
N LEU E 310 12.52 -59.95 -26.64
CA LEU E 310 11.95 -58.91 -25.79
C LEU E 310 10.43 -58.93 -25.83
N ASP E 311 9.85 -59.13 -27.02
CA ASP E 311 8.40 -59.24 -27.12
C ASP E 311 7.89 -60.46 -26.37
N PHE E 312 8.66 -61.54 -26.34
CA PHE E 312 8.28 -62.72 -25.57
C PHE E 312 8.18 -62.40 -24.09
N ALA E 313 9.09 -61.57 -23.59
CA ALA E 313 9.07 -61.13 -22.20
C ALA E 313 8.12 -59.97 -21.95
N ARG E 314 7.19 -59.73 -22.86
CA ARG E 314 6.17 -58.69 -22.73
C ARG E 314 6.79 -57.30 -22.55
N VAL E 315 7.85 -57.02 -23.31
CA VAL E 315 8.51 -55.73 -23.30
C VAL E 315 7.94 -54.91 -24.45
N PRO E 316 7.22 -53.82 -24.19
CA PRO E 316 6.66 -53.01 -25.29
C PRO E 316 7.76 -52.38 -26.13
N ALA E 317 7.40 -52.07 -27.38
CA ALA E 317 8.37 -51.55 -28.33
C ALA E 317 8.96 -50.22 -27.88
N ASN E 318 8.17 -49.39 -27.18
CA ASN E 318 8.69 -48.13 -26.69
C ASN E 318 9.77 -48.34 -25.63
N MET E 319 9.72 -49.47 -24.92
CA MET E 319 10.68 -49.77 -23.87
C MET E 319 11.89 -50.54 -24.37
N MET E 320 11.82 -51.11 -25.57
CA MET E 320 12.91 -51.91 -26.08
C MET E 320 14.25 -51.18 -26.17
N PRO E 321 14.33 -49.93 -26.64
CA PRO E 321 15.64 -49.24 -26.61
C PRO E 321 16.23 -49.10 -25.23
N ALA E 322 15.39 -48.92 -24.20
CA ALA E 322 15.91 -48.82 -22.83
C ALA E 322 16.41 -50.16 -22.32
N MET E 323 15.83 -51.26 -22.80
CA MET E 323 16.33 -52.58 -22.42
C MET E 323 17.76 -52.78 -22.88
N PHE E 324 18.08 -52.30 -24.09
CA PHE E 324 19.46 -52.36 -24.59
C PHE E 324 20.40 -51.55 -23.70
N THR E 325 19.97 -50.37 -23.26
CA THR E 325 20.79 -49.55 -22.39
C THR E 325 21.06 -50.25 -21.06
N CYS E 326 20.07 -50.98 -20.53
CA CYS E 326 20.22 -51.63 -19.24
C CYS E 326 21.36 -52.65 -19.25
N GLY E 327 21.45 -53.46 -20.30
CA GLY E 327 22.49 -54.46 -20.37
C GLY E 327 23.85 -53.91 -20.75
N ARG E 328 23.87 -52.80 -21.48
CA ARG E 328 25.13 -52.19 -21.90
C ARG E 328 25.86 -51.49 -20.76
N THR E 329 25.22 -51.30 -19.61
CA THR E 329 25.89 -50.66 -18.49
C THR E 329 27.07 -51.47 -18.00
N ALA E 330 27.06 -52.79 -18.21
CA ALA E 330 28.21 -53.62 -17.86
C ALA E 330 29.43 -53.22 -18.68
N GLY E 331 29.25 -53.03 -19.99
CA GLY E 331 30.35 -52.60 -20.82
C GLY E 331 30.80 -51.18 -20.51
N TRP E 332 29.84 -50.29 -20.24
CA TRP E 332 30.18 -48.91 -19.91
C TRP E 332 30.99 -48.83 -18.63
N CYS E 333 30.57 -49.57 -17.59
CA CYS E 333 31.27 -49.53 -16.32
C CYS E 333 32.68 -50.11 -16.44
N ALA E 334 32.83 -51.20 -17.19
CA ALA E 334 34.15 -51.79 -17.37
C ALA E 334 35.09 -50.84 -18.09
N HIS E 335 34.61 -50.17 -19.13
CA HIS E 335 35.45 -49.23 -19.86
C HIS E 335 35.74 -47.98 -19.04
N ILE E 336 34.82 -47.57 -18.18
CA ILE E 336 35.07 -46.41 -17.32
C ILE E 336 36.20 -46.70 -16.35
N LEU E 337 36.18 -47.88 -15.72
CA LEU E 337 37.24 -48.24 -14.78
C LEU E 337 38.58 -48.39 -15.47
N GLU E 338 38.60 -49.01 -16.65
CA GLU E 338 39.84 -49.14 -17.40
C GLU E 338 40.38 -47.78 -17.82
N GLN E 339 39.50 -46.86 -18.24
CA GLN E 339 39.92 -45.51 -18.58
C GLN E 339 40.44 -44.76 -17.36
N LYS E 340 39.93 -45.10 -16.17
CA LYS E 340 40.36 -44.39 -14.96
C LYS E 340 41.84 -44.61 -14.68
N ARG E 341 42.29 -45.87 -14.73
CA ARG E 341 43.69 -46.15 -14.45
C ARG E 341 44.61 -45.83 -15.61
N LEU E 342 44.06 -45.65 -16.82
CA LEU E 342 44.87 -45.17 -17.93
C LEU E 342 45.34 -43.74 -17.69
N GLY E 343 44.45 -42.89 -17.17
CA GLY E 343 44.82 -41.55 -16.75
C GLY E 343 45.31 -40.65 -17.87
N LYS E 344 44.62 -40.66 -19.01
CA LYS E 344 44.96 -39.80 -20.13
C LYS E 344 43.71 -39.10 -20.62
N LEU E 345 43.79 -37.77 -20.76
CA LEU E 345 42.69 -37.00 -21.31
C LEU E 345 42.57 -37.24 -22.81
N VAL E 346 41.34 -37.36 -23.29
CA VAL E 346 41.07 -37.57 -24.71
C VAL E 346 40.83 -36.20 -25.32
N ARG E 347 41.85 -35.69 -26.02
CA ARG E 347 41.79 -34.36 -26.64
C ARG E 347 42.28 -34.48 -28.08
N PRO E 348 41.37 -34.59 -29.05
CA PRO E 348 41.81 -34.66 -30.46
C PRO E 348 42.04 -33.27 -31.04
N SER E 349 42.33 -33.21 -32.35
CA SER E 349 42.65 -31.96 -33.03
C SER E 349 41.78 -31.81 -34.26
N ALA E 350 41.63 -30.57 -34.70
CA ALA E 350 40.84 -30.23 -35.88
C ALA E 350 41.61 -29.24 -36.74
N ILE E 351 41.27 -29.23 -38.03
CA ILE E 351 41.92 -28.38 -39.02
C ILE E 351 40.94 -27.29 -39.42
N TYR E 352 41.40 -26.03 -39.40
CA TYR E 352 40.56 -24.90 -39.72
C TYR E 352 40.61 -24.61 -41.22
N VAL E 353 39.43 -24.58 -41.84
CA VAL E 353 39.32 -24.30 -43.28
C VAL E 353 38.33 -23.17 -43.49
N GLY E 354 38.05 -22.40 -42.44
CA GLY E 354 37.10 -21.32 -42.51
C GLY E 354 37.73 -20.04 -43.01
N PRO E 355 37.02 -18.92 -42.83
CA PRO E 355 37.56 -17.63 -43.27
C PRO E 355 38.84 -17.29 -42.53
N GLY E 356 39.76 -16.63 -43.24
CA GLY E 356 41.04 -16.26 -42.67
C GLY E 356 40.91 -15.06 -41.75
N PRO E 357 42.04 -14.49 -41.35
CA PRO E 357 42.01 -13.30 -40.48
C PRO E 357 41.13 -12.21 -41.08
N ARG E 358 40.20 -11.71 -40.25
CA ARG E 358 39.14 -10.85 -40.75
C ARG E 358 38.77 -9.83 -39.68
N SER E 359 38.33 -8.66 -40.13
CA SER E 359 37.90 -7.61 -39.23
C SER E 359 36.44 -7.81 -38.81
N PRO E 360 36.04 -7.30 -37.64
CA PRO E 360 34.63 -7.39 -37.23
C PRO E 360 33.70 -6.48 -38.02
N GLU E 361 34.20 -5.76 -39.02
CA GLU E 361 33.37 -4.91 -39.87
C GLU E 361 33.11 -5.51 -41.24
N SER E 362 33.92 -6.47 -41.68
CA SER E 362 33.73 -7.13 -42.95
C SER E 362 32.80 -8.33 -42.86
N VAL E 363 32.01 -8.42 -41.78
CA VAL E 363 31.07 -9.51 -41.58
C VAL E 363 29.67 -9.02 -41.90
N ASP E 364 28.85 -9.89 -42.49
CA ASP E 364 27.47 -9.54 -42.79
C ASP E 364 26.68 -9.43 -41.49
N GLY E 365 25.91 -8.35 -41.36
CA GLY E 365 25.10 -8.13 -40.18
C GLY E 365 25.74 -7.27 -39.10
N TRP E 366 26.94 -6.73 -39.36
CA TRP E 366 27.57 -5.84 -38.38
C TRP E 366 26.76 -4.58 -38.14
N GLU E 367 25.91 -4.20 -39.08
CA GLU E 367 25.04 -3.04 -38.90
C GLU E 367 23.95 -3.28 -37.87
N ARG E 368 23.58 -4.54 -37.62
CA ARG E 368 22.58 -4.87 -36.62
C ARG E 368 23.15 -4.97 -35.22
N VAL E 369 24.46 -4.99 -35.08
CA VAL E 369 25.10 -5.10 -33.77
C VAL E 369 25.00 -3.76 -33.04
N LEU E 370 24.69 -3.83 -31.75
CA LEU E 370 24.56 -2.65 -30.89
C LEU E 370 25.66 -2.72 -29.83
N THR E 371 26.77 -2.05 -30.08
CA THR E 371 27.86 -2.00 -29.11
C THR E 371 27.50 -1.10 -27.94
N THR F 2 48.27 -58.32 -30.76
CA THR F 2 49.62 -58.72 -30.41
C THR F 2 50.61 -57.55 -30.56
N VAL F 3 50.38 -56.73 -31.58
CA VAL F 3 51.24 -55.59 -31.87
C VAL F 3 50.36 -54.36 -32.07
N VAL F 4 50.96 -53.20 -31.87
CA VAL F 4 50.27 -51.91 -31.98
C VAL F 4 51.03 -51.05 -32.98
N PRO F 5 50.35 -50.28 -33.82
CA PRO F 5 51.06 -49.39 -34.76
C PRO F 5 51.97 -48.44 -34.01
N GLU F 6 53.16 -48.21 -34.56
CA GLU F 6 54.15 -47.38 -33.90
C GLU F 6 53.74 -45.91 -33.85
N ASN F 7 52.83 -45.49 -34.74
CA ASN F 7 52.31 -44.12 -34.72
C ASN F 7 51.08 -44.02 -33.84
N PHE F 8 51.19 -44.48 -32.59
CA PHE F 8 50.07 -44.53 -31.68
C PHE F 8 50.50 -44.19 -30.26
N VAL F 9 49.81 -43.24 -29.66
CA VAL F 9 49.80 -43.07 -28.20
C VAL F 9 48.33 -42.99 -27.79
N PRO F 10 47.96 -43.51 -26.63
CA PRO F 10 46.56 -43.43 -26.22
C PRO F 10 46.14 -41.99 -25.94
N GLY F 11 44.85 -41.73 -26.14
CA GLY F 11 44.29 -40.41 -25.90
C GLY F 11 44.05 -39.57 -27.13
N LEU F 12 44.35 -40.08 -28.32
CA LEU F 12 44.11 -39.37 -29.58
C LEU F 12 44.82 -38.02 -29.63
N ASP F 13 45.95 -37.91 -28.93
CA ASP F 13 46.68 -36.64 -28.86
C ASP F 13 47.34 -36.34 -30.20
N GLY F 14 46.94 -35.24 -30.82
CA GLY F 14 47.48 -34.84 -32.11
C GLY F 14 46.81 -35.44 -33.32
N VAL F 15 45.82 -36.31 -33.13
CA VAL F 15 45.13 -36.95 -34.25
C VAL F 15 44.03 -36.03 -34.74
N VAL F 16 44.01 -35.77 -36.04
CA VAL F 16 43.03 -34.88 -36.65
C VAL F 16 41.76 -35.67 -36.92
N ALA F 17 40.65 -35.25 -36.30
CA ALA F 17 39.37 -35.91 -36.46
C ALA F 17 38.37 -35.15 -37.33
N PHE F 18 38.47 -33.83 -37.39
CA PHE F 18 37.51 -33.02 -38.12
C PHE F 18 38.23 -31.87 -38.83
N THR F 19 37.55 -31.32 -39.83
CA THR F 19 37.90 -30.04 -40.42
C THR F 19 36.73 -29.08 -40.19
N THR F 20 37.02 -27.93 -39.62
CA THR F 20 35.98 -27.01 -39.17
C THR F 20 36.14 -25.64 -39.82
N GLU F 21 35.02 -24.91 -39.87
CA GLU F 21 34.99 -23.53 -40.32
C GLU F 21 34.54 -22.59 -39.22
N ILE F 22 34.53 -23.06 -37.97
CA ILE F 22 33.96 -22.30 -36.86
C ILE F 22 35.00 -21.35 -36.28
N ALA F 23 36.11 -21.89 -35.77
CA ALA F 23 37.13 -21.07 -35.15
C ALA F 23 38.48 -21.75 -35.27
N GLU F 24 39.54 -20.95 -35.14
CA GLU F 24 40.91 -21.44 -35.27
C GLU F 24 41.73 -21.03 -34.05
N PRO F 25 42.02 -21.96 -33.14
CA PRO F 25 43.01 -21.65 -32.10
C PRO F 25 44.41 -21.65 -32.66
N ASP F 26 44.99 -20.46 -32.86
CA ASP F 26 46.29 -20.32 -33.50
C ASP F 26 47.38 -20.40 -32.43
N LYS F 27 47.68 -21.64 -32.01
CA LYS F 27 48.72 -21.84 -31.01
C LYS F 27 50.09 -21.42 -31.54
N ASP F 28 50.37 -21.74 -32.81
CA ASP F 28 51.59 -21.26 -33.46
C ASP F 28 51.28 -19.92 -34.10
N GLY F 29 51.33 -18.87 -33.28
CA GLY F 29 50.98 -17.54 -33.72
C GLY F 29 50.30 -16.73 -32.63
N GLY F 30 49.75 -17.42 -31.64
CA GLY F 30 49.18 -16.76 -30.47
C GLY F 30 47.98 -15.88 -30.74
N ALA F 31 46.91 -16.48 -31.26
CA ALA F 31 45.68 -15.74 -31.50
C ALA F 31 44.50 -16.70 -31.52
N LEU F 32 43.33 -16.18 -31.17
CA LEU F 32 42.08 -16.92 -31.21
C LEU F 32 41.05 -16.10 -31.97
N ARG F 33 40.52 -16.66 -33.06
CA ARG F 33 39.60 -15.96 -33.93
C ARG F 33 38.31 -16.75 -34.07
N TYR F 34 37.17 -16.07 -33.92
CA TYR F 34 35.87 -16.68 -34.13
C TYR F 34 35.40 -16.34 -35.54
N ARG F 35 35.39 -17.34 -36.42
CA ARG F 35 35.04 -17.16 -37.82
C ARG F 35 35.91 -16.09 -38.48
N GLY F 36 37.19 -16.06 -38.09
CA GLY F 36 38.13 -15.10 -38.60
C GLY F 36 38.22 -13.80 -37.82
N VAL F 37 37.30 -13.54 -36.91
CA VAL F 37 37.29 -12.30 -36.14
C VAL F 37 38.03 -12.52 -34.83
N ASP F 38 39.05 -11.71 -34.57
CA ASP F 38 39.81 -11.82 -33.34
C ASP F 38 38.93 -11.51 -32.14
N ILE F 39 39.13 -12.26 -31.06
CA ILE F 39 38.38 -12.01 -29.83
C ILE F 39 38.74 -10.67 -29.22
N GLU F 40 39.94 -10.15 -29.51
CA GLU F 40 40.32 -8.83 -29.01
C GLU F 40 39.37 -7.75 -29.53
N ASP F 41 39.01 -7.83 -30.81
CA ASP F 41 38.03 -6.88 -31.35
C ASP F 41 36.64 -7.13 -30.78
N LEU F 42 36.33 -8.39 -30.45
CA LEU F 42 35.01 -8.74 -29.95
C LEU F 42 34.79 -8.35 -28.49
N VAL F 43 35.84 -7.98 -27.77
CA VAL F 43 35.72 -7.56 -26.38
C VAL F 43 36.01 -6.07 -26.21
N SER F 44 36.98 -5.54 -26.96
CA SER F 44 37.21 -4.10 -26.93
C SER F 44 35.98 -3.33 -27.40
N GLN F 45 35.36 -3.79 -28.48
CA GLN F 45 34.06 -3.30 -28.89
C GLN F 45 33.00 -4.13 -28.17
N ARG F 46 32.14 -3.47 -27.40
CA ARG F 46 31.24 -4.16 -26.49
C ARG F 46 30.09 -4.84 -27.21
N VAL F 47 30.39 -5.87 -28.00
CA VAL F 47 29.37 -6.69 -28.63
C VAL F 47 29.02 -7.84 -27.69
N THR F 48 27.72 -8.06 -27.48
CA THR F 48 27.26 -8.94 -26.43
C THR F 48 27.48 -10.42 -26.79
N PHE F 49 27.27 -11.27 -25.79
CA PHE F 49 27.42 -12.71 -25.98
C PHE F 49 26.37 -13.28 -26.92
N GLY F 50 25.16 -12.70 -26.91
CA GLY F 50 24.11 -13.21 -27.78
C GLY F 50 24.45 -13.06 -29.25
N ASP F 51 25.07 -11.94 -29.62
CA ASP F 51 25.49 -11.73 -31.01
C ASP F 51 26.67 -12.64 -31.36
N VAL F 52 27.58 -12.86 -30.41
CA VAL F 52 28.68 -13.79 -30.62
C VAL F 52 28.16 -15.21 -30.80
N TRP F 53 27.08 -15.57 -30.08
CA TRP F 53 26.45 -16.87 -30.28
C TRP F 53 26.01 -17.05 -31.73
N ALA F 54 25.36 -16.03 -32.29
CA ALA F 54 24.91 -16.11 -33.68
C ALA F 54 26.08 -16.17 -34.64
N LEU F 55 27.13 -15.39 -34.38
CA LEU F 55 28.29 -15.38 -35.27
C LEU F 55 28.98 -16.74 -35.30
N LEU F 56 29.12 -17.38 -34.14
CA LEU F 56 29.75 -18.70 -34.11
C LEU F 56 28.87 -19.76 -34.74
N VAL F 57 27.55 -19.66 -34.56
CA VAL F 57 26.65 -20.70 -35.05
C VAL F 57 26.31 -20.47 -36.52
N ASP F 58 25.84 -19.27 -36.86
CA ASP F 58 25.39 -18.99 -38.22
C ASP F 58 26.51 -18.57 -39.15
N GLY F 59 27.67 -18.17 -38.63
CA GLY F 59 28.75 -17.67 -39.44
C GLY F 59 28.70 -16.18 -39.72
N ASN F 60 27.67 -15.48 -39.26
CA ASN F 60 27.54 -14.05 -39.47
C ASN F 60 26.60 -13.49 -38.41
N PHE F 61 26.59 -12.17 -38.29
CA PHE F 61 25.74 -11.49 -37.32
C PHE F 61 24.31 -11.45 -37.84
N GLY F 62 23.44 -10.72 -37.16
CA GLY F 62 22.04 -10.70 -37.52
C GLY F 62 21.14 -11.29 -36.45
N SER F 63 20.64 -12.51 -36.70
CA SER F 63 19.69 -13.14 -35.79
C SER F 63 20.38 -13.63 -34.52
N GLY F 64 20.41 -12.78 -33.50
CA GLY F 64 21.05 -13.12 -32.24
C GLY F 64 20.17 -13.99 -31.36
N LEU F 65 20.70 -14.29 -30.18
CA LEU F 65 20.01 -15.18 -29.25
C LEU F 65 18.72 -14.53 -28.75
N PRO F 66 17.62 -15.26 -28.68
CA PRO F 66 16.36 -14.69 -28.19
C PRO F 66 16.24 -14.83 -26.69
N PRO F 67 15.31 -14.10 -26.07
CA PRO F 67 15.07 -14.28 -24.63
C PRO F 67 14.44 -15.63 -24.33
N ALA F 68 14.60 -16.04 -23.07
CA ALA F 68 14.09 -17.33 -22.61
C ALA F 68 12.64 -17.21 -22.15
N GLU F 69 11.90 -18.30 -22.32
CA GLU F 69 10.51 -18.38 -21.91
C GLU F 69 10.41 -18.67 -20.42
N PRO F 70 9.29 -18.31 -19.80
CA PRO F 70 9.09 -18.64 -18.37
C PRO F 70 9.03 -20.14 -18.16
N PHE F 71 9.95 -20.65 -17.34
CA PHE F 71 10.05 -22.07 -17.04
C PHE F 71 10.79 -22.24 -15.71
N PRO F 72 10.08 -22.29 -14.59
CA PRO F 72 10.76 -22.51 -13.31
C PRO F 72 11.53 -23.83 -13.32
N LEU F 73 12.71 -23.80 -12.71
CA LEU F 73 13.63 -24.93 -12.79
C LEU F 73 13.07 -26.13 -12.04
N PRO F 74 12.93 -27.29 -12.68
CA PRO F 74 12.33 -28.45 -12.00
C PRO F 74 13.29 -29.33 -11.21
N ILE F 75 14.60 -29.07 -11.28
CA ILE F 75 15.60 -29.90 -10.62
C ILE F 75 16.32 -29.07 -9.57
N HIS F 76 16.34 -29.56 -8.34
CA HIS F 76 17.05 -28.93 -7.22
C HIS F 76 17.89 -30.00 -6.55
N SER F 77 19.10 -30.21 -7.06
CA SER F 77 19.98 -31.27 -6.58
C SER F 77 21.12 -30.77 -5.71
N GLY F 78 21.25 -29.46 -5.52
CA GLY F 78 22.36 -28.91 -4.77
C GLY F 78 23.62 -28.69 -5.57
N ASP F 79 23.61 -28.96 -6.87
CA ASP F 79 24.74 -28.70 -7.75
C ASP F 79 24.22 -28.00 -9.00
N VAL F 80 24.82 -26.85 -9.33
CA VAL F 80 24.37 -26.09 -10.50
C VAL F 80 24.62 -26.88 -11.78
N ARG F 81 25.77 -27.54 -11.89
CA ARG F 81 26.07 -28.34 -13.07
C ARG F 81 25.06 -29.48 -13.24
N VAL F 82 24.71 -30.15 -12.15
CA VAL F 82 23.78 -31.27 -12.23
C VAL F 82 22.39 -30.79 -12.64
N ASP F 83 21.96 -29.64 -12.12
CA ASP F 83 20.63 -29.14 -12.44
C ASP F 83 20.48 -28.85 -13.93
N VAL F 84 21.45 -28.14 -14.52
CA VAL F 84 21.35 -27.82 -15.94
C VAL F 84 21.57 -29.07 -16.79
N GLN F 85 22.44 -29.99 -16.36
CA GLN F 85 22.66 -31.21 -17.12
C GLN F 85 21.40 -32.07 -17.18
N ALA F 86 20.72 -32.23 -16.04
CA ALA F 86 19.51 -33.03 -16.01
C ALA F 86 18.33 -32.26 -16.60
N GLY F 87 18.26 -30.95 -16.35
CA GLY F 87 17.15 -30.16 -16.86
C GLY F 87 17.14 -30.05 -18.38
N LEU F 88 18.32 -29.92 -18.99
CA LEU F 88 18.38 -29.82 -20.44
C LEU F 88 17.95 -31.11 -21.11
N ALA F 89 18.28 -32.26 -20.51
CA ALA F 89 17.86 -33.54 -21.08
C ALA F 89 16.35 -33.67 -21.06
N MET F 90 15.69 -33.17 -20.01
CA MET F 90 14.25 -33.28 -19.88
C MET F 90 13.50 -32.35 -20.84
N LEU F 91 14.19 -31.45 -21.53
CA LEU F 91 13.50 -30.54 -22.45
C LEU F 91 12.96 -31.26 -23.68
N ALA F 92 13.64 -32.34 -24.09
CA ALA F 92 13.25 -33.02 -25.34
C ALA F 92 11.83 -33.56 -25.32
N PRO F 93 11.36 -34.29 -24.29
CA PRO F 93 9.99 -34.80 -24.35
C PRO F 93 8.93 -33.72 -24.25
N ILE F 94 9.11 -32.73 -23.37
CA ILE F 94 8.09 -31.71 -23.18
C ILE F 94 8.00 -30.79 -24.40
N TRP F 95 9.14 -30.45 -24.99
CA TRP F 95 9.18 -29.55 -26.13
C TRP F 95 9.09 -30.27 -27.47
N GLY F 96 8.95 -31.60 -27.47
CA GLY F 96 8.84 -32.34 -28.71
C GLY F 96 10.08 -32.29 -29.57
N TYR F 97 11.26 -32.40 -28.97
CA TYR F 97 12.50 -32.38 -29.73
C TYR F 97 12.70 -33.71 -30.43
N ALA F 98 12.70 -33.69 -31.76
CA ALA F 98 12.94 -34.88 -32.56
C ALA F 98 14.43 -35.17 -32.65
N PRO F 99 14.81 -36.40 -32.99
CA PRO F 99 16.22 -36.69 -33.25
C PRO F 99 16.76 -35.85 -34.40
N LEU F 100 18.06 -35.53 -34.32
CA LEU F 100 18.70 -34.71 -35.33
C LEU F 100 18.58 -35.32 -36.73
N LEU F 101 18.46 -36.64 -36.80
CA LEU F 101 18.36 -37.33 -38.09
C LEU F 101 17.07 -36.98 -38.82
N ASP F 102 16.02 -36.58 -38.11
CA ASP F 102 14.70 -36.40 -38.69
C ASP F 102 14.29 -34.94 -38.85
N ILE F 103 15.22 -33.99 -38.65
CA ILE F 103 14.90 -32.57 -38.75
C ILE F 103 15.90 -31.90 -39.68
N ASP F 104 15.49 -30.76 -40.23
CA ASP F 104 16.32 -29.99 -41.14
C ASP F 104 17.22 -29.03 -40.36
N ASP F 105 18.07 -28.30 -41.08
CA ASP F 105 19.00 -27.38 -40.44
C ASP F 105 18.27 -26.25 -39.72
N ALA F 106 17.20 -25.72 -40.33
CA ALA F 106 16.48 -24.60 -39.74
C ALA F 106 15.87 -24.98 -38.40
N THR F 107 15.23 -26.15 -38.32
CA THR F 107 14.63 -26.58 -37.06
C THR F 107 15.70 -26.84 -36.00
N ALA F 108 16.81 -27.47 -36.39
CA ALA F 108 17.88 -27.75 -35.44
C ALA F 108 18.48 -26.46 -34.89
N ARG F 109 18.68 -25.46 -35.74
CA ARG F 109 19.25 -24.20 -35.29
C ARG F 109 18.33 -23.50 -34.29
N GLN F 110 17.02 -23.51 -34.57
CA GLN F 110 16.07 -22.90 -33.64
C GLN F 110 16.04 -23.65 -32.31
N GLN F 111 16.10 -24.98 -32.36
CA GLN F 111 16.10 -25.78 -31.13
C GLN F 111 17.35 -25.51 -30.30
N LEU F 112 18.51 -25.38 -30.96
CA LEU F 112 19.75 -25.13 -30.23
C LEU F 112 19.70 -23.79 -29.53
N ALA F 113 19.19 -22.75 -30.19
CA ALA F 113 19.09 -21.43 -29.57
C ALA F 113 18.09 -21.43 -28.42
N ARG F 114 16.95 -22.11 -28.60
CA ARG F 114 15.94 -22.15 -27.55
C ARG F 114 16.46 -22.87 -26.30
N ALA F 115 17.17 -23.99 -26.50
CA ALA F 115 17.71 -24.71 -25.36
C ALA F 115 18.92 -24.00 -24.76
N SER F 116 19.70 -23.30 -25.59
CA SER F 116 20.88 -22.61 -25.09
C SER F 116 20.49 -21.50 -24.10
N VAL F 117 19.49 -20.71 -24.46
CA VAL F 117 19.03 -19.66 -23.54
C VAL F 117 18.34 -20.29 -22.33
N MET F 118 17.76 -21.48 -22.50
CA MET F 118 17.17 -22.19 -21.36
C MET F 118 18.24 -22.63 -20.38
N ALA F 119 19.41 -23.03 -20.88
CA ALA F 119 20.50 -23.43 -20.00
C ALA F 119 20.96 -22.25 -19.15
N LEU F 120 20.98 -21.04 -19.72
CA LEU F 120 21.35 -19.86 -18.95
C LEU F 120 20.32 -19.56 -17.86
N SER F 121 19.04 -19.71 -18.18
CA SER F 121 18.00 -19.44 -17.20
C SER F 121 18.06 -20.42 -16.03
N TYR F 122 18.30 -21.70 -16.33
CA TYR F 122 18.37 -22.71 -15.27
C TYR F 122 19.54 -22.44 -14.33
N VAL F 123 20.68 -22.03 -14.88
CA VAL F 123 21.87 -21.77 -14.05
C VAL F 123 21.60 -20.62 -13.09
N ALA F 124 20.97 -19.54 -13.57
CA ALA F 124 20.66 -18.41 -12.71
C ALA F 124 19.69 -18.80 -11.60
N GLN F 125 18.65 -19.58 -11.94
CA GLN F 125 17.70 -20.02 -10.93
C GLN F 125 18.36 -20.95 -9.92
N SER F 126 19.18 -21.89 -10.39
CA SER F 126 19.86 -22.81 -9.48
C SER F 126 20.81 -22.06 -8.55
N ALA F 127 21.54 -21.08 -9.07
CA ALA F 127 22.46 -20.31 -8.24
C ALA F 127 21.71 -19.44 -7.24
N ARG F 128 20.54 -18.93 -7.61
CA ARG F 128 19.77 -18.10 -6.69
C ARG F 128 19.35 -18.88 -5.46
N GLY F 129 18.94 -20.13 -5.65
CA GLY F 129 18.60 -21.00 -4.55
C GLY F 129 17.10 -21.08 -4.31
N ILE F 130 16.68 -22.17 -3.67
CA ILE F 130 15.27 -22.39 -3.36
C ILE F 130 14.79 -21.59 -2.16
N TYR F 131 15.70 -20.92 -1.45
CA TYR F 131 15.35 -20.14 -0.27
C TYR F 131 14.98 -18.70 -0.62
N GLN F 132 14.98 -18.34 -1.90
CA GLN F 132 14.61 -17.01 -2.34
C GLN F 132 13.45 -17.08 -3.33
N PRO F 133 12.47 -16.18 -3.23
CA PRO F 133 11.42 -16.14 -4.25
C PRO F 133 11.99 -15.75 -5.61
N ALA F 134 11.38 -16.28 -6.65
CA ALA F 134 11.87 -16.04 -8.01
C ALA F 134 11.70 -14.59 -8.41
N VAL F 135 12.65 -14.09 -9.20
CA VAL F 135 12.53 -12.73 -9.74
C VAL F 135 11.39 -12.70 -10.75
N PRO F 136 10.43 -11.78 -10.61
CA PRO F 136 9.31 -11.74 -11.56
C PRO F 136 9.77 -11.46 -12.98
N GLN F 137 9.03 -12.02 -13.94
CA GLN F 137 9.37 -11.83 -15.35
C GLN F 137 9.24 -10.38 -15.78
N ARG F 138 8.48 -9.56 -15.05
CA ARG F 138 8.38 -8.14 -15.38
C ARG F 138 9.74 -7.47 -15.28
N ILE F 139 10.47 -7.75 -14.19
CA ILE F 139 11.76 -7.10 -13.96
C ILE F 139 12.78 -7.58 -14.98
N ILE F 140 12.73 -8.85 -15.36
CA ILE F 140 13.66 -9.39 -16.34
C ILE F 140 13.39 -8.79 -17.72
N ASP F 141 12.13 -8.57 -18.05
CA ASP F 141 11.74 -8.15 -19.40
C ASP F 141 12.19 -6.73 -19.74
N GLU F 142 12.61 -5.93 -18.75
CA GLU F 142 13.07 -4.58 -19.04
C GLU F 142 14.57 -4.52 -19.25
N CYS F 143 15.17 -5.69 -19.46
CA CYS F 143 16.57 -5.77 -19.84
C CYS F 143 16.63 -6.06 -21.33
N SER F 144 17.66 -5.58 -22.01
CA SER F 144 17.77 -5.74 -23.46
C SER F 144 18.72 -6.88 -23.83
N THR F 145 19.76 -7.05 -23.04
CA THR F 145 20.80 -8.02 -23.32
C THR F 145 20.51 -9.35 -22.63
N VAL F 146 20.83 -10.45 -23.32
CA VAL F 146 20.69 -11.78 -22.71
C VAL F 146 21.56 -11.88 -21.47
N THR F 147 22.78 -11.34 -21.53
CA THR F 147 23.64 -11.31 -20.36
C THR F 147 23.00 -10.48 -19.24
N ALA F 148 22.38 -9.36 -19.59
CA ALA F 148 21.69 -8.56 -18.59
C ALA F 148 20.53 -9.33 -17.96
N ARG F 149 19.78 -10.08 -18.78
CA ARG F 149 18.68 -10.88 -18.25
C ARG F 149 19.19 -11.95 -17.29
N PHE F 150 20.34 -12.55 -17.59
CA PHE F 150 20.89 -13.58 -16.71
C PHE F 150 21.20 -13.02 -15.33
N MET F 151 21.81 -11.83 -15.28
CA MET F 151 22.16 -11.24 -13.98
C MET F 151 20.92 -10.81 -13.21
N THR F 152 19.91 -10.29 -13.92
CA THR F 152 18.68 -9.87 -13.24
C THR F 152 17.90 -11.05 -12.69
N ARG F 153 17.84 -12.15 -13.44
CA ARG F 153 17.13 -13.33 -12.98
C ARG F 153 17.76 -13.94 -11.75
N TRP F 154 19.04 -13.67 -11.50
CA TRP F 154 19.78 -14.26 -10.40
C TRP F 154 19.97 -13.32 -9.22
N GLN F 155 20.33 -12.06 -9.47
CA GLN F 155 20.62 -11.11 -8.41
C GLN F 155 19.55 -10.06 -8.17
N GLY F 156 18.65 -9.85 -9.14
CA GLY F 156 17.58 -8.88 -8.97
C GLY F 156 17.97 -7.47 -9.36
N GLU F 157 19.00 -6.93 -8.70
CA GLU F 157 19.52 -5.59 -8.99
C GLU F 157 20.99 -5.71 -9.36
N PRO F 158 21.30 -5.96 -10.63
CA PRO F 158 22.69 -6.19 -11.02
C PRO F 158 23.44 -4.91 -11.35
N ASP F 159 24.71 -4.88 -10.99
CA ASP F 159 25.57 -3.75 -11.33
C ASP F 159 25.86 -3.77 -12.82
N PRO F 160 25.62 -2.67 -13.55
CA PRO F 160 25.91 -2.67 -14.98
C PRO F 160 27.37 -2.93 -15.31
N ARG F 161 28.30 -2.49 -14.45
CA ARG F 161 29.71 -2.82 -14.66
C ARG F 161 29.96 -4.32 -14.53
N HIS F 162 29.28 -4.97 -13.57
CA HIS F 162 29.42 -6.40 -13.41
C HIS F 162 28.87 -7.16 -14.61
N ILE F 163 27.81 -6.64 -15.23
CA ILE F 163 27.26 -7.27 -16.43
C ILE F 163 28.29 -7.28 -17.55
N GLU F 164 29.01 -6.16 -17.72
CA GLU F 164 30.04 -6.09 -18.74
C GLU F 164 31.16 -7.09 -18.47
N ALA F 165 31.49 -7.32 -17.19
CA ALA F 165 32.51 -8.30 -16.86
C ALA F 165 32.09 -9.71 -17.29
N ILE F 166 30.83 -10.07 -17.04
CA ILE F 166 30.34 -11.38 -17.45
C ILE F 166 30.33 -11.49 -18.97
N ASP F 167 29.90 -10.43 -19.66
CA ASP F 167 29.86 -10.46 -21.12
C ASP F 167 31.26 -10.64 -21.71
N ALA F 168 32.27 -10.00 -21.11
CA ALA F 168 33.64 -10.18 -21.57
C ALA F 168 34.12 -11.61 -21.37
N TYR F 169 33.81 -12.21 -20.21
CA TYR F 169 34.27 -13.57 -19.94
C TYR F 169 33.56 -14.59 -20.82
N TRP F 170 32.24 -14.44 -20.99
CA TRP F 170 31.49 -15.41 -21.78
C TRP F 170 31.94 -15.42 -23.23
N VAL F 171 32.22 -14.25 -23.79
CA VAL F 171 32.69 -14.17 -25.17
C VAL F 171 34.05 -14.86 -25.32
N SER F 172 34.95 -14.62 -24.36
CA SER F 172 36.29 -15.19 -24.44
C SER F 172 36.29 -16.71 -24.26
N ALA F 173 35.29 -17.26 -23.58
CA ALA F 173 35.20 -18.69 -23.33
C ALA F 173 34.19 -19.39 -24.22
N ALA F 174 33.72 -18.71 -25.28
CA ALA F 174 32.64 -19.27 -26.10
C ALA F 174 33.09 -20.51 -26.87
N GLU F 175 34.31 -20.49 -27.41
CA GLU F 175 34.76 -21.58 -28.27
C GLU F 175 36.28 -21.65 -28.26
N HIS F 176 36.82 -22.85 -28.08
CA HIS F 176 38.27 -23.07 -28.13
C HIS F 176 38.60 -24.36 -28.85
N GLY F 177 37.93 -24.63 -29.97
CA GLY F 177 38.31 -25.77 -30.79
C GLY F 177 37.75 -27.09 -30.29
N MET F 178 38.51 -28.16 -30.54
CA MET F 178 38.07 -29.54 -30.31
C MET F 178 38.45 -30.02 -28.91
N ASN F 179 37.95 -29.29 -27.91
CA ASN F 179 38.18 -29.70 -26.53
C ASN F 179 37.31 -30.91 -26.18
N ALA F 180 37.52 -31.45 -24.98
CA ALA F 180 36.85 -32.68 -24.58
C ALA F 180 35.34 -32.50 -24.54
N SER F 181 34.86 -31.39 -23.97
CA SER F 181 33.41 -31.16 -23.91
C SER F 181 32.82 -30.98 -25.31
N THR F 182 33.51 -30.22 -26.17
CA THR F 182 33.04 -30.06 -27.54
C THR F 182 33.09 -31.39 -28.29
N PHE F 183 34.14 -32.18 -28.06
CA PHE F 183 34.24 -33.49 -28.68
C PHE F 183 33.08 -34.39 -28.26
N THR F 184 32.71 -34.34 -26.98
CA THR F 184 31.59 -35.15 -26.51
C THR F 184 30.29 -34.75 -27.20
N ALA F 185 30.04 -33.46 -27.36
CA ALA F 185 28.82 -33.01 -28.02
C ALA F 185 28.76 -33.47 -29.46
N ARG F 186 29.88 -33.39 -30.19
CA ARG F 186 29.90 -33.82 -31.58
C ARG F 186 29.71 -35.33 -31.70
N VAL F 187 30.29 -36.10 -30.78
CA VAL F 187 30.14 -37.55 -30.83
C VAL F 187 28.69 -37.96 -30.62
N ILE F 188 28.03 -37.35 -29.63
CA ILE F 188 26.62 -37.65 -29.38
C ILE F 188 25.76 -37.21 -30.56
N ALA F 189 26.04 -36.01 -31.09
CA ALA F 189 25.27 -35.52 -32.23
C ALA F 189 25.48 -36.40 -33.47
N SER F 190 26.64 -37.02 -33.60
CA SER F 190 26.91 -37.90 -34.73
C SER F 190 26.03 -39.14 -34.73
N THR F 191 25.43 -39.49 -33.59
CA THR F 191 24.53 -40.63 -33.51
C THR F 191 23.11 -40.28 -33.93
N GLY F 192 22.83 -39.02 -34.26
CA GLY F 192 21.51 -38.61 -34.65
C GLY F 192 20.56 -38.28 -33.52
N ALA F 193 21.04 -38.30 -32.27
CA ALA F 193 20.18 -37.99 -31.13
C ALA F 193 19.77 -36.52 -31.15
N ASP F 194 18.76 -36.20 -30.36
CA ASP F 194 18.27 -34.83 -30.29
C ASP F 194 19.32 -33.92 -29.67
N VAL F 195 19.18 -32.62 -29.95
CA VAL F 195 20.21 -31.65 -29.55
C VAL F 195 20.30 -31.56 -28.04
N ALA F 196 19.17 -31.70 -27.33
CA ALA F 196 19.20 -31.63 -25.88
C ALA F 196 20.05 -32.75 -25.28
N ALA F 197 20.05 -33.92 -25.90
CA ALA F 197 20.90 -35.02 -25.43
C ALA F 197 22.37 -34.68 -25.57
N ALA F 198 22.76 -34.09 -26.70
CA ALA F 198 24.17 -33.74 -26.93
C ALA F 198 24.62 -32.64 -25.98
N LEU F 199 23.77 -31.65 -25.72
CA LEU F 199 24.13 -30.59 -24.80
C LEU F 199 24.28 -31.12 -23.38
N SER F 200 23.42 -32.05 -22.98
CA SER F 200 23.51 -32.63 -21.65
C SER F 200 24.81 -33.42 -21.48
N GLY F 201 25.19 -34.19 -22.50
CA GLY F 201 26.42 -34.95 -22.43
C GLY F 201 27.66 -34.07 -22.38
N ALA F 202 27.64 -32.97 -23.13
CA ALA F 202 28.78 -32.04 -23.12
C ALA F 202 28.97 -31.42 -21.74
N ILE F 203 27.86 -31.10 -21.06
CA ILE F 203 27.94 -30.56 -19.70
C ILE F 203 28.59 -31.57 -18.77
N GLY F 204 28.29 -32.86 -18.96
CA GLY F 204 28.89 -33.88 -18.13
C GLY F 204 30.40 -33.95 -18.28
N ALA F 205 30.90 -33.86 -19.52
CA ALA F 205 32.33 -33.85 -19.72
C ALA F 205 32.97 -32.56 -19.23
N MET F 206 32.20 -31.47 -19.18
CA MET F 206 32.74 -30.20 -18.71
C MET F 206 33.12 -30.25 -17.24
N SER F 207 32.33 -30.96 -16.43
CA SER F 207 32.53 -30.97 -14.98
C SER F 207 33.84 -31.64 -14.56
N GLY F 208 34.50 -32.37 -15.46
CA GLY F 208 35.75 -33.00 -15.16
C GLY F 208 36.85 -32.01 -14.80
N PRO F 209 37.54 -32.25 -13.68
CA PRO F 209 38.64 -31.35 -13.29
C PRO F 209 39.76 -31.29 -14.32
N LEU F 210 40.01 -32.38 -15.05
CA LEU F 210 41.08 -32.41 -16.03
C LEU F 210 40.70 -31.77 -17.35
N HIS F 211 39.44 -31.35 -17.52
CA HIS F 211 39.04 -30.71 -18.77
C HIS F 211 39.80 -29.40 -18.99
N GLY F 212 39.98 -28.62 -17.95
CA GLY F 212 40.66 -27.35 -18.05
C GLY F 212 39.70 -26.18 -18.25
N GLY F 213 40.19 -24.99 -17.92
CA GLY F 213 39.41 -23.79 -18.03
C GLY F 213 38.52 -23.48 -16.84
N ALA F 214 38.46 -24.37 -15.86
CA ALA F 214 37.67 -24.13 -14.66
C ALA F 214 38.31 -22.99 -13.86
N PRO F 215 37.58 -21.91 -13.57
CA PRO F 215 38.19 -20.77 -12.87
C PRO F 215 38.86 -21.17 -11.58
N ALA F 216 40.13 -20.78 -11.43
CA ALA F 216 40.98 -21.34 -10.41
C ALA F 216 40.60 -20.82 -9.02
N ARG F 217 40.83 -21.66 -8.02
CA ARG F 217 40.65 -21.29 -6.62
C ARG F 217 41.94 -20.62 -6.15
N VAL F 218 42.14 -19.40 -6.62
CA VAL F 218 43.27 -18.59 -6.18
C VAL F 218 42.89 -17.61 -5.10
N LEU F 219 41.65 -17.10 -5.10
CA LEU F 219 41.21 -16.06 -4.18
C LEU F 219 41.72 -16.21 -2.74
N PRO F 220 41.86 -17.42 -2.15
CA PRO F 220 42.57 -17.51 -0.86
C PRO F 220 43.93 -16.84 -0.88
N MET F 221 44.76 -17.20 -1.87
CA MET F 221 46.08 -16.59 -2.02
C MET F 221 45.97 -15.07 -2.25
N LEU F 222 45.01 -14.62 -3.05
CA LEU F 222 44.81 -13.19 -3.28
C LEU F 222 44.53 -12.44 -1.99
N ASP F 223 43.79 -13.06 -1.05
CA ASP F 223 43.49 -12.35 0.19
C ASP F 223 44.68 -12.28 1.12
N GLU F 224 45.48 -13.35 1.19
CA GLU F 224 46.58 -13.40 2.14
C GLU F 224 47.72 -12.45 1.77
N VAL F 225 47.72 -11.92 0.54
CA VAL F 225 48.69 -10.92 0.13
C VAL F 225 48.11 -9.51 0.26
N GLU F 226 46.80 -9.36 0.35
CA GLU F 226 46.19 -8.05 0.58
C GLU F 226 46.37 -7.60 2.03
N ARG F 227 46.19 -8.50 2.99
CA ARG F 227 46.42 -8.23 4.40
C ARG F 227 47.91 -8.22 4.75
N ALA F 228 48.78 -8.51 3.79
CA ALA F 228 50.22 -8.53 4.00
C ALA F 228 50.87 -7.57 2.99
N GLY F 229 52.21 -7.64 2.91
CA GLY F 229 52.95 -6.73 2.06
C GLY F 229 53.39 -7.34 0.75
N ASP F 230 54.66 -7.76 0.68
CA ASP F 230 55.21 -8.28 -0.56
C ASP F 230 54.49 -9.54 -0.99
N ALA F 231 53.93 -9.51 -2.20
CA ALA F 231 53.37 -10.73 -2.80
C ALA F 231 54.47 -11.75 -3.05
N ARG F 232 55.60 -11.30 -3.61
CA ARG F 232 56.70 -12.22 -3.92
C ARG F 232 57.21 -12.92 -2.68
N SER F 233 57.17 -12.24 -1.53
CA SER F 233 57.50 -12.91 -0.27
C SER F 233 56.56 -14.08 -0.01
N VAL F 234 55.27 -13.88 -0.26
CA VAL F 234 54.31 -14.97 -0.13
C VAL F 234 54.59 -16.04 -1.17
N VAL F 235 54.73 -15.66 -2.45
CA VAL F 235 54.95 -16.64 -3.52
C VAL F 235 56.21 -17.45 -3.25
N LYS F 236 57.24 -16.80 -2.68
CA LYS F 236 58.42 -17.51 -2.21
C LYS F 236 58.13 -18.37 -0.97
N GLY F 237 56.90 -18.40 -0.49
CA GLY F 237 56.56 -19.17 0.70
C GLY F 237 55.77 -20.44 0.43
N ILE F 238 54.82 -20.40 -0.52
CA ILE F 238 54.05 -21.60 -0.82
C ILE F 238 54.96 -22.67 -1.43
N LEU F 239 55.96 -22.27 -2.21
CA LEU F 239 56.79 -23.20 -2.97
C LEU F 239 57.82 -23.92 -2.09
N ASP F 240 57.68 -23.85 -0.76
CA ASP F 240 58.54 -24.61 0.14
C ASP F 240 57.78 -25.62 0.99
N ARG F 241 56.47 -25.47 1.13
CA ARG F 241 55.66 -26.40 1.91
C ARG F 241 55.06 -27.53 1.07
N GLY F 242 55.41 -27.59 -0.21
CA GLY F 242 54.90 -28.63 -1.09
C GLY F 242 53.59 -28.29 -1.78
N GLU F 243 52.97 -27.16 -1.47
CA GLU F 243 51.73 -26.76 -2.12
C GLU F 243 52.04 -26.06 -3.43
N LYS F 244 51.23 -26.35 -4.45
CA LYS F 244 51.47 -25.85 -5.80
C LYS F 244 50.77 -24.51 -6.01
N LEU F 245 51.41 -23.65 -6.79
CA LEU F 245 50.79 -22.39 -7.19
C LEU F 245 49.62 -22.66 -8.12
N MET F 246 48.52 -21.96 -7.88
CA MET F 246 47.29 -22.16 -8.63
C MET F 246 47.16 -21.11 -9.73
N GLY F 247 46.67 -21.53 -10.89
CA GLY F 247 46.51 -20.65 -12.03
C GLY F 247 47.72 -20.50 -12.91
N PHE F 248 48.77 -21.31 -12.70
CA PHE F 248 50.00 -21.23 -13.48
C PHE F 248 50.40 -22.64 -13.91
N GLY F 249 49.89 -23.07 -15.06
CA GLY F 249 50.25 -24.34 -15.65
C GLY F 249 51.28 -24.18 -16.76
N HIS F 250 51.60 -25.31 -17.39
CA HIS F 250 52.71 -25.37 -18.33
C HIS F 250 52.56 -24.38 -19.48
N ARG F 251 51.59 -24.62 -20.37
CA ARG F 251 51.35 -23.76 -21.53
C ARG F 251 50.15 -24.29 -22.29
N VAL F 252 49.57 -23.41 -23.10
CA VAL F 252 48.55 -23.77 -24.08
C VAL F 252 48.96 -23.34 -25.48
N TYR F 253 49.45 -22.12 -25.62
CA TYR F 253 49.95 -21.59 -26.87
C TYR F 253 51.48 -21.61 -26.86
N ARG F 254 52.07 -21.07 -27.93
CA ARG F 254 53.52 -20.88 -27.95
C ARG F 254 53.97 -19.86 -26.91
N ALA F 255 53.06 -18.99 -26.47
CA ALA F 255 53.36 -17.93 -25.53
C ALA F 255 52.11 -17.69 -24.70
N GLU F 256 52.03 -16.52 -24.07
CA GLU F 256 50.89 -16.15 -23.25
C GLU F 256 49.57 -16.40 -23.97
N ASP F 257 48.60 -16.96 -23.24
CA ASP F 257 47.30 -17.27 -23.82
C ASP F 257 46.60 -15.98 -24.24
N PRO F 258 46.02 -15.92 -25.44
CA PRO F 258 45.30 -14.69 -25.84
C PRO F 258 44.16 -14.33 -24.91
N ARG F 259 43.46 -15.32 -24.34
CA ARG F 259 42.36 -15.02 -23.44
C ARG F 259 42.84 -14.50 -22.09
N ALA F 260 44.10 -14.80 -21.71
CA ALA F 260 44.66 -14.20 -20.51
C ALA F 260 44.82 -12.70 -20.67
N ARG F 261 45.26 -12.25 -21.85
CA ARG F 261 45.38 -10.82 -22.12
C ARG F 261 44.02 -10.13 -22.07
N VAL F 262 43.00 -10.75 -22.68
CA VAL F 262 41.69 -10.12 -22.77
C VAL F 262 41.08 -9.93 -21.39
N LEU F 263 41.12 -10.97 -20.56
CA LEU F 263 40.58 -10.85 -19.21
C LEU F 263 41.39 -9.88 -18.36
N ARG F 264 42.68 -9.72 -18.68
CA ARG F 264 43.48 -8.68 -18.02
C ARG F 264 43.00 -7.30 -18.41
N ALA F 265 42.81 -7.07 -19.71
CA ALA F 265 42.35 -5.76 -20.17
C ALA F 265 40.95 -5.44 -19.65
N ALA F 266 40.07 -6.46 -19.60
CA ALA F 266 38.75 -6.25 -19.05
C ALA F 266 38.81 -5.84 -17.59
N ALA F 267 39.70 -6.47 -16.81
CA ALA F 267 39.86 -6.09 -15.42
C ALA F 267 40.36 -4.65 -15.28
N GLU F 268 41.14 -4.17 -16.25
CA GLU F 268 41.62 -2.80 -16.22
C GLU F 268 40.51 -1.81 -16.52
N ARG F 269 39.71 -2.09 -17.55
CA ARG F 269 38.69 -1.14 -17.98
C ARG F 269 37.60 -0.96 -16.93
N LEU F 270 37.10 -2.07 -16.38
CA LEU F 270 36.01 -2.00 -15.41
C LEU F 270 36.47 -1.60 -14.01
N GLY F 271 37.77 -1.58 -13.75
CA GLY F 271 38.27 -1.20 -12.44
C GLY F 271 38.02 -2.24 -11.38
N ALA F 272 38.60 -3.42 -11.56
CA ALA F 272 38.45 -4.47 -10.57
C ALA F 272 39.23 -4.13 -9.31
N PRO F 273 38.61 -4.17 -8.13
CA PRO F 273 39.34 -3.86 -6.88
C PRO F 273 40.44 -4.85 -6.54
N ARG F 274 40.60 -5.93 -7.32
CA ARG F 274 41.64 -6.92 -7.09
C ARG F 274 42.64 -6.99 -8.23
N TYR F 275 42.72 -5.94 -9.07
CA TYR F 275 43.64 -5.96 -10.20
C TYR F 275 45.07 -5.75 -9.73
N GLU F 276 45.35 -4.60 -9.10
CA GLU F 276 46.73 -4.23 -8.78
C GLU F 276 47.42 -5.29 -7.93
N VAL F 277 46.67 -5.95 -7.06
CA VAL F 277 47.24 -7.05 -6.28
C VAL F 277 47.55 -8.25 -7.18
N ALA F 278 46.69 -8.49 -8.17
CA ALA F 278 46.84 -9.69 -8.99
C ALA F 278 48.13 -9.69 -9.80
N VAL F 279 48.52 -8.52 -10.33
CA VAL F 279 49.74 -8.46 -11.14
C VAL F 279 50.96 -8.76 -10.29
N ALA F 280 50.96 -8.31 -9.03
CA ALA F 280 52.07 -8.61 -8.14
C ALA F 280 52.25 -10.11 -7.97
N VAL F 281 51.14 -10.83 -7.77
CA VAL F 281 51.20 -12.29 -7.77
C VAL F 281 51.49 -12.81 -9.17
N GLU F 282 50.95 -12.16 -10.19
CA GLU F 282 51.19 -12.58 -11.57
C GLU F 282 52.67 -12.55 -11.91
N GLN F 283 53.33 -11.42 -11.63
CA GLN F 283 54.74 -11.29 -11.97
C GLN F 283 55.61 -12.14 -11.05
N ALA F 284 55.29 -12.18 -9.76
CA ALA F 284 56.11 -12.93 -8.80
C ALA F 284 56.10 -14.42 -9.12
N ALA F 285 54.93 -14.97 -9.44
CA ALA F 285 54.84 -16.40 -9.72
C ALA F 285 55.71 -16.78 -10.92
N LEU F 286 55.53 -16.07 -12.04
CA LEU F 286 56.33 -16.36 -13.22
C LEU F 286 57.81 -16.12 -12.95
N SER F 287 58.14 -15.06 -12.22
CA SER F 287 59.53 -14.83 -11.83
C SER F 287 60.05 -15.89 -10.88
N GLU F 288 59.15 -16.65 -10.23
CA GLU F 288 59.55 -17.70 -9.30
C GLU F 288 59.63 -19.06 -9.98
N LEU F 289 58.58 -19.46 -10.70
CA LEU F 289 58.56 -20.77 -11.34
C LEU F 289 59.66 -20.88 -12.39
N ARG F 290 59.86 -19.84 -13.20
CA ARG F 290 60.91 -19.86 -14.20
C ARG F 290 62.30 -19.84 -13.57
N GLU F 291 62.43 -19.19 -12.40
CA GLU F 291 63.72 -19.16 -11.71
C GLU F 291 64.14 -20.54 -11.23
N ARG F 292 63.18 -21.43 -10.97
CA ARG F 292 63.49 -22.77 -10.49
C ARG F 292 63.72 -23.77 -11.62
N ARG F 293 62.93 -23.71 -12.69
CA ARG F 293 63.08 -24.58 -13.85
C ARG F 293 63.11 -23.71 -15.10
N PRO F 294 64.26 -23.11 -15.41
CA PRO F 294 64.33 -22.23 -16.59
C PRO F 294 64.04 -22.94 -17.90
N ASP F 295 64.35 -24.23 -18.01
CA ASP F 295 64.12 -24.96 -19.25
C ASP F 295 62.64 -25.05 -19.58
N ARG F 296 61.78 -25.17 -18.57
CA ARG F 296 60.34 -25.23 -18.80
C ARG F 296 59.80 -23.84 -19.11
N ALA F 297 58.99 -23.75 -20.16
CA ALA F 297 58.31 -22.52 -20.52
C ALA F 297 56.94 -22.51 -19.85
N ILE F 298 56.74 -21.60 -18.91
CA ILE F 298 55.51 -21.54 -18.12
C ILE F 298 54.84 -20.20 -18.37
N GLU F 299 53.52 -20.22 -18.50
CA GLU F 299 52.72 -19.03 -18.75
C GLU F 299 51.61 -18.95 -17.71
N THR F 300 50.74 -17.96 -17.86
CA THR F 300 49.59 -17.80 -17.00
C THR F 300 48.39 -18.53 -17.61
N ASN F 301 47.80 -19.44 -16.83
CA ASN F 301 46.59 -20.11 -17.27
C ASN F 301 45.43 -19.13 -17.30
N VAL F 302 44.53 -19.32 -18.28
CA VAL F 302 43.35 -18.47 -18.38
C VAL F 302 42.47 -18.61 -17.14
N GLU F 303 42.62 -19.72 -16.40
CA GLU F 303 41.85 -19.93 -15.19
C GLU F 303 42.17 -18.87 -14.13
N PHE F 304 43.40 -18.36 -14.11
CA PHE F 304 43.79 -17.38 -13.10
C PHE F 304 42.99 -16.10 -13.24
N TRP F 305 42.97 -15.51 -14.44
CA TRP F 305 42.30 -14.23 -14.64
C TRP F 305 40.79 -14.39 -14.83
N ALA F 306 40.31 -15.59 -15.13
CA ALA F 306 38.87 -15.82 -15.18
C ALA F 306 38.24 -15.65 -13.81
N ALA F 307 38.91 -16.14 -12.76
CA ALA F 307 38.38 -16.04 -11.41
C ALA F 307 38.34 -14.58 -10.95
N VAL F 308 39.33 -13.77 -11.35
CA VAL F 308 39.35 -12.38 -10.94
C VAL F 308 38.16 -11.64 -11.55
N VAL F 309 37.88 -11.87 -12.83
CA VAL F 309 36.76 -11.19 -13.48
C VAL F 309 35.44 -11.64 -12.87
N LEU F 310 35.27 -12.95 -12.66
CA LEU F 310 34.02 -13.46 -12.14
C LEU F 310 33.77 -13.02 -10.70
N ASP F 311 34.81 -13.05 -9.86
CA ASP F 311 34.66 -12.59 -8.48
C ASP F 311 34.30 -11.11 -8.41
N PHE F 312 34.77 -10.32 -9.38
CA PHE F 312 34.37 -8.92 -9.45
C PHE F 312 32.87 -8.78 -9.63
N ALA F 313 32.26 -9.69 -10.40
CA ALA F 313 30.83 -9.67 -10.65
C ALA F 313 30.04 -10.44 -9.59
N ARG F 314 30.60 -10.64 -8.40
CA ARG F 314 29.92 -11.29 -7.28
C ARG F 314 29.50 -12.71 -7.64
N VAL F 315 30.44 -13.49 -8.16
CA VAL F 315 30.23 -14.89 -8.50
C VAL F 315 30.94 -15.75 -7.46
N PRO F 316 30.22 -16.47 -6.61
CA PRO F 316 30.87 -17.39 -5.67
C PRO F 316 31.69 -18.45 -6.39
N ALA F 317 32.62 -19.04 -5.62
CA ALA F 317 33.55 -20.01 -6.20
C ALA F 317 32.84 -21.26 -6.71
N ASN F 318 31.79 -21.70 -6.00
CA ASN F 318 31.12 -22.94 -6.35
C ASN F 318 30.33 -22.85 -7.65
N MET F 319 30.08 -21.65 -8.17
CA MET F 319 29.36 -21.48 -9.42
C MET F 319 30.28 -21.16 -10.60
N MET F 320 31.53 -20.77 -10.33
CA MET F 320 32.46 -20.43 -11.40
C MET F 320 32.58 -21.51 -12.48
N PRO F 321 32.62 -22.81 -12.16
CA PRO F 321 32.54 -23.82 -13.24
C PRO F 321 31.27 -23.72 -14.07
N ALA F 322 30.14 -23.37 -13.46
CA ALA F 322 28.89 -23.28 -14.22
C ALA F 322 28.90 -22.12 -15.19
N MET F 323 29.56 -21.01 -14.83
CA MET F 323 29.65 -19.88 -15.76
C MET F 323 30.47 -20.23 -16.99
N PHE F 324 31.47 -21.09 -16.84
CA PHE F 324 32.20 -21.59 -17.99
C PHE F 324 31.29 -22.39 -18.91
N THR F 325 30.39 -23.19 -18.33
CA THR F 325 29.44 -23.95 -19.14
C THR F 325 28.52 -23.02 -19.93
N CYS F 326 28.08 -21.92 -19.31
CA CYS F 326 27.18 -21.00 -19.98
C CYS F 326 27.83 -20.35 -21.20
N GLY F 327 29.15 -20.25 -21.21
CA GLY F 327 29.86 -19.64 -22.32
C GLY F 327 30.06 -20.58 -23.50
N ARG F 328 30.34 -21.85 -23.20
CA ARG F 328 30.61 -22.83 -24.25
C ARG F 328 29.38 -23.22 -25.03
N THR F 329 28.19 -22.78 -24.61
CA THR F 329 26.97 -23.11 -25.35
C THR F 329 27.06 -22.63 -26.79
N ALA F 330 27.68 -21.47 -27.02
CA ALA F 330 27.90 -21.00 -28.39
C ALA F 330 28.82 -21.96 -29.15
N GLY F 331 29.91 -22.40 -28.52
CA GLY F 331 30.79 -23.35 -29.17
C GLY F 331 30.14 -24.71 -29.38
N TRP F 332 29.42 -25.19 -28.36
CA TRP F 332 28.77 -26.50 -28.47
C TRP F 332 27.70 -26.49 -29.57
N CYS F 333 26.87 -25.45 -29.58
CA CYS F 333 25.81 -25.38 -30.59
C CYS F 333 26.37 -25.24 -31.99
N ALA F 334 27.44 -24.47 -32.15
CA ALA F 334 28.05 -24.30 -33.46
C ALA F 334 28.61 -25.62 -33.99
N HIS F 335 29.26 -26.39 -33.12
CA HIS F 335 29.81 -27.68 -33.54
C HIS F 335 28.73 -28.73 -33.72
N ILE F 336 27.66 -28.67 -32.93
CA ILE F 336 26.56 -29.62 -33.09
C ILE F 336 25.90 -29.43 -34.45
N LEU F 337 25.64 -28.18 -34.83
CA LEU F 337 25.05 -27.90 -36.13
C LEU F 337 25.98 -28.29 -37.27
N GLU F 338 27.28 -28.00 -37.13
CA GLU F 338 28.24 -28.39 -38.15
C GLU F 338 28.33 -29.91 -38.28
N GLN F 339 28.34 -30.61 -37.15
CA GLN F 339 28.39 -32.07 -37.18
C GLN F 339 27.14 -32.66 -37.83
N LYS F 340 25.98 -32.01 -37.64
CA LYS F 340 24.75 -32.48 -38.25
C LYS F 340 24.85 -32.46 -39.77
N ARG F 341 25.41 -31.39 -40.33
CA ARG F 341 25.59 -31.31 -41.78
C ARG F 341 26.57 -32.34 -42.30
N LEU F 342 27.59 -32.70 -41.49
CA LEU F 342 28.55 -33.70 -41.92
C LEU F 342 27.90 -35.05 -42.15
N GLY F 343 27.00 -35.45 -41.26
CA GLY F 343 26.26 -36.69 -41.42
C GLY F 343 27.11 -37.94 -41.42
N LYS F 344 28.11 -37.99 -40.54
CA LYS F 344 28.98 -39.17 -40.42
C LYS F 344 29.13 -39.53 -38.94
N LEU F 345 28.91 -40.80 -38.63
CA LEU F 345 29.03 -41.26 -37.25
C LEU F 345 30.49 -41.35 -36.84
N VAL F 346 30.79 -40.93 -35.61
CA VAL F 346 32.14 -40.95 -35.07
C VAL F 346 32.32 -42.30 -34.38
N ARG F 347 33.06 -43.20 -35.00
CA ARG F 347 33.26 -44.56 -34.49
C ARG F 347 34.73 -44.92 -34.60
N PRO F 348 35.51 -44.78 -33.52
CA PRO F 348 36.91 -45.22 -33.55
C PRO F 348 37.05 -46.71 -33.33
N SER F 349 38.28 -47.20 -33.23
CA SER F 349 38.57 -48.63 -33.10
C SER F 349 39.50 -48.85 -31.92
N ALA F 350 39.62 -50.11 -31.51
CA ALA F 350 40.46 -50.50 -30.39
C ALA F 350 41.07 -51.87 -30.67
N ILE F 351 42.16 -52.17 -29.94
CA ILE F 351 42.91 -53.40 -30.12
C ILE F 351 42.87 -54.19 -28.81
N TYR F 352 42.54 -55.48 -28.91
CA TYR F 352 42.41 -56.33 -27.74
C TYR F 352 43.77 -56.85 -27.30
N VAL F 353 44.08 -56.66 -26.02
CA VAL F 353 45.34 -57.13 -25.44
C VAL F 353 45.07 -57.92 -24.17
N GLY F 354 43.87 -58.48 -24.05
CA GLY F 354 43.48 -59.18 -22.85
C GLY F 354 43.72 -60.67 -22.91
N PRO F 355 43.10 -61.41 -22.00
CA PRO F 355 43.28 -62.87 -21.98
C PRO F 355 42.70 -63.55 -23.21
N GLY F 356 43.32 -64.67 -23.58
CA GLY F 356 42.88 -65.43 -24.71
C GLY F 356 41.69 -66.31 -24.39
N PRO F 357 41.30 -67.12 -25.36
CA PRO F 357 40.13 -68.00 -25.19
C PRO F 357 40.33 -68.97 -24.04
N ARG F 358 39.40 -68.92 -23.07
CA ARG F 358 39.46 -69.78 -21.91
C ARG F 358 38.05 -70.16 -21.50
N SER F 359 37.92 -71.33 -20.88
CA SER F 359 36.63 -71.79 -20.41
C SER F 359 36.21 -71.03 -19.16
N PRO F 360 34.91 -70.96 -18.87
CA PRO F 360 34.47 -70.30 -17.63
C PRO F 360 35.03 -70.94 -16.37
N GLU F 361 35.26 -72.26 -16.39
CA GLU F 361 35.74 -72.96 -15.20
C GLU F 361 37.18 -72.59 -14.85
N SER F 362 37.94 -72.07 -15.79
CA SER F 362 39.34 -71.72 -15.55
C SER F 362 39.52 -70.31 -15.01
N VAL F 363 38.44 -69.56 -14.83
CA VAL F 363 38.51 -68.19 -14.33
C VAL F 363 38.37 -68.20 -12.82
N ASP F 364 39.19 -67.41 -12.15
CA ASP F 364 39.15 -67.31 -10.69
C ASP F 364 37.78 -66.80 -10.24
N GLY F 365 37.27 -67.37 -9.16
CA GLY F 365 35.96 -67.03 -8.64
C GLY F 365 34.81 -67.75 -9.29
N TRP F 366 35.07 -68.70 -10.19
CA TRP F 366 33.99 -69.43 -10.85
C TRP F 366 33.21 -70.29 -9.87
N GLU F 367 33.86 -70.77 -8.81
CA GLU F 367 33.18 -71.65 -7.86
C GLU F 367 32.12 -70.93 -7.05
N ARG F 368 32.16 -69.59 -6.99
CA ARG F 368 31.18 -68.81 -6.26
C ARG F 368 29.98 -68.42 -7.11
N VAL F 369 29.92 -68.88 -8.36
CA VAL F 369 28.84 -68.51 -9.28
C VAL F 369 27.75 -69.56 -9.21
N LEU F 370 26.52 -69.11 -9.02
CA LEU F 370 25.36 -69.99 -8.96
C LEU F 370 24.69 -70.04 -10.33
N THR F 371 24.57 -71.23 -10.90
CA THR F 371 23.82 -71.42 -12.13
C THR F 371 22.33 -71.41 -11.82
N THR F 372 21.56 -70.62 -12.58
CA THR F 372 20.16 -70.44 -12.29
C THR F 372 19.37 -71.70 -12.62
N ALA F 373 18.06 -71.63 -12.39
CA ALA F 373 17.16 -72.77 -12.61
C ALA F 373 17.13 -73.17 -14.08
N VAL G 9 16.99 66.60 29.02
CA VAL G 9 17.13 65.26 28.46
C VAL G 9 15.94 64.95 27.54
N PRO G 10 16.24 64.65 26.26
CA PRO G 10 15.15 64.44 25.30
C PRO G 10 14.37 63.16 25.56
N GLY G 11 15.08 62.05 25.69
CA GLY G 11 14.47 60.77 25.96
C GLY G 11 14.43 60.46 27.43
N LEU G 12 14.32 59.16 27.74
CA LEU G 12 14.29 58.68 29.11
C LEU G 12 15.49 57.80 29.43
N ASP G 13 16.61 58.03 28.74
CA ASP G 13 17.82 57.26 28.99
C ASP G 13 18.37 57.57 30.38
N GLY G 14 18.79 56.54 31.09
CA GLY G 14 19.36 56.70 32.42
C GLY G 14 18.33 56.86 33.52
N VAL G 15 17.14 57.34 33.16
CA VAL G 15 16.09 57.57 34.14
C VAL G 15 15.58 56.22 34.63
N VAL G 16 15.77 55.96 35.93
CA VAL G 16 15.31 54.70 36.51
C VAL G 16 13.79 54.70 36.59
N ALA G 17 13.19 53.52 36.44
CA ALA G 17 11.75 53.43 36.46
C ALA G 17 11.20 52.39 37.43
N PHE G 18 11.86 51.23 37.56
CA PHE G 18 11.40 50.19 38.45
C PHE G 18 12.60 49.44 39.03
N THR G 19 12.31 48.50 39.92
CA THR G 19 13.31 47.62 40.51
C THR G 19 13.01 46.19 40.09
N THR G 20 14.06 45.39 39.89
CA THR G 20 13.93 44.04 39.37
C THR G 20 14.69 43.06 40.24
N GLU G 21 14.25 41.80 40.19
CA GLU G 21 14.88 40.70 40.90
C GLU G 21 14.98 39.47 40.00
N ILE G 22 15.33 39.68 38.73
CA ILE G 22 15.17 38.66 37.70
C ILE G 22 16.50 38.32 37.01
N ALA G 23 17.24 39.34 36.58
CA ALA G 23 18.43 39.07 35.79
C ALA G 23 19.49 40.13 36.00
N GLU G 24 20.73 39.76 35.66
CA GLU G 24 21.89 40.65 35.72
C GLU G 24 22.37 40.98 34.31
N PRO G 25 22.10 42.16 33.78
CA PRO G 25 22.86 42.64 32.61
C PRO G 25 24.21 43.21 33.03
N ASP G 26 25.01 42.39 33.70
CA ASP G 26 26.24 42.82 34.34
C ASP G 26 27.31 43.04 33.28
N LYS G 27 27.20 44.18 32.59
CA LYS G 27 28.17 44.53 31.57
C LYS G 27 29.53 44.87 32.18
N ASP G 28 29.53 45.52 33.36
CA ASP G 28 30.78 45.85 34.03
C ASP G 28 31.49 44.62 34.58
N GLY G 29 30.75 43.53 34.81
CA GLY G 29 31.35 42.32 35.35
C GLY G 29 31.66 41.28 34.28
N GLY G 30 30.94 41.33 33.18
CA GLY G 30 31.14 40.38 32.09
C GLY G 30 30.36 39.09 32.22
N ALA G 31 29.24 39.09 32.95
CA ALA G 31 28.44 37.89 33.12
C ALA G 31 26.96 38.24 33.01
N LEU G 32 26.16 37.23 32.70
CA LEU G 32 24.70 37.37 32.59
C LEU G 32 24.06 36.27 33.41
N ARG G 33 23.39 36.64 34.50
CA ARG G 33 22.77 35.68 35.41
C ARG G 33 21.26 35.85 35.36
N TYR G 34 20.55 34.74 35.17
CA TYR G 34 19.10 34.71 35.26
C TYR G 34 18.74 34.24 36.67
N ARG G 35 18.19 35.15 37.47
CA ARG G 35 17.79 34.85 38.86
C ARG G 35 18.95 34.27 39.66
N GLY G 36 20.17 34.72 39.37
CA GLY G 36 21.35 34.31 40.09
C GLY G 36 22.17 33.24 39.41
N VAL G 37 21.61 32.51 38.45
CA VAL G 37 22.30 31.42 37.77
C VAL G 37 22.86 31.95 36.45
N ASP G 38 24.16 31.75 36.23
CA ASP G 38 24.80 32.22 35.02
C ASP G 38 24.30 31.45 33.80
N ILE G 39 24.25 32.15 32.67
CA ILE G 39 23.75 31.53 31.43
C ILE G 39 24.69 30.45 30.95
N GLU G 40 26.01 30.67 31.09
CA GLU G 40 26.98 29.71 30.60
C GLU G 40 26.92 28.38 31.35
N ASP G 41 26.37 28.38 32.56
CA ASP G 41 26.11 27.13 33.26
C ASP G 41 24.93 26.39 32.62
N LEU G 42 23.85 27.12 32.34
CA LEU G 42 22.69 26.50 31.69
C LEU G 42 23.02 26.03 30.28
N VAL G 43 23.78 26.83 29.53
CA VAL G 43 24.13 26.44 28.17
C VAL G 43 25.05 25.23 28.17
N SER G 44 26.07 25.23 29.04
CA SER G 44 27.00 24.12 29.08
C SER G 44 26.33 22.84 29.58
N GLN G 45 25.40 22.97 30.52
CA GLN G 45 24.65 21.82 31.01
C GLN G 45 23.49 21.45 30.10
N ARG G 46 23.25 22.22 29.04
CA ARG G 46 22.19 21.95 28.06
C ARG G 46 20.81 21.91 28.72
N VAL G 47 20.42 23.05 29.29
CA VAL G 47 19.11 23.21 29.90
C VAL G 47 18.15 23.74 28.84
N THR G 48 17.00 23.07 28.69
CA THR G 48 16.06 23.43 27.65
C THR G 48 15.32 24.72 27.99
N PHE G 49 14.68 25.30 26.96
CA PHE G 49 14.01 26.58 27.13
C PHE G 49 12.87 26.49 28.13
N GLY G 50 12.11 25.40 28.10
CA GLY G 50 10.97 25.27 29.01
C GLY G 50 11.38 25.29 30.47
N ASP G 51 12.46 24.58 30.80
CA ASP G 51 12.96 24.60 32.18
C ASP G 51 13.47 25.98 32.57
N VAL G 52 14.16 26.66 31.65
CA VAL G 52 14.66 28.01 31.92
C VAL G 52 13.49 28.97 32.06
N TRP G 53 12.43 28.78 31.28
CA TRP G 53 11.27 29.68 31.33
C TRP G 53 10.68 29.75 32.73
N ALA G 54 10.66 28.63 33.44
CA ALA G 54 10.13 28.62 34.81
C ALA G 54 11.03 29.41 35.76
N LEU G 55 12.34 29.39 35.53
CA LEU G 55 13.27 30.06 36.43
C LEU G 55 13.10 31.57 36.40
N LEU G 56 12.94 32.16 35.21
CA LEU G 56 12.77 33.61 35.13
C LEU G 56 11.45 34.06 35.74
N VAL G 57 10.40 33.23 35.62
CA VAL G 57 9.07 33.65 36.04
C VAL G 57 8.86 33.32 37.52
N ASP G 58 9.01 32.05 37.89
CA ASP G 58 8.76 31.59 39.25
C ASP G 58 9.96 31.71 40.18
N GLY G 59 11.17 31.88 39.66
CA GLY G 59 12.37 31.91 40.47
C GLY G 59 13.01 30.55 40.69
N ASN G 60 12.20 29.51 40.81
CA ASN G 60 12.67 28.15 41.02
C ASN G 60 12.36 27.28 39.81
N PHE G 61 13.00 26.12 39.77
CA PHE G 61 12.75 25.14 38.71
C PHE G 61 11.56 24.26 39.06
N GLY G 62 10.42 24.89 39.36
CA GLY G 62 9.25 24.17 39.80
C GLY G 62 8.54 23.39 38.70
N SER G 63 7.95 24.11 37.74
CA SER G 63 7.21 23.49 36.65
C SER G 63 7.53 24.21 35.36
N GLY G 64 7.98 23.45 34.36
CA GLY G 64 8.40 24.02 33.09
C GLY G 64 7.23 24.38 32.20
N LEU G 65 7.57 24.80 30.99
CA LEU G 65 6.57 25.21 30.02
C LEU G 65 5.73 24.01 29.59
N PRO G 66 4.41 24.06 29.71
CA PRO G 66 3.57 22.96 29.24
C PRO G 66 3.54 22.91 27.72
N PRO G 67 3.26 21.74 27.14
CA PRO G 67 3.15 21.65 25.69
C PRO G 67 1.93 22.42 25.18
N ALA G 68 2.06 22.93 23.95
CA ALA G 68 0.98 23.70 23.35
C ALA G 68 -0.18 22.79 22.93
N GLU G 69 -1.39 23.29 23.11
CA GLU G 69 -2.59 22.56 22.72
C GLU G 69 -2.82 22.68 21.22
N PRO G 70 -3.53 21.72 20.62
CA PRO G 70 -3.84 21.81 19.18
C PRO G 70 -4.70 23.03 18.87
N PHE G 71 -4.14 23.92 18.07
CA PHE G 71 -4.81 25.16 17.67
C PHE G 71 -4.22 25.65 16.35
N PRO G 72 -4.87 25.39 15.23
CA PRO G 72 -4.38 25.93 13.95
C PRO G 72 -4.39 27.44 13.96
N LEU G 73 -3.37 28.02 13.34
CA LEU G 73 -3.21 29.48 13.35
C LEU G 73 -4.32 30.13 12.54
N PRO G 74 -5.11 31.03 13.11
CA PRO G 74 -6.23 31.63 12.36
C PRO G 74 -5.86 32.83 11.52
N ILE G 75 -4.65 33.37 11.66
CA ILE G 75 -4.23 34.60 10.98
C ILE G 75 -3.14 34.25 9.98
N HIS G 76 -3.36 34.63 8.71
CA HIS G 76 -2.39 34.42 7.63
C HIS G 76 -2.24 35.74 6.89
N SER G 77 -1.34 36.59 7.38
CA SER G 77 -1.14 37.92 6.83
C SER G 77 0.11 38.05 5.96
N GLY G 78 0.91 37.00 5.87
CA GLY G 78 2.17 37.06 5.14
C GLY G 78 3.34 37.56 5.95
N ASP G 79 3.12 37.96 7.20
CA ASP G 79 4.19 38.39 8.10
C ASP G 79 4.08 37.58 9.38
N VAL G 80 5.20 36.97 9.78
CA VAL G 80 5.20 36.13 10.98
C VAL G 80 4.91 36.98 12.22
N ARG G 81 5.50 38.18 12.29
CA ARG G 81 5.28 39.05 13.43
C ARG G 81 3.81 39.46 13.53
N VAL G 82 3.19 39.81 12.41
CA VAL G 82 1.79 40.23 12.42
C VAL G 82 0.89 39.08 12.83
N ASP G 83 1.18 37.88 12.35
CA ASP G 83 0.34 36.72 12.67
C ASP G 83 0.35 36.43 14.16
N VAL G 84 1.52 36.50 14.79
CA VAL G 84 1.60 36.17 16.22
C VAL G 84 1.16 37.35 17.08
N GLN G 85 1.35 38.59 16.62
CA GLN G 85 0.88 39.74 17.38
C GLN G 85 -0.65 39.78 17.41
N ALA G 86 -1.29 39.63 16.25
CA ALA G 86 -2.74 39.62 16.20
C ALA G 86 -3.31 38.34 16.79
N GLY G 87 -2.63 37.21 16.57
CA GLY G 87 -3.15 35.95 17.06
C GLY G 87 -3.19 35.87 18.58
N LEU G 88 -2.16 36.41 19.25
CA LEU G 88 -2.12 36.37 20.70
C LEU G 88 -3.24 37.19 21.32
N ALA G 89 -3.57 38.34 20.72
CA ALA G 89 -4.61 39.19 21.27
C ALA G 89 -5.97 38.50 21.24
N MET G 90 -6.25 37.75 20.17
CA MET G 90 -7.54 37.07 20.03
C MET G 90 -7.69 35.88 20.98
N LEU G 91 -6.62 35.48 21.67
CA LEU G 91 -6.72 34.37 22.61
C LEU G 91 -7.54 34.72 23.85
N ALA G 92 -7.65 36.00 24.20
CA ALA G 92 -8.33 36.39 25.43
C ALA G 92 -9.80 36.01 25.45
N PRO G 93 -10.62 36.31 24.43
CA PRO G 93 -12.05 35.97 24.53
C PRO G 93 -12.31 34.48 24.46
N ILE G 94 -11.62 33.75 23.58
CA ILE G 94 -11.89 32.32 23.42
C ILE G 94 -11.46 31.56 24.67
N TRP G 95 -10.35 31.97 25.29
CA TRP G 95 -9.83 31.29 26.47
C TRP G 95 -10.32 31.89 27.77
N GLY G 96 -11.17 32.91 27.72
CA GLY G 96 -11.70 33.52 28.92
C GLY G 96 -10.67 34.23 29.79
N TYR G 97 -9.80 35.02 29.16
CA TYR G 97 -8.75 35.74 29.90
C TYR G 97 -9.35 37.00 30.52
N ALA G 98 -9.52 36.98 31.84
CA ALA G 98 -9.97 38.14 32.57
C ALA G 98 -8.83 39.15 32.70
N PRO G 99 -9.15 40.42 32.98
CA PRO G 99 -8.09 41.42 33.17
C PRO G 99 -7.20 41.09 34.34
N LEU G 100 -5.95 41.56 34.27
CA LEU G 100 -4.97 41.29 35.32
C LEU G 100 -5.43 41.81 36.68
N LEU G 101 -6.21 42.90 36.69
CA LEU G 101 -6.63 43.50 37.95
C LEU G 101 -7.58 42.59 38.73
N ASP G 102 -8.31 41.71 38.05
CA ASP G 102 -9.35 40.91 38.68
C ASP G 102 -8.98 39.43 38.78
N ILE G 103 -7.69 39.09 38.66
CA ILE G 103 -7.24 37.71 38.76
C ILE G 103 -6.13 37.62 39.79
N ASP G 104 -5.97 36.42 40.35
CA ASP G 104 -4.95 36.18 41.36
C ASP G 104 -3.61 35.88 40.68
N ASP G 105 -2.60 35.58 41.51
CA ASP G 105 -1.26 35.38 40.98
C ASP G 105 -1.12 34.05 40.25
N ALA G 106 -1.74 32.99 40.79
CA ALA G 106 -1.60 31.66 40.18
C ALA G 106 -2.21 31.63 38.78
N THR G 107 -3.38 32.23 38.61
CA THR G 107 -4.02 32.26 37.29
C THR G 107 -3.19 33.06 36.29
N ALA G 108 -2.62 34.18 36.73
CA ALA G 108 -1.81 35.00 35.84
C ALA G 108 -0.58 34.24 35.35
N ARG G 109 0.06 33.48 36.24
CA ARG G 109 1.22 32.68 35.84
C ARG G 109 0.80 31.60 34.84
N GLN G 110 -0.34 30.95 35.06
CA GLN G 110 -0.80 29.93 34.13
C GLN G 110 -1.08 30.53 32.75
N GLN G 111 -1.87 31.61 32.71
CA GLN G 111 -2.25 32.19 31.43
C GLN G 111 -1.06 32.70 30.66
N LEU G 112 0.00 33.13 31.37
CA LEU G 112 1.23 33.51 30.69
C LEU G 112 1.90 32.31 30.03
N ALA G 113 1.94 31.17 30.72
CA ALA G 113 2.55 29.97 30.15
C ALA G 113 1.72 29.43 28.99
N ARG G 114 0.39 29.43 29.12
CA ARG G 114 -0.47 28.93 28.06
C ARG G 114 -0.31 29.74 26.78
N ALA G 115 -0.24 31.08 26.91
CA ALA G 115 -0.10 31.92 25.73
C ALA G 115 1.33 31.88 25.18
N SER G 116 2.33 31.76 26.05
CA SER G 116 3.71 31.80 25.60
C SER G 116 4.04 30.59 24.70
N VAL G 117 3.65 29.39 25.13
CA VAL G 117 3.88 28.22 24.30
C VAL G 117 2.98 28.25 23.07
N MET G 118 1.81 28.89 23.17
CA MET G 118 0.94 29.03 22.00
C MET G 118 1.60 29.90 20.93
N ALA G 119 2.27 30.98 21.35
CA ALA G 119 2.95 31.85 20.38
C ALA G 119 4.09 31.11 19.68
N LEU G 120 4.71 30.14 20.33
CA LEU G 120 5.74 29.34 19.69
C LEU G 120 5.16 28.53 18.53
N SER G 121 4.02 27.86 18.77
CA SER G 121 3.39 27.09 17.71
C SER G 121 2.83 27.99 16.61
N TYR G 122 2.35 29.18 16.97
CA TYR G 122 1.86 30.12 15.97
C TYR G 122 2.97 30.54 15.02
N VAL G 123 4.17 30.78 15.55
CA VAL G 123 5.30 31.13 14.70
C VAL G 123 5.70 29.94 13.83
N ALA G 124 5.70 28.74 14.40
CA ALA G 124 6.05 27.55 13.63
C ALA G 124 5.07 27.31 12.49
N GLN G 125 3.78 27.47 12.75
CA GLN G 125 2.77 27.31 11.70
C GLN G 125 2.92 28.37 10.62
N SER G 126 3.15 29.62 11.03
CA SER G 126 3.32 30.70 10.05
C SER G 126 4.57 30.48 9.21
N ALA G 127 5.65 30.01 9.84
CA ALA G 127 6.88 29.75 9.09
C ALA G 127 6.70 28.63 8.09
N ARG G 128 5.95 27.58 8.45
CA ARG G 128 5.75 26.46 7.55
C ARG G 128 5.03 26.89 6.27
N GLY G 129 4.01 27.72 6.41
CA GLY G 129 3.30 28.24 5.25
C GLY G 129 1.98 27.55 5.01
N ILE G 130 1.05 28.27 4.38
CA ILE G 130 -0.26 27.71 4.08
C ILE G 130 -0.22 26.74 2.92
N TYR G 131 0.80 26.80 2.07
CA TYR G 131 0.91 25.93 0.90
C TYR G 131 1.39 24.53 1.26
N GLN G 132 1.62 24.24 2.53
CA GLN G 132 2.03 22.93 2.98
C GLN G 132 1.04 22.38 4.01
N PRO G 133 0.70 21.10 3.95
CA PRO G 133 -0.19 20.53 4.95
C PRO G 133 0.45 20.55 6.33
N ALA G 134 -0.40 20.68 7.35
CA ALA G 134 0.08 20.77 8.72
C ALA G 134 0.68 19.44 9.18
N VAL G 135 1.70 19.53 10.02
CA VAL G 135 2.32 18.33 10.59
C VAL G 135 1.36 17.69 11.58
N PRO G 136 1.14 16.37 11.52
CA PRO G 136 0.20 15.73 12.46
C PRO G 136 0.67 15.86 13.89
N GLN G 137 -0.30 15.91 14.81
CA GLN G 137 0.01 16.06 16.23
C GLN G 137 0.73 14.83 16.78
N ARG G 138 0.47 13.65 16.21
CA ARG G 138 1.13 12.44 16.70
C ARG G 138 2.64 12.52 16.52
N ILE G 139 3.10 13.06 15.40
CA ILE G 139 4.53 13.23 15.18
C ILE G 139 5.12 14.20 16.18
N ILE G 140 4.43 15.30 16.44
CA ILE G 140 4.92 16.30 17.38
C ILE G 140 4.97 15.73 18.80
N ASP G 141 3.99 14.90 19.16
CA ASP G 141 3.90 14.36 20.51
C ASP G 141 5.06 13.43 20.85
N GLU G 142 5.83 12.97 19.87
CA GLU G 142 6.96 12.09 20.13
C GLU G 142 8.14 12.85 20.72
N CYS G 143 8.21 14.16 20.44
CA CYS G 143 9.32 14.99 20.87
C CYS G 143 9.29 15.19 22.39
N SER G 144 10.46 15.46 22.96
CA SER G 144 10.61 15.56 24.41
C SER G 144 10.42 16.99 24.91
N THR G 145 11.20 17.91 24.35
CA THR G 145 11.19 19.30 24.77
C THR G 145 10.37 20.15 23.80
N VAL G 146 9.91 21.30 24.31
CA VAL G 146 9.10 22.20 23.49
C VAL G 146 9.92 22.76 22.33
N THR G 147 11.24 22.88 22.51
CA THR G 147 12.10 23.31 21.41
C THR G 147 12.08 22.28 20.27
N ALA G 148 12.11 20.99 20.62
CA ALA G 148 12.00 19.96 19.60
C ALA G 148 10.61 19.95 18.97
N ARG G 149 9.57 20.17 19.78
CA ARG G 149 8.22 20.23 19.25
C ARG G 149 8.05 21.39 18.28
N PHE G 150 8.63 22.56 18.62
CA PHE G 150 8.56 23.71 17.73
C PHE G 150 9.23 23.41 16.39
N MET G 151 10.41 22.80 16.43
CA MET G 151 11.12 22.48 15.20
C MET G 151 10.37 21.41 14.39
N THR G 152 9.83 20.40 15.07
CA THR G 152 9.09 19.35 14.37
C THR G 152 7.82 19.90 13.74
N ARG G 153 7.12 20.81 14.43
CA ARG G 153 5.92 21.40 13.88
C ARG G 153 6.20 22.23 12.64
N TRP G 154 7.38 22.84 12.56
CA TRP G 154 7.73 23.71 11.45
C TRP G 154 8.37 22.94 10.30
N GLN G 155 9.50 22.27 10.57
CA GLN G 155 10.28 21.63 9.53
C GLN G 155 9.91 20.17 9.30
N GLY G 156 8.96 19.63 10.07
CA GLY G 156 8.53 18.26 9.87
C GLY G 156 9.45 17.22 10.48
N GLU G 157 10.71 17.20 10.05
CA GLU G 157 11.70 16.25 10.55
C GLU G 157 13.06 16.94 10.65
N PRO G 158 13.32 17.62 11.76
CA PRO G 158 14.60 18.32 11.92
C PRO G 158 15.66 17.44 12.58
N ASP G 159 16.90 17.66 12.14
CA ASP G 159 18.03 16.99 12.76
C ASP G 159 18.21 17.51 14.18
N PRO G 160 18.47 16.62 15.15
CA PRO G 160 18.59 17.06 16.55
C PRO G 160 19.69 18.09 16.79
N ARG G 161 20.71 18.16 15.93
CA ARG G 161 21.76 19.15 16.11
C ARG G 161 21.21 20.56 15.99
N HIS G 162 20.31 20.80 15.03
CA HIS G 162 19.70 22.12 14.89
C HIS G 162 18.73 22.41 16.02
N ILE G 163 18.13 21.36 16.60
CA ILE G 163 17.26 21.55 17.76
C ILE G 163 18.07 22.10 18.93
N GLU G 164 19.26 21.55 19.18
CA GLU G 164 20.10 22.04 20.25
C GLU G 164 20.65 23.43 19.95
N ALA G 165 20.90 23.73 18.67
CA ALA G 165 21.37 25.06 18.30
C ALA G 165 20.32 26.12 18.64
N ILE G 166 19.05 25.82 18.38
CA ILE G 166 17.98 26.74 18.75
C ILE G 166 17.85 26.83 20.28
N ASP G 167 17.98 25.68 20.95
CA ASP G 167 17.85 25.66 22.40
C ASP G 167 18.95 26.49 23.06
N ALA G 168 20.15 26.48 22.50
CA ALA G 168 21.23 27.31 23.03
C ALA G 168 20.98 28.79 22.76
N TYR G 169 20.51 29.12 21.55
CA TYR G 169 20.23 30.51 21.23
C TYR G 169 19.06 31.06 22.04
N TRP G 170 18.01 30.25 22.22
CA TRP G 170 16.82 30.73 22.90
C TRP G 170 17.09 31.07 24.35
N VAL G 171 17.85 30.22 25.05
CA VAL G 171 18.16 30.50 26.46
C VAL G 171 19.10 31.70 26.57
N SER G 172 19.95 31.93 25.56
CA SER G 172 20.87 33.05 25.60
C SER G 172 20.20 34.39 25.29
N ALA G 173 18.94 34.38 24.85
CA ALA G 173 18.22 35.61 24.54
C ALA G 173 16.93 35.75 25.34
N ALA G 174 16.80 34.99 26.42
CA ALA G 174 15.57 35.04 27.21
C ALA G 174 15.38 36.41 27.86
N GLU G 175 16.45 37.00 28.37
CA GLU G 175 16.37 38.28 29.07
C GLU G 175 17.68 39.03 28.93
N HIS G 176 17.60 40.30 28.55
CA HIS G 176 18.77 41.15 28.42
C HIS G 176 18.50 42.54 29.00
N GLY G 177 17.90 42.57 30.19
CA GLY G 177 17.63 43.84 30.84
C GLY G 177 16.39 44.51 30.29
N MET G 178 16.32 45.82 30.49
CA MET G 178 15.13 46.60 30.19
C MET G 178 15.17 47.10 28.75
N ASN G 179 14.79 46.21 27.84
CA ASN G 179 14.67 46.58 26.44
C ASN G 179 13.36 47.32 26.20
N ALA G 180 13.27 47.96 25.02
CA ALA G 180 12.09 48.75 24.70
C ALA G 180 10.83 47.90 24.64
N SER G 181 10.92 46.74 23.98
CA SER G 181 9.78 45.82 23.96
C SER G 181 9.46 45.30 25.35
N THR G 182 10.50 45.04 26.14
CA THR G 182 10.29 44.60 27.52
C THR G 182 9.61 45.68 28.35
N PHE G 183 9.98 46.94 28.12
CA PHE G 183 9.33 48.05 28.81
C PHE G 183 7.87 48.18 28.40
N THR G 184 7.58 47.96 27.12
CA THR G 184 6.21 48.12 26.62
C THR G 184 5.25 47.14 27.28
N ALA G 185 5.71 45.90 27.53
CA ALA G 185 4.85 44.91 28.14
C ALA G 185 4.44 45.32 29.55
N ARG G 186 5.39 45.86 30.33
CA ARG G 186 5.09 46.23 31.71
C ARG G 186 4.10 47.38 31.79
N VAL G 187 4.19 48.33 30.84
CA VAL G 187 3.27 49.47 30.85
C VAL G 187 1.83 48.99 30.65
N ILE G 188 1.63 48.08 29.68
CA ILE G 188 0.30 47.54 29.46
C ILE G 188 -0.12 46.65 30.64
N ALA G 189 0.83 45.93 31.24
CA ALA G 189 0.52 45.17 32.43
C ALA G 189 0.17 46.08 33.61
N SER G 190 0.77 47.27 33.67
CA SER G 190 0.53 48.18 34.79
C SER G 190 -0.92 48.66 34.82
N THR G 191 -1.55 48.82 33.67
CA THR G 191 -2.91 49.35 33.61
C THR G 191 -3.97 48.28 33.87
N GLY G 192 -3.58 47.02 34.05
CA GLY G 192 -4.52 45.98 34.39
C GLY G 192 -5.06 45.17 33.21
N ALA G 193 -4.52 45.37 32.02
CA ALA G 193 -4.97 44.61 30.86
C ALA G 193 -4.61 43.14 31.01
N ASP G 194 -5.31 42.28 30.27
CA ASP G 194 -5.03 40.87 30.30
C ASP G 194 -3.64 40.58 29.72
N VAL G 195 -3.07 39.45 30.13
CA VAL G 195 -1.70 39.11 29.73
C VAL G 195 -1.58 38.97 28.23
N ALA G 196 -2.67 38.60 27.55
CA ALA G 196 -2.63 38.46 26.10
C ALA G 196 -2.37 39.80 25.42
N ALA G 197 -3.09 40.84 25.85
CA ALA G 197 -2.90 42.16 25.24
C ALA G 197 -1.52 42.73 25.55
N ALA G 198 -1.02 42.49 26.76
CA ALA G 198 0.32 42.96 27.12
C ALA G 198 1.39 42.30 26.26
N LEU G 199 1.25 40.99 26.03
CA LEU G 199 2.21 40.29 25.17
C LEU G 199 2.14 40.79 23.74
N SER G 200 0.94 41.07 23.24
CA SER G 200 0.78 41.55 21.87
C SER G 200 1.48 42.89 21.66
N GLY G 201 1.35 43.80 22.63
CA GLY G 201 2.03 45.08 22.53
C GLY G 201 3.53 44.95 22.52
N ALA G 202 4.06 43.99 23.28
CA ALA G 202 5.50 43.76 23.31
C ALA G 202 6.03 43.34 21.96
N ILE G 203 5.28 42.48 21.26
CA ILE G 203 5.70 42.05 19.92
C ILE G 203 5.70 43.23 18.96
N GLY G 204 4.73 44.14 19.12
CA GLY G 204 4.71 45.32 18.27
C GLY G 204 5.93 46.20 18.46
N ALA G 205 6.40 46.35 19.69
CA ALA G 205 7.59 47.14 19.95
C ALA G 205 8.83 46.43 19.42
N MET G 206 8.86 45.10 19.50
CA MET G 206 9.98 44.33 18.96
C MET G 206 10.12 44.48 17.45
N SER G 207 9.01 44.79 16.76
CA SER G 207 9.06 44.92 15.31
C SER G 207 9.97 46.04 14.85
N GLY G 208 10.12 47.08 15.68
CA GLY G 208 10.96 48.21 15.34
C GLY G 208 12.41 47.84 15.12
N PRO G 209 12.99 48.32 14.01
CA PRO G 209 14.41 48.03 13.74
C PRO G 209 15.35 48.62 14.77
N LEU G 210 14.95 49.67 15.49
CA LEU G 210 15.82 50.33 16.45
C LEU G 210 15.84 49.64 17.82
N HIS G 211 15.00 48.63 18.02
CA HIS G 211 14.97 47.97 19.32
C HIS G 211 16.31 47.36 19.68
N GLY G 212 16.98 46.74 18.71
CA GLY G 212 18.29 46.18 18.92
C GLY G 212 18.25 44.71 19.34
N GLY G 213 19.36 44.04 19.10
CA GLY G 213 19.49 42.63 19.43
C GLY G 213 19.13 41.67 18.31
N ALA G 214 18.47 42.14 17.26
CA ALA G 214 18.13 41.27 16.15
C ALA G 214 19.40 40.84 15.41
N PRO G 215 19.50 39.59 14.99
CA PRO G 215 20.70 39.14 14.27
C PRO G 215 20.91 39.95 13.00
N ALA G 216 22.16 40.28 12.73
CA ALA G 216 22.53 41.13 11.61
C ALA G 216 22.72 40.30 10.35
N ARG G 217 22.70 40.99 9.21
CA ARG G 217 22.88 40.36 7.90
C ARG G 217 24.36 40.17 7.64
N VAL G 218 24.90 39.07 8.16
CA VAL G 218 26.29 38.70 7.95
C VAL G 218 26.46 37.59 6.92
N LEU G 219 25.36 37.00 6.45
CA LEU G 219 25.45 35.97 5.42
C LEU G 219 26.08 36.45 4.11
N PRO G 220 25.73 37.63 3.56
CA PRO G 220 26.41 38.06 2.33
C PRO G 220 27.92 38.14 2.46
N MET G 221 28.43 38.58 3.62
CA MET G 221 29.86 38.56 3.85
C MET G 221 30.39 37.14 3.92
N LEU G 222 29.68 36.26 4.63
CA LEU G 222 30.15 34.89 4.79
C LEU G 222 30.10 34.11 3.49
N ASP G 223 29.11 34.38 2.64
CA ASP G 223 29.04 33.73 1.33
C ASP G 223 30.08 34.26 0.35
N GLU G 224 30.71 35.40 0.65
CA GLU G 224 31.73 35.96 -0.22
C GLU G 224 33.13 35.42 0.09
N VAL G 225 33.48 35.34 1.38
CA VAL G 225 34.78 34.79 1.76
C VAL G 225 34.86 33.31 1.40
N GLU G 226 33.71 32.61 1.42
CA GLU G 226 33.70 31.20 1.01
C GLU G 226 34.08 31.06 -0.46
N ARG G 227 33.62 31.98 -1.30
CA ARG G 227 33.96 31.98 -2.72
C ARG G 227 35.45 32.21 -2.92
N ASP G 230 40.58 34.04 1.57
CA ASP G 230 41.25 35.06 2.37
C ASP G 230 40.25 36.02 3.00
N ALA G 231 40.37 36.22 4.31
CA ALA G 231 39.49 37.16 4.99
C ALA G 231 39.71 38.59 4.51
N ARG G 232 40.98 38.98 4.32
CA ARG G 232 41.30 40.33 3.88
C ARG G 232 40.94 40.59 2.43
N SER G 233 40.54 39.56 1.68
CA SER G 233 40.11 39.76 0.30
C SER G 233 38.93 40.72 0.21
N VAL G 234 38.14 40.86 1.26
CA VAL G 234 37.02 41.78 1.27
C VAL G 234 37.23 42.83 2.36
N VAL G 235 37.31 42.38 3.63
CA VAL G 235 37.16 43.26 4.79
C VAL G 235 38.00 44.52 4.68
N LYS G 236 39.14 44.46 3.99
CA LYS G 236 39.90 45.67 3.72
C LYS G 236 39.13 46.59 2.76
N GLY G 237 38.64 46.05 1.66
CA GLY G 237 37.98 46.84 0.64
C GLY G 237 36.55 47.22 0.95
N ILE G 238 36.01 46.77 2.08
CA ILE G 238 34.67 47.16 2.48
C ILE G 238 34.68 48.47 3.25
N LEU G 239 35.59 48.62 4.23
CA LEU G 239 35.71 49.91 4.90
C LEU G 239 36.36 50.94 3.99
N ASP G 240 37.16 50.49 3.01
CA ASP G 240 37.77 51.41 2.07
C ASP G 240 36.73 52.02 1.13
N ARG G 241 35.72 51.23 0.74
CA ARG G 241 34.72 51.70 -0.21
C ARG G 241 33.64 52.56 0.44
N GLY G 242 33.63 52.68 1.77
CA GLY G 242 32.69 53.56 2.44
C GLY G 242 31.69 52.87 3.34
N GLU G 243 31.14 51.74 2.90
CA GLU G 243 30.16 51.03 3.69
C GLU G 243 30.80 50.39 4.92
N LYS G 244 29.97 50.13 5.93
CA LYS G 244 30.42 49.62 7.22
C LYS G 244 30.06 48.15 7.35
N LEU G 245 31.01 47.36 7.83
CA LEU G 245 30.77 45.94 8.06
C LEU G 245 29.75 45.76 9.20
N MET G 246 29.01 44.66 9.13
CA MET G 246 27.97 44.35 10.09
C MET G 246 28.39 43.21 11.01
N GLY G 247 27.76 43.16 12.17
CA GLY G 247 28.07 42.17 13.19
C GLY G 247 29.11 42.61 14.20
N PHE G 248 29.75 43.76 14.00
CA PHE G 248 30.77 44.26 14.91
C PHE G 248 30.58 45.75 15.10
N GLY G 249 31.14 46.26 16.19
CA GLY G 249 31.02 47.68 16.49
C GLY G 249 31.44 47.99 17.92
N HIS G 250 30.80 49.00 18.49
CA HIS G 250 31.07 49.37 19.88
C HIS G 250 30.69 48.22 20.81
N ARG G 251 31.56 47.96 21.78
CA ARG G 251 31.35 46.84 22.69
C ARG G 251 30.20 47.12 23.64
N VAL G 252 29.69 46.04 24.24
CA VAL G 252 28.63 46.12 25.25
C VAL G 252 29.14 45.65 26.60
N TYR G 253 29.76 44.48 26.66
CA TYR G 253 30.41 43.97 27.85
C TYR G 253 31.91 44.15 27.73
N ARG G 254 32.57 44.52 28.84
CA ARG G 254 34.02 44.71 28.81
C ARG G 254 34.73 43.37 28.65
N ALA G 255 34.36 42.39 29.44
CA ALA G 255 34.70 41.01 29.09
C ALA G 255 33.88 40.62 27.86
N GLU G 256 34.38 39.63 27.12
CA GLU G 256 33.67 39.19 25.93
C GLU G 256 32.24 38.79 26.28
N ASP G 257 31.28 39.28 25.49
CA ASP G 257 29.86 39.11 25.77
C ASP G 257 29.57 37.64 26.07
N PRO G 258 29.10 37.31 27.27
CA PRO G 258 28.95 35.88 27.64
C PRO G 258 28.05 35.11 26.70
N ARG G 259 27.02 35.75 26.14
CA ARG G 259 26.18 35.08 25.16
C ARG G 259 26.96 34.76 23.89
N ALA G 260 27.87 35.66 23.49
CA ALA G 260 28.69 35.40 22.30
C ALA G 260 29.66 34.25 22.53
N ARG G 261 30.12 34.05 23.77
CA ARG G 261 31.05 32.97 24.05
C ARG G 261 30.36 31.61 23.97
N VAL G 262 29.18 31.49 24.59
CA VAL G 262 28.46 30.21 24.57
C VAL G 262 27.94 29.91 23.17
N LEU G 263 27.54 30.95 22.42
CA LEU G 263 27.07 30.73 21.06
C LEU G 263 28.18 30.17 20.18
N ARG G 264 29.39 30.73 20.29
CA ARG G 264 30.51 30.21 19.51
C ARG G 264 30.89 28.80 19.95
N ALA G 265 30.84 28.53 21.26
CA ALA G 265 31.11 27.18 21.74
C ALA G 265 30.10 26.19 21.16
N ALA G 266 28.82 26.57 21.13
CA ALA G 266 27.83 25.74 20.45
C ALA G 266 28.10 25.66 18.96
N ALA G 267 28.40 26.79 18.33
CA ALA G 267 28.58 26.81 16.88
C ALA G 267 29.68 25.86 16.42
N GLU G 268 30.62 25.51 17.29
CA GLU G 268 31.64 24.51 16.99
C GLU G 268 31.30 23.14 17.55
N ARG G 269 30.62 23.07 18.70
CA ARG G 269 30.31 21.78 19.31
C ARG G 269 29.37 20.97 18.44
N LEU G 270 28.27 21.59 17.99
CA LEU G 270 27.35 20.88 17.11
C LEU G 270 27.92 20.65 15.71
N GLY G 271 29.02 21.31 15.37
CA GLY G 271 29.69 21.06 14.11
C GLY G 271 29.06 21.76 12.92
N ALA G 272 28.94 23.08 13.01
CA ALA G 272 28.38 23.85 11.91
C ALA G 272 29.41 23.91 10.77
N PRO G 273 29.04 23.51 9.55
CA PRO G 273 29.99 23.61 8.43
C PRO G 273 30.44 25.02 8.12
N ARG G 274 29.65 26.03 8.49
CA ARG G 274 30.01 27.43 8.26
C ARG G 274 30.82 28.02 9.40
N TYR G 275 31.11 27.25 10.45
CA TYR G 275 31.85 27.78 11.59
C TYR G 275 33.28 28.18 11.19
N GLU G 276 33.93 27.36 10.36
CA GLU G 276 35.31 27.65 9.97
C GLU G 276 35.41 28.96 9.21
N VAL G 277 34.48 29.21 8.29
CA VAL G 277 34.50 30.46 7.53
C VAL G 277 34.15 31.64 8.43
N ALA G 278 33.19 31.44 9.35
CA ALA G 278 32.80 32.53 10.24
C ALA G 278 33.89 32.85 11.25
N VAL G 279 34.58 31.82 11.76
CA VAL G 279 35.66 32.04 12.73
C VAL G 279 36.89 32.67 12.09
N ALA G 280 36.96 32.71 10.77
CA ALA G 280 38.06 33.36 10.07
C ALA G 280 37.76 34.79 9.67
N VAL G 281 36.49 35.14 9.47
CA VAL G 281 36.15 36.50 9.09
C VAL G 281 36.05 37.40 10.32
N GLU G 282 35.73 36.83 11.48
CA GLU G 282 35.65 37.64 12.70
C GLU G 282 37.02 38.13 13.13
N GLN G 283 38.05 37.30 12.97
CA GLN G 283 39.38 37.67 13.42
C GLN G 283 39.90 38.89 12.68
N ALA G 284 39.70 38.92 11.35
CA ALA G 284 40.09 40.10 10.58
C ALA G 284 39.28 41.32 10.97
N ALA G 285 37.98 41.14 11.23
CA ALA G 285 37.15 42.25 11.67
C ALA G 285 37.62 42.80 13.02
N LEU G 286 37.97 41.91 13.94
CA LEU G 286 38.53 42.32 15.23
C LEU G 286 40.02 42.58 15.15
N SER G 287 40.60 42.65 13.96
CA SER G 287 41.97 43.06 13.76
C SER G 287 42.08 44.36 12.98
N GLU G 288 41.46 44.42 11.79
CA GLU G 288 41.55 45.63 10.97
C GLU G 288 40.88 46.82 11.64
N LEU G 289 39.67 46.62 12.16
CA LEU G 289 38.95 47.71 12.81
C LEU G 289 39.61 48.12 14.12
N ARG G 290 40.27 47.18 14.79
CA ARG G 290 40.96 47.48 16.04
C ARG G 290 42.22 48.31 15.85
N GLU G 291 42.71 48.45 14.61
CA GLU G 291 43.90 49.25 14.35
C GLU G 291 43.54 50.70 14.01
N ARG G 292 42.52 50.91 13.17
CA ARG G 292 42.14 52.28 12.81
C ARG G 292 41.66 53.05 14.03
N ARG G 293 40.84 52.43 14.86
CA ARG G 293 40.51 52.98 16.17
C ARG G 293 41.54 52.47 17.16
N PRO G 294 42.41 53.32 17.71
CA PRO G 294 43.54 52.83 18.51
C PRO G 294 43.11 52.01 19.73
N ASP G 295 42.31 52.61 20.60
CA ASP G 295 41.85 51.94 21.80
C ASP G 295 40.63 52.64 22.40
N THR G 300 33.05 42.11 19.48
CA THR G 300 32.15 41.34 18.63
C THR G 300 30.75 41.28 19.23
N ASN G 301 29.77 41.81 18.50
CA ASN G 301 28.38 41.73 18.93
C ASN G 301 27.88 40.30 18.87
N VAL G 302 27.00 39.96 19.81
CA VAL G 302 26.39 38.63 19.82
C VAL G 302 25.49 38.43 18.60
N GLU G 303 25.05 39.51 17.96
CA GLU G 303 24.20 39.39 16.79
C GLU G 303 24.95 38.78 15.60
N PHE G 304 26.27 38.94 15.56
CA PHE G 304 27.05 38.33 14.48
C PHE G 304 26.96 36.80 14.53
N TRP G 305 27.12 36.23 15.72
CA TRP G 305 27.02 34.78 15.88
C TRP G 305 25.58 34.32 16.09
N ALA G 306 24.67 35.23 16.43
CA ALA G 306 23.26 34.87 16.51
C ALA G 306 22.74 34.44 15.15
N ALA G 307 23.12 35.16 14.09
CA ALA G 307 22.74 34.76 12.75
C ALA G 307 23.37 33.44 12.36
N VAL G 308 24.61 33.20 12.79
CA VAL G 308 25.33 31.98 12.41
C VAL G 308 24.63 30.75 12.99
N VAL G 309 24.28 30.80 14.27
CA VAL G 309 23.63 29.65 14.90
C VAL G 309 22.25 29.41 14.29
N LEU G 310 21.48 30.48 14.08
CA LEU G 310 20.15 30.32 13.49
C LEU G 310 20.24 29.84 12.04
N ASP G 311 21.14 30.43 11.25
CA ASP G 311 21.29 29.99 9.86
C ASP G 311 21.76 28.55 9.77
N PHE G 312 22.55 28.10 10.75
CA PHE G 312 22.95 26.70 10.80
C PHE G 312 21.73 25.79 11.00
N ALA G 313 20.71 26.29 11.69
CA ALA G 313 19.49 25.53 11.95
C ALA G 313 18.48 25.65 10.81
N ARG G 314 18.93 25.99 9.60
CA ARG G 314 18.07 26.12 8.43
C ARG G 314 16.94 27.14 8.67
N VAL G 315 17.26 28.20 9.39
CA VAL G 315 16.32 29.29 9.66
C VAL G 315 16.58 30.39 8.64
N PRO G 316 15.58 30.76 7.83
CA PRO G 316 15.81 31.81 6.82
C PRO G 316 16.09 33.16 7.47
N ALA G 317 16.66 34.06 6.66
CA ALA G 317 17.02 35.39 7.16
C ALA G 317 15.81 36.16 7.64
N ASN G 318 14.70 36.10 6.89
CA ASN G 318 13.48 36.78 7.30
C ASN G 318 12.81 36.12 8.50
N MET G 319 13.19 34.90 8.85
CA MET G 319 12.65 34.20 10.00
C MET G 319 13.43 34.45 11.28
N MET G 320 14.65 35.00 11.19
CA MET G 320 15.47 35.22 12.38
C MET G 320 14.84 36.19 13.38
N PRO G 321 14.30 37.35 12.97
CA PRO G 321 13.70 38.25 13.98
C PRO G 321 12.57 37.61 14.78
N ALA G 322 11.81 36.70 14.16
CA ALA G 322 10.75 36.00 14.89
C ALA G 322 11.35 35.06 15.94
N MET G 323 12.49 34.46 15.65
CA MET G 323 13.12 33.56 16.63
C MET G 323 13.55 34.33 17.88
N PHE G 324 14.09 35.54 17.70
CA PHE G 324 14.36 36.41 18.85
C PHE G 324 13.07 36.65 19.63
N THR G 325 12.00 37.06 18.94
CA THR G 325 10.74 37.32 19.61
C THR G 325 10.23 36.07 20.34
N CYS G 326 10.57 34.89 19.82
CA CYS G 326 10.19 33.65 20.49
C CYS G 326 10.95 33.49 21.81
N GLY G 327 12.27 33.69 21.77
CA GLY G 327 13.07 33.52 22.98
C GLY G 327 12.76 34.56 24.03
N ARG G 328 12.49 35.80 23.63
CA ARG G 328 12.24 36.89 24.56
C ARG G 328 10.94 36.74 25.33
N THR G 329 10.08 35.80 24.95
CA THR G 329 8.83 35.58 25.69
C THR G 329 9.10 35.17 27.13
N ALA G 330 10.23 34.50 27.38
CA ALA G 330 10.58 34.12 28.75
C ALA G 330 10.80 35.35 29.62
N GLY G 331 11.61 36.30 29.14
CA GLY G 331 11.80 37.53 29.88
C GLY G 331 10.54 38.38 29.94
N TRP G 332 9.75 38.38 28.86
CA TRP G 332 8.53 39.18 28.83
C TRP G 332 7.55 38.71 29.89
N CYS G 333 7.35 37.40 30.01
CA CYS G 333 6.42 36.87 31.00
C CYS G 333 6.91 37.12 32.42
N ALA G 334 8.22 37.07 32.64
CA ALA G 334 8.76 37.32 33.98
C ALA G 334 8.47 38.74 34.44
N HIS G 335 8.67 39.72 33.55
CA HIS G 335 8.43 41.11 33.91
C HIS G 335 6.93 41.45 33.99
N ILE G 336 6.09 40.70 33.28
CA ILE G 336 4.64 40.90 33.39
C ILE G 336 4.17 40.56 34.80
N LEU G 337 4.62 39.41 35.31
CA LEU G 337 4.20 38.99 36.64
C LEU G 337 4.78 39.90 37.72
N GLU G 338 6.04 40.33 37.55
CA GLU G 338 6.64 41.24 38.52
C GLU G 338 5.92 42.58 38.55
N GLN G 339 5.54 43.10 37.38
CA GLN G 339 4.80 44.35 37.34
C GLN G 339 3.40 44.20 37.92
N LYS G 340 2.81 43.01 37.79
CA LYS G 340 1.49 42.77 38.36
C LYS G 340 1.50 42.91 39.88
N ARG G 341 2.54 42.39 40.53
CA ARG G 341 2.63 42.49 41.98
C ARG G 341 2.85 43.92 42.45
N LEU G 342 3.59 44.72 41.68
CA LEU G 342 3.78 46.13 42.03
C LEU G 342 2.46 46.88 42.00
N GLY G 343 1.67 46.68 40.95
CA GLY G 343 0.33 47.24 40.87
C GLY G 343 0.27 48.74 40.86
N LYS G 344 1.21 49.39 40.16
CA LYS G 344 1.25 50.85 40.07
C LYS G 344 1.25 51.27 38.61
N LEU G 345 0.45 52.29 38.30
CA LEU G 345 0.34 52.78 36.93
C LEU G 345 1.64 53.44 36.50
N VAL G 346 2.05 53.16 35.26
CA VAL G 346 3.24 53.77 34.67
C VAL G 346 2.76 54.94 33.84
N ARG G 347 2.71 56.12 34.47
CA ARG G 347 2.25 57.33 33.81
C ARG G 347 3.28 58.43 33.95
N PRO G 348 4.02 58.77 32.90
CA PRO G 348 4.96 59.90 32.98
C PRO G 348 4.25 61.22 32.77
N SER G 349 5.01 62.31 32.71
CA SER G 349 4.46 63.66 32.55
C SER G 349 5.05 64.31 31.31
N ALA G 350 4.44 65.43 30.92
CA ALA G 350 4.89 66.19 29.76
C ALA G 350 4.54 67.65 29.96
N ILE G 351 5.24 68.52 29.22
CA ILE G 351 5.04 69.95 29.28
C ILE G 351 4.74 70.46 27.88
N TYR G 352 3.77 71.38 27.79
CA TYR G 352 3.31 71.91 26.51
C TYR G 352 4.11 73.15 26.14
N VAL G 353 4.71 73.13 24.96
CA VAL G 353 5.62 74.19 24.52
C VAL G 353 5.08 74.94 23.30
N GLY G 354 4.08 74.42 22.62
CA GLY G 354 3.56 75.02 21.40
C GLY G 354 2.83 76.34 21.63
N PRO G 355 1.94 76.68 20.70
CA PRO G 355 1.31 78.01 20.73
C PRO G 355 0.34 78.17 21.89
N GLY G 356 0.10 79.42 22.25
CA GLY G 356 -0.79 79.75 23.35
C GLY G 356 -2.25 79.73 22.95
N PRO G 357 -3.12 80.19 23.85
CA PRO G 357 -4.56 80.19 23.56
C PRO G 357 -4.89 81.02 22.34
N ARG G 358 -5.88 80.54 21.57
CA ARG G 358 -6.32 81.23 20.37
C ARG G 358 -7.73 80.78 20.03
N SER G 359 -8.39 81.56 19.16
CA SER G 359 -9.74 81.25 18.73
C SER G 359 -9.72 80.25 17.58
N PRO G 360 -10.81 79.49 17.41
CA PRO G 360 -10.87 78.55 16.27
C PRO G 360 -10.75 79.24 14.92
N GLU G 361 -11.32 80.44 14.77
CA GLU G 361 -11.25 81.15 13.50
C GLU G 361 -9.88 81.71 13.19
N SER G 362 -8.99 81.80 14.19
CA SER G 362 -7.64 82.25 13.96
C SER G 362 -6.71 81.15 13.48
N VAL G 363 -7.18 79.91 13.43
CA VAL G 363 -6.40 78.78 12.94
C VAL G 363 -6.55 78.69 11.44
N ASP G 364 -5.43 78.47 10.74
CA ASP G 364 -5.44 78.43 9.29
C ASP G 364 -6.33 77.29 8.79
N GLY G 365 -7.16 77.59 7.80
CA GLY G 365 -8.04 76.60 7.21
C GLY G 365 -9.44 76.55 7.79
N TRP G 366 -9.82 77.50 8.64
CA TRP G 366 -11.16 77.50 9.22
C TRP G 366 -12.26 77.78 8.22
N GLU G 367 -11.91 78.27 7.02
CA GLU G 367 -12.92 78.54 6.01
C GLU G 367 -13.54 77.26 5.48
N ARG G 368 -12.80 76.16 5.48
CA ARG G 368 -13.27 74.88 4.96
C ARG G 368 -14.03 74.06 6.01
N VAL G 369 -14.14 74.55 7.23
CA VAL G 369 -14.85 73.85 8.30
C VAL G 369 -16.33 74.20 8.20
N LEU G 370 -17.18 73.19 8.43
CA LEU G 370 -18.62 73.37 8.36
C LEU G 370 -19.22 73.52 9.76
N VAL H 9 11.03 56.29 44.08
CA VAL H 9 9.69 56.58 43.60
C VAL H 9 9.42 55.80 42.31
N PRO H 10 8.43 54.93 42.36
CA PRO H 10 8.13 54.08 41.21
C PRO H 10 7.11 54.66 40.25
N GLY H 11 6.80 53.92 39.19
CA GLY H 11 5.71 54.29 38.30
C GLY H 11 5.94 55.51 37.45
N LEU H 12 7.14 56.07 37.45
CA LEU H 12 7.48 57.24 36.63
C LEU H 12 6.53 58.40 36.92
N ASP H 13 6.15 58.56 38.18
CA ASP H 13 5.16 59.56 38.56
C ASP H 13 5.81 60.93 38.64
N GLY H 14 5.24 61.90 37.92
CA GLY H 14 5.65 63.28 37.95
C GLY H 14 6.82 63.62 37.04
N VAL H 15 7.71 62.66 36.78
CA VAL H 15 8.89 62.95 35.96
C VAL H 15 8.46 63.16 34.51
N VAL H 16 8.95 64.25 33.92
CA VAL H 16 8.63 64.55 32.53
C VAL H 16 9.30 63.55 31.60
N ALA H 17 8.70 63.35 30.43
CA ALA H 17 9.24 62.42 29.45
C ALA H 17 9.38 63.07 28.09
N PHE H 18 8.46 63.98 27.75
CA PHE H 18 8.45 64.63 26.45
C PHE H 18 8.04 66.09 26.60
N THR H 19 8.41 66.89 25.62
CA THR H 19 8.01 68.30 25.53
C THR H 19 7.21 68.44 24.23
N THR H 20 5.90 68.21 24.33
CA THR H 20 5.03 68.15 23.17
C THR H 20 4.37 69.50 22.91
N GLU H 21 3.88 69.65 21.68
CA GLU H 21 3.18 70.86 21.26
C GLU H 21 1.73 70.57 20.87
N ILE H 22 1.16 69.48 21.38
CA ILE H 22 -0.16 69.03 20.96
C ILE H 22 -1.25 69.63 21.84
N ALA H 23 -1.15 69.41 23.15
CA ALA H 23 -2.19 69.88 24.06
C ALA H 23 -1.62 70.03 25.45
N GLU H 24 -2.38 70.74 26.29
CA GLU H 24 -2.00 70.99 27.68
C GLU H 24 -2.95 70.25 28.60
N PRO H 25 -2.51 69.18 29.29
CA PRO H 25 -3.37 68.45 30.22
C PRO H 25 -3.51 69.14 31.58
N ASP H 26 -3.84 70.43 31.54
CA ASP H 26 -3.99 71.20 32.77
C ASP H 26 -5.18 70.70 33.58
N LYS H 27 -4.99 70.56 34.88
CA LYS H 27 -6.03 70.10 35.78
C LYS H 27 -6.27 71.01 36.97
N ASP H 28 -5.29 71.80 37.39
CA ASP H 28 -5.48 72.74 38.49
C ASP H 28 -6.12 74.06 38.04
N GLY H 29 -6.19 74.31 36.74
CA GLY H 29 -6.78 75.53 36.24
C GLY H 29 -8.08 75.30 35.50
N GLY H 30 -8.47 74.04 35.34
CA GLY H 30 -9.72 73.72 34.65
C GLY H 30 -9.73 74.13 33.20
N ALA H 31 -8.63 73.92 32.49
CA ALA H 31 -8.54 74.27 31.08
C ALA H 31 -7.87 73.13 30.32
N LEU H 32 -8.49 72.71 29.22
CA LEU H 32 -7.92 71.69 28.34
C LEU H 32 -8.12 72.14 26.91
N ARG H 33 -7.04 72.14 26.12
CA ARG H 33 -7.10 72.69 24.78
C ARG H 33 -6.14 71.95 23.86
N TYR H 34 -6.62 71.61 22.66
CA TYR H 34 -5.78 70.99 21.64
C TYR H 34 -5.16 72.09 20.79
N ARG H 35 -3.86 72.31 20.96
CA ARG H 35 -3.11 73.31 20.20
C ARG H 35 -3.72 74.71 20.36
N GLY H 36 -4.19 75.01 21.56
CA GLY H 36 -4.67 76.33 21.89
C GLY H 36 -6.12 76.62 21.53
N VAL H 37 -6.84 75.67 20.94
CA VAL H 37 -8.23 75.87 20.54
C VAL H 37 -9.13 75.26 21.59
N ASP H 38 -10.10 76.03 22.06
CA ASP H 38 -10.93 75.61 23.19
C ASP H 38 -11.85 74.47 22.79
N ILE H 39 -11.83 73.39 23.57
CA ILE H 39 -12.74 72.28 23.33
C ILE H 39 -14.18 72.73 23.52
N GLU H 40 -14.43 73.67 24.43
CA GLU H 40 -15.76 74.24 24.56
C GLU H 40 -16.17 74.97 23.27
N ASP H 41 -15.22 75.68 22.65
CA ASP H 41 -15.51 76.29 21.36
C ASP H 41 -15.77 75.24 20.30
N LEU H 42 -14.99 74.15 20.30
CA LEU H 42 -15.18 73.10 19.29
C LEU H 42 -16.54 72.42 19.46
N VAL H 43 -16.91 72.08 20.70
CA VAL H 43 -18.17 71.38 20.92
C VAL H 43 -19.36 72.30 20.67
N SER H 44 -19.31 73.52 21.20
CA SER H 44 -20.46 74.43 21.07
C SER H 44 -20.67 74.86 19.62
N GLN H 45 -19.59 75.13 18.89
CA GLN H 45 -19.71 75.53 17.50
C GLN H 45 -19.88 74.35 16.56
N ARG H 46 -19.94 73.13 17.09
CA ARG H 46 -20.23 71.91 16.33
C ARG H 46 -19.18 71.68 15.24
N VAL H 47 -17.95 71.51 15.68
CA VAL H 47 -16.84 71.12 14.80
C VAL H 47 -16.68 69.61 14.88
N THR H 48 -16.71 68.97 13.71
CA THR H 48 -16.75 67.51 13.67
C THR H 48 -15.39 66.90 14.03
N PHE H 49 -15.43 65.63 14.41
CA PHE H 49 -14.21 64.90 14.75
C PHE H 49 -13.26 64.87 13.57
N GLY H 50 -13.78 64.70 12.35
CA GLY H 50 -12.93 64.59 11.19
C GLY H 50 -12.05 65.81 10.98
N ASP H 51 -12.60 67.01 11.24
CA ASP H 51 -11.81 68.23 11.11
C ASP H 51 -10.89 68.43 12.31
N VAL H 52 -11.35 68.05 13.51
CA VAL H 52 -10.50 68.17 14.69
C VAL H 52 -9.33 67.20 14.63
N TRP H 53 -9.52 66.05 13.98
CA TRP H 53 -8.43 65.09 13.82
C TRP H 53 -7.26 65.71 13.07
N ALA H 54 -7.56 66.50 12.03
CA ALA H 54 -6.50 67.16 11.27
C ALA H 54 -5.76 68.18 12.14
N LEU H 55 -6.49 68.89 13.00
CA LEU H 55 -5.87 69.90 13.85
C LEU H 55 -4.86 69.29 14.81
N LEU H 56 -5.20 68.13 15.39
CA LEU H 56 -4.33 67.51 16.38
C LEU H 56 -2.99 67.11 15.79
N VAL H 57 -2.99 66.55 14.59
CA VAL H 57 -1.78 66.00 14.01
C VAL H 57 -1.03 66.99 13.11
N ASP H 58 -1.70 68.02 12.60
CA ASP H 58 -1.07 68.97 11.69
C ASP H 58 -0.88 70.36 12.29
N GLY H 59 -1.66 70.73 13.31
CA GLY H 59 -1.65 72.07 13.84
C GLY H 59 -2.66 73.00 13.22
N ASN H 60 -3.36 72.57 12.18
CA ASN H 60 -4.37 73.39 11.53
C ASN H 60 -5.27 72.48 10.70
N PHE H 61 -6.34 73.07 10.16
CA PHE H 61 -7.30 72.33 9.34
C PHE H 61 -6.85 72.35 7.88
N GLY H 62 -7.73 71.91 6.99
CA GLY H 62 -7.43 71.93 5.56
C GLY H 62 -7.53 70.57 4.90
N SER H 63 -7.06 69.53 5.61
CA SER H 63 -7.10 68.15 5.11
C SER H 63 -7.64 67.27 6.24
N GLY H 64 -8.96 67.14 6.29
CA GLY H 64 -9.61 66.40 7.35
C GLY H 64 -9.55 64.90 7.15
N LEU H 65 -10.22 64.20 8.05
CA LEU H 65 -10.22 62.74 8.02
C LEU H 65 -10.99 62.25 6.80
N PRO H 66 -10.40 61.37 5.98
CA PRO H 66 -11.10 60.86 4.80
C PRO H 66 -11.98 59.68 5.16
N PRO H 67 -13.00 59.39 4.35
CA PRO H 67 -13.87 58.25 4.65
C PRO H 67 -13.15 56.92 4.45
N ALA H 68 -13.67 55.89 5.13
CA ALA H 68 -13.08 54.57 5.07
C ALA H 68 -13.36 53.90 3.72
N GLU H 69 -12.32 53.29 3.16
CA GLU H 69 -12.50 52.46 1.98
C GLU H 69 -13.22 51.16 2.36
N PRO H 70 -13.91 50.54 1.41
CA PRO H 70 -14.63 49.29 1.72
C PRO H 70 -13.67 48.19 2.15
N PHE H 71 -13.88 47.67 3.36
CA PHE H 71 -13.05 46.63 3.93
C PHE H 71 -13.86 45.89 5.00
N PRO H 72 -14.52 44.78 4.65
CA PRO H 72 -15.22 43.99 5.66
C PRO H 72 -14.26 43.49 6.73
N LEU H 73 -14.72 43.51 7.97
CA LEU H 73 -13.88 43.18 9.11
C LEU H 73 -13.55 41.69 9.12
N PRO H 74 -12.28 41.29 9.09
CA PRO H 74 -11.93 39.87 9.05
C PRO H 74 -11.80 39.18 10.40
N ILE H 75 -11.93 39.91 11.50
CA ILE H 75 -11.75 39.35 12.85
C ILE H 75 -13.09 39.40 13.56
N HIS H 76 -13.56 38.25 14.03
CA HIS H 76 -14.79 38.13 14.82
C HIS H 76 -14.46 37.29 16.06
N SER H 77 -13.98 37.94 17.11
CA SER H 77 -13.55 37.26 18.32
C SER H 77 -14.56 37.37 19.46
N GLY H 78 -15.62 38.16 19.29
CA GLY H 78 -16.57 38.40 20.36
C GLY H 78 -16.24 39.56 21.27
N ASP H 79 -15.08 40.19 21.08
CA ASP H 79 -14.69 41.38 21.85
C ASP H 79 -14.41 42.50 20.86
N VAL H 80 -15.10 43.64 21.04
CA VAL H 80 -14.91 44.76 20.14
C VAL H 80 -13.48 45.29 20.21
N ARG H 81 -12.93 45.35 21.43
CA ARG H 81 -11.55 45.81 21.58
C ARG H 81 -10.57 44.88 20.87
N VAL H 82 -10.77 43.57 21.02
CA VAL H 82 -9.85 42.60 20.41
C VAL H 82 -9.95 42.66 18.88
N ASP H 83 -11.17 42.83 18.36
CA ASP H 83 -11.36 42.85 16.91
C ASP H 83 -10.58 43.98 16.25
N VAL H 84 -10.62 45.18 16.84
CA VAL H 84 -9.93 46.31 16.23
C VAL H 84 -8.44 46.26 16.53
N GLN H 85 -8.04 45.73 17.69
CA GLN H 85 -6.62 45.65 18.02
C GLN H 85 -5.89 44.70 17.07
N ALA H 86 -6.46 43.53 16.84
CA ALA H 86 -5.85 42.58 15.90
C ALA H 86 -5.98 43.08 14.47
N GLY H 87 -7.17 43.56 14.09
CA GLY H 87 -7.39 43.95 12.71
C GLY H 87 -6.50 45.09 12.26
N LEU H 88 -6.24 46.04 13.16
CA LEU H 88 -5.36 47.16 12.81
C LEU H 88 -3.94 46.67 12.55
N ALA H 89 -3.47 45.70 13.33
CA ALA H 89 -2.12 45.18 13.15
C ALA H 89 -1.96 44.50 11.79
N MET H 90 -2.99 43.78 11.33
CA MET H 90 -2.93 43.10 10.05
C MET H 90 -2.97 44.03 8.86
N LEU H 91 -3.23 45.32 9.07
CA LEU H 91 -3.26 46.27 7.96
C LEU H 91 -1.90 46.46 7.33
N ALA H 92 -0.82 46.30 8.10
CA ALA H 92 0.51 46.62 7.61
C ALA H 92 0.93 45.79 6.40
N PRO H 93 0.81 44.46 6.38
CA PRO H 93 1.28 43.72 5.20
C PRO H 93 0.39 43.91 3.98
N ILE H 94 -0.94 43.94 4.17
CA ILE H 94 -1.83 44.05 3.03
C ILE H 94 -1.72 45.44 2.40
N TRP H 95 -1.56 46.47 3.22
CA TRP H 95 -1.43 47.84 2.73
C TRP H 95 0.01 48.27 2.52
N GLY H 96 0.97 47.39 2.81
CA GLY H 96 2.38 47.72 2.62
C GLY H 96 2.89 48.83 3.52
N TYR H 97 2.54 48.79 4.81
CA TYR H 97 2.97 49.82 5.75
C TYR H 97 4.42 49.56 6.13
N ALA H 98 5.33 50.37 5.59
CA ALA H 98 6.74 50.25 5.91
C ALA H 98 7.02 50.77 7.32
N PRO H 99 8.13 50.37 7.92
CA PRO H 99 8.50 50.93 9.22
C PRO H 99 8.70 52.44 9.14
N LEU H 100 8.45 53.11 10.28
CA LEU H 100 8.53 54.56 10.33
C LEU H 100 9.91 55.07 9.94
N LEU H 101 10.95 54.27 10.18
CA LEU H 101 12.31 54.66 9.85
C LEU H 101 12.64 54.54 8.36
N ASP H 102 11.64 54.27 7.51
CA ASP H 102 11.86 54.13 6.09
C ASP H 102 10.98 55.05 5.24
N ILE H 103 10.13 55.87 5.85
CA ILE H 103 9.22 56.74 5.13
C ILE H 103 9.31 58.15 5.70
N ASP H 104 8.88 59.12 4.89
CA ASP H 104 8.88 60.51 5.30
C ASP H 104 7.69 60.80 6.20
N ASP H 105 7.57 62.06 6.63
CA ASP H 105 6.47 62.46 7.50
C ASP H 105 5.15 62.46 6.74
N ALA H 106 5.17 62.85 5.46
CA ALA H 106 3.94 62.91 4.68
C ALA H 106 3.33 61.52 4.50
N THR H 107 4.16 60.52 4.21
CA THR H 107 3.66 59.16 4.06
C THR H 107 3.07 58.65 5.38
N ALA H 108 3.75 58.90 6.50
CA ALA H 108 3.24 58.46 7.79
C ALA H 108 1.96 59.19 8.17
N ARG H 109 1.79 60.44 7.70
CA ARG H 109 0.56 61.17 8.00
C ARG H 109 -0.65 60.53 7.35
N GLN H 110 -0.55 60.24 6.04
CA GLN H 110 -1.68 59.63 5.34
C GLN H 110 -1.89 58.19 5.77
N GLN H 111 -0.81 57.49 6.15
CA GLN H 111 -0.97 56.14 6.69
C GLN H 111 -1.72 56.17 8.01
N LEU H 112 -1.42 57.14 8.87
CA LEU H 112 -2.14 57.28 10.13
C LEU H 112 -3.61 57.61 9.89
N ALA H 113 -3.89 58.53 8.95
CA ALA H 113 -5.27 58.89 8.66
C ALA H 113 -6.03 57.72 8.07
N ARG H 114 -5.40 56.99 7.14
CA ARG H 114 -6.07 55.85 6.52
C ARG H 114 -6.39 54.76 7.54
N ALA H 115 -5.46 54.48 8.44
CA ALA H 115 -5.70 53.47 9.47
C ALA H 115 -6.62 53.97 10.58
N SER H 116 -6.67 55.29 10.80
CA SER H 116 -7.51 55.83 11.85
C SER H 116 -9.00 55.62 11.53
N VAL H 117 -9.41 56.00 10.32
CA VAL H 117 -10.82 55.87 9.95
C VAL H 117 -11.19 54.40 9.80
N MET H 118 -10.25 53.56 9.37
CA MET H 118 -10.52 52.13 9.25
C MET H 118 -10.84 51.52 10.61
N ALA H 119 -10.18 52.00 11.67
CA ALA H 119 -10.49 51.51 13.01
C ALA H 119 -11.93 51.84 13.40
N LEU H 120 -12.42 53.02 12.99
CA LEU H 120 -13.82 53.34 13.23
C LEU H 120 -14.75 52.38 12.49
N SER H 121 -14.40 52.03 11.26
CA SER H 121 -15.20 51.08 10.49
C SER H 121 -15.23 49.71 11.17
N TYR H 122 -14.10 49.26 11.69
CA TYR H 122 -14.04 47.96 12.35
C TYR H 122 -14.91 47.94 13.60
N VAL H 123 -14.90 49.02 14.38
CA VAL H 123 -15.70 49.06 15.60
C VAL H 123 -17.19 49.02 15.26
N ALA H 124 -17.61 49.78 14.25
CA ALA H 124 -19.01 49.77 13.84
C ALA H 124 -19.42 48.40 13.32
N GLN H 125 -18.56 47.76 12.52
CA GLN H 125 -18.86 46.43 12.01
C GLN H 125 -18.93 45.40 13.14
N SER H 126 -18.01 45.48 14.10
CA SER H 126 -18.05 44.57 15.24
C SER H 126 -19.28 44.82 16.11
N ALA H 127 -19.66 46.09 16.29
CA ALA H 127 -20.84 46.40 17.08
C ALA H 127 -22.11 45.91 16.41
N ARG H 128 -22.17 46.01 15.07
CA ARG H 128 -23.35 45.52 14.35
C ARG H 128 -23.51 44.01 14.52
N GLY H 129 -22.41 43.27 14.47
CA GLY H 129 -22.42 41.84 14.69
C GLY H 129 -22.46 41.05 13.39
N ILE H 130 -22.17 39.76 13.52
CA ILE H 130 -22.16 38.86 12.37
C ILE H 130 -23.55 38.33 12.05
N TYR H 131 -24.49 38.41 12.98
CA TYR H 131 -25.84 37.90 12.78
C TYR H 131 -26.74 38.89 12.04
N GLN H 132 -26.18 39.95 11.49
CA GLN H 132 -26.92 40.94 10.71
C GLN H 132 -26.19 41.22 9.41
N PRO H 133 -26.92 41.39 8.31
CA PRO H 133 -26.27 41.75 7.05
C PRO H 133 -25.64 43.13 7.13
N ALA H 134 -24.55 43.30 6.38
CA ALA H 134 -23.82 44.56 6.37
C ALA H 134 -24.64 45.66 5.73
N VAL H 135 -24.43 46.89 6.21
CA VAL H 135 -25.09 48.06 5.61
C VAL H 135 -24.47 48.35 4.25
N PRO H 136 -25.27 48.52 3.20
CA PRO H 136 -24.70 48.80 1.87
C PRO H 136 -23.88 50.09 1.87
N GLN H 137 -22.82 50.09 1.05
CA GLN H 137 -21.91 51.22 1.02
C GLN H 137 -22.57 52.48 0.48
N ARG H 138 -23.51 52.35 -0.46
CA ARG H 138 -24.16 53.53 -1.02
C ARG H 138 -24.95 54.30 0.03
N ILE H 139 -25.51 53.59 1.03
CA ILE H 139 -26.18 54.26 2.13
C ILE H 139 -25.19 55.08 2.94
N ILE H 140 -23.99 54.53 3.17
CA ILE H 140 -22.95 55.26 3.91
C ILE H 140 -22.48 56.47 3.11
N ASP H 141 -22.43 56.34 1.78
CA ASP H 141 -21.97 57.43 0.93
C ASP H 141 -22.90 58.64 0.95
N GLU H 142 -24.10 58.51 1.47
CA GLU H 142 -25.05 59.61 1.53
C GLU H 142 -24.89 60.43 2.81
N CYS H 143 -23.78 60.23 3.51
CA CYS H 143 -23.50 60.96 4.74
C CYS H 143 -22.46 62.03 4.48
N SER H 144 -22.34 62.98 5.40
CA SER H 144 -21.48 64.14 5.20
C SER H 144 -20.17 64.07 5.97
N THR H 145 -20.24 63.67 7.23
CA THR H 145 -19.08 63.62 8.10
C THR H 145 -18.71 62.18 8.41
N VAL H 146 -17.47 61.99 8.87
CA VAL H 146 -16.98 60.67 9.23
C VAL H 146 -17.79 60.12 10.41
N THR H 147 -18.06 60.96 11.40
CA THR H 147 -18.86 60.52 12.54
C THR H 147 -20.26 60.11 12.12
N ALA H 148 -20.83 60.80 11.12
CA ALA H 148 -22.12 60.40 10.58
C ALA H 148 -22.04 59.03 9.90
N ARG H 149 -20.95 58.77 9.18
CA ARG H 149 -20.77 57.48 8.52
C ARG H 149 -20.63 56.36 9.54
N PHE H 150 -19.97 56.63 10.68
CA PHE H 150 -19.79 55.61 11.70
C PHE H 150 -21.14 55.14 12.24
N MET H 151 -22.05 56.08 12.52
CA MET H 151 -23.36 55.70 13.04
C MET H 151 -24.21 55.02 11.97
N THR H 152 -24.06 55.42 10.72
CA THR H 152 -24.81 54.79 9.63
C THR H 152 -24.35 53.35 9.41
N ARG H 153 -23.03 53.13 9.39
CA ARG H 153 -22.50 51.79 9.16
C ARG H 153 -22.87 50.83 10.30
N TRP H 154 -23.11 51.36 11.50
CA TRP H 154 -23.38 50.54 12.66
C TRP H 154 -24.88 50.31 12.86
N GLN H 155 -25.69 51.37 12.81
CA GLN H 155 -27.11 51.26 13.11
C GLN H 155 -28.00 51.27 11.87
N GLY H 156 -27.47 51.67 10.72
CA GLY H 156 -28.25 51.68 9.50
C GLY H 156 -29.12 52.90 9.33
N GLU H 157 -30.01 53.14 10.28
CA GLU H 157 -30.92 54.30 10.28
C GLU H 157 -30.78 55.03 11.61
N PRO H 158 -29.72 55.81 11.77
CA PRO H 158 -29.48 56.48 13.05
C PRO H 158 -30.23 57.79 13.18
N ASP H 159 -30.49 58.16 14.43
CA ASP H 159 -31.08 59.47 14.73
C ASP H 159 -30.06 60.56 14.50
N PRO H 160 -30.37 61.59 13.70
CA PRO H 160 -29.40 62.67 13.49
C PRO H 160 -28.94 63.34 14.78
N ARG H 161 -29.81 63.46 15.79
CA ARG H 161 -29.38 64.04 17.05
C ARG H 161 -28.50 63.07 17.84
N HIS H 162 -28.65 61.76 17.61
CA HIS H 162 -27.74 60.81 18.23
C HIS H 162 -26.35 60.89 17.63
N ILE H 163 -26.24 61.25 16.35
CA ILE H 163 -24.94 61.48 15.73
C ILE H 163 -24.24 62.67 16.38
N GLU H 164 -24.99 63.73 16.67
CA GLU H 164 -24.40 64.91 17.30
C GLU H 164 -23.83 64.60 18.67
N ALA H 165 -24.51 63.75 19.44
CA ALA H 165 -24.01 63.37 20.76
C ALA H 165 -22.66 62.66 20.66
N ILE H 166 -22.54 61.74 19.69
CA ILE H 166 -21.26 61.08 19.49
C ILE H 166 -20.23 62.05 18.92
N ASP H 167 -20.66 62.96 18.05
CA ASP H 167 -19.76 63.96 17.47
C ASP H 167 -19.42 65.08 18.45
N ALA H 168 -19.73 64.89 19.73
CA ALA H 168 -19.27 65.76 20.81
C ALA H 168 -18.47 65.01 21.86
N TYR H 169 -18.85 63.78 22.17
CA TYR H 169 -18.07 62.97 23.11
C TYR H 169 -16.71 62.60 22.53
N TRP H 170 -16.66 62.25 21.24
CA TRP H 170 -15.39 61.89 20.61
C TRP H 170 -14.43 63.08 20.58
N VAL H 171 -14.94 64.27 20.25
CA VAL H 171 -14.08 65.45 20.17
C VAL H 171 -13.50 65.80 21.53
N SER H 172 -14.32 65.73 22.59
CA SER H 172 -13.84 66.02 23.93
C SER H 172 -12.88 64.97 24.43
N ALA H 173 -12.87 63.77 23.84
CA ALA H 173 -12.01 62.68 24.27
C ALA H 173 -10.84 62.44 23.33
N ALA H 174 -10.49 63.43 22.51
CA ALA H 174 -9.44 63.25 21.52
C ALA H 174 -8.07 63.08 22.18
N GLU H 175 -7.63 64.09 22.92
CA GLU H 175 -6.30 64.11 23.50
C GLU H 175 -6.37 64.49 24.97
N HIS H 176 -5.55 63.84 25.79
CA HIS H 176 -5.47 64.06 27.22
C HIS H 176 -4.02 64.15 27.67
N GLY H 177 -3.16 64.70 26.82
CA GLY H 177 -1.74 64.79 27.15
C GLY H 177 -1.09 63.43 27.19
N MET H 178 -0.74 62.97 28.39
CA MET H 178 -0.11 61.68 28.58
C MET H 178 -1.05 60.73 29.32
N ASN H 179 -0.94 59.45 28.99
CA ASN H 179 -1.65 58.38 29.68
C ASN H 179 -0.97 57.07 29.31
N ALA H 180 -1.49 55.97 29.86
CA ALA H 180 -0.87 54.67 29.62
C ALA H 180 -0.91 54.29 28.15
N SER H 181 -2.02 54.56 27.48
CA SER H 181 -2.14 54.20 26.07
C SER H 181 -1.29 55.11 25.19
N THR H 182 -1.33 56.42 25.44
CA THR H 182 -0.54 57.36 24.64
C THR H 182 0.95 57.13 24.84
N PHE H 183 1.37 56.84 26.06
CA PHE H 183 2.77 56.49 26.30
C PHE H 183 3.15 55.21 25.57
N THR H 184 2.25 54.21 25.57
CA THR H 184 2.51 52.98 24.86
C THR H 184 2.64 53.22 23.35
N ALA H 185 1.75 54.03 22.79
CA ALA H 185 1.83 54.34 21.37
C ALA H 185 3.10 55.11 21.04
N ARG H 186 3.47 56.06 21.90
CA ARG H 186 4.68 56.85 21.66
C ARG H 186 5.94 56.00 21.81
N VAL H 187 5.94 55.08 22.78
CA VAL H 187 7.12 54.24 23.01
C VAL H 187 7.36 53.31 21.83
N ILE H 188 6.30 52.68 21.32
CA ILE H 188 6.44 51.75 20.20
C ILE H 188 6.91 52.48 18.96
N ALA H 189 6.39 53.69 18.73
CA ALA H 189 6.82 54.48 17.58
C ALA H 189 8.30 54.84 17.66
N SER H 190 8.84 54.97 18.87
CA SER H 190 10.27 55.27 19.02
C SER H 190 11.14 54.14 18.50
N THR H 191 10.64 52.90 18.53
CA THR H 191 11.39 51.77 18.01
C THR H 191 11.50 51.78 16.49
N GLY H 192 10.70 52.58 15.81
CA GLY H 192 10.75 52.67 14.36
C GLY H 192 9.82 51.72 13.62
N ALA H 193 8.93 51.04 14.32
CA ALA H 193 8.02 50.10 13.68
C ALA H 193 6.98 50.86 12.85
N ASP H 194 6.12 50.10 12.17
CA ASP H 194 5.09 50.70 11.34
C ASP H 194 4.03 51.38 12.21
N VAL H 195 3.30 52.31 11.60
CA VAL H 195 2.27 53.05 12.34
C VAL H 195 1.15 52.11 12.80
N ALA H 196 0.91 51.02 12.06
CA ALA H 196 -0.13 50.08 12.44
C ALA H 196 0.19 49.40 13.76
N ALA H 197 1.46 49.03 13.96
CA ALA H 197 1.84 48.34 15.20
C ALA H 197 1.66 49.26 16.41
N ALA H 198 2.04 50.53 16.27
CA ALA H 198 1.92 51.46 17.39
C ALA H 198 0.48 51.68 17.81
N LEU H 199 -0.42 51.83 16.83
CA LEU H 199 -1.83 52.02 17.16
C LEU H 199 -2.43 50.75 17.76
N SER H 200 -2.01 49.58 17.27
CA SER H 200 -2.49 48.33 17.85
C SER H 200 -2.05 48.18 19.30
N GLY H 201 -0.80 48.55 19.60
CA GLY H 201 -0.32 48.46 20.97
C GLY H 201 -1.04 49.39 21.92
N ALA H 202 -1.42 50.58 21.44
CA ALA H 202 -2.13 51.53 22.28
C ALA H 202 -3.50 51.00 22.69
N ILE H 203 -4.17 50.30 21.78
CA ILE H 203 -5.48 49.73 22.10
C ILE H 203 -5.36 48.69 23.20
N GLY H 204 -4.28 47.91 23.19
CA GLY H 204 -4.06 46.95 24.26
C GLY H 204 -3.89 47.62 25.61
N ALA H 205 -3.11 48.70 25.66
CA ALA H 205 -2.98 49.46 26.90
C ALA H 205 -4.29 50.14 27.27
N MET H 206 -5.08 50.53 26.27
CA MET H 206 -6.39 51.13 26.54
C MET H 206 -7.33 50.14 27.21
N SER H 207 -7.13 48.83 26.97
CA SER H 207 -8.03 47.82 27.50
C SER H 207 -7.97 47.71 29.02
N GLY H 208 -6.90 48.21 29.65
CA GLY H 208 -6.75 48.11 31.08
C GLY H 208 -7.79 48.91 31.85
N PRO H 209 -8.31 48.34 32.94
CA PRO H 209 -9.28 49.08 33.75
C PRO H 209 -8.68 50.23 34.55
N LEU H 210 -7.42 50.11 34.96
CA LEU H 210 -6.75 51.16 35.72
C LEU H 210 -6.32 52.34 34.86
N HIS H 211 -6.52 52.26 33.54
CA HIS H 211 -6.19 53.38 32.66
C HIS H 211 -7.01 54.62 33.02
N GLY H 212 -8.19 54.44 33.60
CA GLY H 212 -9.04 55.55 33.99
C GLY H 212 -9.94 56.00 32.86
N GLY H 213 -10.85 56.91 33.22
CA GLY H 213 -11.81 57.41 32.26
C GLY H 213 -12.78 56.37 31.74
N ALA H 214 -13.18 55.42 32.58
CA ALA H 214 -14.14 54.41 32.16
C ALA H 214 -15.54 55.00 32.24
N PRO H 215 -16.22 55.19 31.10
CA PRO H 215 -17.52 55.85 31.08
C PRO H 215 -18.69 54.88 31.30
N ALA H 216 -18.62 54.11 32.38
CA ALA H 216 -19.64 53.10 32.66
C ALA H 216 -19.80 52.98 34.17
N ARG H 217 -20.55 51.94 34.59
CA ARG H 217 -20.80 51.60 35.97
C ARG H 217 -21.59 52.66 36.73
N VAL H 218 -22.19 53.62 36.03
CA VAL H 218 -23.06 54.61 36.65
C VAL H 218 -24.52 54.45 36.21
N LEU H 219 -24.79 53.69 35.15
CA LEU H 219 -26.16 53.51 34.69
C LEU H 219 -27.05 52.82 35.71
N PRO H 220 -26.63 51.73 36.38
CA PRO H 220 -27.54 51.10 37.36
C PRO H 220 -27.99 52.05 38.46
N MET H 221 -27.10 52.93 38.93
CA MET H 221 -27.51 53.93 39.91
C MET H 221 -28.51 54.91 39.30
N LEU H 222 -28.25 55.35 38.07
CA LEU H 222 -29.23 56.19 37.36
C LEU H 222 -30.50 55.39 37.06
N ASP H 223 -30.37 54.09 36.83
CA ASP H 223 -31.54 53.26 36.57
C ASP H 223 -32.48 53.23 37.77
N GLU H 224 -31.93 53.14 38.98
CA GLU H 224 -32.76 52.90 40.16
C GLU H 224 -33.62 54.09 40.51
N VAL H 225 -33.13 55.31 40.30
CA VAL H 225 -33.90 56.52 40.67
C VAL H 225 -34.79 56.84 39.47
N GLU H 226 -35.91 56.12 39.40
CA GLU H 226 -36.86 56.24 38.29
C GLU H 226 -38.11 55.39 38.55
N ASP H 230 -37.01 59.42 44.24
CA ASP H 230 -36.19 60.24 45.13
C ASP H 230 -34.71 59.96 44.93
N ALA H 231 -33.99 60.93 44.37
CA ALA H 231 -32.56 60.78 44.14
C ALA H 231 -31.75 60.90 45.42
N ARG H 232 -32.28 61.58 46.44
CA ARG H 232 -31.54 61.79 47.68
C ARG H 232 -31.68 60.63 48.67
N SER H 233 -32.65 59.75 48.46
CA SER H 233 -32.83 58.64 49.40
C SER H 233 -31.77 57.56 49.21
N VAL H 234 -31.37 57.32 47.96
CA VAL H 234 -30.45 56.21 47.68
C VAL H 234 -28.98 56.64 47.68
N VAL H 235 -28.69 57.93 47.50
CA VAL H 235 -27.29 58.35 47.48
C VAL H 235 -26.65 58.13 48.85
N LYS H 236 -27.32 58.57 49.91
CA LYS H 236 -26.79 58.38 51.26
C LYS H 236 -26.69 56.89 51.61
N GLY H 237 -27.70 56.11 51.22
CA GLY H 237 -27.69 54.69 51.54
C GLY H 237 -26.53 53.94 50.91
N ILE H 238 -26.10 54.37 49.72
CA ILE H 238 -24.97 53.71 49.06
C ILE H 238 -23.69 53.90 49.87
N LEU H 239 -23.54 55.06 50.51
CA LEU H 239 -22.31 55.35 51.25
C LEU H 239 -22.11 54.38 52.41
N ASP H 240 -23.16 54.09 53.17
CA ASP H 240 -23.03 53.25 54.36
C ASP H 240 -23.05 51.76 54.05
N ARG H 241 -23.20 51.37 52.78
CA ARG H 241 -22.98 49.98 52.40
C ARG H 241 -21.52 49.60 52.42
N GLY H 242 -20.61 50.57 52.48
CA GLY H 242 -19.20 50.33 52.36
C GLY H 242 -18.59 50.73 51.03
N GLU H 243 -19.31 51.50 50.22
CA GLU H 243 -18.84 51.88 48.90
C GLU H 243 -19.13 53.35 48.66
N LYS H 244 -18.35 53.95 47.76
CA LYS H 244 -18.51 55.32 47.35
C LYS H 244 -19.51 55.41 46.19
N LEU H 245 -19.63 56.58 45.59
CA LEU H 245 -20.44 56.75 44.38
C LEU H 245 -19.57 56.58 43.14
N MET H 246 -20.19 56.72 41.97
CA MET H 246 -19.51 56.55 40.70
C MET H 246 -19.62 57.83 39.88
N GLY H 247 -18.53 58.19 39.21
CA GLY H 247 -18.48 59.39 38.41
C GLY H 247 -18.16 60.67 39.15
N PHE H 248 -17.86 60.59 40.44
CA PHE H 248 -17.53 61.76 41.25
C PHE H 248 -16.17 61.54 41.90
N GLY H 249 -15.29 62.52 41.77
CA GLY H 249 -13.91 62.38 42.19
C GLY H 249 -13.51 63.48 43.16
N HIS H 250 -12.23 63.88 43.05
CA HIS H 250 -11.61 64.72 44.06
C HIS H 250 -10.67 65.71 43.37
N ARG H 251 -10.57 66.91 43.95
CA ARG H 251 -9.86 68.01 43.33
C ARG H 251 -9.12 68.81 44.40
N VAL H 252 -8.08 69.52 43.97
CA VAL H 252 -7.34 70.40 44.87
C VAL H 252 -8.12 71.69 45.11
N TYR H 253 -8.47 72.38 44.03
CA TYR H 253 -9.38 73.51 44.08
C TYR H 253 -10.79 73.01 43.72
N ARG H 254 -11.75 73.93 43.60
CA ARG H 254 -13.11 73.56 43.24
C ARG H 254 -13.44 73.88 41.80
N ALA H 255 -12.48 73.67 40.90
CA ALA H 255 -12.70 73.88 39.47
C ALA H 255 -13.15 72.59 38.79
N GLU H 256 -13.91 72.73 37.71
CA GLU H 256 -14.47 71.59 37.00
C GLU H 256 -13.56 71.14 35.86
N ASP H 257 -13.83 69.93 35.39
CA ASP H 257 -13.27 69.45 34.14
C ASP H 257 -14.03 70.08 32.97
N PRO H 258 -13.34 70.70 32.01
CA PRO H 258 -14.07 71.24 30.84
C PRO H 258 -14.86 70.19 30.08
N ARG H 259 -14.37 68.94 30.04
CA ARG H 259 -15.09 67.89 29.34
C ARG H 259 -16.38 67.52 30.07
N ALA H 260 -16.41 67.65 31.39
CA ALA H 260 -17.59 67.24 32.16
C ALA H 260 -18.80 68.09 31.82
N ARG H 261 -18.60 69.40 31.64
CA ARG H 261 -19.73 70.30 31.40
C ARG H 261 -20.18 70.32 29.95
N VAL H 262 -19.25 70.17 29.00
CA VAL H 262 -19.63 70.20 27.59
C VAL H 262 -20.50 68.99 27.25
N LEU H 263 -20.21 67.84 27.86
CA LEU H 263 -21.09 66.69 27.70
C LEU H 263 -22.42 66.92 28.41
N ARG H 264 -22.40 67.56 29.58
CA ARG H 264 -23.63 67.89 30.28
C ARG H 264 -24.49 68.86 29.48
N ALA H 265 -23.85 69.87 28.87
CA ALA H 265 -24.58 70.82 28.04
C ALA H 265 -25.21 70.13 26.83
N ALA H 266 -24.46 69.21 26.21
CA ALA H 266 -24.99 68.48 25.07
C ALA H 266 -26.14 67.55 25.46
N ALA H 267 -26.13 67.06 26.70
CA ALA H 267 -27.19 66.17 27.16
C ALA H 267 -28.54 66.87 27.15
N GLU H 268 -28.57 68.14 27.57
CA GLU H 268 -29.82 68.88 27.58
C GLU H 268 -30.15 69.51 26.23
N ARG H 269 -29.13 69.93 25.48
CA ARG H 269 -29.38 70.57 24.19
C ARG H 269 -30.06 69.62 23.22
N LEU H 270 -29.62 68.36 23.19
CA LEU H 270 -30.23 67.37 22.31
C LEU H 270 -31.48 66.72 22.93
N GLY H 271 -31.73 66.94 24.22
CA GLY H 271 -32.92 66.44 24.85
C GLY H 271 -32.84 65.00 25.30
N ALA H 272 -31.83 64.66 26.08
CA ALA H 272 -31.69 63.31 26.60
C ALA H 272 -32.77 63.05 27.66
N PRO H 273 -33.56 61.98 27.53
CA PRO H 273 -34.57 61.70 28.55
C PRO H 273 -34.00 61.46 29.94
N ARG H 274 -32.73 61.11 30.05
CA ARG H 274 -32.10 60.87 31.34
C ARG H 274 -31.45 62.12 31.93
N TYR H 275 -31.51 63.26 31.24
CA TYR H 275 -30.83 64.46 31.72
C TYR H 275 -31.44 64.94 33.04
N GLU H 276 -32.76 65.01 33.11
CA GLU H 276 -33.42 65.48 34.33
C GLU H 276 -33.10 64.56 35.50
N VAL H 277 -33.06 63.25 35.25
CA VAL H 277 -32.73 62.31 36.30
C VAL H 277 -31.26 62.42 36.70
N ALA H 278 -30.38 62.68 35.72
CA ALA H 278 -28.95 62.67 35.99
C ALA H 278 -28.48 63.93 36.71
N VAL H 279 -29.11 65.08 36.46
CA VAL H 279 -28.71 66.29 37.18
C VAL H 279 -29.08 66.20 38.65
N ALA H 280 -30.18 65.53 38.97
CA ALA H 280 -30.61 65.41 40.36
C ALA H 280 -29.59 64.63 41.18
N VAL H 281 -29.13 63.49 40.67
CA VAL H 281 -28.14 62.71 41.40
C VAL H 281 -26.79 63.43 41.44
N GLU H 282 -26.48 64.19 40.39
CA GLU H 282 -25.26 65.01 40.42
C GLU H 282 -25.30 66.03 41.55
N GLN H 283 -26.45 66.68 41.73
CA GLN H 283 -26.60 67.59 42.86
C GLN H 283 -26.70 66.83 44.17
N ALA H 284 -27.35 65.66 44.16
CA ALA H 284 -27.51 64.89 45.38
C ALA H 284 -26.19 64.31 45.87
N ALA H 285 -25.41 63.70 44.97
CA ALA H 285 -24.13 63.14 45.37
C ALA H 285 -23.15 64.23 45.77
N LEU H 286 -23.13 65.35 45.03
CA LEU H 286 -22.38 66.50 45.48
C LEU H 286 -23.13 67.20 46.63
N SER H 287 -22.45 68.16 47.26
CA SER H 287 -23.00 68.91 48.39
C SER H 287 -23.28 67.99 49.57
N GLU H 288 -22.96 66.70 49.42
CA GLU H 288 -23.05 65.72 50.49
C GLU H 288 -21.69 65.13 50.82
N LEU H 289 -20.97 64.65 49.81
CA LEU H 289 -19.59 64.21 50.01
C LEU H 289 -18.69 65.38 50.41
N ARG H 290 -19.04 66.60 49.99
CA ARG H 290 -18.28 67.77 50.40
C ARG H 290 -18.35 67.98 51.90
N GLU H 291 -19.53 67.78 52.49
CA GLU H 291 -19.66 67.88 53.94
C GLU H 291 -18.94 66.73 54.63
N ARG H 292 -18.92 65.55 54.01
CA ARG H 292 -18.17 64.42 54.57
C ARG H 292 -16.67 64.70 54.58
N ARG H 293 -16.18 65.40 53.56
CA ARG H 293 -14.75 65.72 53.42
C ARG H 293 -14.60 67.23 53.21
N PRO H 294 -14.79 68.02 54.27
CA PRO H 294 -14.64 69.47 54.12
C PRO H 294 -13.22 69.90 53.79
N ASP H 295 -12.22 69.05 54.06
CA ASP H 295 -10.84 69.43 53.82
C ASP H 295 -10.57 69.60 52.32
N ARG H 296 -11.14 68.74 51.49
CA ARG H 296 -10.88 68.72 50.06
C ARG H 296 -12.13 69.12 49.28
N ALA H 297 -11.99 69.12 47.96
CA ALA H 297 -13.06 69.50 47.04
C ALA H 297 -13.60 68.26 46.34
N ILE H 298 -14.92 68.10 46.37
CA ILE H 298 -15.60 66.99 45.74
C ILE H 298 -16.38 67.52 44.54
N GLU H 299 -16.18 66.91 43.37
CA GLU H 299 -16.84 67.41 42.17
C GLU H 299 -16.95 66.29 41.14
N THR H 300 -17.80 66.53 40.15
CA THR H 300 -18.14 65.52 39.16
C THR H 300 -16.97 65.24 38.21
N ASN H 301 -16.82 63.98 37.83
CA ASN H 301 -15.84 63.55 36.85
C ASN H 301 -16.48 63.43 35.47
N VAL H 302 -15.63 63.36 34.45
CA VAL H 302 -16.10 63.21 33.08
C VAL H 302 -16.80 61.88 32.86
N GLU H 303 -16.46 60.86 33.65
CA GLU H 303 -17.04 59.52 33.44
C GLU H 303 -18.54 59.53 33.66
N PHE H 304 -19.03 60.33 34.62
CA PHE H 304 -20.46 60.31 34.95
C PHE H 304 -21.31 60.76 33.77
N TRP H 305 -20.98 61.91 33.18
CA TRP H 305 -21.76 62.44 32.08
C TRP H 305 -21.35 61.89 30.73
N ALA H 306 -20.20 61.21 30.63
CA ALA H 306 -19.87 60.50 29.41
C ALA H 306 -20.82 59.33 29.19
N ALA H 307 -21.17 58.61 30.26
CA ALA H 307 -22.11 57.49 30.13
C ALA H 307 -23.49 57.96 29.72
N VAL H 308 -23.91 59.14 30.17
CA VAL H 308 -25.22 59.67 29.80
C VAL H 308 -25.29 59.90 28.31
N VAL H 309 -24.25 60.50 27.72
CA VAL H 309 -24.23 60.78 26.30
C VAL H 309 -24.23 59.48 25.50
N LEU H 310 -23.37 58.53 25.89
CA LEU H 310 -23.29 57.27 25.18
C LEU H 310 -24.59 56.47 25.29
N ASP H 311 -25.17 56.43 26.50
CA ASP H 311 -26.43 55.72 26.67
C ASP H 311 -27.55 56.39 25.86
N PHE H 312 -27.56 57.71 25.81
CA PHE H 312 -28.55 58.42 25.00
C PHE H 312 -28.40 58.07 23.53
N ALA H 313 -27.17 58.00 23.04
CA ALA H 313 -26.88 57.64 21.65
C ALA H 313 -26.98 56.14 21.40
N ARG H 314 -27.52 55.38 22.36
CA ARG H 314 -27.74 53.94 22.21
C ARG H 314 -26.43 53.19 22.00
N VAL H 315 -25.49 53.40 22.91
CA VAL H 315 -24.23 52.68 22.94
C VAL H 315 -24.27 51.73 24.14
N PRO H 316 -24.29 50.42 23.92
CA PRO H 316 -24.37 49.48 25.05
C PRO H 316 -23.13 49.56 25.93
N ALA H 317 -23.32 49.17 27.20
CA ALA H 317 -22.26 49.30 28.19
C ALA H 317 -20.99 48.55 27.77
N ASN H 318 -21.15 47.38 27.16
CA ASN H 318 -20.01 46.60 26.70
C ASN H 318 -19.28 47.24 25.53
N MET H 319 -19.87 48.28 24.91
CA MET H 319 -19.25 48.95 23.78
C MET H 319 -18.66 50.31 24.15
N MET H 320 -19.08 50.90 25.26
CA MET H 320 -18.58 52.21 25.65
C MET H 320 -17.06 52.30 25.75
N PRO H 321 -16.32 51.34 26.33
CA PRO H 321 -14.86 51.44 26.29
C PRO H 321 -14.29 51.52 24.88
N ALA H 322 -14.91 50.84 23.91
CA ALA H 322 -14.45 50.94 22.53
C ALA H 322 -14.76 52.31 21.94
N MET H 323 -15.87 52.93 22.36
CA MET H 323 -16.17 54.28 21.89
C MET H 323 -15.13 55.28 22.38
N PHE H 324 -14.68 55.13 23.63
CA PHE H 324 -13.60 55.96 24.13
C PHE H 324 -12.31 55.71 23.35
N THR H 325 -12.04 54.45 23.00
CA THR H 325 -10.87 54.13 22.20
C THR H 325 -10.91 54.82 20.84
N CYS H 326 -12.11 55.01 20.29
CA CYS H 326 -12.24 55.68 18.99
C CYS H 326 -11.86 57.15 19.09
N GLY H 327 -12.19 57.80 20.21
CA GLY H 327 -11.87 59.21 20.36
C GLY H 327 -10.37 59.47 20.45
N ARG H 328 -9.65 58.61 21.15
CA ARG H 328 -8.21 58.78 21.35
C ARG H 328 -7.39 58.56 20.09
N THR H 329 -8.04 58.25 18.95
CA THR H 329 -7.31 58.03 17.71
C THR H 329 -6.58 59.30 17.28
N ALA H 330 -7.22 60.45 17.43
CA ALA H 330 -6.57 61.72 17.08
C ALA H 330 -5.36 61.98 17.96
N GLY H 331 -5.48 61.71 19.27
CA GLY H 331 -4.36 61.93 20.17
C GLY H 331 -3.20 60.98 19.90
N TRP H 332 -3.50 59.70 19.66
CA TRP H 332 -2.45 58.73 19.40
C TRP H 332 -1.72 59.04 18.09
N CYS H 333 -2.46 59.39 17.05
CA CYS H 333 -1.85 59.69 15.76
C CYS H 333 -0.97 60.94 15.84
N ALA H 334 -1.44 61.96 16.56
CA ALA H 334 -0.65 63.18 16.70
C ALA H 334 0.64 62.93 17.45
N HIS H 335 0.58 62.15 18.53
CA HIS H 335 1.77 61.87 19.33
C HIS H 335 2.75 60.99 18.56
N ILE H 336 2.24 60.02 17.79
CA ILE H 336 3.09 59.16 17.01
C ILE H 336 3.83 59.96 15.94
N LEU H 337 3.11 60.87 15.26
CA LEU H 337 3.73 61.68 14.22
C LEU H 337 4.82 62.58 14.79
N GLU H 338 4.56 63.21 15.94
CA GLU H 338 5.56 64.07 16.56
C GLU H 338 6.76 63.26 17.05
N GLN H 339 6.51 62.07 17.60
CA GLN H 339 7.61 61.22 18.05
C GLN H 339 8.49 60.77 16.89
N LYS H 340 7.89 60.55 15.71
CA LYS H 340 8.68 60.23 14.53
C LYS H 340 9.63 61.36 14.16
N ARG H 341 9.16 62.61 14.26
CA ARG H 341 10.02 63.75 13.98
C ARG H 341 11.11 63.89 15.04
N LEU H 342 10.81 63.53 16.30
CA LEU H 342 11.81 63.58 17.35
C LEU H 342 12.95 62.61 17.06
N GLY H 343 12.63 61.39 16.66
CA GLY H 343 13.63 60.42 16.26
C GLY H 343 14.57 59.99 17.36
N LYS H 344 14.05 59.72 18.56
CA LYS H 344 14.88 59.22 19.65
C LYS H 344 14.18 58.04 20.31
N LEU H 345 14.98 57.06 20.74
CA LEU H 345 14.47 55.86 21.38
C LEU H 345 14.14 56.12 22.85
N VAL H 346 13.17 55.39 23.36
CA VAL H 346 12.79 55.45 24.77
C VAL H 346 13.42 54.24 25.44
N ARG H 347 14.51 54.47 26.17
CA ARG H 347 15.27 53.41 26.83
C ARG H 347 15.49 53.77 28.29
N PRO H 348 14.51 53.50 29.16
CA PRO H 348 14.71 53.74 30.59
C PRO H 348 15.62 52.70 31.23
N SER H 349 15.82 52.78 32.54
CA SER H 349 16.74 51.90 33.25
C SER H 349 16.04 51.28 34.45
N ALA H 350 16.74 50.33 35.08
CA ALA H 350 16.22 49.63 36.26
C ALA H 350 17.41 49.17 37.10
N ILE H 351 17.12 48.84 38.36
CA ILE H 351 18.13 48.48 39.35
C ILE H 351 17.84 47.08 39.87
N TYR H 352 18.86 46.24 39.91
CA TYR H 352 18.75 44.88 40.42
C TYR H 352 18.89 44.87 41.93
N VAL H 353 17.93 44.22 42.61
CA VAL H 353 17.94 44.17 44.07
C VAL H 353 17.77 42.73 44.57
N GLY H 354 17.79 41.77 43.65
CA GLY H 354 17.55 40.38 44.00
C GLY H 354 18.80 39.62 44.40
N PRO H 355 18.76 38.30 44.26
CA PRO H 355 19.86 37.47 44.74
C PRO H 355 21.14 37.66 43.94
N GLY H 356 22.26 37.35 44.59
CA GLY H 356 23.56 37.38 43.95
C GLY H 356 23.84 36.11 43.19
N PRO H 357 25.07 35.97 42.69
CA PRO H 357 25.42 34.77 41.92
C PRO H 357 25.27 33.49 42.74
N ARG H 358 24.74 32.46 42.10
CA ARG H 358 24.56 31.16 42.74
C ARG H 358 25.04 30.04 41.83
N SER H 359 24.77 28.80 42.21
CA SER H 359 25.06 27.63 41.40
C SER H 359 23.75 26.98 40.94
N PRO H 360 23.79 26.23 39.84
CA PRO H 360 22.56 25.56 39.38
C PRO H 360 21.96 24.64 40.42
N GLU H 361 22.79 23.96 41.22
CA GLU H 361 22.28 23.07 42.24
C GLU H 361 21.72 23.80 43.46
N SER H 362 21.93 25.13 43.54
CA SER H 362 21.43 25.87 44.69
C SER H 362 19.92 25.99 44.66
N VAL H 363 19.35 26.36 43.52
CA VAL H 363 17.92 26.59 43.40
C VAL H 363 17.18 25.26 43.39
N ASP H 364 15.99 25.25 43.97
CA ASP H 364 15.18 24.04 44.03
C ASP H 364 14.72 23.63 42.64
N GLY H 365 14.59 22.31 42.44
CA GLY H 365 14.12 21.76 41.19
C GLY H 365 15.21 21.42 40.19
N TRP H 366 16.47 21.71 40.49
CA TRP H 366 17.55 21.35 39.57
C TRP H 366 17.72 19.84 39.43
N GLU H 367 17.31 19.07 40.44
CA GLU H 367 17.44 17.62 40.36
C GLU H 367 16.61 17.05 39.23
N ARG H 368 15.43 17.63 38.96
CA ARG H 368 14.56 17.14 37.91
C ARG H 368 14.96 17.63 36.53
N VAL H 369 15.82 18.64 36.44
CA VAL H 369 16.25 19.17 35.14
C VAL H 369 17.34 18.25 34.59
N LEU H 370 17.03 17.54 33.52
CA LEU H 370 17.98 16.59 32.95
C LEU H 370 19.12 17.33 32.25
N THR H 371 20.32 16.80 32.39
CA THR H 371 21.50 17.36 31.73
C THR H 371 22.05 16.38 30.71
#